data_4EGR
#
_entry.id   4EGR
#
_cell.length_a   162.363
_cell.length_b   94.050
_cell.length_c   230.510
_cell.angle_alpha   90.00
_cell.angle_beta   90.01
_cell.angle_gamma   90.00
#
_symmetry.space_group_name_H-M   'C 1 2 1'
#
loop_
_entity.id
_entity.type
_entity.pdbx_description
1 polymer '3-phosphoshikimate 1-carboxyvinyltransferase'
2 non-polymer PHOSPHOENOLPYRUVATE
3 non-polymer 'SULFATE ION'
4 water water
#
_entity_poly.entity_id   1
_entity_poly.type   'polypeptide(L)'
_entity_poly.pdbx_seq_one_letter_code
;SNAMDYQTIPSQGLSGEICVPGDKSISHRAVLLAAIAEGQTQVDGFLMGADNLAMVSALQQMGASIQVIEDENILVVEGV
GMTGLQAPPEALDCGNSGTAIRLLSGLLAGQPFNTVLTGDSSLQRRPMKRIIDPLTLMGAKIDSTGNVPPLKIYGNPRLT
GIHYQLPMASAQVKSCLLLAGLYARGKTCITEPAPSRDHTERLLKHFHYTLQKDKQSICVSGGGKLKANDISIPGDISSA
AFFIVAATITPGSAIRLCRVGVNPTRLGVINLLKMMGADIEVTHYTEKNEEPTADITVRHARLKGIDIPPDQVPLTIDEF
PVLLIAAAVAQGKTVLRDAAELRVKETDRIAAMVDGLQKLGIAAESLPDGVIIQGGTLEGGEVNSYDDHRIAMAFAVAGT
LAKGPVRIRNCDNVKTSFPNFVELANEVGMNVKGVRGRGGF
;
_entity_poly.pdbx_strand_id   A,B,C,D,E,F
#
# COMPACT_ATOMS: atom_id res chain seq x y z
N ASN A 2 -13.96 16.49 34.15
CA ASN A 2 -13.07 16.19 32.97
C ASN A 2 -13.49 14.80 32.36
N ALA A 3 -13.19 14.56 31.08
CA ALA A 3 -13.68 13.34 30.38
C ALA A 3 -13.15 11.98 30.86
N MET A 4 -13.81 10.94 30.38
CA MET A 4 -13.38 9.59 30.65
C MET A 4 -13.23 8.83 29.31
N ASP A 5 -12.16 8.02 29.19
CA ASP A 5 -11.89 7.19 27.99
C ASP A 5 -11.79 5.72 28.39
N TYR A 6 -11.86 4.86 27.41
CA TYR A 6 -11.62 3.47 27.63
C TYR A 6 -10.24 3.10 27.05
N GLN A 7 -9.48 2.27 27.77
CA GLN A 7 -8.18 1.82 27.30
C GLN A 7 -8.14 0.30 27.40
N THR A 8 -7.85 -0.36 26.29
CA THR A 8 -7.79 -1.82 26.32
C THR A 8 -6.37 -2.35 26.14
N ILE A 9 -6.20 -3.63 26.49
CA ILE A 9 -5.02 -4.42 26.15
C ILE A 9 -5.64 -5.72 25.68
N PRO A 10 -4.94 -6.50 24.84
CA PRO A 10 -5.50 -7.75 24.28
C PRO A 10 -5.91 -8.78 25.30
N SER A 11 -6.79 -9.68 24.89
CA SER A 11 -7.30 -10.71 25.78
C SER A 11 -6.69 -12.07 25.45
N GLN A 12 -6.39 -12.85 26.48
CA GLN A 12 -5.90 -14.21 26.24
C GLN A 12 -7.02 -15.22 26.23
N GLY A 13 -8.26 -14.73 26.12
CA GLY A 13 -9.45 -15.58 26.02
C GLY A 13 -10.53 -15.22 27.02
N LEU A 14 -11.79 -15.17 26.57
CA LEU A 14 -12.87 -14.86 27.49
C LEU A 14 -13.35 -16.12 28.18
N SER A 15 -13.85 -15.94 29.40
CA SER A 15 -14.30 -17.06 30.17
C SER A 15 -15.27 -16.69 31.28
N GLY A 16 -16.33 -17.48 31.45
CA GLY A 16 -17.26 -17.25 32.53
C GLY A 16 -18.73 -17.21 32.16
N GLU A 17 -19.54 -16.83 33.13
CA GLU A 17 -20.97 -16.70 32.93
C GLU A 17 -21.35 -15.31 33.41
N ILE A 18 -22.03 -14.55 32.57
CA ILE A 18 -22.48 -13.23 32.98
C ILE A 18 -23.88 -12.95 32.50
N CYS A 19 -24.63 -12.23 33.35
CA CYS A 19 -26.00 -11.82 33.03
C CYS A 19 -26.01 -10.35 32.63
N VAL A 20 -26.23 -10.07 31.35
CA VAL A 20 -26.24 -8.66 30.87
C VAL A 20 -27.46 -7.97 31.48
N PRO A 21 -27.41 -6.63 31.61
CA PRO A 21 -28.57 -5.98 32.21
C PRO A 21 -29.76 -5.90 31.24
N GLY A 22 -30.86 -5.36 31.74
CA GLY A 22 -32.12 -5.32 30.98
C GLY A 22 -32.18 -4.64 29.62
N ASP A 23 -33.19 -5.04 28.86
CA ASP A 23 -33.47 -4.58 27.53
C ASP A 23 -33.98 -3.19 27.53
N LYS A 24 -33.30 -2.32 26.77
CA LYS A 24 -33.62 -0.91 26.69
C LYS A 24 -35.00 -0.69 26.06
N SER A 25 -35.23 -1.34 24.95
CA SER A 25 -36.46 -1.25 24.22
C SER A 25 -37.66 -1.61 25.07
N ILE A 26 -37.58 -2.76 25.71
CA ILE A 26 -38.68 -3.19 26.56
C ILE A 26 -38.83 -2.27 27.76
N SER A 27 -37.70 -1.86 28.35
CA SER A 27 -37.75 -0.98 29.49
C SER A 27 -38.51 0.32 29.21
N HIS A 28 -38.30 0.92 28.03
CA HIS A 28 -38.96 2.18 27.74
C HIS A 28 -40.46 2.05 27.73
N ARG A 29 -40.90 0.99 27.05
CA ARG A 29 -42.30 0.71 26.86
C ARG A 29 -42.95 0.28 28.13
N ALA A 30 -42.25 -0.51 28.92
CA ALA A 30 -42.81 -1.02 30.14
C ALA A 30 -43.15 0.11 31.11
N VAL A 31 -42.25 1.08 31.25
CA VAL A 31 -42.49 2.18 32.16
C VAL A 31 -43.55 3.18 31.63
N LEU A 32 -43.56 3.44 30.34
CA LEU A 32 -44.54 4.37 29.79
C LEU A 32 -45.95 3.78 29.96
N LEU A 33 -46.11 2.49 29.70
CA LEU A 33 -47.41 1.85 29.79
C LEU A 33 -47.86 1.70 31.24
N ALA A 34 -46.92 1.38 32.12
CA ALA A 34 -47.28 1.22 33.53
C ALA A 34 -47.76 2.51 34.13
N ALA A 35 -47.21 3.61 33.62
CA ALA A 35 -47.48 4.92 34.15
C ALA A 35 -48.96 5.35 33.96
N ILE A 36 -49.54 4.97 32.84
CA ILE A 36 -50.90 5.33 32.57
C ILE A 36 -51.86 4.19 32.76
N ALA A 37 -51.40 3.08 33.36
CA ALA A 37 -52.28 1.94 33.65
C ALA A 37 -53.09 2.17 34.96
N GLU A 38 -53.90 1.19 35.33
CA GLU A 38 -54.69 1.28 36.57
C GLU A 38 -54.14 0.25 37.50
N GLY A 39 -53.63 0.72 38.62
CA GLY A 39 -53.02 -0.14 39.61
C GLY A 39 -51.48 0.05 39.70
N GLN A 40 -50.86 -0.80 40.50
CA GLN A 40 -49.46 -0.86 40.72
C GLN A 40 -48.79 -1.94 39.84
N THR A 41 -47.72 -1.55 39.14
CA THR A 41 -46.89 -2.46 38.32
C THR A 41 -45.45 -2.49 38.91
N GLN A 42 -44.98 -3.69 39.23
CA GLN A 42 -43.61 -3.91 39.66
C GLN A 42 -42.84 -4.32 38.40
N VAL A 43 -41.75 -3.63 38.11
CA VAL A 43 -40.91 -3.93 36.93
C VAL A 43 -39.51 -4.38 37.41
N ASP A 44 -39.18 -5.63 37.17
CA ASP A 44 -37.88 -6.21 37.50
C ASP A 44 -37.04 -6.21 36.22
N GLY A 45 -35.73 -6.06 36.40
CA GLY A 45 -34.80 -6.10 35.29
C GLY A 45 -34.76 -4.81 34.49
N PHE A 46 -35.42 -3.77 35.02
CA PHE A 46 -35.46 -2.50 34.35
C PHE A 46 -34.03 -1.96 34.20
N LEU A 47 -33.71 -1.47 33.02
CA LEU A 47 -32.39 -0.99 32.72
C LEU A 47 -32.18 0.35 33.30
N MET A 48 -31.22 0.42 34.21
CA MET A 48 -30.91 1.64 34.90
C MET A 48 -29.83 2.47 34.20
N GLY A 49 -30.08 2.71 32.90
CA GLY A 49 -29.22 3.50 32.05
C GLY A 49 -29.75 4.92 31.86
N ALA A 50 -28.95 5.79 31.27
CA ALA A 50 -29.31 7.18 31.13
C ALA A 50 -30.54 7.36 30.26
N ASP A 51 -30.63 6.59 29.18
CA ASP A 51 -31.78 6.69 28.30
C ASP A 51 -33.06 6.32 29.02
N ASN A 52 -33.09 5.13 29.63
CA ASN A 52 -34.30 4.69 30.35
C ASN A 52 -34.67 5.60 31.53
N LEU A 53 -33.66 6.09 32.23
CA LEU A 53 -33.91 6.96 33.35
C LEU A 53 -34.44 8.31 32.89
N ALA A 54 -34.10 8.70 31.66
CA ALA A 54 -34.56 9.99 31.10
C ALA A 54 -36.05 9.87 30.78
N MET A 55 -36.47 8.68 30.36
CA MET A 55 -37.88 8.37 30.13
C MET A 55 -38.65 8.45 31.46
N VAL A 56 -38.09 7.87 32.51
CA VAL A 56 -38.71 7.95 33.83
C VAL A 56 -38.89 9.40 34.23
N SER A 57 -37.82 10.15 34.11
CA SER A 57 -37.78 11.54 34.50
C SER A 57 -38.82 12.42 33.74
N ALA A 58 -38.96 12.17 32.46
CA ALA A 58 -39.95 12.86 31.65
C ALA A 58 -41.34 12.51 32.17
N LEU A 59 -41.60 11.22 32.35
CA LEU A 59 -42.90 10.81 32.87
C LEU A 59 -43.15 11.48 34.23
N GLN A 60 -42.13 11.61 35.07
CA GLN A 60 -42.35 12.23 36.35
C GLN A 60 -42.70 13.71 36.24
N GLN A 61 -42.23 14.37 35.20
CA GLN A 61 -42.55 15.78 34.99
C GLN A 61 -44.05 15.91 34.78
N MET A 62 -44.67 14.87 34.25
CA MET A 62 -46.08 14.85 33.96
C MET A 62 -46.95 14.12 35.01
N GLY A 63 -46.43 13.91 36.22
CA GLY A 63 -47.24 13.28 37.28
C GLY A 63 -47.30 11.77 37.38
N ALA A 64 -46.49 11.05 36.61
CA ALA A 64 -46.39 9.62 36.80
C ALA A 64 -45.84 9.40 38.20
N SER A 65 -46.23 8.29 38.84
CA SER A 65 -45.77 7.97 40.20
C SER A 65 -44.90 6.76 40.04
N ILE A 66 -43.60 7.00 40.04
CA ILE A 66 -42.62 5.94 39.77
C ILE A 66 -41.57 5.93 40.85
N GLN A 67 -41.35 4.78 41.47
CA GLN A 67 -40.33 4.68 42.52
C GLN A 67 -39.12 3.93 41.90
N VAL A 68 -37.97 4.57 41.87
CA VAL A 68 -36.79 3.95 41.31
C VAL A 68 -35.98 3.32 42.42
N ILE A 69 -35.70 2.02 42.26
CA ILE A 69 -34.86 1.29 43.19
C ILE A 69 -33.64 0.79 42.35
N GLU A 70 -32.77 1.75 42.11
CA GLU A 70 -31.62 1.58 41.26
C GLU A 70 -30.77 0.34 41.51
N ASP A 71 -30.36 0.12 42.74
CA ASP A 71 -29.45 -1.02 42.99
C ASP A 71 -30.03 -2.39 42.71
N GLU A 72 -31.35 -2.50 42.65
CA GLU A 72 -31.98 -3.76 42.32
C GLU A 72 -32.62 -3.83 40.93
N ASN A 73 -32.47 -2.78 40.13
CA ASN A 73 -33.08 -2.72 38.81
C ASN A 73 -34.59 -2.95 38.90
N ILE A 74 -35.19 -2.28 39.89
CA ILE A 74 -36.61 -2.38 40.05
C ILE A 74 -37.30 -1.03 39.98
N LEU A 75 -38.44 -1.00 39.33
CA LEU A 75 -39.29 0.19 39.37
C LEU A 75 -40.62 -0.27 40.00
N VAL A 76 -41.24 0.61 40.81
CA VAL A 76 -42.58 0.39 41.34
C VAL A 76 -43.41 1.54 40.84
N VAL A 77 -44.33 1.25 39.91
CA VAL A 77 -45.17 2.25 39.31
C VAL A 77 -46.61 2.23 39.83
N GLU A 78 -47.08 3.36 40.35
CA GLU A 78 -48.47 3.48 40.75
C GLU A 78 -49.18 4.14 39.58
N GLY A 79 -49.93 3.35 38.79
CA GLY A 79 -50.64 3.89 37.62
C GLY A 79 -51.54 5.07 37.93
N VAL A 80 -51.61 6.03 37.00
CA VAL A 80 -52.53 7.17 37.11
C VAL A 80 -53.69 7.10 36.08
N GLY A 81 -53.79 5.99 35.35
CA GLY A 81 -54.85 5.81 34.38
C GLY A 81 -54.59 6.57 33.09
N MET A 82 -55.38 6.29 32.07
CA MET A 82 -55.16 6.88 30.75
C MET A 82 -55.16 8.38 30.79
N THR A 83 -56.09 8.95 31.54
CA THR A 83 -56.25 10.39 31.64
C THR A 83 -55.56 11.04 32.87
N GLY A 84 -54.78 10.28 33.62
CA GLY A 84 -54.17 10.83 34.84
C GLY A 84 -52.99 11.76 34.77
N LEU A 85 -52.44 12.01 33.57
CA LEU A 85 -51.24 12.85 33.46
C LEU A 85 -51.55 14.33 33.60
N GLN A 86 -50.56 15.11 34.04
CA GLN A 86 -50.77 16.58 34.16
C GLN A 86 -49.77 17.28 33.30
N ALA A 87 -50.14 18.47 32.83
CA ALA A 87 -49.30 19.28 31.96
C ALA A 87 -48.02 19.68 32.66
N PRO A 88 -46.86 19.41 32.04
CA PRO A 88 -45.62 19.74 32.65
C PRO A 88 -45.34 21.21 32.52
N PRO A 89 -44.53 21.72 33.42
CA PRO A 89 -44.21 23.10 33.45
C PRO A 89 -43.12 23.45 32.47
N GLU A 90 -42.24 22.51 32.17
CA GLU A 90 -41.12 22.83 31.29
C GLU A 90 -41.00 21.82 30.19
N ALA A 91 -40.10 22.09 29.27
CA ALA A 91 -39.81 21.18 28.18
C ALA A 91 -39.31 19.85 28.76
N LEU A 92 -39.79 18.74 28.20
CA LEU A 92 -39.31 17.41 28.64
C LEU A 92 -37.92 17.05 28.07
N ASP A 93 -36.92 16.92 28.94
CA ASP A 93 -35.59 16.58 28.50
C ASP A 93 -35.47 15.07 28.28
N CYS A 94 -35.41 14.64 27.01
CA CYS A 94 -35.23 13.23 26.68
C CYS A 94 -33.76 12.83 26.57
N GLY A 95 -32.87 13.68 27.06
CA GLY A 95 -31.44 13.39 27.00
C GLY A 95 -31.01 12.98 25.61
N ASN A 96 -30.39 11.81 25.51
CA ASN A 96 -29.84 11.31 24.25
C ASN A 96 -30.75 10.31 23.56
N SER A 97 -31.96 10.13 24.11
CA SER A 97 -32.83 9.03 23.67
C SER A 97 -33.88 9.26 22.57
N GLY A 98 -33.59 8.74 21.38
CA GLY A 98 -34.52 8.81 20.27
C GLY A 98 -35.82 8.07 20.57
N THR A 99 -35.73 6.87 21.16
CA THR A 99 -36.93 6.09 21.51
C THR A 99 -37.85 6.91 22.45
N ALA A 100 -37.28 7.51 23.47
CA ALA A 100 -38.10 8.28 24.39
C ALA A 100 -38.87 9.37 23.64
N ILE A 101 -38.16 10.22 22.90
CA ILE A 101 -38.82 11.35 22.26
C ILE A 101 -39.89 10.94 21.27
N ARG A 102 -39.67 9.86 20.55
CA ARG A 102 -40.63 9.43 19.56
C ARG A 102 -41.84 8.71 20.19
N LEU A 103 -41.61 7.88 21.21
CA LEU A 103 -42.72 7.22 21.90
C LEU A 103 -43.53 8.26 22.73
N LEU A 104 -42.84 9.15 23.43
CA LEU A 104 -43.52 10.20 24.17
C LEU A 104 -44.44 11.01 23.22
N SER A 105 -43.93 11.32 22.04
CA SER A 105 -44.73 12.08 21.08
C SER A 105 -46.10 11.44 20.76
N GLY A 106 -46.13 10.12 20.64
CA GLY A 106 -47.39 9.41 20.35
C GLY A 106 -48.32 9.40 21.56
N LEU A 107 -47.74 9.37 22.75
CA LEU A 107 -48.49 9.39 23.99
C LEU A 107 -49.06 10.78 24.26
N LEU A 108 -48.31 11.82 23.87
CA LEU A 108 -48.72 13.17 24.14
C LEU A 108 -49.59 13.85 23.07
N ALA A 109 -49.69 13.21 21.91
CA ALA A 109 -50.44 13.71 20.76
C ALA A 109 -51.91 13.86 21.10
N GLY A 110 -52.47 12.88 21.81
CA GLY A 110 -53.89 12.88 22.22
C GLY A 110 -54.20 13.48 23.60
N GLN A 111 -53.21 14.06 24.28
CA GLN A 111 -53.46 14.64 25.58
C GLN A 111 -54.14 15.97 25.43
N PRO A 112 -54.89 16.37 26.45
CA PRO A 112 -55.56 17.66 26.38
C PRO A 112 -54.62 18.81 26.79
N PHE A 113 -53.32 18.61 26.71
CA PHE A 113 -52.41 19.69 27.10
C PHE A 113 -51.26 19.77 26.11
N ASN A 114 -50.49 20.84 26.28
CA ASN A 114 -49.35 21.13 25.45
C ASN A 114 -48.06 20.65 26.10
N THR A 115 -47.15 20.15 25.25
CA THR A 115 -45.85 19.65 25.72
C THR A 115 -44.72 20.04 24.76
N VAL A 116 -43.57 20.42 25.31
CA VAL A 116 -42.38 20.67 24.49
C VAL A 116 -41.40 19.52 24.78
N LEU A 117 -40.97 18.85 23.72
CA LEU A 117 -40.03 17.76 23.82
C LEU A 117 -38.72 18.13 23.19
N THR A 118 -37.64 17.95 23.93
CA THR A 118 -36.31 18.24 23.42
C THR A 118 -35.30 17.22 23.99
N GLY A 119 -34.01 17.55 23.90
CA GLY A 119 -32.97 16.69 24.40
C GLY A 119 -31.59 17.29 24.24
N ASP A 120 -30.58 16.45 24.07
CA ASP A 120 -29.21 16.95 23.94
C ASP A 120 -28.95 17.19 22.47
N SER A 121 -27.78 17.76 22.14
CA SER A 121 -27.42 18.14 20.73
C SER A 121 -27.71 17.06 19.73
N SER A 122 -27.20 15.87 20.04
CA SER A 122 -27.40 14.71 19.19
C SER A 122 -28.87 14.42 18.91
N LEU A 123 -29.72 14.55 19.93
CA LEU A 123 -31.11 14.25 19.77
C LEU A 123 -31.77 15.32 18.87
N GLN A 124 -31.26 16.55 18.96
CA GLN A 124 -31.79 17.68 18.16
C GLN A 124 -31.44 17.62 16.68
N ARG A 125 -30.61 16.63 16.28
CA ARG A 125 -30.29 16.40 14.87
C ARG A 125 -31.09 15.20 14.30
N ARG A 126 -31.78 14.46 15.16
CA ARG A 126 -32.44 13.26 14.67
C ARG A 126 -33.80 13.54 14.07
N PRO A 127 -34.08 12.86 12.94
CA PRO A 127 -35.26 13.06 12.12
C PRO A 127 -36.59 12.69 12.79
N MET A 128 -37.61 13.54 12.59
CA MET A 128 -38.94 13.33 13.17
C MET A 128 -40.10 13.26 12.16
N LYS A 129 -39.83 13.54 10.88
CA LYS A 129 -40.87 13.52 9.84
C LYS A 129 -41.61 12.18 9.91
N ARG A 130 -40.84 11.10 10.04
CA ARG A 130 -41.44 9.76 10.11
C ARG A 130 -42.56 9.65 11.17
N ILE A 131 -42.53 10.50 12.19
CA ILE A 131 -43.64 10.45 13.15
C ILE A 131 -44.58 11.64 12.95
N ILE A 132 -44.05 12.84 12.69
CA ILE A 132 -44.88 14.02 12.53
C ILE A 132 -45.97 13.86 11.47
N ASP A 133 -45.64 13.31 10.31
CA ASP A 133 -46.63 13.15 9.24
C ASP A 133 -47.80 12.26 9.63
N PRO A 134 -47.55 11.00 10.01
CA PRO A 134 -48.70 10.16 10.39
C PRO A 134 -49.49 10.67 11.61
N LEU A 135 -48.83 11.34 12.56
CA LEU A 135 -49.56 11.92 13.71
C LEU A 135 -50.48 13.05 13.22
N THR A 136 -49.98 13.84 12.28
CA THR A 136 -50.75 14.93 11.72
C THR A 136 -52.00 14.36 10.98
N LEU A 137 -51.86 13.18 10.37
CA LEU A 137 -53.01 12.57 9.72
C LEU A 137 -54.08 12.22 10.75
N MET A 138 -53.66 11.98 12.00
CA MET A 138 -54.58 11.59 13.08
C MET A 138 -55.22 12.80 13.74
N GLY A 139 -54.73 13.98 13.42
CA GLY A 139 -55.27 15.22 13.99
C GLY A 139 -54.27 15.96 14.86
N ALA A 140 -53.06 15.42 14.96
CA ALA A 140 -52.08 16.04 15.79
C ALA A 140 -51.57 17.31 15.14
N LYS A 141 -51.16 18.25 15.97
CA LYS A 141 -50.53 19.45 15.53
C LYS A 141 -49.19 19.50 16.30
N ILE A 142 -48.08 19.45 15.55
CA ILE A 142 -46.73 19.48 16.13
C ILE A 142 -45.84 20.49 15.42
N ASP A 143 -45.23 21.43 16.14
CA ASP A 143 -44.34 22.42 15.53
C ASP A 143 -42.88 22.02 15.66
N SER A 144 -42.13 22.16 14.56
CA SER A 144 -40.70 21.84 14.53
CA SER A 144 -40.71 21.84 14.54
C SER A 144 -39.98 22.58 13.42
N THR A 145 -38.79 23.07 13.71
CA THR A 145 -38.01 23.71 12.69
C THR A 145 -37.14 22.62 12.05
N GLY A 146 -37.45 22.29 10.81
CA GLY A 146 -36.66 21.33 10.06
C GLY A 146 -36.91 19.87 10.39
N ASN A 147 -38.11 19.57 10.90
CA ASN A 147 -38.48 18.19 11.26
C ASN A 147 -37.51 17.53 12.28
N VAL A 148 -36.88 18.36 13.12
CA VAL A 148 -36.01 17.90 14.21
C VAL A 148 -36.41 18.55 15.55
N PRO A 149 -36.13 17.87 16.66
CA PRO A 149 -36.48 18.49 17.93
C PRO A 149 -35.71 19.79 18.08
N PRO A 150 -36.21 20.72 18.94
CA PRO A 150 -37.40 20.62 19.80
C PRO A 150 -38.75 20.52 19.10
N LEU A 151 -39.58 19.61 19.59
CA LEU A 151 -40.96 19.42 19.10
C LEU A 151 -41.95 20.11 20.07
N LYS A 152 -42.95 20.81 19.54
CA LYS A 152 -43.99 21.37 20.42
C LYS A 152 -45.31 20.75 20.00
N ILE A 153 -45.88 19.97 20.92
CA ILE A 153 -47.09 19.23 20.65
C ILE A 153 -48.24 20.03 21.26
N TYR A 154 -49.26 20.28 20.46
CA TYR A 154 -50.48 20.97 20.88
C TYR A 154 -51.42 19.81 20.98
N GLY A 155 -51.69 19.42 22.21
CA GLY A 155 -52.47 18.22 22.45
C GLY A 155 -53.84 18.27 21.85
N ASN A 156 -54.29 17.17 21.28
CA ASN A 156 -55.62 17.12 20.74
C ASN A 156 -56.37 15.89 21.22
N PRO A 157 -57.32 16.08 22.13
CA PRO A 157 -58.02 14.90 22.61
C PRO A 157 -59.03 14.35 21.62
N ARG A 158 -59.13 14.94 20.45
CA ARG A 158 -60.08 14.49 19.45
C ARG A 158 -59.37 13.82 18.29
N LEU A 159 -58.17 13.26 18.54
CA LEU A 159 -57.46 12.54 17.45
C LEU A 159 -58.37 11.46 16.91
N THR A 160 -58.24 11.18 15.62
CA THR A 160 -59.04 10.13 15.00
C THR A 160 -58.12 9.11 14.44
N GLY A 161 -58.56 7.85 14.46
CA GLY A 161 -57.79 6.75 13.90
C GLY A 161 -57.48 6.87 12.41
N ILE A 162 -56.50 6.10 11.95
CA ILE A 162 -56.08 6.10 10.55
C ILE A 162 -55.51 4.74 10.26
N HIS A 163 -55.49 4.39 8.99
CA HIS A 163 -54.86 3.19 8.50
C HIS A 163 -53.61 3.74 7.90
N TYR A 164 -52.47 3.08 8.08
CA TYR A 164 -51.24 3.66 7.59
C TYR A 164 -50.21 2.63 7.30
N GLN A 165 -49.57 2.77 6.14
CA GLN A 165 -48.45 1.92 5.78
C GLN A 165 -47.18 2.69 5.98
N LEU A 166 -46.25 2.07 6.69
CA LEU A 166 -44.97 2.68 6.96
C LEU A 166 -44.09 2.58 5.72
N PRO A 167 -43.38 3.68 5.38
CA PRO A 167 -42.38 3.68 4.31
C PRO A 167 -41.26 2.67 4.60
N MET A 168 -40.51 2.84 5.69
CA MET A 168 -39.51 1.81 6.07
C MET A 168 -39.96 1.14 7.37
N ALA A 169 -39.40 -0.04 7.66
CA ALA A 169 -39.66 -0.74 8.91
C ALA A 169 -39.07 0.10 10.07
N SER A 170 -39.91 0.42 11.06
CA SER A 170 -39.51 1.22 12.24
C SER A 170 -40.41 0.94 13.42
N ALA A 171 -39.87 0.26 14.42
CA ALA A 171 -40.61 -0.06 15.67
C ALA A 171 -41.03 1.22 16.38
N GLN A 172 -40.15 2.20 16.32
CA GLN A 172 -40.44 3.45 16.96
C GLN A 172 -41.67 4.09 16.36
N VAL A 173 -41.78 4.10 15.03
CA VAL A 173 -42.94 4.70 14.40
C VAL A 173 -44.17 3.84 14.68
N LYS A 174 -44.04 2.53 14.53
CA LYS A 174 -45.16 1.63 14.84
C LYS A 174 -45.62 1.92 16.28
N SER A 175 -44.68 1.97 17.21
CA SER A 175 -45.03 2.20 18.61
C SER A 175 -45.67 3.57 18.86
N CYS A 176 -45.16 4.60 18.19
CA CYS A 176 -45.68 5.95 18.34
C CYS A 176 -47.14 6.02 18.00
N LEU A 177 -47.46 5.45 16.85
CA LEU A 177 -48.81 5.49 16.36
C LEU A 177 -49.71 4.62 17.21
N LEU A 178 -49.20 3.46 17.60
CA LEU A 178 -49.99 2.57 18.44
C LEU A 178 -50.38 3.26 19.75
N LEU A 179 -49.49 4.10 20.27
CA LEU A 179 -49.77 4.81 21.51
C LEU A 179 -50.86 5.87 21.25
N ALA A 180 -50.63 6.73 20.27
CA ALA A 180 -51.65 7.70 19.89
C ALA A 180 -52.96 6.96 19.60
N GLY A 181 -52.85 5.74 19.11
CA GLY A 181 -54.03 4.95 18.80
C GLY A 181 -54.94 4.76 19.97
N LEU A 182 -54.35 4.54 21.14
CA LEU A 182 -55.08 4.32 22.37
C LEU A 182 -55.97 5.51 22.78
N TYR A 183 -55.60 6.73 22.37
CA TYR A 183 -56.38 7.94 22.68
C TYR A 183 -57.18 8.48 21.49
N ALA A 184 -57.27 7.71 20.42
CA ALA A 184 -57.93 8.18 19.21
C ALA A 184 -59.28 7.55 18.99
N ARG A 185 -60.22 8.35 18.48
CA ARG A 185 -61.54 7.83 18.17
C ARG A 185 -61.40 6.79 17.06
N GLY A 186 -61.92 5.59 17.30
CA GLY A 186 -61.91 4.52 16.31
C GLY A 186 -60.66 3.68 16.29
N LYS A 187 -60.52 2.94 15.19
CA LYS A 187 -59.37 2.04 14.98
C LYS A 187 -58.17 2.73 14.35
N THR A 188 -56.99 2.27 14.73
CA THR A 188 -55.77 2.75 14.13
C THR A 188 -55.14 1.46 13.66
N CYS A 189 -54.86 1.35 12.36
CA CYS A 189 -54.23 0.13 11.83
C CYS A 189 -52.90 0.45 11.19
N ILE A 190 -51.88 -0.27 11.63
CA ILE A 190 -50.51 -0.09 11.16
C ILE A 190 -50.09 -1.32 10.36
N THR A 191 -49.64 -1.10 9.11
CA THR A 191 -49.14 -2.16 8.26
C THR A 191 -47.66 -1.91 7.98
N GLU A 192 -46.84 -2.93 8.17
CA GLU A 192 -45.40 -2.86 7.94
C GLU A 192 -44.96 -3.62 6.68
N PRO A 193 -44.09 -3.01 5.86
CA PRO A 193 -43.58 -3.74 4.70
C PRO A 193 -42.72 -4.90 5.16
N ALA A 194 -41.99 -4.72 6.27
CA ALA A 194 -41.14 -5.75 6.85
C ALA A 194 -41.21 -5.61 8.38
N PRO A 195 -41.47 -6.72 9.11
CA PRO A 195 -41.57 -6.71 10.56
C PRO A 195 -40.44 -6.00 11.30
N SER A 196 -40.78 -5.19 12.30
CA SER A 196 -39.80 -4.52 13.17
C SER A 196 -40.07 -5.12 14.55
N ARG A 197 -39.15 -4.93 15.50
CA ARG A 197 -39.33 -5.48 16.86
C ARG A 197 -40.75 -5.22 17.46
N ASP A 198 -41.31 -6.25 18.06
CA ASP A 198 -42.72 -6.25 18.50
C ASP A 198 -42.98 -6.08 20.00
N HIS A 199 -42.06 -5.45 20.70
CA HIS A 199 -42.18 -5.33 22.15
C HIS A 199 -43.42 -4.66 22.57
N THR A 200 -43.81 -3.61 21.84
CA THR A 200 -45.01 -2.83 22.17
C THR A 200 -46.25 -3.72 22.15
N GLU A 201 -46.42 -4.43 21.04
CA GLU A 201 -47.53 -5.31 20.87
C GLU A 201 -47.62 -6.28 22.02
N ARG A 202 -46.50 -6.88 22.37
CA ARG A 202 -46.48 -7.81 23.46
C ARG A 202 -46.84 -7.18 24.81
N LEU A 203 -46.38 -5.96 25.07
CA LEU A 203 -46.71 -5.29 26.34
C LEU A 203 -48.17 -4.90 26.36
N LEU A 204 -48.70 -4.45 25.22
CA LEU A 204 -50.13 -4.11 25.14
C LEU A 204 -50.99 -5.34 25.52
N LYS A 205 -50.60 -6.53 25.05
CA LYS A 205 -51.33 -7.75 25.43
C LYS A 205 -51.19 -8.00 26.94
N HIS A 206 -50.02 -7.68 27.49
CA HIS A 206 -49.70 -7.92 28.89
C HIS A 206 -50.55 -7.06 29.80
N PHE A 207 -50.84 -5.85 29.34
CA PHE A 207 -51.64 -4.92 30.09
C PHE A 207 -53.14 -5.03 29.75
N HIS A 208 -53.50 -6.12 29.09
CA HIS A 208 -54.88 -6.43 28.66
C HIS A 208 -55.54 -5.36 27.84
N TYR A 209 -54.79 -4.77 26.91
CA TYR A 209 -55.38 -3.84 25.97
C TYR A 209 -55.62 -4.71 24.74
N THR A 210 -56.78 -4.52 24.13
CA THR A 210 -57.23 -5.35 23.03
C THR A 210 -56.46 -5.07 21.71
N LEU A 211 -55.91 -6.12 21.10
CA LEU A 211 -55.08 -6.00 19.87
C LEU A 211 -55.51 -6.93 18.70
N GLN A 212 -55.56 -6.39 17.47
CA GLN A 212 -55.96 -7.15 16.25
C GLN A 212 -54.77 -7.48 15.33
N LYS A 213 -54.97 -8.36 14.34
CA LYS A 213 -53.93 -8.64 13.30
C LYS A 213 -54.55 -9.19 11.99
N GLN A 216 -51.75 -9.54 8.60
CA GLN A 216 -50.37 -9.04 8.43
C GLN A 216 -50.12 -7.60 8.95
N SER A 217 -51.17 -6.88 9.31
CA SER A 217 -51.01 -5.56 9.91
C SER A 217 -51.52 -5.71 11.36
N ILE A 218 -51.44 -4.67 12.21
CA ILE A 218 -51.99 -4.76 13.60
C ILE A 218 -52.81 -3.51 13.90
N CYS A 219 -53.91 -3.69 14.64
CA CYS A 219 -54.85 -2.58 14.94
C CYS A 219 -55.21 -2.42 16.42
N VAL A 220 -55.66 -1.22 16.79
CA VAL A 220 -56.14 -0.98 18.15
C VAL A 220 -57.20 0.09 18.08
N SER A 221 -58.15 0.01 19.03
CA SER A 221 -59.23 0.97 19.14
C SER A 221 -59.03 1.82 20.37
N GLY A 222 -59.22 3.12 20.21
CA GLY A 222 -59.04 4.08 21.30
C GLY A 222 -60.06 3.95 22.42
N GLY A 223 -59.77 4.59 23.56
CA GLY A 223 -60.67 4.57 24.71
C GLY A 223 -60.62 3.34 25.60
N GLY A 224 -59.74 2.38 25.32
CA GLY A 224 -59.55 1.21 26.19
C GLY A 224 -58.77 1.60 27.45
N LYS A 225 -58.51 0.62 28.31
CA LYS A 225 -57.82 0.87 29.57
C LYS A 225 -56.71 -0.13 29.75
N LEU A 226 -55.56 0.32 30.26
CA LEU A 226 -54.44 -0.57 30.59
C LEU A 226 -54.53 -1.03 32.06
N LYS A 227 -54.37 -2.34 32.29
CA LYS A 227 -54.44 -2.91 33.61
C LYS A 227 -53.04 -3.28 34.13
N ALA A 228 -52.67 -2.74 35.30
CA ALA A 228 -51.38 -3.03 35.95
C ALA A 228 -51.11 -4.51 35.97
N ASN A 229 -49.88 -4.92 35.69
CA ASN A 229 -49.51 -6.34 35.68
C ASN A 229 -47.99 -6.42 35.74
N ASP A 230 -47.46 -6.98 36.82
CA ASP A 230 -46.02 -7.06 37.05
C ASP A 230 -45.24 -7.57 35.85
N ILE A 231 -44.10 -6.94 35.63
CA ILE A 231 -43.32 -7.24 34.46
C ILE A 231 -41.86 -7.59 34.79
N SER A 232 -41.34 -8.55 34.07
CA SER A 232 -39.97 -9.00 34.26
C SER A 232 -39.26 -8.80 32.92
N ILE A 233 -38.19 -7.99 32.95
CA ILE A 233 -37.48 -7.63 31.74
C ILE A 233 -36.26 -8.56 31.57
N PRO A 234 -36.14 -9.12 30.40
CA PRO A 234 -35.00 -9.95 30.12
C PRO A 234 -33.78 -9.11 29.71
N GLY A 235 -32.64 -9.77 29.65
CA GLY A 235 -31.41 -9.14 29.27
C GLY A 235 -31.43 -8.66 27.83
N ASP A 236 -30.77 -7.52 27.58
CA ASP A 236 -30.76 -6.92 26.28
C ASP A 236 -29.78 -7.71 25.42
N ILE A 237 -30.26 -8.27 24.32
CA ILE A 237 -29.39 -9.01 23.41
C ILE A 237 -28.42 -8.03 22.71
N SER A 238 -28.83 -6.77 22.56
CA SER A 238 -27.93 -5.75 22.00
C SER A 238 -26.71 -5.58 22.90
N SER A 239 -26.89 -5.77 24.20
CA SER A 239 -25.75 -5.68 25.10
C SER A 239 -24.94 -6.97 25.03
N ALA A 240 -25.63 -8.10 24.92
CA ALA A 240 -24.95 -9.36 24.80
C ALA A 240 -24.14 -9.39 23.50
N ALA A 241 -24.65 -8.75 22.47
CA ALA A 241 -23.96 -8.71 21.16
C ALA A 241 -22.46 -8.42 21.30
N PHE A 242 -22.11 -7.52 22.22
CA PHE A 242 -20.70 -7.19 22.40
C PHE A 242 -19.91 -8.41 22.91
N PHE A 243 -20.43 -9.12 23.90
CA PHE A 243 -19.73 -10.33 24.37
C PHE A 243 -19.75 -11.50 23.38
N ILE A 244 -20.82 -11.61 22.60
CA ILE A 244 -20.91 -12.67 21.60
C ILE A 244 -19.81 -12.49 20.55
N VAL A 245 -19.66 -11.28 20.06
CA VAL A 245 -18.63 -11.01 19.09
C VAL A 245 -17.24 -11.15 19.69
N ALA A 246 -17.03 -10.66 20.89
CA ALA A 246 -15.74 -10.73 21.53
C ALA A 246 -15.29 -12.17 21.72
N ALA A 247 -16.20 -13.02 22.21
CA ALA A 247 -15.85 -14.43 22.47
C ALA A 247 -15.66 -15.16 21.14
N THR A 248 -16.39 -14.77 20.11
CA THR A 248 -16.25 -15.38 18.83
C THR A 248 -14.87 -15.11 18.23
N ILE A 249 -14.42 -13.86 18.32
CA ILE A 249 -13.17 -13.47 17.68
C ILE A 249 -11.93 -13.66 18.50
N THR A 250 -12.06 -13.80 19.82
CA THR A 250 -10.90 -13.98 20.68
C THR A 250 -10.53 -15.49 20.96
N PRO A 251 -9.38 -15.95 20.43
CA PRO A 251 -8.92 -17.34 20.68
C PRO A 251 -8.85 -17.73 22.16
N GLY A 252 -9.31 -18.96 22.43
CA GLY A 252 -9.32 -19.55 23.77
C GLY A 252 -10.53 -19.16 24.59
N SER A 253 -11.57 -18.68 23.91
CA SER A 253 -12.77 -18.18 24.56
C SER A 253 -13.93 -19.15 24.60
N ALA A 254 -14.57 -19.22 25.75
CA ALA A 254 -15.73 -20.06 25.95
C ALA A 254 -16.58 -19.34 27.00
N ILE A 255 -17.78 -18.88 26.65
CA ILE A 255 -18.62 -18.19 27.64
C ILE A 255 -20.08 -18.51 27.47
N ARG A 256 -20.82 -18.27 28.54
CA ARG A 256 -22.28 -18.42 28.56
C ARG A 256 -22.92 -17.13 29.08
N LEU A 257 -23.93 -16.66 28.37
CA LEU A 257 -24.65 -15.41 28.70
C LEU A 257 -26.03 -15.79 29.23
N CYS A 258 -26.25 -15.57 30.52
CA CYS A 258 -27.52 -15.98 31.16
C CYS A 258 -28.66 -15.02 30.94
N ARG A 259 -29.87 -15.56 30.84
CA ARG A 259 -31.14 -14.80 30.76
C ARG A 259 -31.17 -13.69 29.77
N VAL A 260 -30.76 -13.96 28.56
CA VAL A 260 -30.81 -12.99 27.50
C VAL A 260 -32.11 -13.13 26.73
N GLY A 261 -32.73 -12.00 26.40
CA GLY A 261 -33.94 -12.06 25.61
C GLY A 261 -33.55 -12.57 24.23
N VAL A 262 -34.42 -13.37 23.60
CA VAL A 262 -34.17 -13.90 22.27
C VAL A 262 -35.36 -13.70 21.36
N ASN A 263 -36.02 -12.55 21.47
CA ASN A 263 -37.14 -12.28 20.60
C ASN A 263 -36.58 -12.34 19.17
N PRO A 264 -37.26 -13.09 18.29
CA PRO A 264 -36.90 -13.31 16.90
C PRO A 264 -36.61 -12.07 16.10
N THR A 265 -37.30 -10.98 16.43
CA THR A 265 -37.08 -9.72 15.73
C THR A 265 -35.79 -9.03 16.19
N ARG A 266 -35.05 -9.67 17.09
CA ARG A 266 -33.77 -9.15 17.60
C ARG A 266 -32.59 -10.13 17.39
N LEU A 267 -32.81 -11.28 16.74
CA LEU A 267 -31.73 -12.30 16.63
C LEU A 267 -30.72 -12.12 15.49
N GLY A 268 -30.86 -11.05 14.74
CA GLY A 268 -29.95 -10.73 13.64
C GLY A 268 -28.46 -11.00 13.85
N VAL A 269 -27.88 -10.39 14.88
CA VAL A 269 -26.43 -10.55 15.12
C VAL A 269 -26.05 -12.03 15.13
N ILE A 270 -26.85 -12.84 15.82
CA ILE A 270 -26.64 -14.28 15.89
C ILE A 270 -26.81 -14.96 14.58
N ASN A 271 -27.85 -14.61 13.85
CA ASN A 271 -28.10 -15.21 12.54
C ASN A 271 -26.91 -14.99 11.58
N LEU A 272 -26.44 -13.75 11.51
CA LEU A 272 -25.35 -13.36 10.62
C LEU A 272 -24.02 -13.92 11.09
N LEU A 273 -23.72 -13.83 12.36
CA LEU A 273 -22.49 -14.43 12.81
C LEU A 273 -22.45 -15.93 12.39
N LYS A 274 -23.56 -16.64 12.58
CA LYS A 274 -23.63 -18.06 12.20
C LYS A 274 -23.29 -18.24 10.72
N MET A 275 -23.88 -17.38 9.87
CA MET A 275 -23.59 -17.40 8.42
C MET A 275 -22.12 -17.20 8.17
N MET A 276 -21.47 -16.43 9.03
CA MET A 276 -20.04 -16.13 8.93
C MET A 276 -19.15 -17.20 9.50
N GLY A 277 -19.74 -18.22 10.13
CA GLY A 277 -19.02 -19.34 10.73
C GLY A 277 -19.03 -19.41 12.25
N ALA A 278 -19.82 -18.58 12.90
CA ALA A 278 -19.81 -18.56 14.39
C ALA A 278 -20.28 -19.84 15.10
N ASP A 279 -19.86 -19.96 16.37
CA ASP A 279 -20.20 -21.08 17.22
C ASP A 279 -21.02 -20.55 18.41
N ILE A 280 -22.33 -20.48 18.19
CA ILE A 280 -23.28 -19.95 19.17
C ILE A 280 -24.43 -20.95 19.43
N GLU A 281 -24.62 -21.31 20.70
CA GLU A 281 -25.69 -22.26 21.10
C GLU A 281 -26.71 -21.65 22.07
N VAL A 282 -27.98 -21.69 21.65
CA VAL A 282 -29.06 -21.18 22.44
C VAL A 282 -29.73 -22.34 23.15
N THR A 283 -29.77 -22.31 24.48
CA THR A 283 -30.38 -23.36 25.29
C THR A 283 -31.22 -22.76 26.45
N HIS A 284 -31.68 -23.59 27.39
CA HIS A 284 -32.41 -23.13 28.61
C HIS A 284 -33.51 -22.12 28.22
N TYR A 285 -34.11 -22.38 27.06
CA TYR A 285 -35.13 -21.54 26.49
C TYR A 285 -36.38 -21.51 27.39
N THR A 286 -37.03 -20.35 27.51
CA THR A 286 -38.21 -20.19 28.39
C THR A 286 -39.10 -19.02 27.99
N GLU A 287 -40.27 -18.85 28.64
CA GLU A 287 -41.23 -17.74 28.35
C GLU A 287 -42.01 -17.07 29.54
N LYS A 288 -42.11 -15.74 29.47
CA LYS A 288 -42.78 -14.91 30.48
C LYS A 288 -43.01 -13.48 29.96
N GLU A 291 -42.27 -12.31 26.85
CA GLU A 291 -41.02 -12.19 26.06
C GLU A 291 -40.08 -13.36 26.29
N PRO A 292 -39.65 -14.04 25.19
CA PRO A 292 -38.77 -15.22 25.23
C PRO A 292 -37.38 -14.93 25.73
N THR A 293 -36.79 -15.90 26.42
CA THR A 293 -35.51 -15.78 27.09
C THR A 293 -34.66 -17.04 26.95
N ALA A 294 -33.34 -16.90 26.94
CA ALA A 294 -32.47 -18.05 26.80
C ALA A 294 -31.04 -17.81 27.27
N ASP A 295 -30.28 -18.90 27.37
CA ASP A 295 -28.87 -18.84 27.74
C ASP A 295 -28.10 -19.01 26.44
N ILE A 296 -27.10 -18.15 26.23
CA ILE A 296 -26.33 -18.16 25.00
C ILE A 296 -24.90 -18.53 25.33
N THR A 297 -24.40 -19.55 24.65
CA THR A 297 -23.08 -20.05 24.88
C THR A 297 -22.29 -19.77 23.64
N VAL A 298 -21.12 -19.17 23.81
CA VAL A 298 -20.29 -18.75 22.68
C VAL A 298 -18.85 -19.21 22.83
N ARG A 299 -18.32 -19.78 21.75
CA ARG A 299 -16.96 -20.27 21.72
C ARG A 299 -16.33 -19.65 20.54
N HIS A 300 -15.01 -19.51 20.63
CA HIS A 300 -14.21 -18.95 19.56
C HIS A 300 -14.36 -19.74 18.29
N ALA A 301 -14.45 -19.02 17.18
CA ALA A 301 -14.55 -19.61 15.85
C ALA A 301 -13.94 -18.62 14.86
N ARG A 302 -13.51 -19.15 13.72
CA ARG A 302 -12.89 -18.38 12.63
C ARG A 302 -14.02 -18.07 11.73
N LEU A 303 -14.00 -16.87 11.13
CA LEU A 303 -15.11 -16.39 10.34
C LEU A 303 -14.78 -16.04 8.93
N LYS A 304 -15.79 -16.15 8.07
CA LYS A 304 -15.64 -15.80 6.67
C LYS A 304 -16.57 -14.63 6.41
N GLY A 305 -16.06 -13.63 5.70
CA GLY A 305 -16.85 -12.47 5.29
C GLY A 305 -18.11 -12.91 4.52
N ILE A 306 -19.17 -12.10 4.57
CA ILE A 306 -20.41 -12.40 3.89
C ILE A 306 -21.02 -11.15 3.30
N ASP A 307 -22.01 -11.34 2.42
CA ASP A 307 -22.79 -10.26 1.86
C ASP A 307 -24.03 -10.30 2.73
N ILE A 308 -24.27 -9.22 3.47
CA ILE A 308 -25.37 -9.14 4.41
C ILE A 308 -26.71 -8.99 3.70
N PRO A 309 -27.53 -10.05 3.75
CA PRO A 309 -28.86 -10.09 3.13
C PRO A 309 -29.72 -8.96 3.65
N PRO A 310 -30.37 -8.21 2.76
CA PRO A 310 -31.22 -7.06 3.09
C PRO A 310 -32.26 -7.30 4.16
N ASP A 311 -32.89 -8.47 4.11
CA ASP A 311 -33.94 -8.86 5.06
C ASP A 311 -33.48 -8.88 6.52
N GLN A 312 -32.17 -8.95 6.75
CA GLN A 312 -31.62 -8.94 8.11
C GLN A 312 -31.27 -7.55 8.59
N VAL A 313 -31.09 -6.60 7.68
CA VAL A 313 -30.68 -5.28 8.12
C VAL A 313 -31.59 -4.71 9.25
N PRO A 314 -32.89 -4.52 9.00
CA PRO A 314 -33.79 -4.02 10.05
C PRO A 314 -33.69 -4.70 11.43
N LEU A 315 -33.62 -6.01 11.46
CA LEU A 315 -33.54 -6.77 12.70
C LEU A 315 -32.15 -6.74 13.39
N THR A 316 -31.20 -6.00 12.83
CA THR A 316 -29.83 -6.03 13.32
C THR A 316 -29.21 -4.64 13.30
N ILE A 317 -30.03 -3.64 13.00
CA ILE A 317 -29.56 -2.27 12.83
C ILE A 317 -28.61 -1.79 13.95
N ASP A 318 -28.98 -2.04 15.19
CA ASP A 318 -28.16 -1.60 16.30
C ASP A 318 -26.93 -2.47 16.51
N GLU A 319 -26.85 -3.62 15.87
CA GLU A 319 -25.70 -4.47 16.07
C GLU A 319 -24.58 -4.37 15.00
N PHE A 320 -24.76 -3.52 14.02
CA PHE A 320 -23.72 -3.42 13.01
C PHE A 320 -22.39 -2.85 13.49
N PRO A 321 -22.44 -1.94 14.43
CA PRO A 321 -21.16 -1.47 14.90
C PRO A 321 -20.29 -2.65 15.34
N VAL A 322 -20.79 -3.49 16.23
CA VAL A 322 -19.98 -4.57 16.74
C VAL A 322 -19.78 -5.68 15.70
N LEU A 323 -20.79 -5.91 14.85
CA LEU A 323 -20.69 -6.92 13.79
C LEU A 323 -19.53 -6.54 12.85
N LEU A 324 -19.47 -5.26 12.51
CA LEU A 324 -18.42 -4.79 11.66
C LEU A 324 -17.03 -5.09 12.25
N ILE A 325 -16.89 -5.15 13.57
CA ILE A 325 -15.62 -5.57 14.18
C ILE A 325 -15.36 -7.07 13.85
N ALA A 326 -16.41 -7.89 13.83
CA ALA A 326 -16.29 -9.29 13.40
C ALA A 326 -15.85 -9.35 11.93
N ALA A 327 -16.48 -8.55 11.06
CA ALA A 327 -16.09 -8.52 9.63
C ALA A 327 -14.61 -8.14 9.47
N ALA A 328 -14.12 -7.23 10.30
CA ALA A 328 -12.74 -6.77 10.21
C ALA A 328 -11.70 -7.86 10.42
N VAL A 329 -12.02 -8.86 11.22
CA VAL A 329 -11.07 -9.94 11.56
C VAL A 329 -11.45 -11.28 10.92
N ALA A 330 -12.45 -11.24 10.05
CA ALA A 330 -12.89 -12.40 9.31
C ALA A 330 -12.02 -12.57 8.06
N GLN A 331 -12.10 -13.74 7.44
CA GLN A 331 -11.36 -14.03 6.20
C GLN A 331 -12.24 -13.63 4.98
N GLY A 332 -11.74 -12.72 4.14
CA GLY A 332 -12.54 -12.27 3.00
C GLY A 332 -13.32 -10.98 3.24
N LYS A 333 -14.16 -10.69 2.26
CA LYS A 333 -14.88 -9.43 2.16
C LYS A 333 -16.32 -9.53 2.70
N THR A 334 -16.76 -8.49 3.40
CA THR A 334 -18.16 -8.35 3.89
C THR A 334 -18.75 -7.08 3.30
N VAL A 335 -19.95 -7.16 2.75
CA VAL A 335 -20.58 -5.96 2.17
C VAL A 335 -21.92 -5.71 2.86
N LEU A 336 -22.11 -4.53 3.44
CA LEU A 336 -23.38 -4.18 4.12
C LEU A 336 -24.11 -3.23 3.25
N ARG A 337 -25.38 -3.50 2.98
CA ARG A 337 -26.19 -2.57 2.17
C ARG A 337 -27.57 -2.35 2.80
N ASP A 338 -28.28 -1.31 2.33
CA ASP A 338 -29.60 -0.97 2.82
C ASP A 338 -29.62 -0.56 4.30
N ALA A 339 -28.51 0.00 4.77
CA ALA A 339 -28.39 0.42 6.13
C ALA A 339 -28.21 1.94 6.27
N ALA A 340 -28.79 2.73 5.37
CA ALA A 340 -28.76 4.22 5.46
C ALA A 340 -29.32 4.72 6.82
N GLU A 341 -30.07 3.90 7.54
CA GLU A 341 -30.56 4.35 8.87
C GLU A 341 -29.40 4.60 9.87
N LEU A 342 -28.27 3.93 9.66
CA LEU A 342 -27.13 4.05 10.51
C LEU A 342 -26.62 5.47 10.54
N ARG A 343 -26.83 6.20 9.47
CA ARG A 343 -26.32 7.55 9.41
C ARG A 343 -27.08 8.51 10.24
N VAL A 344 -28.30 8.12 10.64
CA VAL A 344 -29.18 9.03 11.38
C VAL A 344 -29.51 8.59 12.80
N LYS A 345 -28.52 8.02 13.48
CA LYS A 345 -28.65 7.56 14.87
C LYS A 345 -27.94 8.57 15.80
N GLU A 346 -27.59 8.18 17.04
CA GLU A 346 -26.86 9.06 18.00
C GLU A 346 -25.83 9.88 17.19
N THR A 347 -25.07 9.13 16.41
CA THR A 347 -24.12 9.69 15.49
C THR A 347 -24.31 8.93 14.17
N ASP A 348 -23.59 9.37 13.14
CA ASP A 348 -23.58 8.68 11.86
C ASP A 348 -22.69 7.46 12.12
N ARG A 349 -23.31 6.32 12.33
CA ARG A 349 -22.56 5.13 12.64
C ARG A 349 -21.71 4.53 11.51
N ILE A 350 -22.03 4.80 10.26
CA ILE A 350 -21.19 4.31 9.18
C ILE A 350 -19.87 5.12 9.22
N ALA A 351 -19.99 6.44 9.14
CA ALA A 351 -18.79 7.28 9.20
C ALA A 351 -17.93 6.91 10.40
N ALA A 352 -18.55 6.70 11.54
CA ALA A 352 -17.79 6.50 12.76
C ALA A 352 -17.08 5.17 12.77
N MET A 353 -17.69 4.11 12.25
CA MET A 353 -17.00 2.81 12.25
C MET A 353 -15.86 2.85 11.22
N VAL A 354 -16.15 3.32 10.02
CA VAL A 354 -15.17 3.42 8.94
C VAL A 354 -13.91 4.18 9.42
N ASP A 355 -14.11 5.26 10.14
CA ASP A 355 -12.97 6.03 10.64
C ASP A 355 -12.19 5.23 11.67
N GLY A 356 -12.91 4.61 12.59
CA GLY A 356 -12.25 3.85 13.63
C GLY A 356 -11.50 2.67 13.03
N LEU A 357 -12.14 1.92 12.15
CA LEU A 357 -11.51 0.77 11.57
C LEU A 357 -10.22 1.18 10.82
N GLN A 358 -10.29 2.24 10.01
CA GLN A 358 -9.13 2.72 9.30
C GLN A 358 -8.02 3.07 10.25
N LYS A 359 -8.36 3.71 11.35
CA LYS A 359 -7.33 4.07 12.30
C LYS A 359 -6.68 2.83 12.93
N LEU A 360 -7.44 1.72 13.05
CA LEU A 360 -6.91 0.48 13.57
C LEU A 360 -6.38 -0.45 12.43
N GLY A 361 -6.20 0.08 11.21
CA GLY A 361 -5.60 -0.65 10.11
C GLY A 361 -6.46 -1.56 9.28
N ILE A 362 -7.73 -1.25 9.15
CA ILE A 362 -8.62 -2.13 8.40
C ILE A 362 -9.09 -1.43 7.14
N ALA A 363 -9.05 -2.14 6.01
CA ALA A 363 -9.48 -1.57 4.77
C ALA A 363 -10.99 -1.52 4.83
N ALA A 364 -11.53 -0.36 5.11
CA ALA A 364 -12.97 -0.18 5.24
C ALA A 364 -13.38 1.01 4.38
N GLU A 365 -14.36 0.75 3.53
CA GLU A 365 -14.81 1.72 2.55
C GLU A 365 -16.28 1.99 2.78
N SER A 366 -16.64 3.26 2.74
CA SER A 366 -18.00 3.69 2.96
C SER A 366 -18.88 3.65 1.71
N LEU A 367 -20.17 3.39 1.92
CA LEU A 367 -21.21 3.45 0.89
C LEU A 367 -22.34 4.31 1.47
N PRO A 368 -23.09 4.99 0.60
CA PRO A 368 -24.20 5.83 1.12
C PRO A 368 -25.09 5.05 2.07
N ASP A 369 -25.32 3.77 1.75
CA ASP A 369 -26.18 2.88 2.55
C ASP A 369 -25.47 1.69 3.23
N GLY A 370 -24.16 1.77 3.43
CA GLY A 370 -23.47 0.66 4.09
C GLY A 370 -21.99 0.80 4.11
N VAL A 371 -21.28 -0.32 4.04
CA VAL A 371 -19.83 -0.33 3.96
C VAL A 371 -19.35 -1.58 3.30
N ILE A 372 -18.13 -1.51 2.78
CA ILE A 372 -17.42 -2.67 2.24
C ILE A 372 -16.21 -2.86 3.16
N ILE A 373 -16.07 -4.05 3.74
CA ILE A 373 -14.92 -4.33 4.60
C ILE A 373 -14.08 -5.50 4.11
N GLN A 374 -12.77 -5.32 4.14
CA GLN A 374 -11.83 -6.36 3.78
C GLN A 374 -11.23 -6.91 5.07
N GLY A 375 -11.56 -8.17 5.37
CA GLY A 375 -11.07 -8.80 6.58
C GLY A 375 -9.57 -8.70 6.62
N GLY A 376 -9.01 -8.51 7.80
CA GLY A 376 -7.58 -8.28 7.90
C GLY A 376 -7.08 -8.43 9.30
N THR A 377 -6.31 -7.45 9.79
CA THR A 377 -5.70 -7.52 11.11
C THR A 377 -5.73 -6.20 11.85
N LEU A 378 -6.44 -6.21 12.98
CA LEU A 378 -6.58 -5.04 13.80
C LEU A 378 -5.29 -4.74 14.53
N GLU A 379 -4.85 -3.48 14.44
CA GLU A 379 -3.64 -2.99 15.12
C GLU A 379 -4.08 -2.19 16.35
N GLY A 380 -3.15 -1.93 17.26
CA GLY A 380 -3.44 -1.08 18.38
C GLY A 380 -3.51 0.31 17.80
N GLY A 381 -4.11 1.24 18.54
CA GLY A 381 -4.21 2.64 18.12
C GLY A 381 -5.21 3.42 19.00
N GLU A 382 -5.80 4.46 18.41
CA GLU A 382 -6.73 5.34 19.09
C GLU A 382 -7.90 5.65 18.19
N VAL A 383 -9.11 5.59 18.71
CA VAL A 383 -10.28 5.91 17.93
C VAL A 383 -11.15 6.83 18.77
N ASN A 384 -12.09 7.53 18.11
CA ASN A 384 -13.05 8.40 18.81
C ASN A 384 -14.44 7.73 18.86
N SER A 385 -15.12 7.81 20.00
CA SER A 385 -16.45 7.20 20.12
C SER A 385 -17.50 8.04 19.44
N TYR A 386 -17.18 9.29 19.14
CA TYR A 386 -18.18 10.22 18.58
C TYR A 386 -19.40 10.33 19.51
N ASP A 387 -19.16 10.12 20.80
CA ASP A 387 -20.12 10.16 21.90
C ASP A 387 -21.21 9.07 21.81
N ASP A 388 -20.98 8.08 20.96
CA ASP A 388 -21.97 7.03 20.72
C ASP A 388 -21.65 5.76 21.51
N HIS A 389 -22.60 5.34 22.31
CA HIS A 389 -22.38 4.20 23.18
C HIS A 389 -22.05 2.93 22.46
N ARG A 390 -22.67 2.68 21.31
CA ARG A 390 -22.34 1.44 20.58
C ARG A 390 -20.96 1.51 19.87
N ILE A 391 -20.57 2.69 19.40
CA ILE A 391 -19.28 2.84 18.74
C ILE A 391 -18.19 2.55 19.78
N ALA A 392 -18.36 3.14 20.96
CA ALA A 392 -17.42 2.95 22.07
C ALA A 392 -17.23 1.48 22.46
N MET A 393 -18.32 0.79 22.72
CA MET A 393 -18.24 -0.59 23.12
C MET A 393 -17.71 -1.46 21.96
N ALA A 394 -18.13 -1.17 20.71
CA ALA A 394 -17.65 -1.94 19.53
C ALA A 394 -16.11 -1.91 19.51
N PHE A 395 -15.52 -0.73 19.66
CA PHE A 395 -14.08 -0.64 19.67
C PHE A 395 -13.44 -1.28 20.91
N ALA A 396 -14.10 -1.21 22.04
CA ALA A 396 -13.61 -1.91 23.23
C ALA A 396 -13.57 -3.42 22.89
N VAL A 397 -14.56 -3.94 22.18
CA VAL A 397 -14.51 -5.34 21.72
C VAL A 397 -13.30 -5.53 20.74
N ALA A 398 -13.08 -4.54 19.87
CA ALA A 398 -11.97 -4.60 18.90
C ALA A 398 -10.67 -4.79 19.65
N GLY A 399 -10.59 -4.25 20.86
CA GLY A 399 -9.37 -4.34 21.68
C GLY A 399 -8.94 -5.73 22.11
N THR A 400 -9.90 -6.65 22.15
CA THR A 400 -9.58 -8.00 22.57
C THR A 400 -8.58 -8.66 21.58
N LEU A 401 -8.72 -8.40 20.27
CA LEU A 401 -7.88 -9.03 19.25
C LEU A 401 -6.82 -8.13 18.65
N ALA A 402 -6.99 -6.81 18.75
CA ALA A 402 -5.97 -5.86 18.21
C ALA A 402 -4.57 -6.25 18.66
N LYS A 403 -3.59 -6.05 17.78
CA LYS A 403 -2.20 -6.31 18.12
C LYS A 403 -1.72 -5.52 19.32
N GLY A 404 -2.32 -4.37 19.59
CA GLY A 404 -1.86 -3.57 20.73
C GLY A 404 -2.96 -2.86 21.46
N PRO A 405 -2.58 -2.01 22.41
CA PRO A 405 -3.64 -1.29 23.12
C PRO A 405 -4.49 -0.45 22.18
N VAL A 406 -5.77 -0.31 22.53
CA VAL A 406 -6.72 0.54 21.81
C VAL A 406 -7.33 1.56 22.78
N ARG A 407 -7.11 2.84 22.49
CA ARG A 407 -7.68 3.92 23.27
C ARG A 407 -8.92 4.43 22.54
N ILE A 408 -10.07 4.30 23.21
CA ILE A 408 -11.36 4.82 22.70
C ILE A 408 -11.65 6.09 23.47
N ARG A 409 -11.79 7.23 22.79
CA ARG A 409 -12.04 8.49 23.51
C ARG A 409 -13.52 8.75 23.81
N ASN A 410 -13.75 9.32 24.99
CA ASN A 410 -15.09 9.77 25.44
C ASN A 410 -16.13 8.67 25.54
N CYS A 411 -16.06 7.94 26.63
CA CYS A 411 -16.94 6.81 26.82
C CYS A 411 -17.97 7.05 27.92
N ASP A 412 -18.21 8.32 28.27
CA ASP A 412 -19.19 8.65 29.34
C ASP A 412 -20.57 8.19 28.93
N ASN A 413 -20.83 8.12 27.61
CA ASN A 413 -22.17 7.70 27.17
C ASN A 413 -22.45 6.20 27.15
N VAL A 414 -21.48 5.38 27.52
CA VAL A 414 -21.76 3.95 27.53
C VAL A 414 -22.94 3.69 28.48
N LYS A 415 -23.04 4.45 29.55
CA LYS A 415 -24.15 4.29 30.46
C LYS A 415 -25.53 4.59 29.84
N THR A 416 -25.60 5.13 28.63
CA THR A 416 -26.94 5.34 28.05
C THR A 416 -27.62 3.96 27.90
N SER A 417 -26.84 2.88 27.69
CA SER A 417 -27.45 1.53 27.59
C SER A 417 -26.74 0.43 28.36
N PHE A 418 -25.56 0.68 28.90
CA PHE A 418 -24.85 -0.42 29.56
C PHE A 418 -23.96 0.10 30.69
N PRO A 419 -24.59 0.55 31.77
CA PRO A 419 -23.93 1.12 32.92
C PRO A 419 -22.78 0.28 33.48
N ASN A 420 -23.00 -1.02 33.63
CA ASN A 420 -21.95 -1.90 34.17
C ASN A 420 -21.09 -2.61 33.08
N PHE A 421 -20.93 -2.03 31.91
CA PHE A 421 -20.13 -2.66 30.84
C PHE A 421 -18.70 -3.01 31.26
N VAL A 422 -17.98 -2.05 31.84
CA VAL A 422 -16.57 -2.29 32.20
C VAL A 422 -16.45 -3.45 33.18
N GLU A 423 -17.29 -3.44 34.19
CA GLU A 423 -17.23 -4.47 35.22
C GLU A 423 -17.44 -5.83 34.59
N LEU A 424 -18.45 -6.01 33.75
CA LEU A 424 -18.69 -7.32 33.13
C LEU A 424 -17.61 -7.71 32.11
N ALA A 425 -17.03 -6.72 31.43
CA ALA A 425 -16.02 -6.97 30.43
C ALA A 425 -14.83 -7.63 31.15
N ASN A 426 -14.36 -6.96 32.21
CA ASN A 426 -13.22 -7.47 32.96
C ASN A 426 -13.48 -8.81 33.59
N GLU A 427 -14.69 -9.00 34.07
CA GLU A 427 -15.07 -10.24 34.70
C GLU A 427 -15.00 -11.41 33.74
N VAL A 428 -15.35 -11.26 32.46
CA VAL A 428 -15.23 -12.41 31.52
C VAL A 428 -13.87 -12.48 30.85
N GLY A 429 -12.93 -11.64 31.27
CA GLY A 429 -11.59 -11.67 30.71
C GLY A 429 -11.29 -10.70 29.57
N MET A 430 -12.19 -9.77 29.26
CA MET A 430 -11.85 -8.77 28.26
C MET A 430 -11.38 -7.56 29.03
N ASN A 431 -10.18 -7.07 28.69
CA ASN A 431 -9.55 -5.97 29.41
C ASN A 431 -9.94 -4.58 28.92
N VAL A 432 -10.60 -3.84 29.81
CA VAL A 432 -11.04 -2.48 29.53
C VAL A 432 -11.00 -1.78 30.85
N LYS A 433 -10.35 -0.61 30.83
CA LYS A 433 -10.18 0.26 31.98
C LYS A 433 -10.66 1.66 31.64
N GLY A 434 -11.36 2.28 32.59
CA GLY A 434 -11.77 3.66 32.45
C GLY A 434 -10.58 4.50 32.92
N VAL A 435 -10.20 5.52 32.15
CA VAL A 435 -9.05 6.35 32.48
C VAL A 435 -9.32 7.83 32.13
N ARG A 436 -8.60 8.71 32.78
CA ARG A 436 -8.81 10.14 32.56
C ARG A 436 -8.66 10.48 31.10
N GLY A 437 -9.65 11.15 30.56
CA GLY A 437 -9.66 11.60 29.17
C GLY A 437 -9.07 12.99 28.99
N ARG A 438 -9.64 13.79 28.08
CA ARG A 438 -9.04 15.06 27.66
C ARG A 438 -10.12 15.98 27.03
N GLY A 439 -9.98 17.30 27.16
CA GLY A 439 -10.93 18.26 26.53
C GLY A 439 -12.35 18.37 27.13
N ASN B 2 22.11 -13.38 8.85
CA ASN B 2 23.59 -13.43 9.02
C ASN B 2 24.03 -12.04 9.62
N ALA B 3 25.17 -12.00 10.32
CA ALA B 3 25.60 -10.76 11.05
C ALA B 3 26.06 -9.56 10.19
N MET B 4 26.29 -8.45 10.86
CA MET B 4 26.78 -7.25 10.20
C MET B 4 27.98 -6.67 11.00
N ASP B 5 29.01 -6.24 10.26
CA ASP B 5 30.22 -5.66 10.85
C ASP B 5 30.44 -4.25 10.31
N TYR B 6 31.33 -3.52 10.96
CA TYR B 6 31.75 -2.23 10.47
C TYR B 6 33.15 -2.34 9.92
N GLN B 7 33.43 -1.61 8.84
CA GLN B 7 34.76 -1.62 8.23
C GLN B 7 35.16 -0.19 7.95
N THR B 8 36.26 0.24 8.53
CA THR B 8 36.71 1.59 8.31
C THR B 8 37.94 1.67 7.40
N ILE B 9 38.22 2.88 6.91
CA ILE B 9 39.47 3.25 6.26
C ILE B 9 39.74 4.62 6.85
N PRO B 10 41.00 5.03 6.90
CA PRO B 10 41.35 6.33 7.54
C PRO B 10 40.66 7.54 6.97
N SER B 11 40.60 8.60 7.76
CA SER B 11 39.93 9.81 7.33
C SER B 11 40.96 10.91 7.01
N GLN B 12 40.69 11.68 5.98
CA GLN B 12 41.59 12.79 5.66
C GLN B 12 41.09 14.06 6.27
N GLY B 13 40.20 13.94 7.27
CA GLY B 13 39.68 15.09 8.02
C GLY B 13 38.18 15.19 8.06
N LEU B 14 37.62 15.45 9.24
CA LEU B 14 36.17 15.58 9.36
C LEU B 14 35.69 16.98 9.02
N SER B 15 34.50 17.04 8.44
CA SER B 15 33.97 18.32 8.02
C SER B 15 32.45 18.37 7.90
N GLY B 16 31.83 19.41 8.48
CA GLY B 16 30.40 19.62 8.36
C GLY B 16 29.64 19.98 9.63
N GLU B 17 28.32 19.99 9.49
CA GLU B 17 27.46 20.25 10.62
C GLU B 17 26.45 19.09 10.71
N ILE B 18 26.38 18.42 11.86
CA ILE B 18 25.43 17.33 12.00
C ILE B 18 24.70 17.37 13.32
N CYS B 19 23.42 16.98 13.27
CA CYS B 19 22.59 16.94 14.46
C CYS B 19 22.41 15.50 14.92
N VAL B 20 23.03 15.17 16.04
CA VAL B 20 22.93 13.80 16.55
C VAL B 20 21.50 13.54 17.01
N PRO B 21 21.08 12.27 17.08
CA PRO B 21 19.73 12.04 17.50
C PRO B 21 19.54 12.22 19.02
N GLY B 22 18.30 12.06 19.45
CA GLY B 22 17.93 12.29 20.87
C GLY B 22 18.65 11.53 21.97
N ASP B 23 18.55 12.10 23.17
CA ASP B 23 19.16 11.61 24.36
C ASP B 23 18.39 10.42 24.90
N LYS B 24 19.12 9.32 25.10
CA LYS B 24 18.57 8.06 25.53
C LYS B 24 17.97 8.15 26.92
N SER B 25 18.73 8.74 27.83
CA SER B 25 18.36 8.89 29.21
C SER B 25 17.08 9.70 29.37
N ILE B 26 17.03 10.83 28.71
CA ILE B 26 15.86 11.65 28.80
C ILE B 26 14.71 10.95 28.09
N SER B 27 14.99 10.29 26.97
CA SER B 27 13.91 9.60 26.24
C SER B 27 13.21 8.53 27.09
N HIS B 28 13.95 7.78 27.92
CA HIS B 28 13.32 6.72 28.70
C HIS B 28 12.37 7.29 29.72
N ARG B 29 12.83 8.32 30.37
CA ARG B 29 12.10 8.94 31.42
C ARG B 29 10.91 9.66 30.87
N ALA B 30 11.09 10.32 29.74
CA ALA B 30 10.02 11.10 29.17
C ALA B 30 8.82 10.23 28.83
N VAL B 31 9.06 9.12 28.17
CA VAL B 31 7.95 8.26 27.78
C VAL B 31 7.30 7.57 29.00
N LEU B 32 8.08 7.24 30.02
CA LEU B 32 7.52 6.56 31.16
C LEU B 32 6.63 7.51 31.95
N LEU B 33 7.06 8.73 32.12
CA LEU B 33 6.31 9.66 32.93
C LEU B 33 5.05 10.05 32.16
N ALA B 34 5.18 10.27 30.88
CA ALA B 34 4.07 10.65 30.05
C ALA B 34 2.97 9.63 30.08
N ALA B 35 3.37 8.36 30.19
CA ALA B 35 2.43 7.27 30.12
C ALA B 35 1.47 7.28 31.29
N ILE B 36 1.95 7.68 32.45
CA ILE B 36 1.12 7.67 33.63
C ILE B 36 0.61 9.06 34.01
N ALA B 37 0.84 10.03 33.14
CA ALA B 37 0.36 11.39 33.33
C ALA B 37 -1.14 11.54 32.93
N GLU B 38 -1.68 12.73 33.15
CA GLU B 38 -3.07 13.03 32.78
C GLU B 38 -3.01 13.95 31.61
N GLY B 39 -3.61 13.53 30.52
CA GLY B 39 -3.59 14.30 29.28
C GLY B 39 -2.65 13.70 28.21
N GLN B 40 -2.50 14.47 27.15
CA GLN B 40 -1.68 14.12 26.03
C GLN B 40 -0.35 14.83 26.05
N THR B 41 0.74 14.06 25.91
CA THR B 41 2.11 14.60 25.80
C THR B 41 2.72 14.27 24.41
N GLN B 42 3.19 15.31 23.73
CA GLN B 42 3.88 15.17 22.44
C GLN B 42 5.39 15.24 22.77
N VAL B 43 6.12 14.24 22.31
CA VAL B 43 7.56 14.15 22.57
C VAL B 43 8.32 14.26 21.25
N ASP B 44 9.07 15.34 21.09
CA ASP B 44 9.87 15.57 19.90
C ASP B 44 11.28 15.17 20.23
N GLY B 45 12.01 14.66 19.22
CA GLY B 45 13.41 14.28 19.38
C GLY B 45 13.62 13.01 20.15
N PHE B 46 12.57 12.21 20.28
CA PHE B 46 12.65 10.95 21.00
C PHE B 46 13.56 10.03 20.21
N LEU B 47 14.39 9.28 20.92
CA LEU B 47 15.35 8.42 20.31
C LEU B 47 14.71 7.16 19.87
N MET B 48 14.72 6.93 18.57
CA MET B 48 14.10 5.76 17.99
C MET B 48 15.07 4.57 17.88
N GLY B 49 15.77 4.33 19.00
CA GLY B 49 16.70 3.22 19.13
C GLY B 49 16.05 2.01 19.80
N ALA B 50 16.77 0.88 19.79
CA ALA B 50 16.20 -0.36 20.29
C ALA B 50 15.90 -0.27 21.75
N ASP B 51 16.77 0.34 22.54
CA ASP B 51 16.53 0.46 24.00
C ASP B 51 15.29 1.30 24.32
N ASN B 52 15.21 2.49 23.75
CA ASN B 52 14.07 3.34 23.99
C ASN B 52 12.78 2.72 23.48
N LEU B 53 12.86 2.03 22.34
CA LEU B 53 11.68 1.40 21.77
C LEU B 53 11.22 0.18 22.54
N ALA B 54 12.13 -0.40 23.34
CA ALA B 54 11.79 -1.57 24.17
C ALA B 54 11.02 -1.04 25.39
N MET B 55 11.43 0.12 25.88
CA MET B 55 10.70 0.80 26.96
C MET B 55 9.26 1.09 26.50
N VAL B 56 9.10 1.63 25.31
CA VAL B 56 7.77 1.91 24.76
C VAL B 56 6.95 0.63 24.77
N SER B 57 7.52 -0.39 24.16
CA SER B 57 6.88 -1.68 24.02
C SER B 57 6.44 -2.32 25.36
N ALA B 58 7.30 -2.19 26.35
CA ALA B 58 7.05 -2.69 27.67
C ALA B 58 5.84 -1.95 28.23
N LEU B 59 5.90 -0.63 28.23
CA LEU B 59 4.79 0.21 28.66
C LEU B 59 3.53 -0.19 27.89
N GLN B 60 3.62 -0.50 26.60
CA GLN B 60 2.41 -0.87 25.88
C GLN B 60 1.78 -2.15 26.38
N GLN B 61 2.60 -3.06 26.88
CA GLN B 61 2.11 -4.33 27.40
C GLN B 61 1.21 -4.04 28.59
N MET B 62 1.43 -2.92 29.26
CA MET B 62 0.67 -2.57 30.45
C MET B 62 -0.40 -1.51 30.20
N GLY B 63 -0.81 -1.35 28.94
CA GLY B 63 -1.87 -0.41 28.62
C GLY B 63 -1.53 1.07 28.44
N ALA B 64 -0.25 1.44 28.36
CA ALA B 64 0.03 2.83 28.01
C ALA B 64 -0.46 3.03 26.57
N SER B 65 -0.83 4.27 26.22
CA SER B 65 -1.32 4.59 24.89
C SER B 65 -0.30 5.49 24.27
N ILE B 66 0.50 4.90 23.38
CA ILE B 66 1.66 5.57 22.78
C ILE B 66 1.64 5.37 21.27
N GLN B 67 1.76 6.47 20.54
CA GLN B 67 1.78 6.40 19.12
C GLN B 67 3.20 6.72 18.68
N VAL B 68 3.83 5.75 17.99
CA VAL B 68 5.19 5.92 17.52
C VAL B 68 5.18 6.49 16.13
N ILE B 69 5.85 7.63 15.95
CA ILE B 69 6.00 8.23 14.60
C ILE B 69 7.51 8.21 14.28
N GLU B 70 7.97 7.02 13.97
CA GLU B 70 9.37 6.75 13.79
C GLU B 70 10.15 7.70 12.89
N ASP B 71 9.66 7.97 11.69
CA ASP B 71 10.46 8.78 10.78
C ASP B 71 10.68 10.20 11.22
N GLU B 72 9.83 10.69 12.13
CA GLU B 72 9.95 12.05 12.64
C GLU B 72 10.45 12.16 14.08
N ASN B 73 10.75 11.04 14.69
CA ASN B 73 11.22 11.03 16.07
C ASN B 73 10.21 11.67 17.00
N ILE B 74 8.96 11.29 16.80
CA ILE B 74 7.91 11.80 17.61
C ILE B 74 7.09 10.70 18.26
N LEU B 75 6.73 10.91 19.50
CA LEU B 75 5.78 10.04 20.19
C LEU B 75 4.57 10.92 20.57
N VAL B 76 3.37 10.34 20.48
CA VAL B 76 2.19 11.00 20.98
C VAL B 76 1.61 10.09 22.06
N VAL B 77 1.71 10.53 23.30
CA VAL B 77 1.26 9.76 24.43
C VAL B 77 -0.06 10.26 25.01
N GLU B 78 -1.06 9.37 25.11
CA GLU B 78 -2.30 9.67 25.75
C GLU B 78 -2.20 9.09 27.14
N GLY B 79 -1.86 9.91 28.12
CA GLY B 79 -1.72 9.47 29.51
C GLY B 79 -2.85 8.61 30.03
N VAL B 80 -2.53 7.60 30.84
CA VAL B 80 -3.56 6.81 31.53
C VAL B 80 -3.70 7.12 33.04
N GLY B 81 -2.97 8.13 33.53
CA GLY B 81 -3.01 8.49 34.96
C GLY B 81 -2.21 7.56 35.85
N MET B 82 -1.89 8.01 37.06
CA MET B 82 -1.03 7.22 37.94
C MET B 82 -1.47 5.79 38.07
N THR B 83 -2.78 5.59 38.18
CA THR B 83 -3.36 4.25 38.41
C THR B 83 -3.93 3.58 37.15
N GLY B 84 -3.71 4.15 35.98
CA GLY B 84 -4.30 3.57 34.77
C GLY B 84 -3.67 2.36 34.10
N LEU B 85 -2.59 1.82 34.66
CA LEU B 85 -1.90 0.69 34.00
C LEU B 85 -2.63 -0.61 34.27
N GLN B 86 -2.43 -1.60 33.43
CA GLN B 86 -3.08 -2.90 33.65
C GLN B 86 -2.05 -3.97 33.69
N ALA B 87 -2.33 -5.03 34.43
CA ALA B 87 -1.43 -6.16 34.55
C ALA B 87 -1.12 -6.77 33.19
N PRO B 88 0.18 -6.92 32.88
CA PRO B 88 0.51 -7.52 31.62
C PRO B 88 0.37 -9.02 31.70
N PRO B 89 0.13 -9.64 30.56
CA PRO B 89 -0.05 -11.05 30.47
C PRO B 89 1.28 -11.82 30.47
N GLU B 90 2.35 -11.21 29.99
CA GLU B 90 3.60 -11.92 29.90
C GLU B 90 4.70 -11.10 30.54
N ALA B 91 5.88 -11.70 30.62
CA ALA B 91 7.03 -11.02 31.17
C ALA B 91 7.44 -9.87 30.23
N LEU B 92 7.80 -8.73 30.81
CA LEU B 92 8.23 -7.56 30.02
C LEU B 92 9.65 -7.68 29.46
N ASP B 93 9.78 -7.77 28.14
CA ASP B 93 11.10 -7.86 27.52
C ASP B 93 11.74 -6.48 27.45
N CYS B 94 12.76 -6.24 28.28
CA CYS B 94 13.48 -4.97 28.24
C CYS B 94 14.69 -5.00 27.29
N GLY B 95 14.73 -5.99 26.41
CA GLY B 95 15.81 -6.11 25.44
C GLY B 95 17.15 -6.03 26.10
N ASN B 96 17.98 -5.12 25.63
CA ASN B 96 19.36 -4.93 26.14
C ASN B 96 19.44 -3.77 27.12
N SER B 97 18.30 -3.24 27.55
CA SER B 97 18.29 -1.98 28.32
C SER B 97 18.23 -2.04 29.84
N GLY B 98 19.37 -1.71 30.45
CA GLY B 98 19.48 -1.65 31.90
C GLY B 98 18.62 -0.54 32.50
N THR B 99 18.64 0.65 31.92
CA THR B 99 17.82 1.77 32.38
C THR B 99 16.36 1.37 32.40
N ALA B 100 15.89 0.74 31.32
CA ALA B 100 14.51 0.32 31.28
C ALA B 100 14.17 -0.57 32.44
N ILE B 101 14.93 -1.65 32.60
CA ILE B 101 14.54 -2.63 33.61
C ILE B 101 14.52 -2.08 35.02
N ARG B 102 15.48 -1.18 35.30
CA ARG B 102 15.63 -0.61 36.63
C ARG B 102 14.59 0.48 36.91
N LEU B 103 14.32 1.33 35.91
CA LEU B 103 13.29 2.34 36.07
C LEU B 103 11.92 1.66 36.14
N LEU B 104 11.64 0.74 35.23
CA LEU B 104 10.37 0.01 35.29
C LEU B 104 10.16 -0.64 36.69
N SER B 105 11.23 -1.20 37.25
CA SER B 105 11.13 -1.81 38.56
C SER B 105 10.59 -0.91 39.66
N GLY B 106 10.96 0.36 39.62
CA GLY B 106 10.44 1.34 40.60
C GLY B 106 8.99 1.73 40.33
N LEU B 107 8.67 1.86 39.05
CA LEU B 107 7.33 2.20 38.63
C LEU B 107 6.40 1.07 39.01
N LEU B 108 6.86 -0.17 38.87
CA LEU B 108 6.03 -1.31 39.16
C LEU B 108 6.02 -1.80 40.61
N ALA B 109 6.94 -1.33 41.45
CA ALA B 109 7.01 -1.75 42.87
C ALA B 109 5.69 -1.47 43.60
N GLY B 110 5.12 -0.29 43.38
CA GLY B 110 3.87 0.15 44.02
C GLY B 110 2.56 -0.15 43.29
N GLN B 111 2.60 -0.92 42.20
CA GLN B 111 1.36 -1.25 41.48
C GLN B 111 0.60 -2.33 42.22
N PRO B 112 -0.70 -2.44 41.96
CA PRO B 112 -1.48 -3.47 42.61
C PRO B 112 -1.48 -4.73 41.77
N PHE B 113 -0.43 -4.97 41.01
CA PHE B 113 -0.36 -6.19 40.22
C PHE B 113 1.06 -6.72 40.17
N ASN B 114 1.17 -7.93 39.63
CA ASN B 114 2.45 -8.61 39.50
C ASN B 114 3.04 -8.48 38.10
N THR B 115 4.36 -8.34 38.05
CA THR B 115 5.07 -8.22 36.78
C THR B 115 6.40 -8.99 36.80
N VAL B 116 6.72 -9.61 35.68
CA VAL B 116 8.01 -10.26 35.51
C VAL B 116 8.78 -9.40 34.49
N LEU B 117 9.96 -8.97 34.87
CA LEU B 117 10.80 -8.20 34.00
C LEU B 117 12.03 -8.99 33.61
N THR B 118 12.30 -9.08 32.33
CA THR B 118 13.49 -9.78 31.86
CA THR B 118 13.50 -9.77 31.86
C THR B 118 14.08 -9.03 30.66
N GLY B 119 14.94 -9.70 29.90
CA GLY B 119 15.58 -9.12 28.75
C GLY B 119 16.44 -10.14 28.04
N ASP B 120 17.48 -9.68 27.34
CA ASP B 120 18.35 -10.59 26.59
C ASP B 120 19.47 -11.06 27.49
N SER B 121 20.35 -11.93 26.96
CA SER B 121 21.45 -12.54 27.78
C SER B 121 22.24 -11.53 28.56
N SER B 122 22.72 -10.49 27.86
CA SER B 122 23.46 -9.42 28.49
C SER B 122 22.69 -8.79 29.66
N LEU B 123 21.40 -8.53 29.50
CA LEU B 123 20.65 -7.88 30.57
C LEU B 123 20.52 -8.80 31.79
N GLN B 124 20.45 -10.11 31.54
CA GLN B 124 20.31 -11.12 32.64
C GLN B 124 21.58 -11.37 33.46
N ARG B 125 22.67 -10.68 33.10
CA ARG B 125 23.91 -10.74 33.86
C ARG B 125 24.09 -9.43 34.66
N ARG B 126 23.25 -8.44 34.42
CA ARG B 126 23.46 -7.16 35.08
C ARG B 126 22.89 -7.12 36.49
N PRO B 127 23.64 -6.49 37.41
CA PRO B 127 23.34 -6.41 38.85
C PRO B 127 22.10 -5.59 39.23
N MET B 128 21.31 -6.12 40.17
CA MET B 128 20.05 -5.46 40.59
C MET B 128 19.91 -5.18 42.11
N LYS B 129 20.89 -5.66 42.89
CA LYS B 129 20.91 -5.47 44.34
C LYS B 129 20.74 -3.99 44.64
N ARG B 130 21.49 -3.16 43.92
CA ARG B 130 21.44 -1.72 44.11
C ARG B 130 20.00 -1.17 44.10
N ILE B 131 19.06 -1.89 43.46
CA ILE B 131 17.67 -1.45 43.50
C ILE B 131 16.85 -2.36 44.39
N ILE B 132 17.08 -3.66 44.33
CA ILE B 132 16.27 -4.58 45.12
C ILE B 132 16.25 -4.22 46.60
N ASP B 133 17.42 -3.93 47.17
CA ASP B 133 17.48 -3.62 48.59
C ASP B 133 16.68 -2.38 48.99
N PRO B 134 16.96 -1.24 48.39
CA PRO B 134 16.19 -0.05 48.79
C PRO B 134 14.67 -0.17 48.49
N LEU B 135 14.28 -0.87 47.44
CA LEU B 135 12.85 -1.05 47.17
C LEU B 135 12.25 -1.92 48.29
N THR B 136 12.99 -2.94 48.70
CA THR B 136 12.55 -3.84 49.75
C THR B 136 12.28 -3.06 51.06
N LEU B 137 13.12 -2.08 51.33
CA LEU B 137 12.93 -1.25 52.50
C LEU B 137 11.62 -0.48 52.40
N MET B 138 11.12 -0.25 51.18
CA MET B 138 9.89 0.51 50.96
C MET B 138 8.67 -0.37 51.06
N GLY B 139 8.89 -1.68 51.08
CA GLY B 139 7.80 -2.63 51.19
C GLY B 139 7.68 -3.54 49.99
N ALA B 140 8.56 -3.33 49.02
CA ALA B 140 8.53 -4.12 47.81
C ALA B 140 8.94 -5.55 48.09
N LYS B 141 8.38 -6.47 47.32
CA LYS B 141 8.78 -7.83 47.39
C LYS B 141 9.17 -8.17 45.94
N ILE B 142 10.45 -8.49 45.73
CA ILE B 142 10.98 -8.82 44.40
C ILE B 142 11.79 -10.12 44.44
N ASP B 143 11.46 -11.09 43.60
CA ASP B 143 12.19 -12.36 43.56
CA ASP B 143 12.19 -12.36 43.56
C ASP B 143 13.21 -12.38 42.42
N SER B 144 14.41 -12.89 42.73
CA SER B 144 15.48 -12.99 41.75
CA SER B 144 15.48 -12.99 41.74
C SER B 144 16.50 -14.04 42.13
N THR B 145 16.98 -14.80 41.16
CA THR B 145 18.01 -15.77 41.45
C THR B 145 19.33 -15.06 41.19
N GLY B 146 20.06 -14.76 42.26
CA GLY B 146 21.38 -14.16 42.15
C GLY B 146 21.45 -12.66 41.93
N ASN B 147 20.40 -11.94 42.34
CA ASN B 147 20.35 -10.48 42.18
C ASN B 147 20.50 -10.00 40.71
N VAL B 148 20.09 -10.86 39.78
CA VAL B 148 20.08 -10.55 38.35
C VAL B 148 18.70 -10.89 37.76
N PRO B 149 18.35 -10.26 36.65
CA PRO B 149 17.06 -10.58 36.04
C PRO B 149 17.08 -12.00 35.56
N PRO B 150 15.90 -12.63 35.37
CA PRO B 150 14.54 -12.13 35.53
C PRO B 150 14.15 -11.71 36.92
N LEU B 151 13.42 -10.59 37.02
CA LEU B 151 12.90 -10.08 38.28
C LEU B 151 11.40 -10.30 38.30
N LYS B 152 10.86 -10.74 39.44
CA LYS B 152 9.41 -10.90 39.58
C LYS B 152 8.97 -9.97 40.71
N ILE B 153 8.16 -8.99 40.36
CA ILE B 153 7.74 -7.99 41.32
C ILE B 153 6.33 -8.37 41.76
N TYR B 154 6.12 -8.37 43.08
CA TYR B 154 4.80 -8.64 43.66
C TYR B 154 4.41 -7.25 44.05
N GLY B 155 3.49 -6.68 43.29
CA GLY B 155 3.14 -5.29 43.51
C GLY B 155 2.59 -5.03 44.87
N ASN B 156 3.02 -3.94 45.49
CA ASN B 156 2.47 -3.57 46.78
C ASN B 156 2.01 -2.12 46.78
N PRO B 157 0.69 -1.91 46.76
CA PRO B 157 0.24 -0.53 46.72
C PRO B 157 0.34 0.16 48.06
N ARG B 158 0.92 -0.51 49.05
CA ARG B 158 1.07 0.08 50.36
C ARG B 158 2.53 0.41 50.64
N LEU B 159 3.32 0.67 49.59
CA LEU B 159 4.72 1.03 49.81
C LEU B 159 4.79 2.24 50.71
N THR B 160 5.82 2.31 51.54
CA THR B 160 6.00 3.45 52.40
C THR B 160 7.32 4.07 52.07
N GLY B 161 7.35 5.39 52.18
CA GLY B 161 8.57 6.16 51.94
C GLY B 161 9.73 5.81 52.88
N ILE B 162 10.94 6.19 52.46
CA ILE B 162 12.17 5.95 53.19
C ILE B 162 13.14 7.06 52.86
N HIS B 163 14.10 7.23 53.75
CA HIS B 163 15.20 8.15 53.55
C HIS B 163 16.30 7.20 53.22
N TYR B 164 17.14 7.52 52.24
CA TYR B 164 18.15 6.56 51.80
C TYR B 164 19.35 7.21 51.18
N GLN B 165 20.53 6.78 51.65
CA GLN B 165 21.79 7.22 51.07
C GLN B 165 22.30 6.14 50.16
N LEU B 166 22.62 6.53 48.95
CA LEU B 166 23.13 5.61 47.97
C LEU B 166 24.59 5.31 48.28
N PRO B 167 24.98 4.03 48.19
CA PRO B 167 26.39 3.62 48.29
C PRO B 167 27.23 4.28 47.18
N MET B 168 26.93 4.04 45.90
CA MET B 168 27.64 4.79 44.84
C MET B 168 26.65 5.71 44.10
N ALA B 169 27.18 6.72 43.40
CA ALA B 169 26.35 7.62 42.60
C ALA B 169 25.74 6.81 41.44
N SER B 170 24.41 6.84 41.33
CA SER B 170 23.70 6.09 40.29
C SER B 170 22.37 6.73 39.96
N ALA B 171 22.31 7.38 38.79
CA ALA B 171 21.07 7.99 38.29
C ALA B 171 19.95 6.96 38.23
N GLN B 172 20.29 5.74 37.84
CA GLN B 172 19.29 4.72 37.73
C GLN B 172 18.66 4.41 39.06
N VAL B 173 19.46 4.27 40.12
CA VAL B 173 18.90 3.97 41.43
C VAL B 173 18.07 5.15 41.94
N LYS B 174 18.64 6.35 41.86
CA LYS B 174 17.94 7.56 42.25
C LYS B 174 16.57 7.59 41.54
N SER B 175 16.58 7.39 40.23
CA SER B 175 15.35 7.41 39.45
C SER B 175 14.36 6.31 39.83
N CYS B 176 14.87 5.11 40.10
CA CYS B 176 14.02 3.97 40.47
C CYS B 176 13.23 4.31 41.73
N LEU B 177 13.94 4.82 42.74
CA LEU B 177 13.34 5.12 44.02
C LEU B 177 12.41 6.32 43.91
N LEU B 178 12.83 7.33 43.16
CA LEU B 178 11.98 8.48 42.97
C LEU B 178 10.63 8.06 42.35
N LEU B 179 10.65 7.12 41.42
CA LEU B 179 9.43 6.64 40.80
C LEU B 179 8.59 5.89 41.83
N ALA B 180 9.16 4.89 42.49
CA ALA B 180 8.44 4.19 43.54
C ALA B 180 7.95 5.22 44.58
N GLY B 181 8.68 6.32 44.73
CA GLY B 181 8.32 7.36 45.68
C GLY B 181 6.95 7.93 45.41
N LEU B 182 6.65 8.09 44.14
CA LEU B 182 5.39 8.64 43.70
C LEU B 182 4.16 7.82 44.15
N TYR B 183 4.34 6.52 44.38
CA TYR B 183 3.26 5.64 44.83
C TYR B 183 3.34 5.22 46.30
N ALA B 184 4.27 5.79 47.07
CA ALA B 184 4.45 5.35 48.47
C ALA B 184 3.90 6.36 49.47
N ARG B 185 3.31 5.85 50.54
CA ARG B 185 2.77 6.72 51.58
C ARG B 185 3.89 7.53 52.19
N GLY B 186 3.74 8.84 52.21
CA GLY B 186 4.75 9.71 52.80
C GLY B 186 5.85 10.17 51.87
N LYS B 187 6.90 10.75 52.48
CA LYS B 187 8.05 11.26 51.75
C LYS B 187 9.09 10.18 51.52
N THR B 188 9.78 10.30 50.38
CA THR B 188 10.89 9.43 50.04
C THR B 188 12.01 10.42 49.79
N CYS B 189 13.12 10.31 50.54
CA CYS B 189 14.25 11.24 50.37
C CYS B 189 15.51 10.50 49.99
N ILE B 190 16.12 10.93 48.89
CA ILE B 190 17.32 10.31 48.36
C ILE B 190 18.49 11.25 48.51
N THR B 191 19.58 10.77 49.14
CA THR B 191 20.79 11.57 49.28
C THR B 191 21.90 10.87 48.52
N GLU B 192 22.62 11.64 47.71
CA GLU B 192 23.74 11.13 46.91
C GLU B 192 25.11 11.60 47.42
N PRO B 193 26.08 10.68 47.52
CA PRO B 193 27.42 11.09 47.93
C PRO B 193 28.06 12.00 46.88
N ALA B 194 27.73 11.78 45.60
CA ALA B 194 28.21 12.59 44.49
C ALA B 194 27.09 12.66 43.44
N PRO B 195 26.75 13.87 42.97
CA PRO B 195 25.69 14.04 41.97
C PRO B 195 25.77 13.12 40.74
N SER B 196 24.64 12.55 40.35
CA SER B 196 24.53 11.74 39.12
C SER B 196 23.57 12.51 38.25
N ARG B 197 23.45 12.14 36.97
CA ARG B 197 22.54 12.88 36.06
C ARG B 197 21.10 13.12 36.64
N ASP B 198 20.58 14.33 36.41
CA ASP B 198 19.35 14.79 37.05
C ASP B 198 18.10 14.89 36.12
N HIS B 199 18.10 14.12 35.06
CA HIS B 199 17.04 14.21 34.10
C HIS B 199 15.70 13.95 34.69
N THR B 200 15.63 12.95 35.59
CA THR B 200 14.38 12.56 36.19
C THR B 200 13.77 13.74 36.97
N GLU B 201 14.60 14.36 37.80
CA GLU B 201 14.18 15.49 38.61
C GLU B 201 13.65 16.60 37.77
N ARG B 202 14.33 16.86 36.66
CA ARG B 202 13.89 17.91 35.77
C ARG B 202 12.58 17.56 35.09
N LEU B 203 12.37 16.29 34.74
CA LEU B 203 11.11 15.89 34.11
C LEU B 203 10.01 15.88 35.15
N LEU B 204 10.34 15.54 36.39
CA LEU B 204 9.31 15.58 37.45
C LEU B 204 8.77 17.01 37.56
N LYS B 205 9.66 18.02 37.54
CA LYS B 205 9.24 19.45 37.58
C LYS B 205 8.42 19.82 36.33
N HIS B 206 8.81 19.25 35.18
CA HIS B 206 8.16 19.52 33.90
C HIS B 206 6.72 19.10 33.88
N PHE B 207 6.43 17.96 34.53
CA PHE B 207 5.10 17.40 34.66
C PHE B 207 4.36 17.89 35.93
N HIS B 208 4.87 18.96 36.54
CA HIS B 208 4.31 19.57 37.75
C HIS B 208 4.13 18.62 38.91
N TYR B 209 5.13 17.79 39.18
CA TYR B 209 5.10 16.97 40.37
C TYR B 209 6.01 17.73 41.31
N THR B 210 5.55 17.82 42.55
CA THR B 210 6.21 18.62 43.57
C THR B 210 7.54 17.96 44.04
N LEU B 211 8.62 18.73 44.01
CA LEU B 211 9.96 18.21 44.36
C LEU B 211 10.73 19.08 45.40
N GLN B 212 11.41 18.43 46.35
CA GLN B 212 12.19 19.14 47.44
C GLN B 212 13.70 18.99 47.31
N LYS B 213 14.47 19.80 48.05
CA LYS B 213 15.96 19.67 48.10
C LYS B 213 16.54 20.28 49.41
N GLN B 216 20.83 19.40 49.78
CA GLN B 216 21.75 18.47 49.10
C GLN B 216 21.16 17.08 48.74
N SER B 217 19.99 16.75 49.25
CA SER B 217 19.31 15.50 48.87
C SER B 217 18.03 15.94 48.12
N ILE B 218 17.23 15.03 47.55
CA ILE B 218 15.94 15.44 46.86
C ILE B 218 14.82 14.58 47.47
N CYS B 219 13.63 15.16 47.67
CA CYS B 219 12.49 14.40 48.22
C CYS B 219 11.19 14.49 47.39
N VAL B 220 10.34 13.47 47.52
CA VAL B 220 8.99 13.50 46.92
C VAL B 220 8.01 12.77 47.84
N SER B 221 6.77 13.22 47.78
CA SER B 221 5.68 12.62 48.54
C SER B 221 4.77 11.88 47.58
N GLY B 222 4.40 10.65 47.96
CA GLY B 222 3.51 9.83 47.15
C GLY B 222 2.11 10.40 46.99
N GLY B 223 1.34 9.87 46.05
CA GLY B 223 -0.02 10.32 45.84
C GLY B 223 -0.21 11.55 44.97
N GLY B 224 0.86 12.16 44.47
CA GLY B 224 0.72 13.32 43.58
C GLY B 224 0.21 12.86 42.20
N LYS B 225 0.09 13.81 41.28
CA LYS B 225 -0.37 13.56 39.92
C LYS B 225 0.57 14.21 38.90
N LEU B 226 0.82 13.51 37.81
CA LEU B 226 1.64 14.05 36.71
C LEU B 226 0.70 14.67 35.63
N LYS B 227 1.00 15.92 35.24
CA LYS B 227 0.19 16.63 34.25
C LYS B 227 0.93 16.64 32.91
N ALA B 228 0.26 16.19 31.83
CA ALA B 228 0.83 16.15 30.47
C ALA B 228 1.43 17.49 30.10
N ASN B 229 2.56 17.48 29.41
CA ASN B 229 3.23 18.73 29.01
C ASN B 229 4.25 18.37 27.95
N ASP B 230 4.02 18.85 26.75
CA ASP B 230 4.86 18.57 25.62
C ASP B 230 6.34 18.70 25.96
N ILE B 231 7.14 17.76 25.45
CA ILE B 231 8.59 17.74 25.66
C ILE B 231 9.37 17.79 24.37
N SER B 232 10.51 18.43 24.46
CA SER B 232 11.44 18.50 23.37
C SER B 232 12.79 17.94 23.87
N ILE B 233 13.21 16.85 23.26
CA ILE B 233 14.43 16.13 23.69
C ILE B 233 15.62 16.65 22.89
N PRO B 234 16.66 17.04 23.57
CA PRO B 234 17.86 17.49 22.91
C PRO B 234 18.76 16.30 22.45
N GLY B 235 19.77 16.57 21.64
CA GLY B 235 20.66 15.54 21.16
C GLY B 235 21.44 14.92 22.29
N ASP B 236 21.75 13.64 22.17
CA ASP B 236 22.45 12.90 23.22
C ASP B 236 23.90 13.29 23.12
N ILE B 237 24.48 13.76 24.21
CA ILE B 237 25.91 14.14 24.17
C ILE B 237 26.78 12.88 24.12
N SER B 238 26.25 11.76 24.61
CA SER B 238 26.96 10.49 24.54
C SER B 238 27.13 10.09 23.09
N SER B 239 26.18 10.48 22.23
CA SER B 239 26.35 10.20 20.83
C SER B 239 27.31 11.20 20.20
N ALA B 240 27.22 12.45 20.61
CA ALA B 240 28.14 13.45 20.06
C ALA B 240 29.57 13.09 20.41
N ALA B 241 29.77 12.59 21.62
CA ALA B 241 31.13 12.23 22.06
C ALA B 241 31.95 11.51 20.98
N PHE B 242 31.34 10.60 20.22
CA PHE B 242 32.08 9.90 19.19
C PHE B 242 32.63 10.89 18.18
N PHE B 243 31.81 11.82 17.70
CA PHE B 243 32.31 12.84 16.76
C PHE B 243 33.27 13.85 17.36
N ILE B 244 33.10 14.16 18.64
CA ILE B 244 33.99 15.07 19.33
C ILE B 244 35.40 14.50 19.35
N VAL B 245 35.50 13.23 19.70
CA VAL B 245 36.80 12.58 19.75
C VAL B 245 37.39 12.38 18.36
N ALA B 246 36.54 12.02 17.41
CA ALA B 246 36.99 11.77 16.06
C ALA B 246 37.59 13.00 15.43
N ALA B 247 36.90 14.13 15.58
CA ALA B 247 37.35 15.39 15.02
C ALA B 247 38.61 15.87 15.75
N THR B 248 38.69 15.60 17.04
CA THR B 248 39.82 16.00 17.84
C THR B 248 41.10 15.30 17.38
N ILE B 249 41.02 14.01 17.18
CA ILE B 249 42.19 13.22 16.86
C ILE B 249 42.51 13.14 15.40
N THR B 250 41.58 13.51 14.53
CA THR B 250 41.84 13.42 13.08
C THR B 250 42.31 14.74 12.45
N PRO B 251 43.57 14.80 11.98
CA PRO B 251 44.12 16.00 11.33
C PRO B 251 43.27 16.54 10.17
N GLY B 252 43.18 17.87 10.12
CA GLY B 252 42.40 18.59 9.11
C GLY B 252 40.92 18.71 9.43
N SER B 253 40.54 18.43 10.67
CA SER B 253 39.12 18.38 11.08
C SER B 253 38.57 19.63 11.74
N ALA B 254 37.39 20.01 11.29
CA ALA B 254 36.65 21.16 11.80
C ALA B 254 35.19 20.81 11.69
N ILE B 255 34.47 20.67 12.81
CA ILE B 255 33.06 20.33 12.71
C ILE B 255 32.26 21.05 13.79
N ARG B 256 30.95 21.11 13.54
CA ARG B 256 29.99 21.68 14.50
C ARG B 256 28.86 20.68 14.68
N LEU B 257 28.48 20.46 15.93
CA LEU B 257 27.42 19.53 16.31
C LEU B 257 26.25 20.38 16.81
N CYS B 258 25.14 20.36 16.07
CA CYS B 258 23.98 21.17 16.42
C CYS B 258 23.06 20.55 17.47
N ARG B 259 22.47 21.43 18.27
CA ARG B 259 21.46 21.08 19.28
C ARG B 259 21.80 19.91 20.15
N VAL B 260 22.95 19.96 20.77
CA VAL B 260 23.36 18.90 21.67
C VAL B 260 23.07 19.31 23.11
N GLY B 261 22.50 18.38 23.87
CA GLY B 261 22.23 18.67 25.26
C GLY B 261 23.57 18.87 25.94
N VAL B 262 23.63 19.82 26.86
CA VAL B 262 24.86 20.07 27.58
C VAL B 262 24.55 20.17 29.04
N ASN B 263 23.78 19.21 29.55
CA ASN B 263 23.52 19.18 30.98
C ASN B 263 24.88 18.95 31.65
N PRO B 264 25.22 19.77 32.66
CA PRO B 264 26.46 19.69 33.42
C PRO B 264 26.85 18.34 33.95
N THR B 265 25.86 17.53 34.30
CA THR B 265 26.11 16.19 34.80
C THR B 265 26.49 15.22 33.67
N ARG B 266 26.55 15.75 32.45
CA ARG B 266 26.91 14.96 31.28
C ARG B 266 28.14 15.50 30.53
N LEU B 267 28.75 16.57 31.01
CA LEU B 267 29.84 17.20 30.27
C LEU B 267 31.23 16.59 30.47
N GLY B 268 31.34 15.52 31.23
CA GLY B 268 32.62 14.85 31.46
C GLY B 268 33.57 14.75 30.26
N VAL B 269 33.10 14.15 29.17
CA VAL B 269 33.99 13.95 28.01
C VAL B 269 34.66 15.23 27.57
N ILE B 270 33.91 16.32 27.55
CA ILE B 270 34.44 17.61 27.18
C ILE B 270 35.42 18.15 28.18
N ASN B 271 35.06 18.07 29.46
CA ASN B 271 35.95 18.53 30.53
C ASN B 271 37.35 17.86 30.44
N LEU B 272 37.36 16.54 30.26
CA LEU B 272 38.59 15.76 30.19
C LEU B 272 39.37 15.97 28.91
N LEU B 273 38.70 15.97 27.79
CA LEU B 273 39.36 16.27 26.56
C LEU B 273 40.08 17.63 26.65
N LYS B 274 39.40 18.63 27.23
CA LYS B 274 40.01 19.97 27.38
C LYS B 274 41.28 19.86 28.20
N MET B 275 41.23 19.12 29.30
CA MET B 275 42.43 18.88 30.15
C MET B 275 43.54 18.26 29.37
N MET B 276 43.18 17.39 28.44
CA MET B 276 44.14 16.69 27.59
C MET B 276 44.65 17.55 26.44
N GLY B 277 44.13 18.77 26.31
CA GLY B 277 44.53 19.69 25.26
C GLY B 277 43.50 19.89 24.15
N ALA B 278 42.29 19.33 24.27
CA ALA B 278 41.33 19.48 23.15
C ALA B 278 40.89 20.93 22.80
N ASP B 279 40.34 21.09 21.58
CA ASP B 279 39.84 22.38 21.04
C ASP B 279 38.30 22.27 20.78
N ILE B 280 37.55 22.56 21.84
CA ILE B 280 36.09 22.43 21.84
C ILE B 280 35.41 23.72 22.35
N GLU B 281 34.53 24.25 21.52
CA GLU B 281 33.81 25.49 21.82
C GLU B 281 32.29 25.28 21.84
N VAL B 282 31.69 25.64 22.98
CA VAL B 282 30.27 25.54 23.20
C VAL B 282 29.68 26.92 23.02
N THR B 283 28.78 27.07 22.04
CA THR B 283 28.11 28.36 21.75
C THR B 283 26.59 28.16 21.52
N HIS B 284 25.88 29.21 21.06
CA HIS B 284 24.45 29.13 20.74
C HIS B 284 23.69 28.42 21.85
N TYR B 285 24.07 28.75 23.09
CA TYR B 285 23.50 28.15 24.29
C TYR B 285 22.01 28.57 24.48
N THR B 286 21.16 27.65 24.96
CA THR B 286 19.72 27.92 25.13
CA THR B 286 19.72 27.92 25.13
C THR B 286 19.09 26.97 26.16
N GLU B 287 17.82 27.27 26.52
CA GLU B 287 17.05 26.44 27.51
C GLU B 287 15.54 26.19 27.24
N LYS B 288 15.14 24.94 27.48
CA LYS B 288 13.77 24.46 27.29
C LYS B 288 13.57 23.12 28.02
N GLU B 291 15.82 21.40 30.02
CA GLU B 291 17.15 20.81 29.67
C GLU B 291 17.95 21.69 28.72
N PRO B 292 19.17 22.09 29.14
CA PRO B 292 20.06 22.98 28.37
C PRO B 292 20.59 22.33 27.09
N THR B 293 20.81 23.17 26.08
CA THR B 293 21.20 22.77 24.76
C THR B 293 22.20 23.75 24.13
N ALA B 294 23.12 23.26 23.32
CA ALA B 294 24.11 24.11 22.72
C ALA B 294 24.70 23.51 21.44
N ASP B 295 25.50 24.30 20.76
CA ASP B 295 26.18 23.86 19.52
C ASP B 295 27.63 23.69 19.88
N ILE B 296 28.19 22.52 19.55
CA ILE B 296 29.58 22.18 19.91
C ILE B 296 30.43 22.17 18.62
N THR B 297 31.48 22.96 18.65
CA THR B 297 32.39 23.11 17.54
C THR B 297 33.70 22.50 17.93
N VAL B 298 34.21 21.59 17.09
CA VAL B 298 35.43 20.81 17.39
C VAL B 298 36.45 20.87 16.25
N ARG B 299 37.71 21.13 16.62
CA ARG B 299 38.79 21.22 15.64
C ARG B 299 39.86 20.31 16.12
N HIS B 300 40.63 19.81 15.17
CA HIS B 300 41.73 18.91 15.49
C HIS B 300 42.69 19.53 16.46
N ALA B 301 43.18 18.71 17.38
CA ALA B 301 44.15 19.17 18.35
C ALA B 301 45.00 17.97 18.83
N ARG B 302 46.20 18.27 19.33
CA ARG B 302 47.13 17.27 19.82
C ARG B 302 46.86 17.18 21.27
N LEU B 303 46.99 15.97 21.82
CA LEU B 303 46.60 15.72 23.20
C LEU B 303 47.70 15.16 24.05
N LYS B 304 47.63 15.45 25.34
CA LYS B 304 48.59 14.90 26.28
C LYS B 304 47.81 14.01 27.21
N GLY B 305 48.37 12.83 27.52
CA GLY B 305 47.77 11.91 28.51
C GLY B 305 47.55 12.62 29.86
N ILE B 306 46.58 12.14 30.63
CA ILE B 306 46.25 12.69 31.94
C ILE B 306 45.81 11.62 32.92
N ASP B 307 45.84 11.97 34.19
CA ASP B 307 45.33 11.10 35.24
C ASP B 307 43.93 11.60 35.39
N ILE B 308 42.98 10.72 35.18
CA ILE B 308 41.59 11.08 35.23
C ILE B 308 41.15 11.23 36.67
N PRO B 309 40.78 12.46 37.04
CA PRO B 309 40.29 12.80 38.37
C PRO B 309 39.06 12.00 38.73
N PRO B 310 39.05 11.36 39.91
CA PRO B 310 37.91 10.56 40.39
C PRO B 310 36.54 11.23 40.31
N ASP B 311 36.46 12.52 40.62
CA ASP B 311 35.21 13.28 40.59
C ASP B 311 34.56 13.33 39.20
N GLN B 312 35.32 13.03 38.15
CA GLN B 312 34.77 13.01 36.78
C GLN B 312 34.29 11.63 36.34
N VAL B 313 34.68 10.58 37.03
CA VAL B 313 34.30 9.26 36.59
C VAL B 313 32.79 9.11 36.45
N PRO B 314 32.01 9.29 37.53
CA PRO B 314 30.56 9.21 37.46
C PRO B 314 29.89 9.98 36.32
N LEU B 315 30.34 11.20 36.05
CA LEU B 315 29.77 12.04 34.99
C LEU B 315 30.27 11.73 33.57
N THR B 316 31.04 10.67 33.40
CA THR B 316 31.64 10.36 32.12
C THR B 316 31.72 8.85 31.89
N ILE B 317 31.06 8.12 32.77
CA ILE B 317 31.10 6.65 32.77
C ILE B 317 30.82 6.00 31.38
N ASP B 318 29.83 6.49 30.67
CA ASP B 318 29.50 5.96 29.37
C ASP B 318 30.47 6.48 28.27
N GLU B 319 31.22 7.53 28.53
CA GLU B 319 32.09 8.03 27.49
C GLU B 319 33.53 7.47 27.53
N PHE B 320 33.87 6.66 28.52
CA PHE B 320 35.25 6.17 28.55
C PHE B 320 35.68 5.32 27.36
N PRO B 321 34.76 4.54 26.79
CA PRO B 321 35.22 3.78 25.67
C PRO B 321 35.84 4.68 24.62
N VAL B 322 35.15 5.73 24.22
CA VAL B 322 35.66 6.57 23.17
C VAL B 322 36.80 7.45 23.67
N LEU B 323 36.73 7.86 24.93
CA LEU B 323 37.79 8.68 25.49
C LEU B 323 39.12 7.90 25.44
N LEU B 324 39.04 6.61 25.74
CA LEU B 324 40.21 5.76 25.72
C LEU B 324 40.86 5.72 24.33
N ILE B 325 40.09 5.90 23.28
CA ILE B 325 40.66 6.01 21.96
C ILE B 325 41.47 7.34 21.86
N ALA B 326 40.99 8.40 22.51
CA ALA B 326 41.75 9.66 22.55
C ALA B 326 43.09 9.42 23.29
N ALA B 327 43.03 8.71 24.41
CA ALA B 327 44.23 8.41 25.20
C ALA B 327 45.23 7.58 24.39
N ALA B 328 44.75 6.71 23.51
CA ALA B 328 45.64 5.87 22.69
C ALA B 328 46.49 6.68 21.74
N VAL B 329 46.03 7.84 21.32
CA VAL B 329 46.75 8.62 20.30
C VAL B 329 47.29 9.92 20.89
N ALA B 330 47.24 10.02 22.21
CA ALA B 330 47.73 11.18 22.91
C ALA B 330 49.21 10.99 23.20
N GLN B 331 49.89 12.06 23.58
CA GLN B 331 51.30 11.98 23.95
C GLN B 331 51.36 11.71 25.45
N GLY B 332 52.00 10.62 25.84
CA GLY B 332 52.08 10.26 27.25
C GLY B 332 51.05 9.24 27.73
N LYS B 333 51.05 9.06 29.04
CA LYS B 333 50.28 8.05 29.75
C LYS B 333 48.95 8.60 30.29
N THR B 334 47.91 7.75 30.29
CA THR B 334 46.62 8.12 30.86
C THR B 334 46.24 7.02 31.83
N VAL B 335 45.79 7.39 33.02
CA VAL B 335 45.41 6.41 34.02
C VAL B 335 43.98 6.63 34.47
N LEU B 336 43.14 5.61 34.32
CA LEU B 336 41.71 5.69 34.73
C LEU B 336 41.57 4.85 35.95
N ARG B 337 40.91 5.40 36.97
CA ARG B 337 40.69 4.71 38.25
C ARG B 337 39.25 4.94 38.72
N ASP B 338 38.80 4.12 39.68
CA ASP B 338 37.43 4.22 40.24
C ASP B 338 36.31 4.00 39.18
N ALA B 339 36.64 3.28 38.12
CA ALA B 339 35.69 3.00 37.09
C ALA B 339 35.28 1.53 37.08
N ALA B 340 35.22 0.87 38.23
CA ALA B 340 34.79 -0.56 38.31
C ALA B 340 33.39 -0.77 37.71
N GLU B 341 32.58 0.27 37.64
CA GLU B 341 31.22 0.13 37.04
C GLU B 341 31.28 -0.27 35.56
N LEU B 342 32.39 0.04 34.90
CA LEU B 342 32.56 -0.31 33.52
C LEU B 342 32.46 -1.78 33.34
N ARG B 343 32.90 -2.54 34.32
CA ARG B 343 32.86 -3.98 34.14
C ARG B 343 31.49 -4.58 34.16
N VAL B 344 30.50 -3.84 34.67
CA VAL B 344 29.17 -4.39 34.84
C VAL B 344 28.13 -3.74 33.95
N LYS B 345 28.53 -3.41 32.71
CA LYS B 345 27.63 -2.76 31.74
C LYS B 345 27.10 -3.81 30.72
N GLU B 346 26.70 -3.40 29.51
CA GLU B 346 26.25 -4.35 28.47
C GLU B 346 27.26 -5.50 28.46
N THR B 347 28.52 -5.10 28.49
CA THR B 347 29.62 -6.01 28.54
C THR B 347 30.60 -5.39 29.51
N ASP B 348 31.70 -6.11 29.78
CA ASP B 348 32.77 -5.58 30.59
C ASP B 348 33.54 -4.62 29.65
N ARG B 349 33.28 -3.33 29.81
CA ARG B 349 33.90 -2.35 28.95
C ARG B 349 35.41 -2.16 29.14
N ILE B 350 35.96 -2.50 30.30
CA ILE B 350 37.42 -2.41 30.45
C ILE B 350 38.08 -3.54 29.63
N ALA B 351 37.70 -4.76 29.95
CA ALA B 351 38.20 -5.93 29.24
C ALA B 351 38.10 -5.73 27.75
N ALA B 352 36.95 -5.20 27.31
CA ALA B 352 36.67 -5.07 25.91
C ALA B 352 37.52 -3.97 25.25
N MET B 353 37.75 -2.84 25.91
CA MET B 353 38.60 -1.82 25.28
C MET B 353 40.06 -2.24 25.29
N VAL B 354 40.52 -2.85 26.38
CA VAL B 354 41.91 -3.30 26.47
C VAL B 354 42.25 -4.27 25.33
N ASP B 355 41.37 -5.23 25.14
CA ASP B 355 41.57 -6.24 24.14
C ASP B 355 41.66 -5.60 22.78
N GLY B 356 40.71 -4.73 22.50
CA GLY B 356 40.65 -4.08 21.22
C GLY B 356 41.84 -3.20 21.01
N LEU B 357 42.19 -2.40 22.02
CA LEU B 357 43.33 -1.53 21.86
C LEU B 357 44.59 -2.37 21.60
N GLN B 358 44.78 -3.46 22.34
CA GLN B 358 45.98 -4.28 22.14
C GLN B 358 46.00 -4.83 20.71
N LYS B 359 44.85 -5.24 20.21
CA LYS B 359 44.80 -5.75 18.86
C LYS B 359 45.16 -4.67 17.84
N LEU B 360 44.90 -3.41 18.15
CA LEU B 360 45.25 -2.33 17.25
C LEU B 360 46.63 -1.70 17.60
N GLY B 361 47.43 -2.41 18.42
CA GLY B 361 48.80 -2.00 18.72
C GLY B 361 49.07 -0.94 19.76
N ILE B 362 48.28 -0.96 20.82
CA ILE B 362 48.39 0.02 21.84
C ILE B 362 48.67 -0.67 23.16
N ALA B 363 49.62 -0.09 23.89
CA ALA B 363 50.00 -0.62 25.17
C ALA B 363 48.91 -0.19 26.12
N ALA B 364 48.03 -1.13 26.44
CA ALA B 364 46.93 -0.87 27.32
C ALA B 364 46.91 -1.96 28.36
N GLU B 365 46.88 -1.54 29.61
CA GLU B 365 46.96 -2.45 30.73
C GLU B 365 45.74 -2.27 31.59
N SER B 366 45.13 -3.37 31.97
CA SER B 366 43.94 -3.38 32.77
C SER B 366 44.18 -3.24 34.28
N LEU B 367 43.26 -2.56 34.96
CA LEU B 367 43.21 -2.47 36.41
C LEU B 367 41.83 -2.93 36.87
N PRO B 368 41.74 -3.51 38.07
CA PRO B 368 40.40 -3.90 38.54
C PRO B 368 39.37 -2.77 38.40
N ASP B 369 39.81 -1.54 38.63
CA ASP B 369 38.90 -0.36 38.56
C ASP B 369 39.23 0.65 37.46
N GLY B 370 39.95 0.23 36.42
CA GLY B 370 40.30 1.18 35.35
C GLY B 370 41.29 0.62 34.39
N VAL B 371 42.07 1.48 33.74
CA VAL B 371 43.12 1.06 32.83
C VAL B 371 44.26 2.05 32.84
N ILE B 372 45.41 1.58 32.36
CA ILE B 372 46.58 2.39 32.16
C ILE B 372 46.88 2.33 30.69
N ILE B 373 46.93 3.49 30.04
CA ILE B 373 47.23 3.56 28.63
C ILE B 373 48.44 4.41 28.25
N GLN B 374 49.29 3.81 27.43
CA GLN B 374 50.46 4.47 26.93
C GLN B 374 50.15 4.96 25.53
N GLY B 375 50.07 6.28 25.37
CA GLY B 375 49.75 6.87 24.07
C GLY B 375 50.72 6.38 23.02
N GLY B 376 50.28 6.21 21.78
CA GLY B 376 51.13 5.61 20.76
C GLY B 376 50.54 5.73 19.38
N THR B 377 50.48 4.63 18.64
CA THR B 377 50.04 4.66 17.25
C THR B 377 49.10 3.50 16.91
N LEU B 378 47.87 3.85 16.50
CA LEU B 378 46.86 2.87 16.18
C LEU B 378 47.18 2.28 14.85
N GLU B 379 47.14 0.95 14.76
CA GLU B 379 47.39 0.23 13.50
C GLU B 379 46.05 -0.25 12.98
N GLY B 380 46.01 -0.67 11.72
CA GLY B 380 44.80 -1.27 11.18
C GLY B 380 44.74 -2.62 11.85
N GLY B 381 43.57 -3.26 11.80
CA GLY B 381 43.38 -4.59 12.37
C GLY B 381 41.90 -4.99 12.42
N GLU B 382 41.57 -5.85 13.39
CA GLU B 382 40.25 -6.38 13.60
C GLU B 382 39.99 -6.45 15.10
N VAL B 383 38.83 -5.96 15.55
CA VAL B 383 38.44 -6.01 16.94
C VAL B 383 37.02 -6.57 17.02
N ASN B 384 36.63 -7.08 18.21
CA ASN B 384 35.28 -7.58 18.45
C ASN B 384 34.51 -6.52 19.28
N SER B 385 33.27 -6.24 18.93
CA SER B 385 32.46 -5.27 19.65
C SER B 385 31.92 -5.83 20.95
N TYR B 386 31.98 -7.16 21.11
CA TYR B 386 31.42 -7.81 22.30
C TYR B 386 29.92 -7.47 22.45
N ASP B 387 29.28 -7.19 21.31
CA ASP B 387 27.86 -6.86 21.20
C ASP B 387 27.48 -5.53 21.90
N ASP B 388 28.48 -4.72 22.23
CA ASP B 388 28.28 -3.48 22.94
C ASP B 388 28.35 -2.28 21.98
N HIS B 389 27.31 -1.48 21.98
CA HIS B 389 27.19 -0.37 21.06
C HIS B 389 28.26 0.65 21.19
N ARG B 390 28.68 0.95 22.40
CA ARG B 390 29.72 1.96 22.56
C ARG B 390 31.12 1.41 22.19
N ILE B 391 31.40 0.14 22.46
CA ILE B 391 32.69 -0.44 22.07
C ILE B 391 32.78 -0.34 20.55
N ALA B 392 31.73 -0.79 19.85
CA ALA B 392 31.67 -0.75 18.39
C ALA B 392 31.91 0.63 17.78
N MET B 393 31.23 1.64 18.29
CA MET B 393 31.41 2.97 17.78
C MET B 393 32.81 3.54 18.17
N ALA B 394 33.27 3.28 19.39
CA ALA B 394 34.61 3.69 19.80
C ALA B 394 35.66 3.19 18.79
N PHE B 395 35.59 1.92 18.42
CA PHE B 395 36.55 1.43 17.45
C PHE B 395 36.33 2.00 16.06
N ALA B 396 35.09 2.31 15.72
CA ALA B 396 34.85 2.98 14.44
C ALA B 396 35.55 4.37 14.47
N VAL B 397 35.49 5.07 15.60
CA VAL B 397 36.22 6.34 15.75
C VAL B 397 37.73 6.07 15.60
N ALA B 398 38.18 4.95 16.17
CA ALA B 398 39.61 4.56 16.12
C ALA B 398 40.10 4.48 14.67
N GLY B 399 39.22 4.03 13.78
CA GLY B 399 39.49 3.89 12.35
C GLY B 399 39.87 5.18 11.63
N THR B 400 39.40 6.31 12.16
CA THR B 400 39.73 7.57 11.52
C THR B 400 41.26 7.80 11.47
N LEU B 401 41.99 7.46 12.55
CA LEU B 401 43.47 7.72 12.62
C LEU B 401 44.34 6.46 12.44
N ALA B 402 43.75 5.27 12.59
CA ALA B 402 44.52 4.01 12.44
C ALA B 402 45.28 4.00 11.11
N LYS B 403 46.49 3.43 11.13
CA LYS B 403 47.30 3.32 9.91
C LYS B 403 46.58 2.53 8.81
N GLY B 404 45.68 1.64 9.16
CA GLY B 404 45.01 0.87 8.11
C GLY B 404 43.55 0.61 8.42
N PRO B 405 42.90 -0.21 7.57
CA PRO B 405 41.50 -0.52 7.82
C PRO B 405 41.30 -1.18 9.16
N VAL B 406 40.16 -0.87 9.80
CA VAL B 406 39.76 -1.47 11.08
C VAL B 406 38.42 -2.18 10.93
N ARG B 407 38.41 -3.49 11.16
CA ARG B 407 37.21 -4.28 11.11
C ARG B 407 36.68 -4.49 12.53
N ILE B 408 35.48 -3.95 12.82
CA ILE B 408 34.78 -4.12 14.13
C ILE B 408 33.68 -5.19 13.85
N ARG B 409 33.75 -6.32 14.55
CA ARG B 409 32.74 -7.39 14.30
C ARG B 409 31.45 -7.22 15.13
N ASN B 410 30.32 -7.53 14.51
CA ASN B 410 29.01 -7.51 15.19
C ASN B 410 28.57 -6.16 15.69
N CYS B 411 28.09 -5.36 14.77
CA CYS B 411 27.68 -4.03 15.06
C CYS B 411 26.17 -3.85 14.97
N ASP B 412 25.41 -4.95 14.99
CA ASP B 412 23.92 -4.85 14.92
C ASP B 412 23.38 -4.05 16.12
N ASN B 413 24.10 -4.07 17.26
CA ASN B 413 23.60 -3.37 18.41
C ASN B 413 23.90 -1.88 18.46
N VAL B 414 24.55 -1.33 17.45
CA VAL B 414 24.75 0.11 17.48
C VAL B 414 23.39 0.84 17.57
N LYS B 415 22.37 0.25 16.95
CA LYS B 415 21.04 0.84 16.96
C LYS B 415 20.39 0.83 18.34
N THR B 416 21.03 0.26 19.37
CA THR B 416 20.42 0.33 20.70
C THR B 416 20.42 1.80 21.11
N SER B 417 21.40 2.58 20.65
CA SER B 417 21.46 4.02 20.98
C SER B 417 21.73 4.96 19.83
N PHE B 418 22.10 4.47 18.67
CA PHE B 418 22.48 5.40 17.60
C PHE B 418 22.17 4.78 16.23
N PRO B 419 20.89 4.68 15.89
CA PRO B 419 20.43 4.08 14.66
C PRO B 419 21.07 4.63 13.40
N ASN B 420 21.19 5.95 13.29
CA ASN B 420 21.80 6.56 12.07
C ASN B 420 23.30 6.88 12.17
N PHE B 421 24.04 6.18 13.01
CA PHE B 421 25.49 6.41 13.18
C PHE B 421 26.30 6.34 11.89
N VAL B 422 26.06 5.30 11.07
CA VAL B 422 26.85 5.15 9.84
C VAL B 422 26.64 6.32 8.92
N GLU B 423 25.38 6.70 8.76
CA GLU B 423 25.03 7.77 7.84
C GLU B 423 25.67 9.07 8.30
N LEU B 424 25.55 9.44 9.57
CA LEU B 424 26.17 10.68 10.04
C LEU B 424 27.69 10.58 10.00
N ALA B 425 28.24 9.39 10.24
CA ALA B 425 29.70 9.24 10.20
C ALA B 425 30.19 9.63 8.81
N ASN B 426 29.62 9.00 7.78
CA ASN B 426 30.08 9.24 6.42
C ASN B 426 29.86 10.66 5.96
N GLU B 427 28.77 11.24 6.44
CA GLU B 427 28.42 12.59 6.09
C GLU B 427 29.46 13.60 6.64
N VAL B 428 30.02 13.41 7.83
CA VAL B 428 31.05 14.35 8.30
C VAL B 428 32.45 13.98 7.87
N GLY B 429 32.59 12.95 7.03
N GLY B 429 32.60 12.95 7.04
CA GLY B 429 33.91 12.55 6.54
CA GLY B 429 33.91 12.55 6.54
C GLY B 429 34.65 11.41 7.23
C GLY B 429 34.65 11.41 7.23
N MET B 430 34.00 10.71 8.18
CA MET B 430 34.65 9.53 8.78
C MET B 430 34.12 8.31 8.05
N ASN B 431 35.02 7.48 7.57
CA ASN B 431 34.64 6.33 6.74
C ASN B 431 34.28 5.08 7.54
N VAL B 432 33.04 4.63 7.37
CA VAL B 432 32.50 3.46 8.02
C VAL B 432 31.45 2.90 7.11
N LYS B 433 31.54 1.61 6.86
CA LYS B 433 30.65 0.85 6.01
C LYS B 433 30.13 -0.39 6.72
N GLY B 434 28.86 -0.68 6.53
CA GLY B 434 28.27 -1.89 7.08
C GLY B 434 28.55 -2.97 6.05
N VAL B 435 29.09 -4.12 6.49
CA VAL B 435 29.40 -5.22 5.57
C VAL B 435 29.01 -6.56 6.18
N ARG B 436 28.79 -7.54 5.31
CA ARG B 436 28.36 -8.84 5.76
C ARG B 436 29.33 -9.36 6.77
N GLY B 437 28.81 -9.82 7.90
CA GLY B 437 29.63 -10.39 8.95
C GLY B 437 29.79 -11.90 8.82
N ARG B 438 29.77 -12.61 9.96
CA ARG B 438 30.13 -14.03 10.00
C ARG B 438 29.59 -14.67 11.31
N GLY B 439 29.14 -15.93 11.27
CA GLY B 439 28.67 -16.64 12.51
C GLY B 439 27.28 -16.27 13.07
N ASN C 2 30.85 -19.94 47.20
CA ASN C 2 31.78 -18.95 46.55
C ASN C 2 32.80 -19.75 45.66
N ALA C 3 33.46 -19.10 44.70
CA ALA C 3 34.33 -19.82 43.73
C ALA C 3 35.61 -20.46 44.29
N MET C 4 36.21 -21.31 43.47
CA MET C 4 37.47 -21.94 43.83
C MET C 4 38.47 -21.75 42.68
N ASP C 5 39.71 -21.38 43.03
CA ASP C 5 40.78 -21.17 42.06
C ASP C 5 41.92 -22.12 42.33
N TYR C 6 42.77 -22.30 41.33
CA TYR C 6 44.00 -23.03 41.55
C TYR C 6 45.17 -22.03 41.67
N GLN C 7 46.11 -22.28 42.58
CA GLN C 7 47.32 -21.43 42.73
C GLN C 7 48.55 -22.32 42.74
N THR C 8 49.48 -22.06 41.82
CA THR C 8 50.69 -22.86 41.74
C THR C 8 51.94 -22.10 42.19
N ILE C 9 53.00 -22.86 42.51
CA ILE C 9 54.36 -22.36 42.68
C ILE C 9 55.19 -23.34 41.86
N PRO C 10 56.39 -22.97 41.43
CA PRO C 10 57.19 -23.86 40.56
C PRO C 10 57.56 -25.19 41.19
N SER C 11 57.96 -26.12 40.36
CA SER C 11 58.31 -27.43 40.84
C SER C 11 59.78 -27.68 40.70
N GLN C 12 60.37 -28.34 41.68
CA GLN C 12 61.79 -28.67 41.60
C GLN C 12 62.02 -30.04 40.97
N GLY C 13 60.97 -30.62 40.39
CA GLY C 13 61.05 -31.90 39.69
C GLY C 13 59.95 -32.85 40.11
N LEU C 14 59.30 -33.49 39.14
CA LEU C 14 58.25 -34.44 39.49
C LEU C 14 58.85 -35.82 39.77
N SER C 15 58.16 -36.57 40.60
CA SER C 15 58.68 -37.84 41.02
C SER C 15 57.61 -38.76 41.59
N GLY C 16 57.61 -40.02 41.17
CA GLY C 16 56.67 -40.99 41.72
C GLY C 16 55.94 -41.86 40.71
N GLU C 17 54.99 -42.62 41.22
CA GLU C 17 54.16 -43.46 40.38
C GLU C 17 52.72 -43.13 40.70
N ILE C 18 51.93 -42.79 39.70
CA ILE C 18 50.53 -42.53 39.97
C ILE C 18 49.61 -43.11 38.93
N CYS C 19 48.45 -43.57 39.41
CA CYS C 19 47.44 -44.18 38.51
C CYS C 19 46.31 -43.18 38.26
N VAL C 20 46.25 -42.64 37.06
CA VAL C 20 45.23 -41.65 36.71
C VAL C 20 43.86 -42.33 36.73
N PRO C 21 42.78 -41.56 36.91
CA PRO C 21 41.50 -42.23 36.93
C PRO C 21 40.99 -42.63 35.52
N GLY C 22 39.86 -43.31 35.51
CA GLY C 22 39.29 -43.88 34.28
C GLY C 22 38.97 -42.96 33.11
N ASP C 23 38.94 -43.58 31.93
CA ASP C 23 38.75 -42.92 30.67
C ASP C 23 37.34 -42.46 30.53
N LYS C 24 37.18 -41.18 30.24
CA LYS C 24 35.86 -40.55 30.14
C LYS C 24 35.05 -41.15 29.01
N SER C 25 35.70 -41.23 27.84
CA SER C 25 35.11 -41.71 26.60
C SER C 25 34.57 -43.12 26.73
N ILE C 26 35.41 -43.99 27.26
CA ILE C 26 35.00 -45.36 27.47
C ILE C 26 33.94 -45.41 28.54
N SER C 27 34.10 -44.63 29.61
CA SER C 27 33.10 -44.64 30.69
C SER C 27 31.67 -44.30 30.19
N HIS C 28 31.55 -43.33 29.29
CA HIS C 28 30.23 -42.93 28.80
C HIS C 28 29.51 -44.04 28.06
N ARG C 29 30.26 -44.67 27.18
CA ARG C 29 29.77 -45.73 26.32
C ARG C 29 29.45 -46.96 27.12
N ALA C 30 30.37 -47.31 28.01
CA ALA C 30 30.19 -48.49 28.86
C ALA C 30 28.87 -48.44 29.63
N VAL C 31 28.60 -47.35 30.35
CA VAL C 31 27.37 -47.27 31.12
C VAL C 31 26.11 -47.24 30.22
N LEU C 32 26.15 -46.53 29.10
CA LEU C 32 24.97 -46.46 28.23
C LEU C 32 24.67 -47.84 27.62
N LEU C 33 25.69 -48.57 27.22
CA LEU C 33 25.47 -49.87 26.61
C LEU C 33 25.03 -50.88 27.68
N ALA C 34 25.65 -50.84 28.85
CA ALA C 34 25.25 -51.76 29.91
C ALA C 34 23.80 -51.55 30.32
N ALA C 35 23.33 -50.31 30.19
CA ALA C 35 21.99 -49.95 30.61
C ALA C 35 20.91 -50.66 29.81
N ILE C 36 21.13 -50.76 28.51
CA ILE C 36 20.15 -51.40 27.67
C ILE C 36 20.46 -52.85 27.32
N ALA C 37 21.50 -53.41 27.96
CA ALA C 37 21.89 -54.82 27.75
C ALA C 37 21.01 -55.79 28.57
N GLU C 38 21.27 -57.10 28.42
CA GLU C 38 20.51 -58.12 29.14
C GLU C 38 21.43 -58.74 30.14
N GLY C 39 21.06 -58.61 31.41
CA GLY C 39 21.87 -59.08 32.50
C GLY C 39 22.54 -57.93 33.28
N GLN C 40 23.40 -58.35 34.20
CA GLN C 40 24.14 -57.48 35.07
C GLN C 40 25.55 -57.27 34.57
N THR C 41 25.95 -56.00 34.47
CA THR C 41 27.30 -55.62 34.06
C THR C 41 28.01 -54.87 35.19
N GLN C 42 29.17 -55.37 35.61
CA GLN C 42 29.99 -54.70 36.62
C GLN C 42 31.05 -53.89 35.85
N VAL C 43 31.16 -52.61 36.18
CA VAL C 43 32.12 -51.71 35.54
C VAL C 43 33.15 -51.21 36.54
N ASP C 44 34.41 -51.59 36.36
CA ASP C 44 35.48 -51.13 37.25
C ASP C 44 36.24 -50.02 36.55
N GLY C 45 36.78 -49.09 37.33
CA GLY C 45 37.55 -48.00 36.78
C GLY C 45 36.70 -46.92 36.15
N PHE C 46 35.41 -46.96 36.40
CA PHE C 46 34.51 -45.96 35.87
C PHE C 46 34.87 -44.62 36.48
N LEU C 47 34.88 -43.59 35.65
CA LEU C 47 35.24 -42.26 36.02
C LEU C 47 34.14 -41.57 36.77
N MET C 48 34.39 -41.25 38.02
CA MET C 48 33.39 -40.62 38.84
C MET C 48 33.43 -39.11 38.75
N GLY C 49 33.46 -38.60 37.52
CA GLY C 49 33.46 -37.15 37.26
C GLY C 49 32.05 -36.61 36.95
N ALA C 50 31.93 -35.30 36.83
CA ALA C 50 30.62 -34.71 36.64
C ALA C 50 30.01 -35.10 35.34
N ASP C 51 30.82 -35.18 34.28
CA ASP C 51 30.29 -35.58 32.97
C ASP C 51 29.77 -37.00 32.93
N ASN C 52 30.57 -37.93 33.41
CA ASN C 52 30.15 -39.32 33.43
C ASN C 52 28.98 -39.52 34.36
N LEU C 53 28.97 -38.81 35.49
CA LEU C 53 27.87 -38.96 36.40
C LEU C 53 26.61 -38.34 35.87
N ALA C 54 26.74 -37.40 34.94
CA ALA C 54 25.55 -36.76 34.36
C ALA C 54 24.88 -37.77 33.39
N MET C 55 25.70 -38.53 32.67
CA MET C 55 25.23 -39.60 31.81
C MET C 55 24.45 -40.62 32.64
N VAL C 56 24.99 -41.04 33.76
CA VAL C 56 24.29 -41.95 34.67
C VAL C 56 22.96 -41.38 35.07
N SER C 57 23.00 -40.17 35.55
CA SER C 57 21.80 -39.54 36.04
C SER C 57 20.69 -39.47 34.98
N ALA C 58 21.08 -39.17 33.74
CA ALA C 58 20.10 -39.12 32.65
C ALA C 58 19.53 -40.51 32.38
N LEU C 59 20.40 -41.52 32.27
CA LEU C 59 19.94 -42.88 32.07
C LEU C 59 18.97 -43.25 33.18
N GLN C 60 19.24 -42.83 34.41
CA GLN C 60 18.32 -43.13 35.48
C GLN C 60 16.95 -42.48 35.31
N GLN C 61 16.91 -41.33 34.70
CA GLN C 61 15.64 -40.66 34.49
C GLN C 61 14.74 -41.52 33.61
N MET C 62 15.37 -42.33 32.76
CA MET C 62 14.67 -43.20 31.83
C MET C 62 14.56 -44.66 32.29
N GLY C 63 14.72 -44.90 33.58
CA GLY C 63 14.57 -46.23 34.11
C GLY C 63 15.74 -47.20 34.04
N ALA C 64 16.95 -46.75 33.71
CA ALA C 64 18.09 -47.66 33.83
C ALA C 64 18.28 -47.98 35.31
N SER C 65 18.83 -49.15 35.62
CA SER C 65 19.06 -49.58 37.01
C SER C 65 20.55 -49.61 37.19
N ILE C 66 21.07 -48.59 37.83
CA ILE C 66 22.52 -48.38 37.98
C ILE C 66 22.86 -48.08 39.43
N GLN C 67 23.76 -48.85 39.98
CA GLN C 67 24.19 -48.65 41.36
C GLN C 67 25.58 -48.04 41.30
N VAL C 68 25.73 -46.85 41.88
CA VAL C 68 27.00 -46.12 41.85
C VAL C 68 27.73 -46.36 43.14
N ILE C 69 28.95 -46.86 43.02
CA ILE C 69 29.80 -47.07 44.20
C ILE C 69 31.00 -46.12 44.03
N GLU C 70 30.73 -44.88 44.31
CA GLU C 70 31.68 -43.82 44.08
C GLU C 70 33.09 -44.07 44.60
N ASP C 71 33.21 -44.40 45.87
CA ASP C 71 34.55 -44.52 46.45
C ASP C 71 35.42 -45.58 45.83
N GLU C 72 34.83 -46.55 45.13
CA GLU C 72 35.59 -47.60 44.48
C GLU C 72 35.60 -47.54 42.96
N ASN C 73 34.99 -46.50 42.40
CA ASN C 73 34.94 -46.34 40.96
C ASN C 73 34.30 -47.54 40.30
N ILE C 74 33.21 -47.98 40.88
CA ILE C 74 32.49 -49.11 40.35
C ILE C 74 31.05 -48.79 40.08
N LEU C 75 30.55 -49.28 38.97
CA LEU C 75 29.12 -49.22 38.72
C LEU C 75 28.60 -50.67 38.64
N VAL C 76 27.39 -50.92 39.16
CA VAL C 76 26.75 -52.22 38.96
C VAL C 76 25.47 -51.92 38.21
N VAL C 77 25.42 -52.33 36.92
CA VAL C 77 24.26 -52.10 36.08
C VAL C 77 23.39 -53.33 35.82
N GLU C 78 22.11 -53.23 36.16
CA GLU C 78 21.14 -54.30 35.90
C GLU C 78 20.44 -53.91 34.61
N GLY C 79 20.85 -54.52 33.51
CA GLY C 79 20.31 -54.19 32.20
C GLY C 79 18.80 -54.29 32.09
N VAL C 80 18.20 -53.35 31.37
CA VAL C 80 16.76 -53.39 31.08
C VAL C 80 16.47 -53.83 29.64
N GLY C 81 17.48 -54.28 28.90
CA GLY C 81 17.26 -54.70 27.50
C GLY C 81 17.05 -53.54 26.51
N MET C 82 17.14 -53.84 25.22
CA MET C 82 17.05 -52.82 24.19
C MET C 82 15.84 -51.94 24.35
N THR C 83 14.71 -52.57 24.66
CA THR C 83 13.43 -51.88 24.74
C THR C 83 12.95 -51.56 26.17
N GLY C 84 13.81 -51.75 27.17
CA GLY C 84 13.39 -51.54 28.56
C GLY C 84 13.31 -50.15 29.13
N LEU C 85 13.64 -49.13 28.33
CA LEU C 85 13.64 -47.75 28.86
C LEU C 85 12.25 -47.20 28.93
N GLN C 86 12.05 -46.22 29.81
CA GLN C 86 10.75 -45.56 29.93
C GLN C 86 10.91 -44.09 29.67
N ALA C 87 9.85 -43.47 29.18
CA ALA C 87 9.82 -42.05 28.89
C ALA C 87 10.05 -41.23 30.16
N PRO C 88 11.00 -40.28 30.11
CA PRO C 88 11.28 -39.47 31.28
C PRO C 88 10.27 -38.35 31.40
N PRO C 89 10.04 -37.92 32.63
CA PRO C 89 9.10 -36.89 32.91
C PRO C 89 9.61 -35.49 32.59
N GLU C 90 10.92 -35.28 32.66
CA GLU C 90 11.47 -33.97 32.41
C GLU C 90 12.61 -34.05 31.38
N ALA C 91 13.07 -32.87 31.00
CA ALA C 91 14.19 -32.74 30.10
C ALA C 91 15.44 -33.40 30.75
N LEU C 92 16.25 -34.10 29.97
CA LEU C 92 17.50 -34.71 30.49
C LEU C 92 18.66 -33.70 30.61
N ASP C 93 19.12 -33.43 31.83
CA ASP C 93 20.23 -32.50 32.03
C ASP C 93 21.58 -33.19 31.77
N CYS C 94 22.23 -32.88 30.65
CA CYS C 94 23.54 -33.47 30.34
C CYS C 94 24.70 -32.61 30.89
N GLY C 95 24.38 -31.70 31.79
CA GLY C 95 25.40 -30.86 32.39
C GLY C 95 26.26 -30.20 31.36
N ASN C 96 27.57 -30.36 31.52
CA ASN C 96 28.55 -29.77 30.63
C ASN C 96 28.99 -30.71 29.53
N SER C 97 28.33 -31.86 29.40
CA SER C 97 28.83 -32.93 28.53
C SER C 97 28.32 -33.06 27.10
N GLY C 98 29.17 -32.70 26.16
CA GLY C 98 28.89 -32.85 24.74
C GLY C 98 28.74 -34.30 24.33
N THR C 99 29.63 -35.18 24.83
CA THR C 99 29.55 -36.62 24.51
C THR C 99 28.21 -37.20 24.95
N ALA C 100 27.78 -36.87 26.16
CA ALA C 100 26.50 -37.35 26.67
C ALA C 100 25.36 -36.92 25.78
N ILE C 101 25.26 -35.64 25.48
CA ILE C 101 24.09 -35.20 24.71
C ILE C 101 24.06 -35.80 23.31
N ARG C 102 25.22 -35.96 22.69
CA ARG C 102 25.25 -36.46 21.33
C ARG C 102 25.00 -37.95 21.27
N LEU C 103 25.62 -38.71 22.18
CA LEU C 103 25.42 -40.15 22.22
C LEU C 103 23.97 -40.47 22.65
N LEU C 104 23.45 -39.79 23.69
CA LEU C 104 22.08 -40.00 24.09
C LEU C 104 21.13 -39.78 22.88
N SER C 105 21.36 -38.73 22.11
CA SER C 105 20.53 -38.45 20.94
C SER C 105 20.38 -39.62 19.98
N GLY C 106 21.44 -40.40 19.81
CA GLY C 106 21.39 -41.56 18.92
C GLY C 106 20.63 -42.73 19.54
N LEU C 107 20.74 -42.81 20.85
CA LEU C 107 20.05 -43.83 21.59
C LEU C 107 18.57 -43.52 21.65
N LEU C 108 18.21 -42.24 21.72
CA LEU C 108 16.82 -41.88 21.85
C LEU C 108 16.04 -41.63 20.55
N ALA C 109 16.76 -41.61 19.42
CA ALA C 109 16.19 -41.38 18.10
C ALA C 109 15.18 -42.46 17.73
N GLY C 110 15.54 -43.72 18.03
CA GLY C 110 14.68 -44.88 17.73
C GLY C 110 13.72 -45.32 18.85
N GLN C 111 13.60 -44.54 19.93
CA GLN C 111 12.71 -44.93 21.03
C GLN C 111 11.28 -44.58 20.69
N PRO C 112 10.33 -45.33 21.25
CA PRO C 112 8.94 -45.01 20.99
C PRO C 112 8.44 -43.89 21.90
N PHE C 113 9.33 -43.04 22.39
CA PHE C 113 8.86 -41.93 23.23
C PHE C 113 9.61 -40.65 22.89
N ASN C 114 9.17 -39.56 23.50
CA ASN C 114 9.73 -38.25 23.31
C ASN C 114 10.70 -37.86 24.44
N THR C 115 11.78 -37.16 24.09
CA THR C 115 12.77 -36.71 25.07
C THR C 115 13.28 -35.32 24.75
N VAL C 116 13.51 -34.52 25.78
CA VAL C 116 14.13 -33.21 25.65
C VAL C 116 15.53 -33.34 26.27
N LEU C 117 16.54 -33.02 25.49
CA LEU C 117 17.88 -33.07 25.98
C LEU C 117 18.43 -31.67 26.06
N THR C 118 18.98 -31.30 27.21
CA THR C 118 19.58 -29.99 27.37
CA THR C 118 19.59 -29.99 27.36
C THR C 118 20.83 -30.12 28.24
N GLY C 119 21.31 -29.00 28.79
CA GLY C 119 22.49 -28.99 29.65
C GLY C 119 22.75 -27.59 30.19
N ASP C 120 24.01 -27.27 30.50
CA ASP C 120 24.34 -25.96 31.06
C ASP C 120 24.62 -25.01 29.92
N SER C 121 24.89 -23.73 30.21
CA SER C 121 25.10 -22.67 29.17
C SER C 121 26.06 -23.06 28.10
N SER C 122 27.22 -23.52 28.53
CA SER C 122 28.23 -23.99 27.61
C SER C 122 27.68 -25.05 26.66
N LEU C 123 26.94 -26.02 27.18
CA LEU C 123 26.43 -27.11 26.31
C LEU C 123 25.41 -26.57 25.30
N GLN C 124 24.66 -25.55 25.70
CA GLN C 124 23.66 -24.94 24.82
C GLN C 124 24.23 -24.09 23.67
N ARG C 125 25.56 -23.95 23.61
CA ARG C 125 26.21 -23.24 22.51
C ARG C 125 26.90 -24.23 21.57
N ARG C 126 26.92 -25.51 21.92
CA ARG C 126 27.65 -26.46 21.11
C ARG C 126 26.83 -26.97 19.94
N PRO C 127 27.51 -27.15 18.77
CA PRO C 127 26.90 -27.54 17.50
C PRO C 127 26.36 -28.97 17.44
N MET C 128 25.14 -29.11 16.88
CA MET C 128 24.46 -30.41 16.78
C MET C 128 24.06 -30.83 15.34
N LYS C 129 24.27 -29.94 14.36
CA LYS C 129 23.93 -30.23 12.95
C LYS C 129 24.58 -31.54 12.55
N ARG C 130 25.86 -31.69 12.92
CA ARG C 130 26.62 -32.90 12.61
C ARG C 130 25.88 -34.18 13.00
N ILE C 131 24.98 -34.12 13.98
CA ILE C 131 24.19 -35.30 14.30
C ILE C 131 22.76 -35.16 13.77
N ILE C 132 22.16 -33.98 13.89
CA ILE C 132 20.77 -33.82 13.46
C ILE C 132 20.51 -34.25 12.01
N ASP C 133 21.42 -33.90 11.11
CA ASP C 133 21.25 -34.22 9.70
C ASP C 133 21.24 -35.72 9.43
N PRO C 134 22.32 -36.42 9.80
CA PRO C 134 22.31 -37.86 9.53
C PRO C 134 21.20 -38.62 10.28
N LEU C 135 20.83 -38.19 11.48
CA LEU C 135 19.71 -38.84 12.18
C LEU C 135 18.42 -38.60 11.40
N THR C 136 18.28 -37.39 10.85
CA THR C 136 17.11 -37.05 10.07
C THR C 136 17.01 -37.95 8.81
N LEU C 137 18.15 -38.31 8.23
CA LEU C 137 18.14 -39.20 7.09
C LEU C 137 17.64 -40.59 7.49
N MET C 138 17.80 -40.94 8.78
CA MET C 138 17.37 -42.25 9.26
C MET C 138 15.90 -42.26 9.63
N GLY C 139 15.26 -41.10 9.65
CA GLY C 139 13.85 -41.00 9.99
C GLY C 139 13.58 -40.23 11.27
N ALA C 140 14.65 -39.81 11.92
CA ALA C 140 14.51 -39.09 13.18
C ALA C 140 13.89 -37.72 12.94
N LYS C 141 13.15 -37.24 13.92
CA LYS C 141 12.58 -35.91 13.88
C LYS C 141 13.09 -35.28 15.18
N ILE C 142 13.93 -34.25 15.04
CA ILE C 142 14.54 -33.53 16.16
C ILE C 142 14.38 -32.01 16.01
N ASP C 143 13.74 -31.35 16.97
CA ASP C 143 13.58 -29.89 16.93
CA ASP C 143 13.58 -29.89 16.93
C ASP C 143 14.71 -29.19 17.69
N SER C 144 15.17 -28.06 17.14
CA SER C 144 16.22 -27.25 17.75
CA SER C 144 16.22 -27.26 17.75
C SER C 144 16.24 -25.84 17.18
N THR C 145 16.45 -24.86 18.03
CA THR C 145 16.56 -23.51 17.53
C THR C 145 18.05 -23.27 17.32
N GLY C 146 18.44 -23.18 16.05
CA GLY C 146 19.81 -22.86 15.70
C GLY C 146 20.80 -24.00 15.79
N ASN C 147 20.31 -25.23 15.66
CA ASN C 147 21.20 -26.41 15.70
C ASN C 147 22.05 -26.54 16.98
N VAL C 148 21.54 -25.97 18.07
CA VAL C 148 22.14 -26.09 19.39
C VAL C 148 21.06 -26.58 20.37
N PRO C 149 21.48 -27.22 21.46
CA PRO C 149 20.51 -27.64 22.46
C PRO C 149 19.83 -26.43 23.07
N PRO C 150 18.65 -26.62 23.70
CA PRO C 150 17.88 -27.86 23.89
C PRO C 150 17.41 -28.55 22.64
N LEU C 151 17.55 -29.88 22.62
CA LEU C 151 17.07 -30.73 21.53
C LEU C 151 15.78 -31.44 21.96
N LYS C 152 14.80 -31.54 21.06
CA LYS C 152 13.60 -32.29 21.36
C LYS C 152 13.51 -33.40 20.31
N ILE C 153 13.54 -34.62 20.80
CA ILE C 153 13.54 -35.76 19.94
C ILE C 153 12.15 -36.33 19.99
N TYR C 154 11.57 -36.59 18.83
CA TYR C 154 10.25 -37.20 18.72
C TYR C 154 10.63 -38.56 18.30
N GLY C 155 10.47 -39.51 19.20
CA GLY C 155 10.98 -40.84 18.96
C GLY C 155 10.35 -41.53 17.79
N ASN C 156 11.16 -42.22 16.98
CA ASN C 156 10.63 -42.97 15.88
C ASN C 156 11.13 -44.40 15.87
N PRO C 157 10.27 -45.37 16.26
CA PRO C 157 10.76 -46.74 16.28
C PRO C 157 10.87 -47.36 14.90
N ARG C 158 10.60 -46.59 13.85
CA ARG C 158 10.67 -47.13 12.51
C ARG C 158 11.85 -46.52 11.79
N LEU C 159 12.89 -46.12 12.53
CA LEU C 159 14.08 -45.60 11.86
C LEU C 159 14.56 -46.62 10.83
N THR C 160 15.14 -46.13 9.74
CA THR C 160 15.69 -47.02 8.73
C THR C 160 17.17 -46.74 8.59
N GLY C 161 17.95 -47.79 8.33
CA GLY C 161 19.39 -47.68 8.13
C GLY C 161 19.81 -46.81 6.95
N ILE C 162 21.04 -46.31 6.99
CA ILE C 162 21.59 -45.45 5.95
C ILE C 162 23.09 -45.70 5.87
N HIS C 163 23.63 -45.36 4.71
CA HIS C 163 25.05 -45.41 4.48
C HIS C 163 25.41 -43.96 4.57
N TYR C 164 26.53 -43.63 5.20
CA TYR C 164 26.84 -42.23 5.42
C TYR C 164 28.32 -41.98 5.59
N GLN C 165 28.78 -40.95 4.89
CA GLN C 165 30.15 -40.51 5.00
C GLN C 165 30.16 -39.25 5.83
N LEU C 166 31.00 -39.27 6.85
CA LEU C 166 31.13 -38.15 7.74
C LEU C 166 31.96 -37.06 7.06
N PRO C 167 31.52 -35.78 7.17
CA PRO C 167 32.30 -34.65 6.66
C PRO C 167 33.65 -34.58 7.38
N MET C 168 33.68 -34.40 8.70
CA MET C 168 34.96 -34.47 9.41
C MET C 168 34.96 -35.72 10.31
N ALA C 169 36.15 -36.16 10.74
CA ALA C 169 36.31 -37.28 11.66
C ALA C 169 35.71 -36.88 13.03
N SER C 170 34.77 -37.67 13.52
CA SER C 170 34.12 -37.39 14.81
C SER C 170 33.63 -38.67 15.42
N ALA C 171 34.27 -39.13 16.49
CA ALA C 171 33.85 -40.34 17.20
C ALA C 171 32.42 -40.16 17.75
N GLN C 172 32.09 -38.93 18.15
CA GLN C 172 30.76 -38.68 18.66
C GLN C 172 29.72 -38.95 17.61
N VAL C 173 29.93 -38.48 16.39
CA VAL C 173 28.95 -38.71 15.32
C VAL C 173 28.92 -40.19 14.92
N LYS C 174 30.09 -40.80 14.78
CA LYS C 174 30.14 -42.22 14.47
C LYS C 174 29.37 -42.96 15.57
N SER C 175 29.64 -42.65 16.82
CA SER C 175 28.94 -43.32 17.91
C SER C 175 27.43 -43.05 17.92
N CYS C 176 27.01 -41.83 17.61
CA CYS C 176 25.58 -41.47 17.63
C CYS C 176 24.79 -42.31 16.65
N LEU C 177 25.35 -42.43 15.45
CA LEU C 177 24.70 -43.15 14.37
C LEU C 177 24.75 -44.66 14.63
N LEU C 178 25.90 -45.14 15.11
CA LEU C 178 26.01 -46.55 15.44
C LEU C 178 24.93 -46.95 16.49
N LEU C 179 24.69 -46.10 17.49
CA LEU C 179 23.67 -46.38 18.51
C LEU C 179 22.29 -46.39 17.85
N ALA C 180 21.94 -45.32 17.16
CA ALA C 180 20.69 -45.32 16.41
C ALA C 180 20.60 -46.56 15.48
N GLY C 181 21.75 -46.99 14.95
CA GLY C 181 21.81 -48.14 14.05
C GLY C 181 21.22 -49.40 14.66
N LEU C 182 21.47 -49.58 15.95
CA LEU C 182 20.96 -50.73 16.70
C LEU C 182 19.43 -50.81 16.74
N TYR C 183 18.72 -49.69 16.57
CA TYR C 183 17.24 -49.66 16.56
C TYR C 183 16.63 -49.39 15.17
N ALA C 184 17.44 -49.44 14.12
CA ALA C 184 16.94 -49.11 12.78
C ALA C 184 16.78 -50.35 11.91
N ARG C 185 15.72 -50.37 11.14
CA ARG C 185 15.50 -51.49 10.22
C ARG C 185 16.64 -51.53 9.22
N GLY C 186 17.30 -52.68 9.11
CA GLY C 186 18.38 -52.86 8.15
C GLY C 186 19.75 -52.46 8.65
N LYS C 187 20.69 -52.36 7.70
CA LYS C 187 22.08 -52.00 7.98
C LYS C 187 22.31 -50.50 8.00
N THR C 188 23.24 -50.08 8.86
CA THR C 188 23.66 -48.70 8.95
C THR C 188 25.16 -48.79 8.78
N CYS C 189 25.68 -48.12 7.76
CA CYS C 189 27.12 -48.14 7.50
C CYS C 189 27.71 -46.75 7.57
N ILE C 190 28.77 -46.62 8.38
CA ILE C 190 29.45 -45.37 8.58
C ILE C 190 30.86 -45.48 8.02
N THR C 191 31.21 -44.54 7.13
CA THR C 191 32.54 -44.46 6.53
C THR C 191 33.19 -43.16 7.01
N GLU C 192 34.44 -43.26 7.45
CA GLU C 192 35.20 -42.11 7.94
C GLU C 192 36.35 -41.70 7.00
N PRO C 193 36.47 -40.39 6.72
CA PRO C 193 37.59 -39.97 5.88
C PRO C 193 38.92 -40.22 6.61
N ALA C 194 38.91 -40.12 7.94
CA ALA C 194 40.08 -40.36 8.79
C ALA C 194 39.61 -40.97 10.11
N PRO C 195 40.24 -42.07 10.57
CA PRO C 195 39.86 -42.72 11.81
C PRO C 195 39.73 -41.81 13.03
N SER C 196 38.64 -41.99 13.80
CA SER C 196 38.44 -41.29 15.05
C SER C 196 38.46 -42.39 16.10
N ARG C 197 38.53 -42.05 17.38
CA ARG C 197 38.57 -43.08 18.43
C ARG C 197 37.47 -44.20 18.29
N ASP C 198 37.87 -45.45 18.54
CA ASP C 198 37.01 -46.61 18.29
C ASP C 198 36.44 -47.30 19.54
N HIS C 199 36.24 -46.55 20.60
CA HIS C 199 35.80 -47.16 21.84
C HIS C 199 34.48 -47.81 21.69
N THR C 200 33.59 -47.17 20.93
CA THR C 200 32.25 -47.71 20.73
C THR C 200 32.29 -49.07 20.06
N GLU C 201 33.03 -49.15 18.94
CA GLU C 201 33.13 -50.39 18.19
C GLU C 201 33.61 -51.52 19.07
N ARG C 202 34.62 -51.23 19.85
CA ARG C 202 35.16 -52.22 20.75
C ARG C 202 34.16 -52.67 21.82
N LEU C 203 33.37 -51.74 22.36
CA LEU C 203 32.36 -52.13 23.37
C LEU C 203 31.25 -52.91 22.70
N LEU C 204 30.89 -52.54 21.47
CA LEU C 204 29.85 -53.29 20.75
C LEU C 204 30.30 -54.75 20.65
N LYS C 205 31.56 -55.00 20.32
CA LYS C 205 32.08 -56.38 20.24
C LYS C 205 32.00 -57.04 21.64
N HIS C 206 32.36 -56.25 22.66
CA HIS C 206 32.36 -56.72 24.04
C HIS C 206 31.02 -57.19 24.51
N PHE C 207 29.97 -56.52 24.07
CA PHE C 207 28.60 -56.90 24.42
C PHE C 207 27.95 -57.86 23.38
N HIS C 208 28.81 -58.50 22.57
CA HIS C 208 28.40 -59.46 21.54
C HIS C 208 27.36 -58.96 20.58
N TYR C 209 27.53 -57.73 20.10
CA TYR C 209 26.65 -57.17 19.07
C TYR C 209 27.50 -57.33 17.83
N THR C 210 26.84 -57.76 16.77
CA THR C 210 27.49 -58.12 15.54
C THR C 210 27.96 -56.85 14.78
N LEU C 211 29.26 -56.83 14.43
CA LEU C 211 29.87 -55.67 13.75
C LEU C 211 30.67 -56.00 12.45
N GLN C 212 30.53 -55.15 11.41
CA GLN C 212 31.19 -55.35 10.08
C GLN C 212 32.28 -54.32 9.79
N LYS C 213 33.07 -54.56 8.73
CA LYS C 213 34.08 -53.59 8.27
C LYS C 213 34.46 -53.81 6.78
N GLN C 216 36.90 -50.61 4.91
CA GLN C 216 37.36 -49.36 5.53
C GLN C 216 36.25 -48.57 6.25
N SER C 217 35.01 -49.00 6.15
CA SER C 217 33.91 -48.38 6.88
C SER C 217 33.44 -49.44 7.89
N ILE C 218 32.47 -49.12 8.77
CA ILE C 218 31.93 -50.14 9.74
C ILE C 218 30.41 -50.14 9.69
N CYS C 219 29.79 -51.32 9.79
CA CYS C 219 28.31 -51.45 9.70
C CYS C 219 27.63 -52.21 10.86
N VAL C 220 26.35 -51.92 11.08
CA VAL C 220 25.56 -52.68 12.06
C VAL C 220 24.13 -52.82 11.57
N SER C 221 23.51 -53.92 11.95
CA SER C 221 22.12 -54.18 11.63
C SER C 221 21.27 -54.01 12.88
N GLY C 222 20.14 -53.32 12.72
CA GLY C 222 19.24 -53.10 13.85
C GLY C 222 18.59 -54.39 14.37
N GLY C 223 17.96 -54.31 15.53
CA GLY C 223 17.25 -55.46 16.11
C GLY C 223 18.10 -56.51 16.80
N GLY C 224 19.40 -56.28 16.99
CA GLY C 224 20.25 -57.22 17.73
C GLY C 224 20.04 -57.05 19.25
N LYS C 225 20.83 -57.77 20.04
CA LYS C 225 20.73 -57.69 21.51
C LYS C 225 22.11 -57.54 22.11
N LEU C 226 22.20 -56.75 23.18
CA LEU C 226 23.46 -56.57 23.90
C LEU C 226 23.46 -57.50 25.13
N LYS C 227 24.54 -58.27 25.30
CA LYS C 227 24.66 -59.20 26.38
C LYS C 227 25.60 -58.64 27.46
N ALA C 228 25.13 -58.59 28.72
CA ALA C 228 25.90 -58.09 29.87
C ALA C 228 27.27 -58.74 29.89
N ASN C 229 28.30 -57.97 30.19
CA ASN C 229 29.67 -58.52 30.25
C ASN C 229 30.52 -57.53 31.00
N ASP C 230 31.01 -57.96 32.15
CA ASP C 230 31.82 -57.11 33.00
C ASP C 230 32.89 -56.36 32.25
N ILE C 231 33.10 -55.09 32.60
CA ILE C 231 34.13 -54.25 31.96
C ILE C 231 35.11 -53.68 32.93
N SER C 232 36.33 -53.52 32.46
CA SER C 232 37.40 -52.90 33.24
C SER C 232 37.92 -51.69 32.43
N ILE C 233 37.78 -50.51 33.01
CA ILE C 233 38.12 -49.28 32.30
C ILE C 233 39.56 -48.90 32.65
N PRO C 234 40.36 -48.67 31.63
CA PRO C 234 41.72 -48.23 31.85
C PRO C 234 41.79 -46.70 32.11
N GLY C 235 42.93 -46.24 32.61
CA GLY C 235 43.16 -44.85 32.89
C GLY C 235 43.07 -44.01 31.62
N ASP C 236 42.54 -42.81 31.76
CA ASP C 236 42.36 -41.91 30.64
C ASP C 236 43.71 -41.33 30.28
N ILE C 237 44.10 -41.47 29.03
CA ILE C 237 45.39 -40.91 28.59
C ILE C 237 45.29 -39.38 28.51
N SER C 238 44.08 -38.86 28.33
CA SER C 238 43.87 -37.42 28.30
C SER C 238 44.18 -36.86 29.68
N SER C 239 43.96 -37.66 30.70
CA SER C 239 44.29 -37.19 32.03
C SER C 239 45.78 -37.34 32.27
N ALA C 240 46.37 -38.41 31.74
CA ALA C 240 47.83 -38.60 31.90
C ALA C 240 48.58 -37.54 31.13
N ALA C 241 48.02 -37.08 30.03
CA ALA C 241 48.73 -36.05 29.22
C ALA C 241 49.26 -34.91 30.05
N PHE C 242 48.52 -34.47 31.07
CA PHE C 242 48.96 -33.36 31.92
C PHE C 242 50.25 -33.72 32.64
N PHE C 243 50.30 -34.89 33.25
CA PHE C 243 51.56 -35.31 33.91
C PHE C 243 52.70 -35.59 32.94
N ILE C 244 52.38 -36.08 31.74
CA ILE C 244 53.42 -36.34 30.71
C ILE C 244 54.09 -35.02 30.33
N VAL C 245 53.28 -34.01 30.09
CA VAL C 245 53.84 -32.73 29.71
C VAL C 245 54.59 -32.12 30.86
N ALA C 246 54.02 -32.20 32.06
CA ALA C 246 54.64 -31.59 33.21
C ALA C 246 56.01 -32.17 33.49
N ALA C 247 56.11 -33.50 33.47
CA ALA C 247 57.38 -34.16 33.76
C ALA C 247 58.38 -33.89 32.63
N THR C 248 57.90 -33.79 31.40
CA THR C 248 58.76 -33.50 30.27
C THR C 248 59.44 -32.10 30.42
N ILE C 249 58.66 -31.11 30.82
CA ILE C 249 59.17 -29.76 30.87
C ILE C 249 59.81 -29.35 32.18
N THR C 250 59.56 -30.08 33.25
CA THR C 250 60.13 -29.70 34.52
C THR C 250 61.46 -30.44 34.82
N PRO C 251 62.57 -29.70 34.88
CA PRO C 251 63.88 -30.28 35.22
C PRO C 251 63.90 -31.09 36.52
N GLY C 252 64.62 -32.22 36.46
CA GLY C 252 64.78 -33.12 37.59
C GLY C 252 63.66 -34.12 37.75
N SER C 253 62.83 -34.25 36.73
CA SER C 253 61.63 -35.09 36.77
C SER C 253 61.79 -36.48 36.21
N ALA C 254 61.18 -37.43 36.89
CA ALA C 254 61.19 -38.81 36.45
C ALA C 254 59.95 -39.45 37.03
N ILE C 255 58.97 -39.81 36.20
CA ILE C 255 57.76 -40.45 36.73
C ILE C 255 57.29 -41.59 35.86
N ARG C 256 56.42 -42.40 36.45
CA ARG C 256 55.74 -43.52 35.78
C ARG C 256 54.25 -43.45 36.07
N LEU C 257 53.46 -43.59 35.01
CA LEU C 257 52.00 -43.52 35.06
C LEU C 257 51.47 -44.91 34.84
N CYS C 258 50.89 -45.51 35.87
CA CYS C 258 50.42 -46.90 35.80
C CYS C 258 49.06 -47.05 35.15
N ARG C 259 48.89 -48.16 34.46
CA ARG C 259 47.62 -48.58 33.86
C ARG C 259 46.92 -47.51 33.09
N VAL C 260 47.61 -46.93 32.15
CA VAL C 260 47.02 -45.94 31.28
C VAL C 260 46.60 -46.58 29.97
N GLY C 261 45.44 -46.20 29.46
CA GLY C 261 45.00 -46.74 28.20
C GLY C 261 45.91 -46.21 27.13
N VAL C 262 46.24 -47.04 26.14
CA VAL C 262 47.09 -46.63 25.04
C VAL C 262 46.50 -47.03 23.72
N ASN C 263 45.21 -46.76 23.55
CA ASN C 263 44.57 -47.03 22.30
C ASN C 263 45.18 -46.08 21.28
N PRO C 264 45.71 -46.63 20.16
CA PRO C 264 46.35 -45.92 19.06
C PRO C 264 45.65 -44.67 18.58
N THR C 265 44.33 -44.68 18.62
CA THR C 265 43.55 -43.53 18.22
C THR C 265 43.58 -42.42 19.28
N ARG C 266 44.32 -42.65 20.36
CA ARG C 266 44.45 -41.66 21.45
C ARG C 266 45.92 -41.28 21.78
N LEU C 267 46.88 -41.79 21.01
CA LEU C 267 48.30 -41.59 21.34
C LEU C 267 48.94 -40.31 20.82
N GLY C 268 48.16 -39.48 20.17
CA GLY C 268 48.68 -38.22 19.63
C GLY C 268 49.66 -37.46 20.51
N VAL C 269 49.25 -37.12 21.74
CA VAL C 269 50.12 -36.30 22.58
C VAL C 269 51.52 -36.91 22.65
N ILE C 270 51.61 -38.21 22.82
CA ILE C 270 52.89 -38.89 22.87
C ILE C 270 53.62 -38.84 21.55
N ASN C 271 52.91 -39.12 20.47
CA ASN C 271 53.53 -39.09 19.15
C ASN C 271 54.21 -37.73 18.85
N LEU C 272 53.50 -36.64 19.17
CA LEU C 272 54.00 -35.27 18.92
C LEU C 272 55.09 -34.87 19.89
N LEU C 273 54.89 -35.13 21.18
CA LEU C 273 55.94 -34.83 22.10
C LEU C 273 57.25 -35.52 21.64
N LYS C 274 57.18 -36.78 21.23
CA LYS C 274 58.37 -37.50 20.76
C LYS C 274 58.98 -36.72 19.61
N MET C 275 58.17 -36.31 18.64
CA MET C 275 58.67 -35.49 17.52
C MET C 275 59.43 -34.28 18.02
N MET C 276 58.94 -33.70 19.09
CA MET C 276 59.50 -32.48 19.69
C MET C 276 60.75 -32.73 20.54
N GLY C 277 61.09 -34.00 20.75
CA GLY C 277 62.25 -34.38 21.54
C GLY C 277 61.94 -35.04 22.88
N ALA C 278 60.69 -35.39 23.14
CA ALA C 278 60.37 -35.95 24.46
C ALA C 278 60.98 -37.33 24.75
N ASP C 279 61.07 -37.62 26.06
CA ASP C 279 61.61 -38.88 26.58
C ASP C 279 60.48 -39.67 27.29
N ILE C 280 59.77 -40.45 26.48
CA ILE C 280 58.60 -41.21 26.91
C ILE C 280 58.71 -42.70 26.54
N GLU C 281 58.60 -43.56 27.56
CA GLU C 281 58.68 -45.02 27.37
C GLU C 281 57.40 -45.79 27.78
N VAL C 282 56.82 -46.49 26.82
CA VAL C 282 55.63 -47.30 27.03
C VAL C 282 56.07 -48.73 27.24
N THR C 283 55.77 -49.29 28.42
CA THR C 283 56.14 -50.66 28.76
C THR C 283 54.97 -51.42 29.44
N HIS C 284 55.22 -52.62 29.98
CA HIS C 284 54.21 -53.40 30.74
C HIS C 284 52.88 -53.43 29.99
N TYR C 285 52.96 -53.53 28.66
CA TYR C 285 51.82 -53.52 27.76
C TYR C 285 50.93 -54.75 27.97
N THR C 286 49.60 -54.58 27.88
CA THR C 286 48.64 -55.67 28.12
CA THR C 286 48.64 -55.67 28.12
C THR C 286 47.30 -55.41 27.42
N GLU C 287 46.40 -56.41 27.43
CA GLU C 287 45.04 -56.31 26.80
C GLU C 287 43.83 -56.97 27.52
N LYS C 288 42.71 -56.23 27.54
CA LYS C 288 41.47 -56.64 28.18
C LYS C 288 40.29 -55.75 27.69
N GLU C 291 40.34 -53.25 25.37
CA GLU C 291 41.12 -51.99 25.27
C GLU C 291 42.57 -52.11 25.78
N PRO C 292 43.56 -51.72 24.97
CA PRO C 292 44.99 -51.81 25.35
C PRO C 292 45.37 -50.88 26.49
N THR C 293 46.30 -51.34 27.33
CA THR C 293 46.75 -50.65 28.53
C THR C 293 48.29 -50.74 28.71
N ALA C 294 48.90 -49.71 29.31
CA ALA C 294 50.34 -49.74 29.51
C ALA C 294 50.81 -48.84 30.63
N ASP C 295 52.10 -48.93 30.96
CA ASP C 295 52.71 -48.08 31.98
C ASP C 295 53.54 -47.09 31.17
N ILE C 296 53.40 -45.79 31.46
CA ILE C 296 54.13 -44.73 30.71
C ILE C 296 55.16 -44.09 31.65
N THR C 297 56.41 -44.07 31.21
CA THR C 297 57.48 -43.54 32.05
C THR C 297 57.99 -42.33 31.36
N VAL C 298 58.09 -41.23 32.09
CA VAL C 298 58.48 -39.93 31.49
C VAL C 298 59.60 -39.26 32.28
N ARG C 299 60.56 -38.70 31.54
CA ARG C 299 61.70 -38.02 32.13
C ARG C 299 61.81 -36.71 31.44
N HIS C 300 62.39 -35.75 32.13
CA HIS C 300 62.61 -34.42 31.59
C HIS C 300 63.41 -34.45 30.32
N ALA C 301 63.01 -33.61 29.36
CA ALA C 301 63.71 -33.46 28.08
C ALA C 301 63.50 -32.06 27.54
N ARG C 302 64.41 -31.61 26.70
CA ARG C 302 64.36 -30.29 26.09
C ARG C 302 63.68 -30.53 24.81
N LEU C 303 62.86 -29.57 24.38
CA LEU C 303 62.04 -29.76 23.20
C LEU C 303 62.27 -28.73 22.14
N LYS C 304 62.02 -29.14 20.91
CA LYS C 304 62.14 -28.24 19.78
C LYS C 304 60.74 -28.08 19.18
N GLY C 305 60.37 -26.84 18.86
CA GLY C 305 59.08 -26.56 18.20
C GLY C 305 58.91 -27.39 16.94
N ILE C 306 57.66 -27.65 16.54
CA ILE C 306 57.36 -28.42 15.33
C ILE C 306 56.14 -27.90 14.59
N ASP C 307 55.96 -28.36 13.37
CA ASP C 307 54.74 -28.08 12.61
C ASP C 307 53.94 -29.33 12.80
N ILE C 308 52.79 -29.17 13.41
CA ILE C 308 51.94 -30.30 13.75
C ILE C 308 51.27 -30.83 12.50
N PRO C 309 51.58 -32.07 12.15
CA PRO C 309 51.05 -32.73 10.97
C PRO C 309 49.55 -32.87 11.09
N PRO C 310 48.79 -32.46 10.06
CA PRO C 310 47.33 -32.55 10.03
C PRO C 310 46.75 -33.89 10.47
N ASP C 311 47.35 -34.99 10.00
CA ASP C 311 46.88 -36.35 10.34
C ASP C 311 46.83 -36.64 11.85
N GLN C 312 47.60 -35.90 12.65
CA GLN C 312 47.58 -36.08 14.10
C GLN C 312 46.53 -35.20 14.81
N VAL C 313 45.98 -34.21 14.13
CA VAL C 313 45.05 -33.33 14.82
C VAL C 313 43.88 -34.07 15.44
N PRO C 314 43.04 -34.75 14.64
CA PRO C 314 41.91 -35.52 15.16
C PRO C 314 42.22 -36.40 16.38
N LEU C 315 43.32 -37.13 16.33
CA LEU C 315 43.73 -38.02 17.41
C LEU C 315 44.33 -37.30 18.63
N THR C 316 44.36 -35.99 18.62
CA THR C 316 45.02 -35.24 19.68
C THR C 316 44.21 -34.03 20.11
N ILE C 317 43.04 -33.87 19.53
CA ILE C 317 42.19 -32.71 19.70
C ILE C 317 42.08 -32.25 21.16
N ASP C 318 41.80 -33.16 22.06
CA ASP C 318 41.66 -32.79 23.44
C ASP C 318 43.02 -32.53 24.13
N GLU C 319 44.14 -32.90 23.52
CA GLU C 319 45.40 -32.64 24.19
C GLU C 319 46.13 -31.35 23.78
N PHE C 320 45.57 -30.60 22.86
CA PHE C 320 46.29 -29.37 22.48
C PHE C 320 46.44 -28.32 23.56
N PRO C 321 45.48 -28.24 24.48
CA PRO C 321 45.68 -27.26 25.49
C PRO C 321 46.98 -27.47 26.23
N VAL C 322 47.21 -28.69 26.69
CA VAL C 322 48.41 -28.93 27.44
C VAL C 322 49.62 -29.04 26.53
N LEU C 323 49.44 -29.55 25.32
CA LEU C 323 50.57 -29.62 24.39
C LEU C 323 51.12 -28.20 24.09
N LEU C 324 50.22 -27.23 23.98
CA LEU C 324 50.61 -25.87 23.71
C LEU C 324 51.50 -25.31 24.84
N ILE C 325 51.33 -25.80 26.06
CA ILE C 325 52.23 -25.40 27.17
C ILE C 325 53.65 -25.96 26.88
N ALA C 326 53.71 -27.17 26.35
CA ALA C 326 54.98 -27.74 25.90
C ALA C 326 55.56 -26.83 24.82
N ALA C 327 54.76 -26.45 23.81
CA ALA C 327 55.25 -25.56 22.72
C ALA C 327 55.82 -24.23 23.27
N ALA C 328 55.17 -23.69 24.31
CA ALA C 328 55.55 -22.44 24.92
C ALA C 328 56.94 -22.47 25.54
N VAL C 329 57.41 -23.62 25.96
CA VAL C 329 58.72 -23.70 26.62
C VAL C 329 59.73 -24.48 25.78
N ALA C 330 59.37 -24.78 24.55
CA ALA C 330 60.29 -25.46 23.64
C ALA C 330 61.20 -24.42 22.95
N GLN C 331 62.21 -24.90 22.25
CA GLN C 331 63.12 -24.04 21.50
C GLN C 331 62.53 -23.90 20.09
N GLY C 332 62.26 -22.68 19.65
CA GLY C 332 61.68 -22.49 18.32
C GLY C 332 60.17 -22.36 18.27
N LYS C 333 59.67 -22.40 17.03
CA LYS C 333 58.29 -22.11 16.69
C LYS C 333 57.43 -23.37 16.49
N THR C 334 56.20 -23.34 16.99
CA THR C 334 55.26 -24.45 16.75
C THR C 334 54.07 -23.86 16.03
N VAL C 335 53.55 -24.56 15.05
CA VAL C 335 52.39 -24.09 14.30
C VAL C 335 51.32 -25.17 14.28
N LEU C 336 50.12 -24.86 14.77
CA LEU C 336 48.99 -25.85 14.75
C LEU C 336 48.01 -25.42 13.70
N ARG C 337 47.55 -26.35 12.89
CA ARG C 337 46.56 -26.03 11.87
C ARG C 337 45.55 -27.12 11.79
N ASP C 338 44.46 -26.87 11.09
CA ASP C 338 43.36 -27.82 10.92
C ASP C 338 42.70 -28.20 12.25
N ALA C 339 42.74 -27.26 13.21
CA ALA C 339 42.19 -27.45 14.53
C ALA C 339 40.98 -26.56 14.83
N ALA C 340 40.22 -26.17 13.83
CA ALA C 340 39.02 -25.33 14.06
C ALA C 340 38.06 -25.95 15.06
N GLU C 341 38.09 -27.27 15.24
CA GLU C 341 37.17 -27.87 16.24
C GLU C 341 37.40 -27.36 17.66
N LEU C 342 38.62 -26.88 17.92
CA LEU C 342 38.94 -26.38 19.23
C LEU C 342 38.06 -25.23 19.62
N ARG C 343 37.58 -24.49 18.63
CA ARG C 343 36.77 -23.33 18.92
C ARG C 343 35.39 -23.65 19.40
N VAL C 344 34.95 -24.88 19.14
CA VAL C 344 33.58 -25.26 19.46
C VAL C 344 33.47 -26.34 20.51
N LYS C 345 34.31 -26.23 21.54
CA LYS C 345 34.31 -27.16 22.67
C LYS C 345 33.63 -26.50 23.90
N GLU C 346 33.91 -27.01 25.10
CA GLU C 346 33.38 -26.44 26.33
C GLU C 346 33.47 -24.93 26.16
N THR C 347 34.64 -24.51 25.70
CA THR C 347 34.90 -23.14 25.41
C THR C 347 35.72 -23.09 24.11
N ASP C 348 36.00 -21.89 23.62
CA ASP C 348 36.86 -21.75 22.47
C ASP C 348 38.28 -21.96 23.05
N ARG C 349 38.83 -23.13 22.80
CA ARG C 349 40.13 -23.46 23.33
C ARG C 349 41.30 -22.70 22.71
N ILE C 350 41.16 -22.22 21.48
CA ILE C 350 42.26 -21.45 20.89
C ILE C 350 42.32 -20.10 21.60
N ALA C 351 41.21 -19.38 21.53
CA ALA C 351 41.10 -18.09 22.22
C ALA C 351 41.59 -18.20 23.65
N ALA C 352 41.17 -19.25 24.35
CA ALA C 352 41.50 -19.39 25.76
C ALA C 352 42.97 -19.67 26.04
N MET C 353 43.64 -20.46 25.20
CA MET C 353 45.08 -20.73 25.42
C MET C 353 45.93 -19.52 25.01
N VAL C 354 45.58 -18.91 23.89
CA VAL C 354 46.30 -17.72 23.41
C VAL C 354 46.27 -16.62 24.49
N ASP C 355 45.10 -16.38 25.07
CA ASP C 355 44.95 -15.32 26.07
C ASP C 355 45.82 -15.63 27.28
N GLY C 356 45.71 -16.85 27.76
CA GLY C 356 46.47 -17.26 28.91
C GLY C 356 47.96 -17.24 28.65
N LEU C 357 48.39 -17.79 27.52
CA LEU C 357 49.81 -17.82 27.22
C LEU C 357 50.35 -16.38 27.17
N GLN C 358 49.64 -15.48 26.49
CA GLN C 358 50.06 -14.07 26.43
C GLN C 358 50.16 -13.49 27.84
N LYS C 359 49.17 -13.76 28.69
CA LYS C 359 49.24 -13.23 30.05
C LYS C 359 50.44 -13.81 30.82
N LEU C 360 50.91 -14.99 30.45
CA LEU C 360 52.10 -15.56 31.09
C LEU C 360 53.40 -15.27 30.30
N GLY C 361 53.34 -14.31 29.38
CA GLY C 361 54.50 -13.85 28.64
C GLY C 361 54.96 -14.64 27.42
N ILE C 362 54.04 -15.22 26.69
CA ILE C 362 54.44 -16.03 25.56
C ILE C 362 53.85 -15.42 24.30
N ALA C 363 54.68 -15.38 23.26
CA ALA C 363 54.23 -14.85 22.00
C ALA C 363 53.38 -15.94 21.37
N ALA C 364 52.07 -15.80 21.45
CA ALA C 364 51.17 -16.76 20.87
C ALA C 364 50.20 -15.97 20.03
N GLU C 365 50.05 -16.43 18.80
CA GLU C 365 49.24 -15.76 17.81
C GLU C 365 48.18 -16.72 17.31
N SER C 366 46.96 -16.23 17.22
CA SER C 366 45.84 -17.03 16.81
C SER C 366 45.66 -17.16 15.29
N LEU C 367 45.12 -18.29 14.86
CA LEU C 367 44.71 -18.54 13.49
C LEU C 367 43.26 -19.07 13.50
N PRO C 368 42.51 -18.86 12.43
CA PRO C 368 41.14 -19.39 12.44
C PRO C 368 41.10 -20.87 12.77
N ASP C 369 42.09 -21.62 12.28
CA ASP C 369 42.17 -23.07 12.53
C ASP C 369 43.36 -23.52 13.39
N GLY C 370 43.92 -22.64 14.20
CA GLY C 370 45.05 -23.08 15.03
C GLY C 370 45.76 -21.96 15.73
N VAL C 371 47.07 -22.11 15.94
CA VAL C 371 47.91 -21.09 16.55
C VAL C 371 49.34 -21.21 16.13
N ILE C 372 50.05 -20.09 16.26
CA ILE C 372 51.47 -20.00 16.03
C ILE C 372 52.10 -19.65 17.37
N ILE C 373 53.00 -20.49 17.85
CA ILE C 373 53.66 -20.23 19.12
C ILE C 373 55.17 -20.13 19.02
N GLN C 374 55.69 -19.11 19.69
CA GLN C 374 57.12 -18.86 19.73
C GLN C 374 57.63 -19.30 21.08
N GLY C 375 58.40 -20.38 21.10
CA GLY C 375 58.93 -20.94 22.34
C GLY C 375 59.69 -19.87 23.07
N GLY C 376 59.58 -19.84 24.41
CA GLY C 376 60.16 -18.77 25.20
C GLY C 376 60.21 -19.09 26.67
N THR C 377 59.72 -18.17 27.50
CA THR C 377 59.79 -18.35 28.94
C THR C 377 58.52 -17.93 29.65
N LEU C 378 57.91 -18.90 30.31
CA LEU C 378 56.70 -18.68 31.05
C LEU C 378 57.00 -17.90 32.31
N GLU C 379 56.20 -16.86 32.55
CA GLU C 379 56.30 -16.02 33.75
C GLU C 379 55.16 -16.39 34.66
N GLY C 380 55.23 -15.96 35.91
CA GLY C 380 54.11 -16.12 36.84
C GLY C 380 53.08 -15.07 36.42
N GLY C 381 51.84 -15.29 36.82
CA GLY C 381 50.76 -14.36 36.55
C GLY C 381 49.39 -14.92 36.92
N GLU C 382 48.38 -14.53 36.15
CA GLU C 382 47.02 -14.91 36.40
C GLU C 382 46.31 -15.15 35.08
N VAL C 383 45.58 -16.24 34.99
CA VAL C 383 44.85 -16.56 33.78
C VAL C 383 43.45 -16.99 34.16
N ASN C 384 42.55 -16.98 33.18
CA ASN C 384 41.17 -17.45 33.39
C ASN C 384 40.97 -18.82 32.74
N SER C 385 40.34 -19.75 33.45
CA SER C 385 40.10 -21.10 32.93
C SER C 385 38.99 -21.11 31.92
N TYR C 386 38.20 -20.03 31.89
CA TYR C 386 37.03 -19.96 31.00
C TYR C 386 36.05 -21.14 31.26
N ASP C 387 36.10 -21.64 32.50
CA ASP C 387 35.26 -22.73 33.01
C ASP C 387 35.53 -24.07 32.34
N ASP C 388 36.63 -24.15 31.64
CA ASP C 388 36.99 -25.34 30.90
C ASP C 388 38.05 -26.13 31.65
N HIS C 389 37.74 -27.40 31.89
CA HIS C 389 38.60 -28.26 32.68
C HIS C 389 39.99 -28.46 32.11
N ARG C 390 40.12 -28.53 30.79
CA ARG C 390 41.46 -28.73 30.21
C ARG C 390 42.29 -27.42 30.20
N ILE C 391 41.65 -26.27 30.01
CA ILE C 391 42.39 -25.01 30.05
C ILE C 391 42.97 -24.86 31.46
N ALA C 392 42.14 -25.09 32.47
CA ALA C 392 42.58 -25.02 33.87
C ALA C 392 43.76 -25.95 34.18
N MET C 393 43.63 -27.22 33.87
CA MET C 393 44.74 -28.13 34.15
C MET C 393 45.99 -27.76 33.32
N ALA C 394 45.80 -27.38 32.06
CA ALA C 394 46.93 -26.96 31.21
C ALA C 394 47.76 -25.84 31.91
N PHE C 395 47.08 -24.84 32.44
CA PHE C 395 47.80 -23.79 33.12
C PHE C 395 48.36 -24.20 34.46
N ALA C 396 47.73 -25.18 35.10
CA ALA C 396 48.28 -25.73 36.32
C ALA C 396 49.58 -26.46 35.93
N VAL C 397 49.61 -27.13 34.78
CA VAL C 397 50.87 -27.71 34.30
C VAL C 397 51.89 -26.57 34.00
N ALA C 398 51.41 -25.48 33.43
CA ALA C 398 52.28 -24.33 33.11
C ALA C 398 53.01 -23.85 34.37
N GLY C 399 52.34 -23.91 35.51
CA GLY C 399 52.90 -23.48 36.81
C GLY C 399 54.18 -24.16 37.25
N THR C 400 54.37 -25.40 36.81
CA THR C 400 55.56 -26.13 37.19
C THR C 400 56.85 -25.43 36.73
N LEU C 401 56.86 -24.80 35.53
CA LEU C 401 58.08 -24.13 34.98
C LEU C 401 58.04 -22.60 34.99
N ALA C 402 56.85 -22.00 35.15
CA ALA C 402 56.73 -20.54 35.23
C ALA C 402 57.70 -19.97 36.26
N LYS C 403 58.26 -18.80 35.95
CA LYS C 403 59.17 -18.12 36.85
C LYS C 403 58.54 -17.78 38.19
N GLY C 404 57.23 -17.65 38.25
CA GLY C 404 56.56 -17.33 39.52
C GLY C 404 55.22 -17.98 39.67
N PRO C 405 54.49 -17.62 40.74
CA PRO C 405 53.20 -18.26 40.96
C PRO C 405 52.22 -18.01 39.82
N VAL C 406 51.39 -19.02 39.52
CA VAL C 406 50.33 -18.90 38.51
C VAL C 406 48.97 -19.10 39.14
N ARG C 407 48.14 -18.08 39.09
CA ARG C 407 46.78 -18.17 39.59
C ARG C 407 45.86 -18.44 38.41
N ILE C 408 45.19 -19.59 38.47
CA ILE C 408 44.17 -19.97 37.46
C ILE C 408 42.80 -19.76 38.10
N ARG C 409 41.99 -18.90 37.50
CA ARG C 409 40.66 -18.65 38.09
C ARG C 409 39.58 -19.65 37.64
N ASN C 410 38.69 -19.98 38.58
CA ASN C 410 37.50 -20.84 38.35
C ASN C 410 37.80 -22.26 37.89
N CYS C 411 38.15 -23.10 38.85
CA CYS C 411 38.55 -24.46 38.56
C CYS C 411 37.57 -25.50 39.06
N ASP C 412 36.36 -25.07 39.37
CA ASP C 412 35.36 -26.02 39.87
C ASP C 412 35.06 -27.09 38.83
N ASN C 413 35.26 -26.77 37.55
CA ASN C 413 34.97 -27.73 36.52
C ASN C 413 36.06 -28.76 36.22
N VAL C 414 37.20 -28.68 36.91
CA VAL C 414 38.19 -29.71 36.73
C VAL C 414 37.55 -31.09 37.03
N LYS C 415 36.60 -31.16 37.94
CA LYS C 415 35.96 -32.44 38.22
C LYS C 415 35.08 -32.95 37.07
N THR C 416 34.94 -32.21 35.97
CA THR C 416 34.16 -32.78 34.88
C THR C 416 34.92 -34.02 34.34
N SER C 417 36.25 -34.05 34.46
CA SER C 417 37.03 -35.21 33.97
C SER C 417 38.15 -35.69 34.88
N PHE C 418 38.45 -34.95 35.93
CA PHE C 418 39.59 -35.33 36.75
C PHE C 418 39.39 -34.85 38.20
N PRO C 419 38.45 -35.47 38.90
CA PRO C 419 38.12 -35.15 40.27
C PRO C 419 39.30 -35.12 41.22
N ASN C 420 40.23 -36.06 41.10
CA ASN C 420 41.39 -36.09 42.05
C ASN C 420 42.67 -35.44 41.53
N PHE C 421 42.55 -34.50 40.60
CA PHE C 421 43.73 -33.85 39.99
C PHE C 421 44.69 -33.20 40.96
N VAL C 422 44.15 -32.43 41.90
CA VAL C 422 45.00 -31.72 42.83
C VAL C 422 45.81 -32.69 43.68
N GLU C 423 45.14 -33.75 44.14
CA GLU C 423 45.77 -34.71 45.01
C GLU C 423 46.89 -35.40 44.23
N LEU C 424 46.63 -35.89 43.04
CA LEU C 424 47.68 -36.54 42.27
C LEU C 424 48.79 -35.56 41.87
N ALA C 425 48.44 -34.32 41.61
CA ALA C 425 49.47 -33.35 41.22
C ALA C 425 50.50 -33.24 42.34
N ASN C 426 50.01 -32.95 43.55
CA ASN C 426 50.88 -32.74 44.68
C ASN C 426 51.69 -33.96 45.03
N GLU C 427 51.10 -35.12 44.88
CA GLU C 427 51.75 -36.36 45.18
C GLU C 427 52.95 -36.58 44.21
N VAL C 428 52.88 -36.19 42.94
CA VAL C 428 54.07 -36.39 42.09
C VAL C 428 55.02 -35.20 42.15
N GLY C 429 54.75 -34.23 43.01
N GLY C 429 54.75 -34.23 43.01
CA GLY C 429 55.62 -33.08 43.14
CA GLY C 429 55.63 -33.08 43.14
C GLY C 429 55.28 -31.81 42.37
C GLY C 429 55.28 -31.81 42.38
N MET C 430 54.13 -31.76 41.70
CA MET C 430 53.73 -30.49 41.05
C MET C 430 52.82 -29.78 42.06
N ASN C 431 53.13 -28.52 42.34
CA ASN C 431 52.41 -27.75 43.38
C ASN C 431 51.17 -27.00 42.89
N VAL C 432 50.03 -27.43 43.40
CA VAL C 432 48.76 -26.85 43.06
C VAL C 432 47.90 -26.90 44.30
N LYS C 433 47.28 -25.78 44.62
CA LYS C 433 46.39 -25.62 45.76
C LYS C 433 45.07 -25.03 45.36
N GLY C 434 44.01 -25.57 45.91
CA GLY C 434 42.70 -25.01 45.74
C GLY C 434 42.59 -23.88 46.74
N VAL C 435 42.21 -22.67 46.30
CA VAL C 435 42.08 -21.52 47.19
C VAL C 435 40.84 -20.73 46.80
N ARG C 436 40.28 -20.03 47.80
CA ARG C 436 39.05 -19.27 47.63
C ARG C 436 39.16 -18.33 46.46
N GLY C 437 38.16 -18.38 45.58
CA GLY C 437 38.14 -17.54 44.39
C GLY C 437 37.39 -16.23 44.60
N ARG C 438 36.64 -15.78 43.59
CA ARG C 438 36.03 -14.44 43.60
C ARG C 438 34.84 -14.39 42.62
N GLY C 439 33.78 -13.65 42.97
CA GLY C 439 32.60 -13.48 42.10
C GLY C 439 31.34 -14.26 42.51
N ASN D 2 1.38 -7.91 -25.86
CA ASN D 2 1.10 -8.84 -27.01
C ASN D 2 -0.39 -9.33 -26.87
N ALA D 3 -0.99 -9.83 -27.96
CA ALA D 3 -2.43 -10.20 -28.00
C ALA D 3 -2.89 -11.38 -27.09
N MET D 4 -4.20 -11.51 -26.97
CA MET D 4 -4.79 -12.62 -26.25
C MET D 4 -5.90 -13.27 -27.15
N ASP D 5 -5.93 -14.59 -27.17
CA ASP D 5 -6.91 -15.35 -27.97
C ASP D 5 -7.68 -16.23 -27.03
N TYR D 6 -8.78 -16.77 -27.50
CA TYR D 6 -9.50 -17.77 -26.74
C TYR D 6 -9.27 -19.14 -27.37
N GLN D 7 -9.20 -20.19 -26.56
CA GLN D 7 -9.04 -21.55 -27.05
C GLN D 7 -10.00 -22.46 -26.33
N THR D 8 -10.84 -23.16 -27.07
CA THR D 8 -11.80 -24.04 -26.49
C THR D 8 -11.55 -25.52 -26.76
N ILE D 9 -12.16 -26.37 -25.92
CA ILE D 9 -12.27 -27.80 -26.15
C ILE D 9 -13.73 -28.09 -25.91
N PRO D 10 -14.25 -29.19 -26.47
CA PRO D 10 -15.71 -29.47 -26.35
C PRO D 10 -16.18 -29.64 -24.93
N SER D 11 -17.47 -29.54 -24.72
CA SER D 11 -18.01 -29.66 -23.38
C SER D 11 -18.81 -30.95 -23.25
N GLN D 12 -18.74 -31.56 -22.08
CA GLN D 12 -19.53 -32.76 -21.87
C GLN D 12 -20.84 -32.42 -21.22
N GLY D 13 -21.17 -31.13 -21.18
CA GLY D 13 -22.45 -30.66 -20.65
C GLY D 13 -22.31 -29.51 -19.68
N LEU D 14 -23.18 -28.50 -19.84
CA LEU D 14 -23.13 -27.37 -18.93
C LEU D 14 -23.94 -27.66 -17.66
N SER D 15 -23.46 -27.12 -16.56
CA SER D 15 -24.10 -27.34 -15.29
C SER D 15 -23.81 -26.25 -14.26
N GLY D 16 -24.84 -25.77 -13.58
CA GLY D 16 -24.68 -24.78 -12.51
C GLY D 16 -25.67 -23.60 -12.48
N GLU D 17 -25.42 -22.66 -11.57
CA GLU D 17 -26.21 -21.44 -11.49
C GLU D 17 -25.21 -20.25 -11.55
N ILE D 18 -25.43 -19.34 -12.49
CA ILE D 18 -24.56 -18.20 -12.59
C ILE D 18 -25.33 -16.93 -12.89
N CYS D 19 -24.82 -15.84 -12.30
CA CYS D 19 -25.41 -14.51 -12.45
C CYS D 19 -24.56 -13.69 -13.38
N VAL D 20 -25.08 -13.43 -14.57
CA VAL D 20 -24.34 -12.65 -15.56
C VAL D 20 -24.25 -11.20 -15.06
N PRO D 21 -23.23 -10.47 -15.52
CA PRO D 21 -23.11 -9.09 -15.04
C PRO D 21 -24.15 -8.12 -15.63
N GLY D 22 -24.11 -6.88 -15.17
CA GLY D 22 -25.09 -5.85 -15.58
C GLY D 22 -25.32 -5.57 -17.06
N ASP D 23 -26.48 -5.01 -17.33
CA ASP D 23 -26.95 -4.69 -18.65
C ASP D 23 -26.27 -3.44 -19.15
N LYS D 24 -25.65 -3.57 -20.33
CA LYS D 24 -24.89 -2.48 -20.92
C LYS D 24 -25.76 -1.26 -21.26
N SER D 25 -26.88 -1.53 -21.93
CA SER D 25 -27.79 -0.50 -22.35
C SER D 25 -28.34 0.32 -21.18
N ILE D 26 -28.78 -0.36 -20.15
CA ILE D 26 -29.27 0.31 -18.96
C ILE D 26 -28.15 1.01 -18.24
N SER D 27 -26.96 0.39 -18.17
CA SER D 27 -25.84 1.02 -17.47
C SER D 27 -25.46 2.38 -18.10
N HIS D 28 -25.52 2.51 -19.43
CA HIS D 28 -25.11 3.75 -20.06
C HIS D 28 -26.04 4.88 -19.69
N ARG D 29 -27.31 4.59 -19.76
CA ARG D 29 -28.35 5.54 -19.53
C ARG D 29 -28.40 5.93 -18.09
N ALA D 30 -28.20 4.96 -17.22
CA ALA D 30 -28.27 5.20 -15.81
C ALA D 30 -27.20 6.18 -15.34
N VAL D 31 -25.98 6.00 -15.80
CA VAL D 31 -24.91 6.89 -15.37
C VAL D 31 -25.03 8.30 -16.02
N LEU D 32 -25.49 8.39 -17.26
CA LEU D 32 -25.59 9.70 -17.90
C LEU D 32 -26.70 10.52 -17.23
N LEU D 33 -27.81 9.89 -16.91
CA LEU D 33 -28.92 10.60 -16.32
C LEU D 33 -28.60 10.98 -14.88
N ALA D 34 -27.97 10.05 -14.16
CA ALA D 34 -27.57 10.34 -12.78
C ALA D 34 -26.60 11.50 -12.74
N ALA D 35 -25.79 11.61 -13.77
CA ALA D 35 -24.75 12.62 -13.82
C ALA D 35 -25.31 14.04 -13.75
N ILE D 36 -26.44 14.24 -14.45
CA ILE D 36 -27.04 15.54 -14.53
C ILE D 36 -28.27 15.73 -13.66
N ALA D 37 -28.54 14.74 -12.78
CA ALA D 37 -29.67 14.79 -11.85
C ALA D 37 -29.30 15.67 -10.61
N GLU D 38 -30.26 15.85 -9.70
CA GLU D 38 -30.04 16.63 -8.49
C GLU D 38 -30.02 15.67 -7.35
N GLY D 39 -28.89 15.60 -6.66
CA GLY D 39 -28.72 14.67 -5.57
C GLY D 39 -27.75 13.50 -5.91
N GLN D 40 -27.71 12.56 -4.99
CA GLN D 40 -26.86 11.41 -5.06
C GLN D 40 -27.61 10.18 -5.53
N THR D 41 -27.08 9.51 -6.56
CA THR D 41 -27.64 8.29 -7.11
C THR D 41 -26.63 7.14 -6.89
N GLN D 42 -27.08 6.08 -6.23
CA GLN D 42 -26.26 4.89 -6.03
C GLN D 42 -26.72 3.91 -7.09
N VAL D 43 -25.78 3.42 -7.90
CA VAL D 43 -26.07 2.45 -8.97
C VAL D 43 -25.41 1.09 -8.69
N ASP D 44 -26.24 0.08 -8.47
CA ASP D 44 -25.78 -1.28 -8.21
C ASP D 44 -25.92 -2.05 -9.51
N GLY D 45 -25.00 -3.00 -9.70
CA GLY D 45 -25.05 -3.87 -10.87
C GLY D 45 -24.57 -3.20 -12.12
N PHE D 46 -23.92 -2.06 -11.96
CA PHE D 46 -23.38 -1.34 -13.09
C PHE D 46 -22.31 -2.20 -13.73
N LEU D 47 -22.36 -2.28 -15.05
CA LEU D 47 -21.45 -3.09 -15.83
C LEU D 47 -20.11 -2.46 -15.91
N MET D 48 -19.14 -3.11 -15.33
CA MET D 48 -17.79 -2.56 -15.31
C MET D 48 -16.96 -2.99 -16.54
N GLY D 49 -17.54 -2.83 -17.73
CA GLY D 49 -16.90 -3.13 -19.00
C GLY D 49 -16.31 -1.88 -19.63
N ALA D 50 -15.50 -2.07 -20.67
CA ALA D 50 -14.79 -0.97 -21.29
C ALA D 50 -15.71 0.07 -21.84
N ASP D 51 -16.80 -0.33 -22.48
CA ASP D 51 -17.78 0.60 -23.04
C ASP D 51 -18.46 1.45 -21.95
N ASN D 52 -19.03 0.82 -20.93
CA ASN D 52 -19.67 1.56 -19.87
C ASN D 52 -18.69 2.45 -19.11
N LEU D 53 -17.44 2.01 -19.00
CA LEU D 53 -16.44 2.80 -18.31
C LEU D 53 -15.97 3.98 -19.15
N ALA D 54 -16.13 3.87 -20.48
CA ALA D 54 -15.71 4.95 -21.37
C ALA D 54 -16.76 6.08 -21.25
N MET D 55 -18.02 5.69 -21.11
CA MET D 55 -19.11 6.64 -20.85
C MET D 55 -18.83 7.41 -19.55
N VAL D 56 -18.48 6.68 -18.50
CA VAL D 56 -18.11 7.31 -17.21
C VAL D 56 -17.00 8.31 -17.40
N SER D 57 -15.95 7.86 -18.05
CA SER D 57 -14.77 8.69 -18.28
C SER D 57 -15.05 9.99 -19.07
N ALA D 58 -15.87 9.88 -20.11
CA ALA D 58 -16.27 11.04 -20.91
C ALA D 58 -17.04 11.99 -19.99
N LEU D 59 -18.05 11.49 -19.29
CA LEU D 59 -18.79 12.33 -18.34
C LEU D 59 -17.83 13.01 -17.37
N GLN D 60 -16.81 12.31 -16.88
CA GLN D 60 -15.88 12.94 -15.95
C GLN D 60 -15.10 14.10 -16.59
N GLN D 61 -14.87 14.01 -17.88
CA GLN D 61 -14.16 15.07 -18.57
C GLN D 61 -14.97 16.37 -18.50
N MET D 62 -16.27 16.23 -18.37
CA MET D 62 -17.15 17.36 -18.36
C MET D 62 -17.65 17.72 -16.95
N GLY D 63 -16.94 17.25 -15.93
CA GLY D 63 -17.30 17.59 -14.55
C GLY D 63 -18.35 16.74 -13.85
N ALA D 64 -18.71 15.59 -14.39
CA ALA D 64 -19.58 14.74 -13.61
C ALA D 64 -18.78 14.26 -12.40
N SER D 65 -19.46 14.04 -11.27
CA SER D 65 -18.85 13.54 -10.06
C SER D 65 -19.33 12.12 -9.91
N ILE D 66 -18.46 11.18 -10.26
CA ILE D 66 -18.78 9.76 -10.28
C ILE D 66 -17.69 9.01 -9.55
N GLN D 67 -18.08 8.14 -8.65
CA GLN D 67 -17.13 7.36 -7.90
C GLN D 67 -17.32 5.91 -8.34
N VAL D 68 -16.26 5.32 -8.88
CA VAL D 68 -16.32 3.97 -9.36
C VAL D 68 -15.84 3.02 -8.28
N ILE D 69 -16.67 2.03 -7.95
CA ILE D 69 -16.28 0.96 -7.00
C ILE D 69 -16.35 -0.35 -7.81
N GLU D 70 -15.30 -0.52 -8.61
CA GLU D 70 -15.21 -1.59 -9.56
C GLU D 70 -15.49 -2.99 -9.03
N ASP D 71 -14.85 -3.35 -7.92
CA ASP D 71 -15.02 -4.72 -7.41
C ASP D 71 -16.42 -5.08 -6.97
N GLU D 72 -17.25 -4.06 -6.69
CA GLU D 72 -18.62 -4.29 -6.27
C GLU D 72 -19.69 -3.93 -7.31
N ASN D 73 -19.26 -3.50 -8.49
CA ASN D 73 -20.17 -3.10 -9.55
C ASN D 73 -21.10 -1.97 -9.07
N ILE D 74 -20.51 -1.04 -8.33
CA ILE D 74 -21.23 0.06 -7.82
C ILE D 74 -20.66 1.41 -8.27
N LEU D 75 -21.54 2.31 -8.64
CA LEU D 75 -21.17 3.70 -8.90
C LEU D 75 -21.92 4.58 -7.85
N VAL D 76 -21.27 5.63 -7.35
CA VAL D 76 -21.93 6.64 -6.52
C VAL D 76 -21.79 7.97 -7.26
N VAL D 77 -22.91 8.46 -7.80
CA VAL D 77 -22.94 9.69 -8.55
C VAL D 77 -23.47 10.88 -7.75
N GLU D 78 -22.69 11.96 -7.69
CA GLU D 78 -23.16 13.20 -7.07
C GLU D 78 -23.61 14.10 -8.21
N GLY D 79 -24.92 14.13 -8.44
CA GLY D 79 -25.47 14.93 -9.54
C GLY D 79 -24.97 16.37 -9.59
N VAL D 80 -24.81 16.89 -10.79
CA VAL D 80 -24.47 18.29 -10.97
C VAL D 80 -25.62 19.13 -11.58
N GLY D 81 -26.82 18.56 -11.70
CA GLY D 81 -27.97 19.26 -12.29
C GLY D 81 -27.88 19.42 -13.81
N MET D 82 -29.01 19.77 -14.43
CA MET D 82 -29.07 19.84 -15.88
C MET D 82 -27.98 20.69 -16.46
N THR D 83 -27.72 21.80 -15.81
CA THR D 83 -26.75 22.79 -16.31
C THR D 83 -25.38 22.73 -15.65
N GLY D 84 -25.13 21.73 -14.82
CA GLY D 84 -23.85 21.66 -14.11
C GLY D 84 -22.59 21.21 -14.85
N LEU D 85 -22.70 20.82 -16.13
CA LEU D 85 -21.50 20.30 -16.85
C LEU D 85 -20.55 21.40 -17.27
N GLN D 86 -19.29 21.07 -17.44
CA GLN D 86 -18.34 22.09 -17.89
C GLN D 86 -17.70 21.63 -19.18
N ALA D 87 -17.31 22.59 -19.99
CA ALA D 87 -16.66 22.34 -21.27
C ALA D 87 -15.40 21.52 -21.07
N PRO D 88 -15.27 20.40 -21.80
CA PRO D 88 -14.06 19.62 -21.67
C PRO D 88 -12.95 20.22 -22.47
N PRO D 89 -11.74 20.01 -22.00
CA PRO D 89 -10.58 20.53 -22.63
C PRO D 89 -10.15 19.77 -23.87
N GLU D 90 -10.52 18.51 -23.98
CA GLU D 90 -10.10 17.70 -25.12
C GLU D 90 -11.29 16.95 -25.68
N ALA D 91 -11.04 16.28 -26.80
CA ALA D 91 -12.05 15.47 -27.45
C ALA D 91 -12.46 14.29 -26.52
N LEU D 92 -13.75 13.99 -26.45
CA LEU D 92 -14.23 12.86 -25.61
C LEU D 92 -13.97 11.49 -26.28
N ASP D 93 -13.12 10.68 -25.69
CA ASP D 93 -12.84 9.35 -26.26
C ASP D 93 -13.93 8.36 -25.84
N CYS D 94 -14.80 7.98 -26.78
CA CYS D 94 -15.87 7.01 -26.50
C CYS D 94 -15.43 5.55 -26.76
N GLY D 95 -14.13 5.36 -26.91
CA GLY D 95 -13.59 4.04 -27.17
C GLY D 95 -14.29 3.37 -28.32
N ASN D 96 -14.80 2.16 -28.07
CA ASN D 96 -15.46 1.35 -29.07
C ASN D 96 -16.98 1.47 -29.01
N SER D 97 -17.47 2.40 -28.19
CA SER D 97 -18.90 2.45 -27.87
C SER D 97 -19.80 3.35 -28.68
N GLY D 98 -20.57 2.72 -29.57
CA GLY D 98 -21.54 3.41 -30.39
C GLY D 98 -22.63 4.04 -29.52
N THR D 99 -23.15 3.32 -28.52
CA THR D 99 -24.20 3.88 -27.66
C THR D 99 -23.70 5.14 -26.98
N ALA D 100 -22.47 5.13 -26.48
CA ALA D 100 -21.95 6.31 -25.83
C ALA D 100 -21.91 7.47 -26.78
N ILE D 101 -21.30 7.30 -27.94
CA ILE D 101 -21.12 8.47 -28.82
C ILE D 101 -22.43 9.08 -29.27
N ARG D 102 -23.44 8.24 -29.47
CA ARG D 102 -24.73 8.71 -29.95
C ARG D 102 -25.57 9.37 -28.83
N LEU D 103 -25.61 8.73 -27.67
CA LEU D 103 -26.33 9.30 -26.51
C LEU D 103 -25.66 10.61 -26.07
N LEU D 104 -24.33 10.60 -25.92
CA LEU D 104 -23.62 11.81 -25.56
C LEU D 104 -24.00 12.93 -26.55
N SER D 105 -24.02 12.61 -27.83
CA SER D 105 -24.35 13.63 -28.83
C SER D 105 -25.64 14.38 -28.57
N GLY D 106 -26.67 13.69 -28.06
CA GLY D 106 -27.97 14.32 -27.76
C GLY D 106 -27.94 15.15 -26.49
N LEU D 107 -27.12 14.71 -25.56
CA LEU D 107 -26.92 15.38 -24.30
C LEU D 107 -26.16 16.66 -24.54
N LEU D 108 -25.21 16.62 -25.47
CA LEU D 108 -24.35 17.75 -25.72
C LEU D 108 -24.82 18.77 -26.78
N ALA D 109 -25.88 18.41 -27.52
CA ALA D 109 -26.47 19.25 -28.57
C ALA D 109 -26.94 20.57 -27.99
N GLY D 110 -27.66 20.51 -26.86
CA GLY D 110 -28.22 21.68 -26.18
C GLY D 110 -27.33 22.36 -25.11
N GLN D 111 -26.06 21.98 -25.02
CA GLN D 111 -25.20 22.59 -24.03
C GLN D 111 -24.71 23.93 -24.54
N PRO D 112 -24.34 24.84 -23.64
CA PRO D 112 -23.81 26.10 -24.09
C PRO D 112 -22.33 26.02 -24.38
N PHE D 113 -21.81 24.85 -24.71
CA PHE D 113 -20.38 24.76 -25.04
C PHE D 113 -20.17 23.81 -26.21
N ASN D 114 -18.92 23.79 -26.66
CA ASN D 114 -18.50 22.95 -27.77
C ASN D 114 -17.85 21.66 -27.30
N THR D 115 -18.11 20.57 -28.04
CA THR D 115 -17.51 19.28 -27.73
C THR D 115 -17.09 18.52 -28.99
N VAL D 116 -15.95 17.85 -28.92
CA VAL D 116 -15.51 16.95 -29.98
C VAL D 116 -15.65 15.51 -29.45
N LEU D 117 -16.44 14.70 -30.13
CA LEU D 117 -16.62 13.33 -29.76
C LEU D 117 -15.92 12.44 -30.79
N THR D 118 -15.08 11.53 -30.33
CA THR D 118 -14.44 10.58 -31.21
CA THR D 118 -14.44 10.58 -31.21
C THR D 118 -14.37 9.22 -30.51
N GLY D 119 -13.50 8.33 -31.02
CA GLY D 119 -13.33 7.00 -30.46
C GLY D 119 -12.22 6.24 -31.18
N ASP D 120 -12.29 4.92 -31.15
CA ASP D 120 -11.25 4.09 -31.77
C ASP D 120 -11.62 3.93 -33.25
N SER D 121 -10.77 3.22 -34.02
CA SER D 121 -10.98 3.04 -35.50
C SER D 121 -12.33 2.53 -35.86
N SER D 122 -12.72 1.46 -35.18
CA SER D 122 -14.03 0.88 -35.37
C SER D 122 -15.14 1.93 -35.17
N LEU D 123 -15.05 2.74 -34.12
CA LEU D 123 -16.11 3.72 -33.86
C LEU D 123 -16.15 4.79 -34.96
N GLN D 124 -14.98 5.11 -35.52
CA GLN D 124 -14.88 6.12 -36.58
C GLN D 124 -15.42 5.71 -37.96
N ARG D 125 -15.89 4.47 -38.07
CA ARG D 125 -16.51 3.98 -39.31
C ARG D 125 -18.03 3.87 -39.13
N ARG D 126 -18.51 4.09 -37.92
CA ARG D 126 -19.92 3.91 -37.67
C ARG D 126 -20.73 5.12 -38.03
N PRO D 127 -21.90 4.89 -38.67
CA PRO D 127 -22.81 5.89 -39.22
C PRO D 127 -23.49 6.80 -38.19
N MET D 128 -23.54 8.09 -38.49
CA MET D 128 -24.14 9.06 -37.57
C MET D 128 -25.26 9.91 -38.18
N LYS D 129 -25.51 9.74 -39.48
CA LYS D 129 -26.55 10.50 -40.17
C LYS D 129 -27.86 10.38 -39.39
N ARG D 130 -28.16 9.14 -38.98
CA ARG D 130 -29.40 8.85 -38.28
C ARG D 130 -29.61 9.78 -37.06
N ILE D 131 -28.53 10.35 -36.51
CA ILE D 131 -28.69 11.27 -35.42
C ILE D 131 -28.42 12.70 -35.88
N ILE D 132 -27.42 12.90 -36.73
CA ILE D 132 -27.12 14.26 -37.17
C ILE D 132 -28.34 14.99 -37.75
N ASP D 133 -29.08 14.32 -38.62
CA ASP D 133 -30.21 14.96 -39.27
C ASP D 133 -31.27 15.41 -38.31
N PRO D 134 -31.83 14.50 -37.51
CA PRO D 134 -32.87 14.96 -36.58
C PRO D 134 -32.37 16.00 -35.57
N LEU D 135 -31.12 15.90 -35.11
CA LEU D 135 -30.59 16.91 -34.20
C LEU D 135 -30.53 18.26 -34.93
N THR D 136 -30.13 18.23 -36.19
CA THR D 136 -30.03 19.45 -36.97
C THR D 136 -31.42 20.12 -37.09
N LEU D 137 -32.48 19.33 -37.15
CA LEU D 137 -33.80 19.90 -37.20
C LEU D 137 -34.15 20.64 -35.91
N MET D 138 -33.53 20.24 -34.80
CA MET D 138 -33.79 20.83 -33.49
C MET D 138 -32.96 22.08 -33.27
N GLY D 139 -31.99 22.34 -34.17
CA GLY D 139 -31.14 23.53 -34.06
C GLY D 139 -29.67 23.23 -33.84
N ALA D 140 -29.37 21.94 -33.77
CA ALA D 140 -28.00 21.52 -33.54
C ALA D 140 -27.15 21.82 -34.76
N LYS D 141 -25.88 22.08 -34.51
CA LYS D 141 -24.91 22.23 -35.56
C LYS D 141 -23.82 21.23 -35.20
N ILE D 142 -23.62 20.24 -36.07
CA ILE D 142 -22.61 19.20 -35.85
C ILE D 142 -21.76 18.99 -37.10
N ASP D 143 -20.44 19.14 -36.99
CA ASP D 143 -19.56 18.92 -38.14
CA ASP D 143 -19.56 18.92 -38.14
C ASP D 143 -19.03 17.48 -38.16
N SER D 144 -18.96 16.91 -39.37
CA SER D 144 -18.43 15.55 -39.58
CA SER D 144 -18.43 15.56 -39.57
C SER D 144 -18.05 15.33 -41.02
N THR D 145 -16.93 14.65 -41.26
CA THR D 145 -16.54 14.35 -42.61
C THR D 145 -17.10 12.96 -42.88
N GLY D 146 -18.09 12.89 -43.75
CA GLY D 146 -18.68 11.61 -44.16
C GLY D 146 -19.70 10.99 -43.24
N ASN D 147 -20.30 11.81 -42.36
CA ASN D 147 -21.32 11.32 -41.41
C ASN D 147 -20.84 10.22 -40.46
N VAL D 148 -19.54 10.28 -40.15
CA VAL D 148 -18.90 9.37 -39.22
C VAL D 148 -18.04 10.21 -38.26
N PRO D 149 -17.77 9.67 -37.06
CA PRO D 149 -16.94 10.41 -36.12
C PRO D 149 -15.54 10.56 -36.68
N PRO D 150 -14.77 11.56 -36.20
CA PRO D 150 -15.06 12.53 -35.14
C PRO D 150 -16.20 13.50 -35.39
N LEU D 151 -17.04 13.72 -34.38
CA LEU D 151 -18.15 14.66 -34.45
C LEU D 151 -17.78 15.92 -33.66
N LYS D 152 -18.03 17.12 -34.22
CA LYS D 152 -17.78 18.36 -33.47
C LYS D 152 -19.12 19.05 -33.28
N ILE D 153 -19.55 19.15 -32.04
CA ILE D 153 -20.83 19.70 -31.70
C ILE D 153 -20.62 21.12 -31.26
N TYR D 154 -21.38 22.05 -31.87
CA TYR D 154 -21.36 23.46 -31.50
C TYR D 154 -22.62 23.58 -30.70
N GLY D 155 -22.46 23.66 -29.40
CA GLY D 155 -23.61 23.62 -28.52
C GLY D 155 -24.58 24.72 -28.76
N ASN D 156 -25.87 24.40 -28.74
CA ASN D 156 -26.87 25.42 -28.89
C ASN D 156 -27.90 25.34 -27.77
N PRO D 157 -27.86 26.29 -26.83
CA PRO D 157 -28.85 26.20 -25.75
C PRO D 157 -30.24 26.63 -26.17
N ARG D 158 -30.42 26.96 -27.45
CA ARG D 158 -31.72 27.40 -27.93
C ARG D 158 -32.37 26.33 -28.81
N LEU D 159 -32.03 25.06 -28.60
CA LEU D 159 -32.64 23.99 -29.39
C LEU D 159 -34.15 24.05 -29.23
N THR D 160 -34.87 23.69 -30.28
CA THR D 160 -36.32 23.69 -30.24
C THR D 160 -36.82 22.31 -30.53
N GLY D 161 -37.89 21.93 -29.85
CA GLY D 161 -38.50 20.62 -30.04
C GLY D 161 -39.00 20.36 -31.46
N ILE D 162 -39.23 19.09 -31.77
CA ILE D 162 -39.68 18.65 -33.07
C ILE D 162 -40.45 17.36 -32.88
N HIS D 163 -41.32 17.04 -33.84
CA HIS D 163 -41.99 15.74 -33.82
C HIS D 163 -41.19 15.08 -34.90
N TYR D 164 -40.93 13.78 -34.77
CA TYR D 164 -40.08 13.11 -35.74
C TYR D 164 -40.37 11.63 -35.80
N GLN D 165 -40.48 11.12 -37.03
CA GLN D 165 -40.65 9.70 -37.25
C GLN D 165 -39.34 9.11 -37.67
N LEU D 166 -38.93 8.07 -36.96
CA LEU D 166 -37.70 7.41 -37.27
C LEU D 166 -37.87 6.54 -38.51
N PRO D 167 -36.89 6.59 -39.44
CA PRO D 167 -36.85 5.69 -40.60
C PRO D 167 -36.81 4.22 -40.15
N MET D 168 -35.76 3.81 -39.43
CA MET D 168 -35.77 2.45 -38.87
C MET D 168 -35.85 2.52 -37.34
N ALA D 169 -36.27 1.41 -36.72
CA ALA D 169 -36.33 1.30 -35.25
C ALA D 169 -34.90 1.38 -34.68
N SER D 170 -34.65 2.36 -33.81
CA SER D 170 -33.32 2.55 -33.20
C SER D 170 -33.44 3.20 -31.82
N ALA D 171 -33.19 2.43 -30.78
CA ALA D 171 -33.22 2.93 -29.41
C ALA D 171 -32.17 4.00 -29.22
N GLN D 172 -31.06 3.89 -29.92
CA GLN D 172 -30.05 4.90 -29.80
C GLN D 172 -30.55 6.21 -30.31
N VAL D 173 -31.21 6.21 -31.47
CA VAL D 173 -31.70 7.46 -32.02
C VAL D 173 -32.82 8.00 -31.15
N LYS D 174 -33.77 7.16 -30.77
CA LYS D 174 -34.85 7.57 -29.85
C LYS D 174 -34.20 8.22 -28.61
N SER D 175 -33.30 7.51 -27.97
CA SER D 175 -32.62 8.01 -26.77
C SER D 175 -31.85 9.32 -27.02
N CYS D 176 -31.24 9.46 -28.19
CA CYS D 176 -30.48 10.66 -28.49
C CYS D 176 -31.36 11.90 -28.49
N LEU D 177 -32.51 11.75 -29.12
CA LEU D 177 -33.43 12.86 -29.30
C LEU D 177 -34.15 13.16 -27.98
N LEU D 178 -34.47 12.09 -27.25
CA LEU D 178 -35.09 12.27 -25.96
C LEU D 178 -34.20 13.09 -25.03
N LEU D 179 -32.88 12.85 -25.08
CA LEU D 179 -31.95 13.60 -24.24
C LEU D 179 -31.92 15.06 -24.69
N ALA D 180 -31.65 15.30 -25.97
CA ALA D 180 -31.71 16.68 -26.46
C ALA D 180 -33.05 17.32 -26.11
N GLY D 181 -34.10 16.51 -26.03
CA GLY D 181 -35.43 16.98 -25.72
C GLY D 181 -35.53 17.70 -24.40
N LEU D 182 -34.82 17.15 -23.43
CA LEU D 182 -34.75 17.69 -22.10
C LEU D 182 -34.21 19.13 -22.06
N TYR D 183 -33.38 19.51 -23.03
CA TYR D 183 -32.81 20.87 -23.13
C TYR D 183 -33.45 21.75 -24.23
N ALA D 184 -34.50 21.28 -24.89
CA ALA D 184 -35.07 22.04 -26.01
C ALA D 184 -36.37 22.73 -25.62
N ARG D 185 -36.55 23.95 -26.14
CA ARG D 185 -37.79 24.68 -25.91
C ARG D 185 -38.97 23.91 -26.47
N GLY D 186 -39.95 23.60 -25.63
CA GLY D 186 -41.15 22.91 -26.09
C GLY D 186 -41.09 21.40 -26.05
N LYS D 187 -42.05 20.78 -26.73
CA LYS D 187 -42.16 19.33 -26.79
C LYS D 187 -41.33 18.71 -27.91
N THR D 188 -40.82 17.51 -27.64
CA THR D 188 -40.10 16.74 -28.62
C THR D 188 -40.87 15.43 -28.63
N CYS D 189 -41.43 15.04 -29.76
CA CYS D 189 -42.20 13.79 -29.85
C CYS D 189 -41.56 12.86 -30.84
N ILE D 190 -41.31 11.63 -30.39
CA ILE D 190 -40.67 10.62 -31.21
C ILE D 190 -41.67 9.49 -31.48
N THR D 191 -41.87 9.18 -32.78
CA THR D 191 -42.74 8.09 -33.18
C THR D 191 -41.91 7.01 -33.85
N GLU D 192 -42.12 5.77 -33.44
CA GLU D 192 -41.40 4.62 -33.99
C GLU D 192 -42.29 3.73 -34.87
N PRO D 193 -41.77 3.33 -36.05
CA PRO D 193 -42.54 2.40 -36.88
C PRO D 193 -42.71 1.06 -36.18
N ALA D 194 -41.67 0.65 -35.43
CA ALA D 194 -41.65 -0.60 -34.66
C ALA D 194 -40.86 -0.35 -33.35
N PRO D 195 -41.43 -0.75 -32.20
CA PRO D 195 -40.78 -0.54 -30.91
C PRO D 195 -39.32 -1.00 -30.82
N SER D 196 -38.47 -0.17 -30.22
CA SER D 196 -37.07 -0.52 -29.95
C SER D 196 -37.00 -0.52 -28.44
N ARG D 197 -35.89 -1.01 -27.88
CA ARG D 197 -35.75 -1.08 -26.40
C ARG D 197 -36.04 0.25 -25.68
N ASP D 198 -36.75 0.15 -24.55
CA ASP D 198 -37.30 1.33 -23.84
C ASP D 198 -36.61 1.72 -22.52
N HIS D 199 -35.37 1.33 -22.37
CA HIS D 199 -34.69 1.58 -21.11
C HIS D 199 -34.66 3.02 -20.77
N THR D 200 -34.52 3.88 -21.78
CA THR D 200 -34.42 5.32 -21.54
C THR D 200 -35.71 5.84 -20.94
N GLU D 201 -36.82 5.49 -21.57
CA GLU D 201 -38.12 5.93 -21.13
C GLU D 201 -38.34 5.55 -19.68
N ARG D 202 -37.99 4.32 -19.36
CA ARG D 202 -38.14 3.82 -18.02
C ARG D 202 -37.23 4.54 -17.03
N LEU D 203 -36.02 4.91 -17.44
CA LEU D 203 -35.14 5.63 -16.52
C LEU D 203 -35.65 7.04 -16.35
N LEU D 204 -36.20 7.62 -17.41
CA LEU D 204 -36.74 8.99 -17.30
C LEU D 204 -37.85 9.00 -16.23
N LYS D 205 -38.71 7.98 -16.21
CA LYS D 205 -39.76 7.88 -15.18
C LYS D 205 -39.12 7.72 -13.80
N HIS D 206 -38.04 6.94 -13.75
CA HIS D 206 -37.36 6.65 -12.50
C HIS D 206 -36.82 7.90 -11.87
N PHE D 207 -36.31 8.80 -12.70
CA PHE D 207 -35.77 10.09 -12.24
C PHE D 207 -36.83 11.22 -12.15
N HIS D 208 -38.11 10.85 -12.18
CA HIS D 208 -39.25 11.77 -12.13
C HIS D 208 -39.28 12.85 -13.18
N TYR D 209 -38.92 12.50 -14.42
CA TYR D 209 -39.04 13.45 -15.52
C TYR D 209 -40.35 13.05 -16.18
N THR D 210 -41.09 14.06 -16.59
CA THR D 210 -42.42 13.87 -17.09
C THR D 210 -42.38 13.31 -18.53
N LEU D 211 -43.12 12.24 -18.75
CA LEU D 211 -43.14 11.56 -20.05
C LEU D 211 -44.56 11.29 -20.60
N GLN D 212 -44.77 11.48 -21.92
CA GLN D 212 -46.10 11.29 -22.58
C GLN D 212 -46.11 10.10 -23.53
N LYS D 213 -47.32 9.70 -23.98
CA LYS D 213 -47.47 8.65 -25.02
C LYS D 213 -48.84 8.79 -25.74
N GLN D 216 -49.13 5.99 -29.16
CA GLN D 216 -48.13 5.14 -29.85
C GLN D 216 -46.75 5.80 -30.07
N SER D 217 -46.64 7.11 -29.85
CA SER D 217 -45.35 7.78 -29.92
C SER D 217 -45.04 8.21 -28.48
N ILE D 218 -43.89 8.83 -28.21
CA ILE D 218 -43.57 9.30 -26.82
C ILE D 218 -43.03 10.71 -26.85
N CYS D 219 -43.42 11.54 -25.87
CA CYS D 219 -42.99 12.97 -25.84
C CYS D 219 -42.37 13.46 -24.51
N VAL D 220 -41.55 14.51 -24.61
CA VAL D 220 -41.01 15.18 -23.41
C VAL D 220 -40.88 16.65 -23.71
N SER D 221 -41.00 17.44 -22.64
CA SER D 221 -40.86 18.88 -22.69
C SER D 221 -39.56 19.28 -22.01
N GLY D 222 -38.83 20.18 -22.68
CA GLY D 222 -37.56 20.67 -22.18
C GLY D 222 -37.68 21.49 -20.91
N GLY D 223 -36.55 21.73 -20.25
CA GLY D 223 -36.52 22.53 -19.03
C GLY D 223 -36.90 21.82 -17.72
N GLY D 224 -37.25 20.54 -17.77
CA GLY D 224 -37.58 19.78 -16.54
C GLY D 224 -36.33 19.52 -15.72
N LYS D 225 -36.47 18.77 -14.62
CA LYS D 225 -35.34 18.42 -13.76
C LYS D 225 -35.35 16.94 -13.44
N LEU D 226 -34.17 16.34 -13.41
CA LEU D 226 -34.01 14.93 -13.02
C LEU D 226 -33.69 14.82 -11.51
N LYS D 227 -34.41 13.96 -10.79
CA LYS D 227 -34.22 13.82 -9.36
C LYS D 227 -33.46 12.53 -9.07
N ALA D 228 -32.36 12.61 -8.30
CA ALA D 228 -31.57 11.42 -7.94
C ALA D 228 -32.46 10.35 -7.35
N ASN D 229 -32.21 9.10 -7.70
CA ASN D 229 -33.00 7.98 -7.19
C ASN D 229 -32.18 6.73 -7.43
N ASP D 230 -31.80 6.07 -6.33
CA ASP D 230 -31.01 4.86 -6.44
C ASP D 230 -31.52 3.90 -7.50
N ILE D 231 -30.59 3.23 -8.16
CA ILE D 231 -30.94 2.34 -9.25
C ILE D 231 -30.24 1.00 -9.15
N SER D 232 -30.99 -0.04 -9.47
CA SER D 232 -30.47 -1.41 -9.43
C SER D 232 -30.54 -2.02 -10.85
N ILE D 233 -29.38 -2.37 -11.38
CA ILE D 233 -29.28 -2.85 -12.76
C ILE D 233 -29.34 -4.39 -12.78
N PRO D 234 -30.26 -4.92 -13.56
CA PRO D 234 -30.37 -6.36 -13.73
C PRO D 234 -29.35 -6.90 -14.75
N GLY D 235 -29.17 -8.22 -14.77
CA GLY D 235 -28.24 -8.84 -15.66
C GLY D 235 -28.58 -8.58 -17.11
N ASP D 236 -27.56 -8.50 -17.95
CA ASP D 236 -27.74 -8.27 -19.36
C ASP D 236 -28.18 -9.56 -19.98
N ILE D 237 -29.32 -9.58 -20.66
CA ILE D 237 -29.78 -10.81 -21.30
C ILE D 237 -28.93 -11.10 -22.57
N SER D 238 -28.30 -10.04 -23.10
CA SER D 238 -27.40 -10.18 -24.24
C SER D 238 -26.20 -10.99 -23.83
N SER D 239 -25.83 -10.87 -22.54
CA SER D 239 -24.74 -11.67 -22.03
C SER D 239 -25.24 -13.07 -21.72
N ALA D 240 -26.45 -13.17 -21.17
CA ALA D 240 -27.01 -14.51 -20.89
C ALA D 240 -27.18 -15.29 -22.17
N ALA D 241 -27.58 -14.62 -23.24
CA ALA D 241 -27.80 -15.31 -24.53
C ALA D 241 -26.68 -16.31 -24.87
N PHE D 242 -25.44 -16.00 -24.55
CA PHE D 242 -24.35 -16.92 -24.87
C PHE D 242 -24.53 -18.21 -24.11
N PHE D 243 -24.88 -18.13 -22.83
CA PHE D 243 -25.11 -19.36 -22.04
C PHE D 243 -26.40 -20.10 -22.43
N ILE D 244 -27.39 -19.35 -22.88
CA ILE D 244 -28.66 -19.93 -23.29
C ILE D 244 -28.40 -20.80 -24.53
N VAL D 245 -27.70 -20.26 -25.49
CA VAL D 245 -27.41 -21.03 -26.68
C VAL D 245 -26.48 -22.19 -26.37
N ALA D 246 -25.52 -21.98 -25.48
CA ALA D 246 -24.57 -23.03 -25.15
C ALA D 246 -25.22 -24.25 -24.51
N ALA D 247 -26.07 -24.01 -23.50
CA ALA D 247 -26.74 -25.08 -22.79
C ALA D 247 -27.74 -25.76 -23.71
N THR D 248 -28.37 -25.00 -24.58
CA THR D 248 -29.30 -25.53 -25.53
C THR D 248 -28.65 -26.54 -26.47
N ILE D 249 -27.52 -26.19 -27.03
CA ILE D 249 -26.89 -27.05 -28.05
C ILE D 249 -26.00 -28.12 -27.52
N THR D 250 -25.57 -28.00 -26.27
CA THR D 250 -24.63 -28.99 -25.68
C THR D 250 -25.31 -30.12 -24.86
N PRO D 251 -25.27 -31.36 -25.37
CA PRO D 251 -25.86 -32.53 -24.66
C PRO D 251 -25.40 -32.67 -23.22
N GLY D 252 -26.37 -33.04 -22.37
CA GLY D 252 -26.17 -33.24 -20.95
C GLY D 252 -26.27 -31.99 -20.10
N SER D 253 -26.73 -30.89 -20.70
CA SER D 253 -26.77 -29.56 -20.05
C SER D 253 -28.05 -29.18 -19.37
N ALA D 254 -27.91 -28.58 -18.21
CA ALA D 254 -29.05 -28.06 -17.45
C ALA D 254 -28.49 -26.92 -16.62
N ILE D 255 -28.90 -25.69 -16.91
CA ILE D 255 -28.40 -24.55 -16.12
C ILE D 255 -29.51 -23.55 -15.79
N ARG D 256 -29.24 -22.73 -14.78
CA ARG D 256 -30.13 -21.65 -14.39
C ARG D 256 -29.32 -20.35 -14.32
N LEU D 257 -29.83 -19.32 -14.98
CA LEU D 257 -29.20 -17.99 -15.02
C LEU D 257 -29.99 -17.05 -14.10
N CYS D 258 -29.39 -16.67 -12.97
CA CYS D 258 -30.07 -15.84 -11.97
C CYS D 258 -30.08 -14.34 -12.29
N ARG D 259 -31.18 -13.70 -11.91
CA ARG D 259 -31.39 -12.24 -12.00
C ARG D 259 -31.09 -11.65 -13.34
N VAL D 260 -31.65 -12.22 -14.37
CA VAL D 260 -31.47 -11.68 -15.68
C VAL D 260 -32.63 -10.76 -16.01
N GLY D 261 -32.32 -9.63 -16.63
CA GLY D 261 -33.37 -8.74 -17.05
C GLY D 261 -34.14 -9.45 -18.16
N VAL D 262 -35.45 -9.23 -18.19
CA VAL D 262 -36.32 -9.83 -19.22
C VAL D 262 -37.27 -8.81 -19.81
N ASN D 263 -36.75 -7.63 -20.09
CA ASN D 263 -37.57 -6.62 -20.72
C ASN D 263 -38.00 -7.18 -22.07
N PRO D 264 -39.32 -7.18 -22.34
CA PRO D 264 -39.92 -7.70 -23.56
C PRO D 264 -39.27 -7.28 -24.85
N THR D 265 -38.71 -6.07 -24.89
CA THR D 265 -38.04 -5.55 -26.09
C THR D 265 -36.66 -6.17 -26.31
N ARG D 266 -36.28 -7.07 -25.40
CA ARG D 266 -35.01 -7.77 -25.44
C ARG D 266 -35.17 -9.30 -25.47
N LEU D 267 -36.40 -9.82 -25.51
CA LEU D 267 -36.60 -11.28 -25.43
C LEU D 267 -36.43 -12.07 -26.72
N GLY D 268 -36.12 -11.40 -27.81
CA GLY D 268 -35.94 -12.07 -29.11
C GLY D 268 -35.23 -13.42 -29.12
N VAL D 269 -34.02 -13.49 -28.57
CA VAL D 269 -33.24 -14.73 -28.60
C VAL D 269 -34.05 -15.91 -28.01
N ILE D 270 -34.74 -15.66 -26.92
CA ILE D 270 -35.57 -16.68 -26.31
C ILE D 270 -36.76 -17.01 -27.17
N ASN D 271 -37.42 -15.98 -27.72
CA ASN D 271 -38.57 -16.19 -28.56
C ASN D 271 -38.23 -17.10 -29.77
N LEU D 272 -37.10 -16.79 -30.42
CA LEU D 272 -36.64 -17.55 -31.60
C LEU D 272 -36.15 -18.93 -31.27
N LEU D 273 -35.29 -19.05 -30.27
CA LEU D 273 -34.86 -20.36 -29.87
C LEU D 273 -36.09 -21.29 -29.60
N LYS D 274 -37.11 -20.78 -28.89
CA LYS D 274 -38.32 -21.57 -28.60
C LYS D 274 -38.97 -22.05 -29.90
N MET D 275 -39.08 -21.16 -30.88
CA MET D 275 -39.60 -21.53 -32.22
C MET D 275 -38.79 -22.63 -32.84
N MET D 276 -37.49 -22.61 -32.57
CA MET D 276 -36.57 -23.59 -33.13
C MET D 276 -36.57 -24.88 -32.35
N GLY D 277 -37.33 -24.91 -31.25
CA GLY D 277 -37.45 -26.09 -30.39
C GLY D 277 -36.75 -26.00 -29.05
N ALA D 278 -36.25 -24.84 -28.66
CA ALA D 278 -35.51 -24.78 -27.39
C ALA D 278 -36.35 -25.06 -26.12
N ASP D 279 -35.62 -25.36 -25.03
CA ASP D 279 -36.19 -25.67 -23.73
C ASP D 279 -35.70 -24.60 -22.71
N ILE D 280 -36.50 -23.55 -22.60
CA ILE D 280 -36.18 -22.39 -21.78
C ILE D 280 -37.36 -22.00 -20.89
N GLU D 281 -37.12 -21.97 -19.59
CA GLU D 281 -38.16 -21.65 -18.61
C GLU D 281 -37.84 -20.41 -17.78
N VAL D 282 -38.72 -19.41 -17.87
CA VAL D 282 -38.58 -18.17 -17.13
C VAL D 282 -39.44 -18.28 -15.90
N THR D 283 -38.83 -18.13 -14.72
CA THR D 283 -39.53 -18.19 -13.42
C THR D 283 -39.01 -17.09 -12.45
N HIS D 284 -39.43 -17.12 -11.18
CA HIS D 284 -38.95 -16.16 -10.14
C HIS D 284 -39.00 -14.74 -10.69
N TYR D 285 -40.08 -14.44 -11.40
CA TYR D 285 -40.28 -13.15 -12.05
C TYR D 285 -40.49 -12.03 -10.99
N THR D 286 -39.94 -10.83 -11.22
CA THR D 286 -40.03 -9.71 -10.26
CA THR D 286 -40.03 -9.71 -10.26
C THR D 286 -39.87 -8.35 -10.94
N GLU D 287 -40.13 -7.26 -10.19
CA GLU D 287 -40.00 -5.87 -10.71
C GLU D 287 -39.40 -4.78 -9.77
N LYS D 288 -38.54 -3.95 -10.36
CA LYS D 288 -37.86 -2.86 -9.66
C LYS D 288 -37.29 -1.84 -10.66
N GLU D 291 -37.32 -2.02 -13.98
CA GLU D 291 -36.99 -3.02 -15.05
C GLU D 291 -37.24 -4.50 -14.63
N PRO D 292 -38.04 -5.23 -15.40
CA PRO D 292 -38.37 -6.64 -15.05
C PRO D 292 -37.17 -7.57 -15.05
N THR D 293 -37.20 -8.55 -14.14
CA THR D 293 -36.12 -9.46 -13.89
C THR D 293 -36.63 -10.88 -13.61
N ALA D 294 -35.86 -11.90 -13.98
CA ALA D 294 -36.28 -13.27 -13.77
C ALA D 294 -35.11 -14.25 -13.80
N ASP D 295 -35.39 -15.50 -13.44
CA ASP D 295 -34.38 -16.57 -13.47
C ASP D 295 -34.67 -17.40 -14.70
N ILE D 296 -33.65 -17.68 -15.50
CA ILE D 296 -33.80 -18.43 -16.75
C ILE D 296 -33.13 -19.78 -16.62
N THR D 297 -33.91 -20.83 -16.90
CA THR D 297 -33.46 -22.20 -16.76
C THR D 297 -33.43 -22.80 -18.14
N VAL D 298 -32.31 -23.40 -18.50
CA VAL D 298 -32.09 -23.91 -19.85
C VAL D 298 -31.58 -25.32 -19.80
N ARG D 299 -32.16 -26.17 -20.63
CA ARG D 299 -31.76 -27.57 -20.74
C ARG D 299 -31.51 -27.82 -22.19
N HIS D 300 -30.66 -28.79 -22.47
CA HIS D 300 -30.35 -29.18 -23.84
C HIS D 300 -31.59 -29.58 -24.59
N ALA D 301 -31.63 -29.22 -25.87
CA ALA D 301 -32.75 -29.56 -26.74
C ALA D 301 -32.22 -29.60 -28.18
N ARG D 302 -32.96 -30.28 -29.06
CA ARG D 302 -32.62 -30.41 -30.47
C ARG D 302 -33.41 -29.38 -31.15
N LEU D 303 -32.83 -28.78 -32.19
CA LEU D 303 -33.45 -27.66 -32.84
C LEU D 303 -33.70 -27.82 -34.32
N LYS D 304 -34.72 -27.10 -34.79
CA LYS D 304 -35.05 -27.12 -36.20
C LYS D 304 -34.85 -25.73 -36.75
N GLY D 305 -34.21 -25.64 -37.92
CA GLY D 305 -34.02 -24.37 -38.61
C GLY D 305 -35.36 -23.64 -38.78
N ILE D 306 -35.30 -22.30 -38.90
CA ILE D 306 -36.50 -21.49 -39.07
C ILE D 306 -36.25 -20.27 -39.94
N ASP D 307 -37.33 -19.70 -40.45
CA ASP D 307 -37.27 -18.44 -41.20
C ASP D 307 -37.54 -17.43 -40.12
N ILE D 308 -36.58 -16.55 -39.90
CA ILE D 308 -36.66 -15.57 -38.86
C ILE D 308 -37.60 -14.44 -39.26
N PRO D 309 -38.73 -14.34 -38.55
CA PRO D 309 -39.76 -13.34 -38.78
C PRO D 309 -39.14 -11.96 -38.66
N PRO D 310 -39.37 -11.08 -39.64
CA PRO D 310 -38.88 -9.70 -39.67
C PRO D 310 -39.15 -8.91 -38.39
N ASP D 311 -40.32 -9.11 -37.80
CA ASP D 311 -40.72 -8.40 -36.58
C ASP D 311 -39.81 -8.70 -35.37
N GLN D 312 -39.07 -9.80 -35.41
CA GLN D 312 -38.15 -10.12 -34.33
C GLN D 312 -36.74 -9.57 -34.53
N VAL D 313 -36.41 -9.15 -35.76
CA VAL D 313 -35.07 -8.69 -36.02
C VAL D 313 -34.65 -7.54 -35.07
N PRO D 314 -35.35 -6.41 -35.08
CA PRO D 314 -35.00 -5.30 -34.18
C PRO D 314 -34.74 -5.69 -32.71
N LEU D 315 -35.60 -6.54 -32.15
CA LEU D 315 -35.50 -6.98 -30.77
C LEU D 315 -34.44 -8.06 -30.51
N THR D 316 -33.65 -8.43 -31.53
CA THR D 316 -32.70 -9.52 -31.40
C THR D 316 -31.40 -9.21 -32.11
N ILE D 317 -31.31 -8.00 -32.63
CA ILE D 317 -30.18 -7.57 -33.45
C ILE D 317 -28.81 -7.95 -32.87
N ASP D 318 -28.58 -7.69 -31.60
CA ASP D 318 -27.31 -8.01 -30.98
C ASP D 318 -27.18 -9.54 -30.70
N GLU D 319 -28.26 -10.30 -30.75
CA GLU D 319 -28.13 -11.72 -30.46
C GLU D 319 -27.94 -12.63 -31.70
N PHE D 320 -27.92 -12.08 -32.90
CA PHE D 320 -27.75 -12.96 -34.04
C PHE D 320 -26.41 -13.67 -34.13
N PRO D 321 -25.33 -13.03 -33.70
CA PRO D 321 -24.11 -13.78 -33.77
C PRO D 321 -24.23 -15.11 -33.07
N VAL D 322 -24.74 -15.15 -31.84
CA VAL D 322 -24.77 -16.43 -31.13
C VAL D 322 -25.93 -17.28 -31.59
N LEU D 323 -26.99 -16.65 -32.07
CA LEU D 323 -28.13 -17.40 -32.57
C LEU D 323 -27.73 -18.19 -33.84
N LEU D 324 -26.89 -17.59 -34.66
CA LEU D 324 -26.41 -18.24 -35.84
C LEU D 324 -25.61 -19.49 -35.50
N ILE D 325 -25.03 -19.55 -34.32
CA ILE D 325 -24.37 -20.76 -33.89
C ILE D 325 -25.43 -21.87 -33.64
N ALA D 326 -26.56 -21.49 -33.07
CA ALA D 326 -27.66 -22.42 -32.87
C ALA D 326 -28.16 -22.93 -34.23
N ALA D 327 -28.34 -22.03 -35.22
CA ALA D 327 -28.78 -22.44 -36.58
C ALA D 327 -27.78 -23.40 -37.23
N ALA D 328 -26.49 -23.20 -36.98
CA ALA D 328 -25.46 -24.06 -37.54
C ALA D 328 -25.59 -25.50 -37.08
N VAL D 329 -26.14 -25.74 -35.89
CA VAL D 329 -26.21 -27.11 -35.34
C VAL D 329 -27.64 -27.62 -35.29
N ALA D 330 -28.53 -26.89 -35.93
CA ALA D 330 -29.94 -27.26 -35.97
C ALA D 330 -30.19 -28.16 -37.17
N GLN D 331 -31.32 -28.84 -37.15
CA GLN D 331 -31.71 -29.67 -38.27
C GLN D 331 -32.42 -28.77 -39.29
N GLY D 332 -31.92 -28.69 -40.51
CA GLY D 332 -32.54 -27.87 -41.55
C GLY D 332 -31.95 -26.50 -41.76
N LYS D 333 -32.65 -25.72 -42.57
CA LYS D 333 -32.20 -24.42 -43.03
C LYS D 333 -32.76 -23.27 -42.15
N THR D 334 -31.95 -22.23 -41.95
CA THR D 334 -32.40 -21.01 -41.25
C THR D 334 -32.10 -19.81 -42.14
N VAL D 335 -33.06 -18.92 -42.29
CA VAL D 335 -32.89 -17.74 -43.15
C VAL D 335 -33.12 -16.48 -42.37
N LEU D 336 -32.14 -15.57 -42.36
CA LEU D 336 -32.23 -14.28 -41.67
C LEU D 336 -32.35 -13.22 -42.71
N ARG D 337 -33.31 -12.33 -42.53
CA ARG D 337 -33.53 -11.23 -43.46
C ARG D 337 -33.79 -9.94 -42.70
N ASP D 338 -33.67 -8.81 -43.41
CA ASP D 338 -33.92 -7.48 -42.83
C ASP D 338 -32.95 -7.15 -41.71
N ALA D 339 -31.75 -7.73 -41.78
CA ALA D 339 -30.75 -7.51 -40.76
C ALA D 339 -29.55 -6.72 -41.27
N ALA D 340 -29.74 -5.83 -42.26
CA ALA D 340 -28.63 -5.02 -42.78
C ALA D 340 -27.89 -4.24 -41.71
N GLU D 341 -28.52 -3.96 -40.57
CA GLU D 341 -27.84 -3.22 -39.49
C GLU D 341 -26.62 -3.98 -38.96
N LEU D 342 -26.63 -5.30 -39.08
CA LEU D 342 -25.55 -6.11 -38.63
C LEU D 342 -24.27 -5.68 -39.30
N ARG D 343 -24.36 -5.18 -40.51
CA ARG D 343 -23.14 -4.84 -41.22
C ARG D 343 -22.49 -3.60 -40.74
N VAL D 344 -23.19 -2.79 -39.94
CA VAL D 344 -22.68 -1.49 -39.52
C VAL D 344 -22.47 -1.37 -38.01
N LYS D 345 -22.05 -2.46 -37.39
CA LYS D 345 -21.80 -2.51 -35.96
C LYS D 345 -20.28 -2.41 -35.70
N GLU D 346 -19.80 -2.89 -34.55
CA GLU D 346 -18.37 -2.90 -34.21
C GLU D 346 -17.62 -3.31 -35.48
N THR D 347 -18.08 -4.42 -36.04
CA THR D 347 -17.58 -4.91 -37.29
C THR D 347 -18.82 -5.27 -38.09
N ASP D 348 -18.62 -5.74 -39.34
CA ASP D 348 -19.70 -6.25 -40.16
C ASP D 348 -19.98 -7.66 -39.60
N ARG D 349 -21.04 -7.78 -38.83
CA ARG D 349 -21.34 -9.04 -38.19
C ARG D 349 -21.82 -10.15 -39.11
N ILE D 350 -22.37 -9.83 -40.27
CA ILE D 350 -22.78 -10.87 -41.20
C ILE D 350 -21.50 -11.52 -41.80
N ALA D 351 -20.68 -10.67 -42.42
CA ALA D 351 -19.43 -11.10 -43.03
C ALA D 351 -18.60 -11.91 -42.04
N ALA D 352 -18.59 -11.48 -40.79
CA ALA D 352 -17.75 -12.12 -39.79
C ALA D 352 -18.28 -13.48 -39.34
N MET D 353 -19.60 -13.62 -39.17
CA MET D 353 -20.13 -14.93 -38.77
C MET D 353 -20.04 -15.89 -39.95
N VAL D 354 -20.29 -15.40 -41.16
CA VAL D 354 -20.21 -16.26 -42.36
C VAL D 354 -18.80 -16.84 -42.54
N ASP D 355 -17.80 -15.98 -42.38
CA ASP D 355 -16.44 -16.40 -42.55
C ASP D 355 -16.06 -17.44 -41.52
N GLY D 356 -16.43 -17.16 -40.26
CA GLY D 356 -16.14 -18.06 -39.16
C GLY D 356 -16.86 -19.36 -39.26
N LEU D 357 -18.14 -19.34 -39.63
CA LEU D 357 -18.87 -20.56 -39.77
C LEU D 357 -18.23 -21.41 -40.88
N GLN D 358 -17.93 -20.81 -42.02
CA GLN D 358 -17.32 -21.55 -43.11
C GLN D 358 -16.01 -22.18 -42.63
N LYS D 359 -15.21 -21.42 -41.88
CA LYS D 359 -13.98 -21.99 -41.40
C LYS D 359 -14.22 -23.19 -40.48
N LEU D 360 -15.34 -23.21 -39.76
CA LEU D 360 -15.68 -24.34 -38.89
C LEU D 360 -16.58 -25.39 -39.61
N GLY D 361 -16.62 -25.36 -40.94
CA GLY D 361 -17.35 -26.33 -41.72
C GLY D 361 -18.86 -26.22 -41.86
N ILE D 362 -19.37 -25.01 -42.00
CA ILE D 362 -20.80 -24.83 -42.06
C ILE D 362 -21.18 -24.11 -43.34
N ALA D 363 -22.20 -24.63 -44.01
CA ALA D 363 -22.68 -24.04 -45.24
C ALA D 363 -23.46 -22.80 -44.85
N ALA D 364 -22.79 -21.66 -44.97
CA ALA D 364 -23.35 -20.38 -44.61
C ALA D 364 -23.14 -19.49 -45.78
N GLU D 365 -24.22 -18.85 -46.20
CA GLU D 365 -24.24 -18.01 -47.38
C GLU D 365 -24.74 -16.63 -46.97
N SER D 366 -24.04 -15.63 -47.45
CA SER D 366 -24.34 -14.25 -47.13
C SER D 366 -25.44 -13.62 -47.99
N LEU D 367 -26.25 -12.75 -47.37
CA LEU D 367 -27.22 -11.95 -48.10
C LEU D 367 -26.95 -10.48 -47.75
N PRO D 368 -27.24 -9.54 -48.68
CA PRO D 368 -27.06 -8.13 -48.31
C PRO D 368 -27.69 -7.77 -46.96
N ASP D 369 -28.83 -8.37 -46.67
CA ASP D 369 -29.56 -8.10 -45.42
C ASP D 369 -29.68 -9.31 -44.48
N GLY D 370 -28.82 -10.32 -44.63
CA GLY D 370 -28.90 -11.45 -43.72
C GLY D 370 -28.00 -12.62 -44.10
N VAL D 371 -28.42 -13.82 -43.76
CA VAL D 371 -27.71 -15.02 -44.14
C VAL D 371 -28.67 -16.18 -44.28
N ILE D 372 -28.21 -17.18 -45.02
CA ILE D 372 -28.90 -18.44 -45.19
C ILE D 372 -27.94 -19.48 -44.62
N ILE D 373 -28.40 -20.22 -43.61
CA ILE D 373 -27.59 -21.26 -42.99
C ILE D 373 -28.19 -22.67 -43.08
N GLN D 374 -27.32 -23.61 -43.46
CA GLN D 374 -27.69 -25.00 -43.56
C GLN D 374 -27.17 -25.74 -42.31
N GLY D 375 -28.10 -26.17 -41.46
CA GLY D 375 -27.74 -26.87 -40.23
C GLY D 375 -26.83 -28.03 -40.58
N GLY D 376 -25.81 -28.28 -39.78
CA GLY D 376 -24.80 -29.29 -40.09
C GLY D 376 -23.95 -29.64 -38.87
N THR D 377 -22.63 -29.72 -39.05
CA THR D 377 -21.76 -30.15 -37.95
C THR D 377 -20.51 -29.28 -37.83
N LEU D 378 -20.35 -28.67 -36.67
CA LEU D 378 -19.23 -27.78 -36.40
C LEU D 378 -17.99 -28.60 -36.19
N GLU D 379 -16.91 -28.20 -36.84
CA GLU D 379 -15.61 -28.86 -36.72
C GLU D 379 -14.73 -27.97 -35.88
N GLY D 380 -13.60 -28.50 -35.41
CA GLY D 380 -12.64 -27.69 -34.71
C GLY D 380 -11.98 -26.88 -35.79
N GLY D 381 -11.33 -25.80 -35.41
CA GLY D 381 -10.60 -24.94 -36.34
C GLY D 381 -10.12 -23.63 -35.67
N GLU D 382 -9.97 -22.59 -36.49
CA GLU D 382 -9.53 -21.28 -36.07
C GLU D 382 -10.39 -20.20 -36.73
N VAL D 383 -10.94 -19.27 -35.95
CA VAL D 383 -11.69 -18.16 -36.51
C VAL D 383 -11.09 -16.83 -36.02
N ASN D 384 -11.42 -15.73 -36.72
CA ASN D 384 -10.99 -14.39 -36.30
C ASN D 384 -12.18 -13.65 -35.68
N SER D 385 -11.96 -12.97 -34.57
CA SER D 385 -13.04 -12.23 -33.87
C SER D 385 -13.34 -10.92 -34.54
N TYR D 386 -12.45 -10.48 -35.42
CA TYR D 386 -12.59 -9.20 -36.09
C TYR D 386 -12.73 -8.07 -35.04
N ASP D 387 -12.15 -8.30 -33.86
CA ASP D 387 -12.12 -7.40 -32.72
C ASP D 387 -13.50 -7.12 -32.10
N ASP D 388 -14.47 -7.94 -32.46
CA ASP D 388 -15.83 -7.75 -32.03
C ASP D 388 -16.14 -8.74 -30.90
N HIS D 389 -16.64 -8.19 -29.79
CA HIS D 389 -16.90 -8.97 -28.60
C HIS D 389 -17.94 -10.02 -28.76
N ARG D 390 -18.96 -9.75 -29.54
CA ARG D 390 -20.00 -10.77 -29.74
C ARG D 390 -19.55 -11.89 -30.72
N ILE D 391 -18.75 -11.56 -31.72
CA ILE D 391 -18.27 -12.59 -32.65
C ILE D 391 -17.41 -13.56 -31.83
N ALA D 392 -16.49 -12.99 -31.03
CA ALA D 392 -15.60 -13.75 -30.16
C ALA D 392 -16.32 -14.71 -29.22
N MET D 393 -17.29 -14.22 -28.48
CA MET D 393 -18.05 -15.05 -27.58
C MET D 393 -18.92 -16.08 -28.35
N ALA D 394 -19.55 -15.66 -29.43
CA ALA D 394 -20.33 -16.59 -30.24
C ALA D 394 -19.49 -17.82 -30.64
N PHE D 395 -18.25 -17.61 -31.06
CA PHE D 395 -17.43 -18.74 -31.45
C PHE D 395 -16.93 -19.54 -30.24
N ALA D 396 -16.78 -18.87 -29.11
CA ALA D 396 -16.46 -19.60 -27.89
C ALA D 396 -17.67 -20.53 -27.57
N VAL D 397 -18.90 -20.07 -27.78
CA VAL D 397 -20.09 -20.91 -27.62
C VAL D 397 -20.05 -22.06 -28.64
N ALA D 398 -19.61 -21.76 -29.85
CA ALA D 398 -19.49 -22.76 -30.91
C ALA D 398 -18.54 -23.90 -30.47
N GLY D 399 -17.55 -23.58 -29.66
CA GLY D 399 -16.56 -24.57 -29.18
C GLY D 399 -17.12 -25.71 -28.32
N THR D 400 -18.25 -25.43 -27.67
CA THR D 400 -18.88 -26.43 -26.82
C THR D 400 -19.27 -27.71 -27.60
N LEU D 401 -19.77 -27.57 -28.83
CA LEU D 401 -20.23 -28.71 -29.65
C LEU D 401 -19.29 -29.04 -30.83
N ALA D 402 -18.37 -28.14 -31.17
CA ALA D 402 -17.43 -28.44 -32.28
C ALA D 402 -16.71 -29.75 -32.03
N LYS D 403 -16.49 -30.51 -33.10
CA LYS D 403 -15.77 -31.78 -33.02
C LYS D 403 -14.38 -31.63 -32.40
N GLY D 404 -13.75 -30.47 -32.55
CA GLY D 404 -12.42 -30.28 -31.96
C GLY D 404 -12.19 -28.90 -31.35
N PRO D 405 -10.96 -28.66 -30.93
CA PRO D 405 -10.68 -27.34 -30.39
C PRO D 405 -10.95 -26.23 -31.38
N VAL D 406 -11.44 -25.09 -30.86
CA VAL D 406 -11.69 -23.87 -31.64
C VAL D 406 -10.82 -22.73 -31.10
N ARG D 407 -9.98 -22.17 -31.96
CA ARG D 407 -9.16 -21.02 -31.63
C ARG D 407 -9.79 -19.76 -32.24
N ILE D 408 -10.19 -18.83 -31.35
CA ILE D 408 -10.76 -17.52 -31.73
C ILE D 408 -9.67 -16.49 -31.48
N ARG D 409 -9.21 -15.82 -32.53
CA ARG D 409 -8.14 -14.84 -32.38
C ARG D 409 -8.61 -13.44 -31.92
N ASN D 410 -7.81 -12.81 -31.07
CA ASN D 410 -8.03 -11.43 -30.59
C ASN D 410 -9.32 -11.23 -29.83
N CYS D 411 -9.26 -11.58 -28.56
CA CYS D 411 -10.41 -11.54 -27.71
C CYS D 411 -10.29 -10.51 -26.61
N ASP D 412 -9.36 -9.58 -26.76
CA ASP D 412 -9.19 -8.54 -25.72
C ASP D 412 -10.46 -7.72 -25.58
N ASN D 413 -11.26 -7.62 -26.65
CA ASN D 413 -12.46 -6.82 -26.57
C ASN D 413 -13.68 -7.44 -25.95
N VAL D 414 -13.57 -8.70 -25.52
CA VAL D 414 -14.70 -9.29 -24.86
C VAL D 414 -15.10 -8.43 -23.67
N LYS D 415 -14.12 -7.80 -23.01
CA LYS D 415 -14.39 -6.95 -21.87
C LYS D 415 -15.18 -5.67 -22.24
N THR D 416 -15.48 -5.43 -23.52
CA THR D 416 -16.30 -4.26 -23.81
C THR D 416 -17.67 -4.48 -23.19
N SER D 417 -18.12 -5.74 -23.09
CA SER D 417 -19.42 -6.03 -22.47
C SER D 417 -19.46 -7.18 -21.49
N PHE D 418 -18.40 -7.97 -21.38
CA PHE D 418 -18.49 -9.14 -20.51
C PHE D 418 -17.12 -9.47 -19.94
N PRO D 419 -16.62 -8.62 -19.03
CA PRO D 419 -15.31 -8.76 -18.42
C PRO D 419 -15.02 -10.13 -17.79
N ASN D 420 -15.99 -10.70 -17.07
CA ASN D 420 -15.78 -12.02 -16.43
C ASN D 420 -16.31 -13.24 -17.22
N PHE D 421 -16.36 -13.12 -18.54
CA PHE D 421 -16.87 -14.21 -19.40
C PHE D 421 -16.13 -15.54 -19.23
N VAL D 422 -14.81 -15.51 -19.28
CA VAL D 422 -14.07 -16.75 -19.19
C VAL D 422 -14.33 -17.47 -17.87
N GLU D 423 -14.35 -16.70 -16.81
CA GLU D 423 -14.58 -17.25 -15.50
C GLU D 423 -15.96 -17.88 -15.44
N LEU D 424 -17.01 -17.18 -15.89
CA LEU D 424 -18.36 -17.78 -15.83
C LEU D 424 -18.50 -18.94 -16.79
N ALA D 425 -17.80 -18.89 -17.92
CA ALA D 425 -17.86 -19.97 -18.89
C ALA D 425 -17.37 -21.26 -18.21
N ASN D 426 -16.16 -21.21 -17.64
CA ASN D 426 -15.58 -22.40 -17.05
C ASN D 426 -16.36 -22.93 -15.87
N GLU D 427 -16.92 -22.02 -15.10
CA GLU D 427 -17.69 -22.38 -13.94
C GLU D 427 -18.96 -23.19 -14.33
N VAL D 428 -19.65 -22.87 -15.43
CA VAL D 428 -20.81 -23.71 -15.81
C VAL D 428 -20.44 -24.89 -16.68
N GLY D 429 -19.15 -25.12 -16.91
N GLY D 429 -19.15 -25.12 -16.91
CA GLY D 429 -18.73 -26.27 -17.68
CA GLY D 429 -18.73 -26.26 -17.69
C GLY D 429 -18.38 -26.05 -19.15
C GLY D 429 -18.38 -26.04 -19.15
N MET D 430 -18.38 -24.81 -19.64
CA MET D 430 -17.95 -24.60 -21.02
C MET D 430 -16.47 -24.24 -20.95
N ASN D 431 -15.67 -24.96 -21.74
CA ASN D 431 -14.20 -24.81 -21.68
C ASN D 431 -13.66 -23.71 -22.61
N VAL D 432 -13.09 -22.69 -22.00
CA VAL D 432 -12.49 -21.55 -22.68
C VAL D 432 -11.32 -21.07 -21.83
N LYS D 433 -10.19 -20.91 -22.49
CA LYS D 433 -8.94 -20.44 -21.89
C LYS D 433 -8.38 -19.26 -22.65
N GLY D 434 -7.86 -18.29 -21.92
CA GLY D 434 -7.20 -17.16 -22.53
C GLY D 434 -5.78 -17.64 -22.73
N VAL D 435 -5.22 -17.43 -23.93
CA VAL D 435 -3.87 -17.87 -24.26
C VAL D 435 -3.18 -16.79 -25.11
N ARG D 436 -1.85 -16.78 -25.07
CA ARG D 436 -1.06 -15.81 -25.79
C ARG D 436 -1.41 -15.83 -27.28
N GLY D 437 -1.65 -14.65 -27.83
CA GLY D 437 -2.00 -14.50 -29.22
C GLY D 437 -0.80 -14.25 -30.11
N ARG D 438 -0.96 -13.35 -31.08
CA ARG D 438 0.03 -13.16 -32.12
C ARG D 438 -0.22 -11.82 -32.82
N GLY D 439 0.84 -11.13 -33.26
CA GLY D 439 0.69 -9.87 -34.05
C GLY D 439 0.33 -8.57 -33.28
N ASN E 2 -18.88 9.04 -56.03
CA ASN E 2 -19.31 7.65 -55.70
C ASN E 2 -18.28 6.63 -56.34
N ALA E 3 -18.25 5.38 -55.85
CA ALA E 3 -17.22 4.39 -56.28
C ALA E 3 -17.26 3.91 -57.73
N MET E 4 -16.18 3.26 -58.14
CA MET E 4 -16.11 2.67 -59.46
C MET E 4 -15.69 1.16 -59.36
N ASP E 5 -16.40 0.31 -60.10
CA ASP E 5 -16.11 -1.13 -60.14
C ASP E 5 -15.70 -1.57 -61.54
N TYR E 6 -15.09 -2.74 -61.64
CA TYR E 6 -14.84 -3.31 -62.96
C TYR E 6 -15.85 -4.46 -63.21
N GLN E 7 -16.34 -4.59 -64.44
CA GLN E 7 -17.26 -5.68 -64.81
C GLN E 7 -16.76 -6.36 -66.07
N THR E 8 -16.58 -7.67 -66.01
CA THR E 8 -16.12 -8.38 -67.17
C THR E 8 -17.16 -9.31 -67.78
N ILE E 9 -16.90 -9.71 -69.03
CA ILE E 9 -17.59 -10.80 -69.70
C ILE E 9 -16.45 -11.57 -70.33
N PRO E 10 -16.64 -12.86 -70.64
CA PRO E 10 -15.54 -13.70 -71.18
C PRO E 10 -14.96 -13.21 -72.48
N SER E 11 -13.77 -13.66 -72.78
CA SER E 11 -13.11 -13.24 -73.99
C SER E 11 -13.08 -14.36 -74.97
N GLN E 12 -13.27 -14.06 -76.25
CA GLN E 12 -13.18 -15.12 -77.28
C GLN E 12 -11.78 -15.24 -77.83
N GLY E 13 -10.83 -14.57 -77.17
CA GLY E 13 -9.42 -14.62 -77.55
C GLY E 13 -8.79 -13.23 -77.63
N LEU E 14 -7.58 -13.10 -77.07
CA LEU E 14 -6.89 -11.82 -77.12
C LEU E 14 -6.09 -11.68 -78.41
N SER E 15 -6.01 -10.45 -78.91
CA SER E 15 -5.36 -10.19 -80.16
C SER E 15 -4.85 -8.76 -80.30
N GLY E 16 -3.63 -8.61 -80.80
CA GLY E 16 -3.05 -7.29 -81.05
C GLY E 16 -1.63 -7.05 -80.53
N GLU E 17 -1.20 -5.80 -80.63
CA GLU E 17 0.10 -5.40 -80.12
C GLU E 17 -0.18 -4.19 -79.23
N ILE E 18 0.32 -4.24 -78.00
CA ILE E 18 0.14 -3.11 -77.10
C ILE E 18 1.37 -2.83 -76.26
N CYS E 19 1.64 -1.53 -76.07
CA CYS E 19 2.81 -1.06 -75.30
C CYS E 19 2.37 -0.63 -73.92
N VAL E 20 2.69 -1.42 -72.90
CA VAL E 20 2.27 -1.11 -71.54
C VAL E 20 3.00 0.14 -71.10
N PRO E 21 2.45 0.85 -70.10
CA PRO E 21 3.14 2.03 -69.66
C PRO E 21 4.39 1.75 -68.79
N GLY E 22 5.08 2.83 -68.44
CA GLY E 22 6.37 2.75 -67.76
C GLY E 22 6.46 2.03 -66.43
N ASP E 23 7.70 1.65 -66.10
CA ASP E 23 8.02 0.89 -64.94
C ASP E 23 7.98 1.72 -63.70
N LYS E 24 7.17 1.28 -62.73
CA LYS E 24 6.96 2.03 -61.49
C LYS E 24 8.25 2.15 -60.67
N SER E 25 8.93 1.02 -60.55
CA SER E 25 10.15 0.93 -59.78
C SER E 25 11.21 1.84 -60.32
N ILE E 26 11.43 1.76 -61.63
CA ILE E 26 12.41 2.64 -62.24
C ILE E 26 11.94 4.07 -62.16
N SER E 27 10.65 4.30 -62.41
CA SER E 27 10.14 5.67 -62.33
C SER E 27 10.40 6.36 -60.97
N HIS E 28 10.30 5.63 -59.86
CA HIS E 28 10.46 6.31 -58.55
C HIS E 28 11.86 6.83 -58.33
N ARG E 29 12.78 5.97 -58.71
CA ARG E 29 14.18 6.18 -58.56
C ARG E 29 14.68 7.23 -59.52
N ALA E 30 14.20 7.18 -60.74
CA ALA E 30 14.65 8.14 -61.75
C ALA E 30 14.31 9.56 -61.32
N VAL E 31 13.09 9.77 -60.87
CA VAL E 31 12.72 11.13 -60.45
C VAL E 31 13.44 11.57 -59.16
N LEU E 32 13.63 10.68 -58.20
CA LEU E 32 14.30 11.07 -56.96
C LEU E 32 15.76 11.44 -57.22
N LEU E 33 16.44 10.65 -58.03
CA LEU E 33 17.82 10.91 -58.31
C LEU E 33 17.96 12.17 -59.22
N ALA E 34 17.10 12.30 -60.21
CA ALA E 34 17.13 13.49 -61.05
C ALA E 34 16.99 14.74 -60.24
N ALA E 35 16.13 14.67 -59.22
CA ALA E 35 15.81 15.82 -58.40
C ALA E 35 17.01 16.41 -57.68
N ILE E 36 17.91 15.56 -57.22
CA ILE E 36 19.09 16.02 -56.51
C ILE E 36 20.37 16.02 -57.32
N ALA E 37 20.25 15.77 -58.65
CA ALA E 37 21.40 15.81 -59.56
C ALA E 37 21.79 17.26 -59.96
N GLU E 38 22.83 17.38 -60.78
CA GLU E 38 23.27 18.69 -61.23
C GLU E 38 23.00 18.74 -62.69
N GLY E 39 22.13 19.65 -63.07
CA GLY E 39 21.69 19.79 -64.45
C GLY E 39 20.23 19.36 -64.66
N GLN E 40 19.86 19.36 -65.94
CA GLN E 40 18.56 19.02 -66.40
C GLN E 40 18.51 17.59 -66.91
N THR E 41 17.56 16.82 -66.37
CA THR E 41 17.30 15.41 -66.76
C THR E 41 15.91 15.31 -67.40
N GLN E 42 15.86 14.80 -68.60
CA GLN E 42 14.60 14.55 -69.28
C GLN E 42 14.28 13.06 -69.08
N VAL E 43 13.08 12.77 -68.59
CA VAL E 43 12.65 11.39 -68.34
C VAL E 43 11.48 11.03 -69.23
N ASP E 44 11.71 10.14 -70.18
CA ASP E 44 10.66 9.64 -71.09
C ASP E 44 10.14 8.32 -70.51
N GLY E 45 8.88 8.00 -70.79
CA GLY E 45 8.28 6.74 -70.32
C GLY E 45 7.93 6.72 -68.85
N PHE E 46 7.97 7.88 -68.21
CA PHE E 46 7.64 7.98 -66.79
C PHE E 46 6.19 7.59 -66.58
N LEU E 47 5.95 6.80 -65.54
CA LEU E 47 4.64 6.31 -65.23
C LEU E 47 3.86 7.35 -64.54
N MET E 48 2.80 7.75 -65.19
CA MET E 48 1.95 8.80 -64.68
C MET E 48 0.82 8.23 -63.83
N GLY E 49 1.18 7.33 -62.90
CA GLY E 49 0.26 6.69 -61.97
C GLY E 49 0.23 7.44 -60.64
N ALA E 50 -0.68 7.08 -59.74
CA ALA E 50 -0.82 7.84 -58.51
C ALA E 50 0.38 7.69 -57.61
N ASP E 51 0.95 6.50 -57.55
CA ASP E 51 2.13 6.30 -56.71
C ASP E 51 3.32 7.14 -57.20
N ASN E 52 3.63 7.06 -58.49
CA ASN E 52 4.74 7.83 -59.04
C ASN E 52 4.52 9.33 -58.95
N LEU E 53 3.29 9.76 -59.17
CA LEU E 53 3.00 11.18 -59.05
C LEU E 53 3.04 11.67 -57.59
N ALA E 54 2.88 10.76 -56.62
CA ALA E 54 2.90 11.16 -55.19
C ALA E 54 4.37 11.42 -54.78
N MET E 55 5.28 10.64 -55.39
CA MET E 55 6.72 10.83 -55.26
C MET E 55 7.11 12.22 -55.82
N VAL E 56 6.59 12.58 -56.98
CA VAL E 56 6.86 13.88 -57.59
C VAL E 56 6.40 14.95 -56.64
N SER E 57 5.18 14.81 -56.21
CA SER E 57 4.56 15.78 -55.32
C SER E 57 5.33 15.97 -54.00
N ALA E 58 5.79 14.87 -53.44
CA ALA E 58 6.58 14.92 -52.22
C ALA E 58 7.89 15.70 -52.48
N LEU E 59 8.59 15.32 -53.53
CA LEU E 59 9.82 15.99 -53.91
C LEU E 59 9.54 17.48 -54.12
N GLN E 60 8.42 17.81 -54.74
CA GLN E 60 8.12 19.22 -54.92
C GLN E 60 7.95 19.96 -53.59
N GLN E 61 7.46 19.29 -52.58
CA GLN E 61 7.28 19.93 -51.28
C GLN E 61 8.64 20.39 -50.73
N MET E 62 9.68 19.71 -51.16
CA MET E 62 11.01 19.99 -50.70
C MET E 62 11.86 20.80 -51.68
N GLY E 63 11.22 21.48 -52.63
CA GLY E 63 11.94 22.32 -53.59
C GLY E 63 12.56 21.66 -54.82
N ALA E 64 12.23 20.41 -55.12
CA ALA E 64 12.69 19.86 -56.40
C ALA E 64 11.98 20.65 -57.50
N SER E 65 12.62 20.78 -58.66
CA SER E 65 12.04 21.50 -59.80
C SER E 65 11.73 20.45 -60.82
N ILE E 66 10.45 20.09 -60.91
CA ILE E 66 9.99 19.01 -61.78
C ILE E 66 8.84 19.50 -62.64
N GLN E 67 8.96 19.37 -63.94
CA GLN E 67 7.87 19.76 -64.82
C GLN E 67 7.19 18.47 -65.28
N VAL E 68 5.90 18.33 -64.98
CA VAL E 68 5.18 17.13 -65.37
C VAL E 68 4.48 17.37 -66.68
N ILE E 69 4.76 16.53 -67.67
CA ILE E 69 4.04 16.62 -68.95
C ILE E 69 3.21 15.32 -69.11
N GLU E 70 2.11 15.29 -68.41
CA GLU E 70 1.30 14.08 -68.30
C GLU E 70 0.97 13.38 -69.60
N ASP E 71 0.44 14.09 -70.59
CA ASP E 71 -0.02 13.40 -71.80
C ASP E 71 1.06 12.69 -72.60
N GLU E 72 2.32 13.04 -72.37
CA GLU E 72 3.43 12.42 -73.08
C GLU E 72 4.33 11.56 -72.21
N ASN E 73 3.93 11.34 -70.98
CA ASN E 73 4.72 10.55 -70.05
C ASN E 73 6.14 11.08 -69.94
N ILE E 74 6.25 12.40 -69.88
CA ILE E 74 7.54 13.02 -69.77
C ILE E 74 7.69 13.88 -68.54
N LEU E 75 8.84 13.74 -67.89
CA LEU E 75 9.20 14.68 -66.83
C LEU E 75 10.44 15.48 -67.27
N VAL E 76 10.50 16.78 -66.94
CA VAL E 76 11.70 17.58 -67.17
C VAL E 76 12.15 18.05 -65.77
N VAL E 77 13.27 17.52 -65.29
CA VAL E 77 13.76 17.85 -63.96
C VAL E 77 14.98 18.77 -63.96
N GLU E 78 14.88 19.89 -63.26
CA GLU E 78 16.01 20.80 -63.13
C GLU E 78 16.66 20.46 -61.80
N GLY E 79 17.75 19.73 -61.83
CA GLY E 79 18.41 19.30 -60.59
C GLY E 79 18.74 20.40 -59.63
N VAL E 80 18.61 20.12 -58.33
CA VAL E 80 19.03 21.10 -57.30
C VAL E 80 20.32 20.68 -56.55
N GLY E 81 20.96 19.62 -57.00
CA GLY E 81 22.18 19.15 -56.33
C GLY E 81 21.93 18.43 -55.01
N MET E 82 22.95 17.74 -54.52
CA MET E 82 22.80 16.93 -53.34
C MET E 82 22.20 17.70 -52.19
N THR E 83 22.69 18.90 -51.98
CA THR E 83 22.29 19.75 -50.86
C THR E 83 21.21 20.80 -51.21
N GLY E 84 20.59 20.71 -52.38
CA GLY E 84 19.62 21.75 -52.77
C GLY E 84 18.21 21.67 -52.21
N LEU E 85 17.90 20.65 -51.42
CA LEU E 85 16.51 20.52 -50.95
C LEU E 85 16.22 21.47 -49.82
N GLN E 86 14.96 21.81 -49.63
CA GLN E 86 14.60 22.68 -48.51
C GLN E 86 13.63 21.95 -47.65
N ALA E 87 13.62 22.30 -46.37
CA ALA E 87 12.73 21.70 -45.40
C ALA E 87 11.30 22.02 -45.81
N PRO E 88 10.42 20.97 -45.85
CA PRO E 88 9.03 21.14 -46.22
C PRO E 88 8.24 21.61 -45.01
N PRO E 89 7.14 22.30 -45.28
CA PRO E 89 6.33 22.87 -44.25
C PRO E 89 5.38 21.88 -43.61
N GLU E 90 4.99 20.84 -44.34
CA GLU E 90 4.03 19.91 -43.82
C GLU E 90 4.54 18.49 -44.00
N ALA E 91 3.78 17.56 -43.43
CA ALA E 91 4.08 16.16 -43.55
C ALA E 91 4.01 15.72 -45.03
N LEU E 92 4.99 14.98 -45.52
CA LEU E 92 4.95 14.47 -46.93
C LEU E 92 3.93 13.32 -47.15
N ASP E 93 2.90 13.57 -47.96
CA ASP E 93 1.90 12.55 -48.25
C ASP E 93 2.38 11.62 -49.38
N CYS E 94 2.75 10.38 -49.01
CA CYS E 94 3.19 9.38 -49.99
C CYS E 94 2.01 8.52 -50.52
N GLY E 95 0.80 8.99 -50.30
CA GLY E 95 -0.38 8.26 -50.75
C GLY E 95 -0.37 6.79 -50.34
N ASN E 96 -0.54 5.94 -51.34
CA ASN E 96 -0.59 4.50 -51.12
C ASN E 96 0.76 3.84 -51.36
N SER E 97 1.82 4.65 -51.55
CA SER E 97 3.11 4.12 -52.01
C SER E 97 4.19 3.77 -50.99
N GLY E 98 4.34 2.47 -50.75
CA GLY E 98 5.38 1.94 -49.88
C GLY E 98 6.76 2.30 -50.40
N THR E 99 7.02 2.12 -51.70
CA THR E 99 8.33 2.46 -52.27
C THR E 99 8.68 3.92 -51.98
N ALA E 100 7.72 4.82 -52.17
CA ALA E 100 7.98 6.23 -51.91
C ALA E 100 8.41 6.45 -50.48
N ILE E 101 7.66 5.93 -49.53
CA ILE E 101 7.98 6.27 -48.14
C ILE E 101 9.31 5.71 -47.71
N ARG E 102 9.65 4.54 -48.21
CA ARG E 102 10.89 3.90 -47.80
C ARG E 102 12.11 4.51 -48.46
N LEU E 103 12.03 4.80 -49.77
CA LEU E 103 13.15 5.46 -50.47
C LEU E 103 13.33 6.91 -49.95
N LEU E 104 12.25 7.65 -49.79
CA LEU E 104 12.34 9.01 -49.25
C LEU E 104 13.01 9.02 -47.88
N SER E 105 12.65 8.05 -47.04
CA SER E 105 13.27 7.94 -45.73
C SER E 105 14.78 7.87 -45.77
N GLY E 106 15.34 7.19 -46.78
CA GLY E 106 16.81 7.08 -46.92
C GLY E 106 17.42 8.38 -47.43
N LEU E 107 16.69 9.03 -48.32
CA LEU E 107 17.09 10.29 -48.87
C LEU E 107 17.06 11.37 -47.78
N LEU E 108 16.10 11.29 -46.87
CA LEU E 108 15.93 12.31 -45.89
C LEU E 108 16.67 12.11 -44.57
N ALA E 109 17.23 10.92 -44.37
CA ALA E 109 17.96 10.58 -43.14
C ALA E 109 19.17 11.49 -42.90
N GLY E 110 19.92 11.75 -43.98
CA GLY E 110 21.12 12.61 -43.92
C GLY E 110 20.92 14.11 -44.22
N GLN E 111 19.67 14.57 -44.33
CA GLN E 111 19.44 15.97 -44.62
C GLN E 111 19.61 16.77 -43.33
N PRO E 112 19.87 18.06 -43.45
CA PRO E 112 20.01 18.88 -42.25
C PRO E 112 18.67 19.45 -41.80
N PHE E 113 17.57 18.77 -42.10
CA PHE E 113 16.27 19.26 -41.66
C PHE E 113 15.38 18.09 -41.23
N ASN E 114 14.24 18.44 -40.65
CA ASN E 114 13.27 17.49 -40.17
C ASN E 114 12.12 17.29 -41.16
N THR E 115 11.66 16.03 -41.27
CA THR E 115 10.55 15.69 -42.16
C THR E 115 9.63 14.66 -41.52
N VAL E 116 8.34 14.79 -41.77
CA VAL E 116 7.33 13.82 -41.35
C VAL E 116 6.82 13.17 -42.63
N LEU E 117 6.88 11.85 -42.68
CA LEU E 117 6.41 11.11 -43.80
C LEU E 117 5.20 10.28 -43.41
N THR E 118 4.12 10.42 -44.14
CA THR E 118 2.93 9.65 -43.86
CA THR E 118 2.93 9.65 -43.86
C THR E 118 2.30 9.25 -45.19
N GLY E 119 1.03 8.86 -45.15
CA GLY E 119 0.30 8.42 -46.32
C GLY E 119 -1.13 8.06 -45.99
N ASP E 120 -1.75 7.19 -46.79
CA ASP E 120 -3.17 6.80 -46.59
C ASP E 120 -3.23 5.64 -45.61
N SER E 121 -4.44 5.24 -45.21
CA SER E 121 -4.63 4.16 -44.19
C SER E 121 -3.81 2.94 -44.44
N SER E 122 -3.85 2.45 -45.68
CA SER E 122 -3.06 1.29 -46.09
C SER E 122 -1.58 1.48 -45.84
N LEU E 123 -1.05 2.67 -46.15
CA LEU E 123 0.38 2.90 -46.00
C LEU E 123 0.76 2.93 -44.53
N GLN E 124 -0.17 3.43 -43.71
CA GLN E 124 0.03 3.55 -42.24
C GLN E 124 0.02 2.21 -41.47
N ARG E 125 -0.23 1.11 -42.18
CA ARG E 125 -0.18 -0.23 -41.58
C ARG E 125 1.09 -0.96 -42.03
N ARG E 126 1.80 -0.41 -43.00
CA ARG E 126 2.96 -1.12 -43.54
C ARG E 126 4.19 -1.02 -42.67
N PRO E 127 4.95 -2.12 -42.58
CA PRO E 127 6.12 -2.24 -41.72
C PRO E 127 7.34 -1.40 -42.17
N MET E 128 8.02 -0.82 -41.18
CA MET E 128 9.18 0.04 -41.42
C MET E 128 10.47 -0.32 -40.63
N LYS E 129 10.36 -1.30 -39.73
CA LYS E 129 11.49 -1.75 -38.92
C LYS E 129 12.66 -2.04 -39.87
N ARG E 130 12.38 -2.76 -40.95
CA ARG E 130 13.39 -3.14 -41.93
C ARG E 130 14.25 -1.94 -42.40
N ILE E 131 13.72 -0.72 -42.34
CA ILE E 131 14.54 0.42 -42.69
C ILE E 131 14.97 1.19 -41.43
N ILE E 132 14.05 1.36 -40.47
CA ILE E 132 14.40 2.13 -39.27
C ILE E 132 15.68 1.64 -38.59
N ASP E 133 15.81 0.33 -38.44
CA ASP E 133 16.97 -0.23 -37.74
C ASP E 133 18.27 0.09 -38.43
N PRO E 134 18.42 -0.33 -39.69
CA PRO E 134 19.70 -0.02 -40.35
C PRO E 134 19.99 1.49 -40.48
N LEU E 135 18.96 2.31 -40.62
CA LEU E 135 19.20 3.75 -40.69
C LEU E 135 19.72 4.24 -39.34
N THR E 136 19.15 3.71 -38.27
CA THR E 136 19.56 4.08 -36.93
C THR E 136 21.03 3.72 -36.72
N LEU E 137 21.47 2.59 -37.28
CA LEU E 137 22.88 2.23 -37.18
C LEU E 137 23.77 3.28 -37.86
N MET E 138 23.22 4.00 -38.86
CA MET E 138 23.98 5.01 -39.61
C MET E 138 24.00 6.37 -38.92
N GLY E 139 23.19 6.51 -37.88
CA GLY E 139 23.12 7.75 -37.10
C GLY E 139 21.76 8.42 -37.18
N ALA E 140 20.85 7.82 -37.92
CA ALA E 140 19.54 8.40 -38.07
C ALA E 140 18.76 8.32 -36.77
N LYS E 141 17.87 9.29 -36.59
CA LYS E 141 16.96 9.28 -35.50
C LYS E 141 15.59 9.42 -36.18
N ILE E 142 14.76 8.39 -36.05
CA ILE E 142 13.41 8.35 -36.65
C ILE E 142 12.36 7.93 -35.62
N ASP E 143 11.32 8.74 -35.41
CA ASP E 143 10.26 8.38 -34.45
CA ASP E 143 10.26 8.40 -34.45
C ASP E 143 9.06 7.72 -35.13
N SER E 144 8.53 6.67 -34.48
CA SER E 144 7.36 5.96 -35.00
CA SER E 144 7.36 5.96 -35.01
C SER E 144 6.64 5.19 -33.92
N THR E 145 5.31 5.21 -33.96
CA THR E 145 4.56 4.43 -33.02
C THR E 145 4.29 3.11 -33.69
N GLY E 146 4.93 2.06 -33.19
CA GLY E 146 4.71 0.70 -33.70
C GLY E 146 5.42 0.33 -35.00
N ASN E 147 6.51 1.03 -35.31
CA ASN E 147 7.26 0.73 -36.53
C ASN E 147 6.41 0.85 -37.83
N VAL E 148 5.39 1.70 -37.78
CA VAL E 148 4.58 2.01 -38.96
C VAL E 148 4.53 3.54 -39.13
N PRO E 149 4.19 4.01 -40.34
CA PRO E 149 4.05 5.45 -40.52
C PRO E 149 2.85 5.94 -39.74
N PRO E 150 2.79 7.24 -39.40
CA PRO E 150 3.75 8.33 -39.71
C PRO E 150 5.16 8.20 -39.14
N LEU E 151 6.16 8.47 -39.97
CA LEU E 151 7.55 8.50 -39.56
C LEU E 151 8.01 9.94 -39.39
N LYS E 152 8.76 10.23 -38.34
CA LYS E 152 9.33 11.57 -38.16
C LYS E 152 10.84 11.41 -38.16
N ILE E 153 11.46 11.99 -39.17
CA ILE E 153 12.88 11.86 -39.33
C ILE E 153 13.47 13.15 -38.80
N TYR E 154 14.51 13.03 -37.97
CA TYR E 154 15.27 14.17 -37.43
C TYR E 154 16.53 14.06 -38.20
N GLY E 155 16.71 14.98 -39.13
CA GLY E 155 17.81 14.87 -40.05
C GLY E 155 19.15 14.96 -39.41
N ASN E 156 20.08 14.14 -39.90
CA ASN E 156 21.42 14.17 -39.40
C ASN E 156 22.45 14.18 -40.52
N PRO E 157 23.07 15.35 -40.75
CA PRO E 157 24.05 15.41 -41.83
C PRO E 157 25.37 14.73 -41.50
N ARG E 158 25.47 14.14 -40.31
CA ARG E 158 26.69 13.47 -39.90
C ARG E 158 26.49 11.95 -39.89
N LEU E 159 25.56 11.43 -40.70
CA LEU E 159 25.38 9.98 -40.76
C LEU E 159 26.72 9.37 -41.11
N THR E 160 27.00 8.17 -40.60
CA THR E 160 28.25 7.48 -40.91
C THR E 160 27.91 6.19 -41.59
N GLY E 161 28.75 5.78 -42.53
CA GLY E 161 28.56 4.52 -43.27
C GLY E 161 28.54 3.27 -42.40
N ILE E 162 27.95 2.20 -42.94
CA ILE E 162 27.86 0.92 -42.24
C ILE E 162 27.91 -0.22 -43.26
N HIS E 163 28.32 -1.39 -42.76
CA HIS E 163 28.31 -2.60 -43.56
C HIS E 163 27.09 -3.30 -43.01
N TYR E 164 26.25 -3.87 -43.87
CA TYR E 164 25.00 -4.45 -43.39
C TYR E 164 24.48 -5.56 -44.27
N GLN E 165 24.11 -6.65 -43.60
CA GLN E 165 23.49 -7.77 -44.29
C GLN E 165 22.03 -7.71 -44.02
N LEU E 166 21.26 -7.78 -45.10
CA LEU E 166 19.82 -7.73 -45.01
C LEU E 166 19.28 -9.09 -44.53
N PRO E 167 18.29 -9.06 -43.61
CA PRO E 167 17.59 -10.29 -43.21
C PRO E 167 16.89 -10.96 -44.41
N MET E 168 15.94 -10.29 -45.06
CA MET E 168 15.36 -10.85 -46.31
C MET E 168 15.75 -9.97 -47.51
N ALA E 169 15.65 -10.52 -48.73
CA ALA E 169 15.91 -9.74 -49.95
C ALA E 169 14.82 -8.65 -50.10
N SER E 170 15.26 -7.40 -50.19
CA SER E 170 14.35 -6.25 -50.34
C SER E 170 15.06 -5.14 -51.08
N ALA E 171 14.60 -4.85 -52.29
CA ALA E 171 15.14 -3.73 -53.10
C ALA E 171 14.89 -2.42 -52.40
N GLN E 172 13.74 -2.33 -51.73
CA GLN E 172 13.42 -1.10 -51.04
C GLN E 172 14.44 -0.81 -49.95
N VAL E 173 14.78 -1.81 -49.14
CA VAL E 173 15.76 -1.61 -48.08
C VAL E 173 17.15 -1.29 -48.67
N LYS E 174 17.58 -2.08 -49.66
CA LYS E 174 18.86 -1.82 -50.34
C LYS E 174 18.84 -0.37 -50.86
N SER E 175 17.81 -0.01 -51.59
CA SER E 175 17.71 1.33 -52.11
C SER E 175 17.72 2.41 -51.02
N CYS E 176 17.06 2.15 -49.89
CA CYS E 176 16.98 3.14 -48.80
C CYS E 176 18.33 3.46 -48.24
N LEU E 177 19.08 2.40 -47.99
CA LEU E 177 20.40 2.53 -47.41
C LEU E 177 21.38 3.11 -48.44
N LEU E 178 21.26 2.67 -49.68
CA LEU E 178 22.10 3.21 -50.73
C LEU E 178 21.90 4.75 -50.82
N LEU E 179 20.65 5.21 -50.71
CA LEU E 179 20.39 6.62 -50.80
C LEU E 179 21.04 7.31 -49.60
N ALA E 180 20.75 6.85 -48.39
CA ALA E 180 21.41 7.36 -47.20
C ALA E 180 22.93 7.32 -47.35
N GLY E 181 23.43 6.32 -48.07
CA GLY E 181 24.87 6.15 -48.29
C GLY E 181 25.51 7.34 -48.95
N LEU E 182 24.81 7.89 -49.94
CA LEU E 182 25.30 9.04 -50.65
C LEU E 182 25.59 10.25 -49.75
N TYR E 183 24.91 10.36 -48.60
CA TYR E 183 25.12 11.46 -47.64
C TYR E 183 25.86 11.09 -46.34
N ALA E 184 26.43 9.89 -46.27
CA ALA E 184 27.07 9.45 -45.04
C ALA E 184 28.58 9.46 -45.20
N ARG E 185 29.29 9.82 -44.13
CA ARG E 185 30.73 9.80 -44.13
C ARG E 185 31.20 8.38 -44.32
N GLY E 186 32.06 8.17 -45.32
CA GLY E 186 32.62 6.85 -45.58
C GLY E 186 31.79 5.95 -46.48
N LYS E 187 32.15 4.68 -46.49
CA LYS E 187 31.49 3.66 -47.28
C LYS E 187 30.30 3.04 -46.58
N THR E 188 29.32 2.67 -47.38
CA THR E 188 28.14 1.96 -46.91
C THR E 188 28.14 0.74 -47.80
N CYS E 189 28.16 -0.45 -47.19
CA CYS E 189 28.17 -1.69 -47.97
C CYS E 189 26.98 -2.54 -47.62
N ILE E 190 26.22 -2.91 -48.65
CA ILE E 190 25.03 -3.69 -48.49
C ILE E 190 25.27 -5.05 -49.10
N THR E 191 25.02 -6.10 -48.31
CA THR E 191 25.12 -7.47 -48.80
C THR E 191 23.73 -8.10 -48.74
N GLU E 192 23.36 -8.80 -49.81
CA GLU E 192 22.07 -9.48 -49.90
C GLU E 192 22.19 -11.02 -49.90
N PRO E 193 21.33 -11.68 -49.11
CA PRO E 193 21.34 -13.15 -49.12
C PRO E 193 20.89 -13.67 -50.48
N ALA E 194 19.95 -12.96 -51.11
CA ALA E 194 19.45 -13.30 -52.45
C ALA E 194 19.16 -12.00 -53.22
N PRO E 195 19.69 -11.88 -54.45
CA PRO E 195 19.47 -10.67 -55.24
C PRO E 195 18.03 -10.17 -55.30
N SER E 196 17.84 -8.85 -55.16
CA SER E 196 16.54 -8.22 -55.33
C SER E 196 16.74 -7.30 -56.53
N ARG E 197 15.67 -6.76 -57.10
CA ARG E 197 15.79 -5.87 -58.27
C ARG E 197 16.90 -4.77 -58.12
N ASP E 198 17.62 -4.51 -59.23
CA ASP E 198 18.80 -3.65 -59.22
C ASP E 198 18.64 -2.29 -59.91
N HIS E 199 17.43 -1.78 -59.96
CA HIS E 199 17.19 -0.55 -60.68
C HIS E 199 17.98 0.58 -60.10
N THR E 200 18.09 0.62 -58.78
CA THR E 200 18.83 1.71 -58.12
C THR E 200 20.31 1.72 -58.56
N GLU E 201 20.92 0.54 -58.49
CA GLU E 201 22.32 0.39 -58.85
C GLU E 201 22.56 0.91 -60.25
N ARG E 202 21.73 0.45 -61.17
CA ARG E 202 21.84 0.86 -62.55
C ARG E 202 21.63 2.37 -62.75
N LEU E 203 20.74 2.98 -61.97
CA LEU E 203 20.53 4.44 -62.10
C LEU E 203 21.70 5.18 -61.49
N LEU E 204 22.25 4.67 -60.38
CA LEU E 204 23.43 5.34 -59.79
C LEU E 204 24.53 5.37 -60.83
N LYS E 205 24.74 4.28 -61.60
CA LYS E 205 25.78 4.28 -62.67
C LYS E 205 25.42 5.31 -63.75
N HIS E 206 24.15 5.41 -64.06
CA HIS E 206 23.65 6.31 -65.07
C HIS E 206 23.95 7.76 -64.74
N PHE E 207 23.85 8.10 -63.47
CA PHE E 207 24.13 9.46 -63.00
C PHE E 207 25.61 9.67 -62.58
N HIS E 208 26.48 8.77 -63.06
CA HIS E 208 27.92 8.78 -62.77
C HIS E 208 28.27 8.88 -61.31
N TYR E 209 27.58 8.10 -60.48
CA TYR E 209 27.92 8.03 -59.07
C TYR E 209 28.69 6.74 -58.99
N THR E 210 29.75 6.77 -58.21
CA THR E 210 30.69 5.67 -58.15
C THR E 210 30.16 4.49 -57.32
N LEU E 211 30.17 3.30 -57.92
CA LEU E 211 29.62 2.08 -57.30
C LEU E 211 30.59 0.85 -57.28
N GLN E 212 30.63 0.13 -56.15
CA GLN E 212 31.52 -1.07 -55.95
C GLN E 212 30.76 -2.40 -55.89
N LYS E 213 31.47 -3.53 -55.99
CA LYS E 213 30.87 -4.88 -55.82
C LYS E 213 31.89 -5.96 -55.38
N GLN E 216 30.19 -9.83 -54.22
CA GLN E 216 28.76 -10.22 -54.07
C GLN E 216 27.88 -9.23 -53.29
N SER E 217 28.48 -8.19 -52.73
CA SER E 217 27.72 -7.14 -52.06
C SER E 217 27.96 -5.87 -52.91
N ILE E 218 27.32 -4.74 -52.60
CA ILE E 218 27.58 -3.47 -53.35
C ILE E 218 27.82 -2.30 -52.38
N CYS E 219 28.76 -1.40 -52.73
CA CYS E 219 29.13 -0.26 -51.84
C CYS E 219 29.12 1.12 -52.51
N VAL E 220 28.94 2.16 -51.69
CA VAL E 220 29.03 3.55 -52.17
C VAL E 220 29.64 4.38 -51.07
N SER E 221 30.37 5.42 -51.49
CA SER E 221 30.98 6.37 -50.58
C SER E 221 30.21 7.66 -50.64
N GLY E 222 29.92 8.22 -49.47
CA GLY E 222 29.19 9.49 -49.37
C GLY E 222 29.92 10.69 -49.96
N GLY E 223 29.21 11.80 -50.12
CA GLY E 223 29.82 13.03 -50.63
C GLY E 223 30.05 13.09 -52.13
N GLY E 224 29.66 12.09 -52.91
CA GLY E 224 29.79 12.15 -54.38
C GLY E 224 28.73 13.09 -54.96
N LYS E 225 28.67 13.17 -56.29
CA LYS E 225 27.69 14.05 -56.97
C LYS E 225 27.01 13.32 -58.11
N LEU E 226 25.72 13.53 -58.25
CA LEU E 226 24.93 12.96 -59.37
C LEU E 226 24.88 13.95 -60.57
N LYS E 227 25.22 13.47 -61.76
CA LYS E 227 25.24 14.29 -62.95
C LYS E 227 23.99 13.99 -63.77
N ALA E 228 23.25 15.05 -64.14
CA ALA E 228 22.01 14.91 -64.94
C ALA E 228 22.30 14.12 -66.21
N ASN E 229 21.38 13.24 -66.60
CA ASN E 229 21.56 12.42 -67.80
C ASN E 229 20.20 11.89 -68.18
N ASP E 230 19.74 12.29 -69.36
CA ASP E 230 18.42 11.87 -69.85
C ASP E 230 18.19 10.39 -69.69
N ILE E 231 16.96 10.05 -69.34
CA ILE E 231 16.60 8.67 -69.07
C ILE E 231 15.32 8.22 -69.82
N SER E 232 15.36 7.02 -70.31
CA SER E 232 14.25 6.43 -71.03
C SER E 232 13.77 5.20 -70.24
N ILE E 233 12.52 5.24 -69.79
CA ILE E 233 11.96 4.20 -68.93
C ILE E 233 11.25 3.16 -69.81
N PRO E 234 11.56 1.92 -69.59
CA PRO E 234 10.87 0.88 -70.35
C PRO E 234 9.53 0.52 -69.72
N GLY E 235 8.72 -0.26 -70.43
CA GLY E 235 7.45 -0.71 -69.96
C GLY E 235 7.58 -1.63 -68.75
N ASP E 236 6.65 -1.52 -67.82
CA ASP E 236 6.67 -2.28 -66.58
C ASP E 236 6.27 -3.71 -66.89
N ILE E 237 7.11 -4.67 -66.56
CA ILE E 237 6.74 -6.08 -66.80
C ILE E 237 5.62 -6.52 -65.85
N SER E 238 5.52 -5.86 -64.69
CA SER E 238 4.46 -6.18 -63.75
C SER E 238 3.15 -5.83 -64.38
N SER E 239 3.15 -4.81 -65.23
CA SER E 239 1.92 -4.51 -65.92
C SER E 239 1.70 -5.47 -67.08
N ALA E 240 2.75 -5.83 -67.80
CA ALA E 240 2.58 -6.78 -68.88
C ALA E 240 2.11 -8.12 -68.32
N ALA E 241 2.57 -8.48 -67.13
CA ALA E 241 2.17 -9.77 -66.55
C ALA E 241 0.67 -10.02 -66.68
N PHE E 242 -0.17 -9.01 -66.47
CA PHE E 242 -1.62 -9.24 -66.60
C PHE E 242 -1.96 -9.73 -68.02
N PHE E 243 -1.43 -9.07 -69.02
CA PHE E 243 -1.69 -9.52 -70.40
C PHE E 243 -1.05 -10.86 -70.77
N ILE E 244 0.09 -11.16 -70.18
CA ILE E 244 0.77 -12.41 -70.42
C ILE E 244 -0.09 -13.56 -69.91
N VAL E 245 -0.58 -13.42 -68.69
CA VAL E 245 -1.41 -14.46 -68.10
C VAL E 245 -2.74 -14.59 -68.81
N ALA E 246 -3.30 -13.46 -69.22
CA ALA E 246 -4.58 -13.43 -69.89
C ALA E 246 -4.57 -14.13 -71.24
N ALA E 247 -3.54 -13.83 -72.06
CA ALA E 247 -3.39 -14.46 -73.36
C ALA E 247 -3.05 -15.95 -73.21
N THR E 248 -2.34 -16.31 -72.16
CA THR E 248 -2.00 -17.67 -71.93
C THR E 248 -3.22 -18.55 -71.64
N ILE E 249 -4.11 -18.05 -70.80
CA ILE E 249 -5.23 -18.83 -70.34
C ILE E 249 -6.45 -18.77 -71.22
N THR E 250 -6.55 -17.74 -72.04
CA THR E 250 -7.71 -17.56 -72.91
C THR E 250 -7.51 -18.15 -74.34
N PRO E 251 -8.28 -19.20 -74.68
CA PRO E 251 -8.24 -19.83 -76.00
C PRO E 251 -8.44 -18.88 -77.18
N GLY E 252 -7.65 -19.11 -78.23
CA GLY E 252 -7.68 -18.34 -79.47
C GLY E 252 -6.86 -17.06 -79.41
N SER E 253 -5.96 -16.96 -78.43
CA SER E 253 -5.16 -15.76 -78.17
C SER E 253 -3.77 -15.77 -78.75
N ALA E 254 -3.39 -14.63 -79.31
CA ALA E 254 -2.06 -14.43 -79.88
C ALA E 254 -1.78 -12.95 -79.73
N ILE E 255 -0.81 -12.56 -78.88
CA ILE E 255 -0.52 -11.12 -78.71
C ILE E 255 0.97 -10.90 -78.59
N ARG E 256 1.37 -9.66 -78.88
CA ARG E 256 2.75 -9.19 -78.71
C ARG E 256 2.76 -7.92 -77.88
N LEU E 257 3.63 -7.87 -76.88
CA LEU E 257 3.75 -6.74 -75.95
C LEU E 257 5.05 -6.00 -76.25
N CYS E 258 4.94 -4.80 -76.82
CA CYS E 258 6.12 -4.03 -77.23
C CYS E 258 6.83 -3.32 -76.08
N ARG E 259 8.14 -3.14 -76.23
CA ARG E 259 9.03 -2.39 -75.34
C ARG E 259 8.84 -2.62 -73.87
N VAL E 260 8.82 -3.87 -73.48
CA VAL E 260 8.68 -4.21 -72.11
C VAL E 260 10.07 -4.42 -71.51
N GLY E 261 10.28 -3.92 -70.30
CA GLY E 261 11.55 -4.14 -69.64
C GLY E 261 11.67 -5.61 -69.32
N VAL E 262 12.89 -6.15 -69.42
CA VAL E 262 13.14 -7.57 -69.14
C VAL E 262 14.34 -7.75 -68.24
N ASN E 263 14.45 -6.90 -67.24
CA ASN E 263 15.52 -7.03 -66.30
C ASN E 263 15.33 -8.39 -65.64
N PRO E 264 16.39 -9.22 -65.64
CA PRO E 264 16.42 -10.56 -65.06
C PRO E 264 15.86 -10.68 -63.65
N THR E 265 16.02 -9.63 -62.85
CA THR E 265 15.51 -9.63 -61.48
C THR E 265 13.99 -9.43 -61.43
N ARG E 266 13.37 -9.33 -62.61
CA ARG E 266 11.92 -9.15 -62.76
C ARG E 266 11.22 -10.24 -63.63
N LEU E 267 11.98 -11.21 -64.14
CA LEU E 267 11.43 -12.18 -65.08
C LEU E 267 10.69 -13.37 -64.46
N GLY E 268 10.52 -13.36 -63.15
CA GLY E 268 9.84 -14.45 -62.46
C GLY E 268 8.58 -14.96 -63.12
N VAL E 269 7.59 -14.08 -63.32
CA VAL E 269 6.32 -14.53 -63.91
C VAL E 269 6.53 -15.34 -65.20
N ILE E 270 7.45 -14.91 -66.04
CA ILE E 270 7.75 -15.61 -67.28
C ILE E 270 8.41 -16.93 -67.03
N ASN E 271 9.33 -16.96 -66.09
CA ASN E 271 10.06 -18.21 -65.76
C ASN E 271 9.10 -19.31 -65.25
N LEU E 272 8.20 -18.91 -64.35
CA LEU E 272 7.23 -19.84 -63.74
C LEU E 272 6.13 -20.25 -64.72
N LEU E 273 5.57 -19.31 -65.47
CA LEU E 273 4.63 -19.70 -66.48
C LEU E 273 5.25 -20.75 -67.42
N LYS E 274 6.47 -20.51 -67.90
CA LYS E 274 7.13 -21.48 -68.80
C LYS E 274 7.21 -22.86 -68.12
N MET E 275 7.56 -22.90 -66.85
CA MET E 275 7.56 -24.15 -66.08
C MET E 275 6.20 -24.82 -66.06
N MET E 276 5.16 -24.02 -66.06
CA MET E 276 3.78 -24.50 -66.05
C MET E 276 3.26 -24.88 -67.42
N GLY E 277 4.07 -24.63 -68.46
CA GLY E 277 3.71 -24.96 -69.85
C GLY E 277 3.42 -23.76 -70.77
N ALA E 278 3.69 -22.54 -70.34
CA ALA E 278 3.35 -21.39 -71.20
C ALA E 278 4.12 -21.27 -72.51
N ASP E 279 3.50 -20.54 -73.44
CA ASP E 279 4.06 -20.26 -74.74
C ASP E 279 4.41 -18.74 -74.83
N ILE E 280 5.64 -18.43 -74.41
CA ILE E 280 6.13 -17.06 -74.34
C ILE E 280 7.51 -16.91 -75.01
N GLU E 281 7.56 -16.05 -76.03
CA GLU E 281 8.77 -15.76 -76.80
C GLU E 281 9.25 -14.31 -76.65
N VAL E 282 10.50 -14.16 -76.19
CA VAL E 282 11.13 -12.87 -76.02
C VAL E 282 12.02 -12.63 -77.22
N THR E 283 11.79 -11.53 -77.95
CA THR E 283 12.59 -11.16 -79.14
C THR E 283 12.88 -9.63 -79.19
N HIS E 284 13.46 -9.14 -80.29
CA HIS E 284 13.74 -7.70 -80.51
C HIS E 284 14.43 -7.09 -79.29
N TYR E 285 15.32 -7.89 -78.69
CA TYR E 285 16.04 -7.53 -77.48
C TYR E 285 17.00 -6.33 -77.72
N THR E 286 17.12 -5.42 -76.73
CA THR E 286 17.95 -4.22 -76.87
CA THR E 286 17.95 -4.21 -76.87
C THR E 286 18.37 -3.67 -75.51
N GLU E 287 19.27 -2.67 -75.52
CA GLU E 287 19.79 -2.02 -74.27
C GLU E 287 20.03 -0.48 -74.28
N LYS E 288 19.60 0.15 -73.18
CA LYS E 288 19.72 1.60 -72.98
C LYS E 288 19.58 1.94 -71.49
N GLU E 291 19.04 -0.19 -68.86
CA GLU E 291 17.99 -1.21 -68.59
C GLU E 291 17.54 -1.96 -69.85
N PRO E 292 17.57 -3.30 -69.81
CA PRO E 292 17.18 -4.15 -70.95
C PRO E 292 15.70 -4.08 -71.30
N THR E 293 15.40 -4.24 -72.58
CA THR E 293 14.06 -4.12 -73.13
C THR E 293 13.77 -5.14 -74.25
N ALA E 294 12.55 -5.64 -74.32
CA ALA E 294 12.21 -6.61 -75.35
C ALA E 294 10.75 -6.63 -75.74
N ASP E 295 10.44 -7.39 -76.78
CA ASP E 295 9.06 -7.57 -77.23
C ASP E 295 8.69 -8.98 -76.73
N ILE E 296 7.50 -9.11 -76.12
CA ILE E 296 7.06 -10.40 -75.57
C ILE E 296 5.83 -10.85 -76.36
N THR E 297 5.92 -12.05 -76.91
CA THR E 297 4.83 -12.59 -77.73
C THR E 297 4.23 -13.71 -76.93
N VAL E 298 2.92 -13.74 -76.81
CA VAL E 298 2.25 -14.74 -75.97
C VAL E 298 1.09 -15.39 -76.72
N ARG E 299 1.01 -16.71 -76.64
CA ARG E 299 -0.05 -17.46 -77.30
C ARG E 299 -0.68 -18.33 -76.26
N HIS E 300 -1.94 -18.67 -76.48
CA HIS E 300 -2.66 -19.55 -75.57
C HIS E 300 -1.98 -20.87 -75.40
N ALA E 301 -1.95 -21.36 -74.17
CA ALA E 301 -1.37 -22.67 -73.85
C ALA E 301 -2.05 -23.27 -72.61
N ARG E 302 -1.98 -24.59 -72.48
CA ARG E 302 -2.60 -25.31 -71.37
C ARG E 302 -1.52 -25.45 -70.39
N LEU E 303 -1.88 -25.32 -69.12
CA LEU E 303 -0.89 -25.30 -68.06
C LEU E 303 -1.04 -26.40 -67.04
N LYS E 304 0.09 -26.73 -66.42
CA LYS E 304 0.11 -27.74 -65.39
C LYS E 304 0.57 -27.06 -64.12
N GLY E 305 -0.12 -27.35 -63.01
CA GLY E 305 0.27 -26.82 -61.70
C GLY E 305 1.71 -27.18 -61.35
N ILE E 306 2.34 -26.36 -60.51
CA ILE E 306 3.72 -26.57 -60.10
C ILE E 306 3.96 -26.18 -58.65
N ASP E 307 5.08 -26.64 -58.12
CA ASP E 307 5.52 -26.25 -56.78
C ASP E 307 6.47 -25.12 -57.08
N ILE E 308 6.14 -23.96 -56.57
CA ILE E 308 6.93 -22.78 -56.86
C ILE E 308 8.21 -22.77 -56.08
N PRO E 309 9.34 -22.84 -56.79
CA PRO E 309 10.66 -22.86 -56.20
C PRO E 309 10.87 -21.60 -55.35
N PRO E 310 11.37 -21.74 -54.12
CA PRO E 310 11.65 -20.60 -53.22
C PRO E 310 12.49 -19.50 -53.84
N ASP E 311 13.50 -19.88 -54.62
CA ASP E 311 14.41 -18.92 -55.29
C ASP E 311 13.71 -17.95 -56.23
N GLN E 312 12.54 -18.32 -56.73
CA GLN E 312 11.77 -17.41 -57.59
C GLN E 312 10.83 -16.46 -56.82
N VAL E 313 10.54 -16.75 -55.55
CA VAL E 313 9.59 -15.91 -54.84
C VAL E 313 9.97 -14.44 -54.91
N PRO E 314 11.11 -14.04 -54.33
CA PRO E 314 11.56 -12.64 -54.37
C PRO E 314 11.43 -11.92 -55.72
N LEU E 315 11.86 -12.56 -56.80
CA LEU E 315 11.77 -11.99 -58.16
C LEU E 315 10.36 -11.98 -58.80
N THR E 316 9.34 -12.39 -58.05
CA THR E 316 8.00 -12.51 -58.61
C THR E 316 6.93 -12.05 -57.61
N ILE E 317 7.38 -11.53 -56.48
CA ILE E 317 6.49 -11.16 -55.38
C ILE E 317 5.25 -10.36 -55.83
N ASP E 318 5.42 -9.38 -56.67
CA ASP E 318 4.31 -8.61 -57.14
C ASP E 318 3.50 -9.34 -58.23
N GLU E 319 3.99 -10.43 -58.80
CA GLU E 319 3.20 -11.12 -59.83
C GLU E 319 2.35 -12.31 -59.34
N PHE E 320 2.41 -12.65 -58.06
CA PHE E 320 1.60 -13.78 -57.61
C PHE E 320 0.09 -13.58 -57.72
N PRO E 321 -0.38 -12.36 -57.51
CA PRO E 321 -1.82 -12.25 -57.64
C PRO E 321 -2.30 -12.76 -58.99
N VAL E 322 -1.67 -12.30 -60.06
CA VAL E 322 -2.12 -12.73 -61.38
C VAL E 322 -1.65 -14.13 -61.69
N LEU E 323 -0.50 -14.54 -61.17
CA LEU E 323 -0.03 -15.90 -61.39
C LEU E 323 -1.01 -16.94 -60.79
N LEU E 324 -1.58 -16.59 -59.63
CA LEU E 324 -2.51 -17.47 -58.99
C LEU E 324 -3.75 -17.68 -59.86
N ILE E 325 -4.09 -16.71 -60.69
CA ILE E 325 -5.19 -16.91 -61.62
C ILE E 325 -4.77 -17.98 -62.66
N ALA E 326 -3.52 -17.97 -63.10
CA ALA E 326 -3.05 -19.01 -64.02
C ALA E 326 -3.14 -20.36 -63.30
N ALA E 327 -2.68 -20.43 -62.03
CA ALA E 327 -2.76 -21.68 -61.24
C ALA E 327 -4.18 -22.22 -61.13
N ALA E 328 -5.17 -21.32 -61.04
CA ALA E 328 -6.55 -21.70 -60.89
C ALA E 328 -7.14 -22.42 -62.09
N VAL E 329 -6.59 -22.19 -63.27
CA VAL E 329 -7.15 -22.78 -64.49
C VAL E 329 -6.17 -23.78 -65.10
N ALA E 330 -5.14 -24.12 -64.32
CA ALA E 330 -4.16 -25.11 -64.71
C ALA E 330 -4.63 -26.53 -64.31
N GLN E 331 -4.02 -27.54 -64.92
CA GLN E 331 -4.32 -28.93 -64.58
C GLN E 331 -3.44 -29.33 -63.35
N GLY E 332 -4.07 -29.74 -62.26
CA GLY E 332 -3.31 -30.11 -61.08
C GLY E 332 -3.17 -29.02 -60.04
N LYS E 333 -2.31 -29.31 -59.09
CA LYS E 333 -2.10 -28.50 -57.88
C LYS E 333 -0.90 -27.55 -57.99
N THR E 334 -1.02 -26.36 -57.41
CA THR E 334 0.09 -25.41 -57.34
C THR E 334 0.28 -25.05 -55.87
N VAL E 335 1.53 -24.99 -55.42
CA VAL E 335 1.80 -24.68 -54.02
C VAL E 335 2.80 -23.53 -53.93
N LEU E 336 2.43 -22.45 -53.26
CA LEU E 336 3.35 -21.29 -53.12
C LEU E 336 3.81 -21.26 -51.68
N ARG E 337 5.11 -21.10 -51.49
CA ARG E 337 5.68 -21.03 -50.13
C ARG E 337 6.70 -19.92 -50.06
N ASP E 338 7.08 -19.54 -48.84
CA ASP E 338 8.07 -18.48 -48.60
C ASP E 338 7.63 -17.10 -49.11
N ALA E 339 6.33 -16.88 -49.18
CA ALA E 339 5.77 -15.63 -49.63
C ALA E 339 5.04 -14.87 -48.51
N ALA E 340 5.49 -14.99 -47.27
CA ALA E 340 4.86 -14.23 -46.17
C ALA E 340 4.88 -12.71 -46.45
N GLU E 341 5.74 -12.22 -47.33
CA GLU E 341 5.72 -10.77 -47.64
C GLU E 341 4.39 -10.31 -48.28
N LEU E 342 3.68 -11.25 -48.91
CA LEU E 342 2.43 -10.93 -49.53
C LEU E 342 1.43 -10.40 -48.54
N ARG E 343 1.56 -10.80 -47.28
CA ARG E 343 0.59 -10.37 -46.31
C ARG E 343 0.73 -8.95 -45.90
N VAL E 344 1.88 -8.36 -46.18
CA VAL E 344 2.20 -7.03 -45.69
C VAL E 344 2.39 -6.01 -46.78
N LYS E 345 1.58 -6.13 -47.83
CA LYS E 345 1.61 -5.19 -48.97
C LYS E 345 0.42 -4.18 -48.82
N GLU E 346 0.00 -3.56 -49.93
CA GLU E 346 -1.14 -2.62 -49.93
C GLU E 346 -2.20 -3.22 -49.01
N THR E 347 -2.43 -4.50 -49.25
CA THR E 347 -3.33 -5.30 -48.48
C THR E 347 -2.62 -6.65 -48.28
N ASP E 348 -3.27 -7.56 -47.56
CA ASP E 348 -2.80 -8.91 -47.42
C ASP E 348 -3.25 -9.60 -48.74
N ARG E 349 -2.29 -9.79 -49.62
CA ARG E 349 -2.54 -10.39 -50.90
C ARG E 349 -2.88 -11.88 -50.86
N ILE E 350 -2.41 -12.63 -49.85
CA ILE E 350 -2.79 -14.04 -49.76
C ILE E 350 -4.28 -14.14 -49.46
N ALA E 351 -4.64 -13.58 -48.30
CA ALA E 351 -6.02 -13.52 -47.88
C ALA E 351 -6.95 -13.03 -48.99
N ALA E 352 -6.52 -12.00 -49.71
CA ALA E 352 -7.37 -11.41 -50.73
C ALA E 352 -7.55 -12.30 -51.94
N MET E 353 -6.50 -12.98 -52.43
CA MET E 353 -6.68 -13.86 -53.60
C MET E 353 -7.47 -15.12 -53.18
N VAL E 354 -7.17 -15.66 -52.02
CA VAL E 354 -7.91 -16.85 -51.52
C VAL E 354 -9.42 -16.57 -51.51
N ASP E 355 -9.80 -15.44 -50.93
CA ASP E 355 -11.21 -15.11 -50.79
C ASP E 355 -11.84 -15.03 -52.17
N GLY E 356 -11.21 -14.27 -53.04
CA GLY E 356 -11.72 -14.10 -54.37
C GLY E 356 -11.76 -15.37 -55.17
N LEU E 357 -10.69 -16.15 -55.12
CA LEU E 357 -10.70 -17.41 -55.85
C LEU E 357 -11.88 -18.28 -55.34
N GLN E 358 -12.08 -18.34 -54.01
CA GLN E 358 -13.17 -19.17 -53.46
C GLN E 358 -14.52 -18.65 -53.96
N LYS E 359 -14.66 -17.34 -54.04
CA LYS E 359 -15.91 -16.80 -54.51
C LYS E 359 -16.15 -17.15 -55.98
N LEU E 360 -15.08 -17.31 -56.77
CA LEU E 360 -15.23 -17.69 -58.16
C LEU E 360 -15.12 -19.23 -58.35
N GLY E 361 -15.26 -19.98 -57.24
CA GLY E 361 -15.31 -21.42 -57.28
C GLY E 361 -14.03 -22.23 -57.39
N ILE E 362 -12.97 -21.75 -56.79
CA ILE E 362 -11.71 -22.41 -56.89
C ILE E 362 -11.28 -22.88 -55.52
N ALA E 363 -10.87 -24.14 -55.43
CA ALA E 363 -10.43 -24.66 -54.15
C ALA E 363 -9.06 -24.04 -53.91
N ALA E 364 -9.02 -23.01 -53.08
CA ALA E 364 -7.78 -22.35 -52.73
C ALA E 364 -7.70 -22.33 -51.23
N GLU E 365 -6.56 -22.77 -50.72
CA GLU E 365 -6.34 -22.88 -49.30
C GLU E 365 -5.13 -22.04 -48.92
N SER E 366 -5.28 -21.32 -47.82
CA SER E 366 -4.24 -20.44 -47.31
C SER E 366 -3.15 -21.14 -46.48
N LEU E 367 -1.93 -20.61 -46.56
CA LEU E 367 -0.83 -21.00 -45.70
C LEU E 367 -0.23 -19.72 -45.09
N PRO E 368 0.33 -19.78 -43.87
CA PRO E 368 0.96 -18.57 -43.31
C PRO E 368 1.89 -17.89 -44.31
N ASP E 369 2.64 -18.69 -45.07
CA ASP E 369 3.58 -18.17 -46.06
C ASP E 369 3.24 -18.46 -47.52
N GLY E 370 1.99 -18.75 -47.85
CA GLY E 370 1.65 -19.01 -49.25
C GLY E 370 0.23 -19.50 -49.44
N VAL E 371 0.00 -20.27 -50.48
CA VAL E 371 -1.30 -20.87 -50.74
C VAL E 371 -1.14 -22.18 -51.44
N ILE E 372 -2.17 -23.00 -51.31
CA ILE E 372 -2.28 -24.24 -52.01
C ILE E 372 -3.47 -24.09 -52.93
N ILE E 373 -3.26 -24.26 -54.24
CA ILE E 373 -4.36 -24.15 -55.18
C ILE E 373 -4.61 -25.40 -56.02
N GLN E 374 -5.89 -25.79 -56.07
CA GLN E 374 -6.32 -26.90 -56.89
C GLN E 374 -6.89 -26.37 -58.18
N GLY E 375 -6.19 -26.63 -59.29
CA GLY E 375 -6.65 -26.18 -60.60
C GLY E 375 -8.06 -26.65 -60.86
N GLY E 376 -8.84 -25.83 -61.55
CA GLY E 376 -10.24 -26.14 -61.74
C GLY E 376 -10.90 -25.28 -62.78
N THR E 377 -12.07 -24.74 -62.45
CA THR E 377 -12.86 -23.95 -63.41
C THR E 377 -13.44 -22.70 -62.77
N LEU E 378 -13.06 -21.56 -63.31
CA LEU E 378 -13.50 -20.29 -62.79
C LEU E 378 -14.92 -20.06 -63.19
N GLU E 379 -15.72 -19.61 -62.23
CA GLU E 379 -17.13 -19.27 -62.47
C GLU E 379 -17.27 -17.75 -62.45
N GLY E 380 -18.39 -17.25 -62.94
CA GLY E 380 -18.69 -15.84 -62.84
C GLY E 380 -19.09 -15.61 -61.38
N GLY E 381 -19.03 -14.36 -60.95
CA GLY E 381 -19.38 -13.98 -59.59
C GLY E 381 -18.94 -12.55 -59.27
N GLU E 382 -18.59 -12.31 -58.02
CA GLU E 382 -18.24 -11.01 -57.54
C GLU E 382 -17.10 -11.11 -56.55
N VAL E 383 -16.13 -10.22 -56.65
CA VAL E 383 -15.03 -10.25 -55.71
C VAL E 383 -14.75 -8.84 -55.25
N ASN E 384 -14.04 -8.72 -54.13
CA ASN E 384 -13.62 -7.41 -53.63
C ASN E 384 -12.13 -7.20 -53.88
N SER E 385 -11.76 -6.05 -54.43
CA SER E 385 -10.36 -5.74 -54.71
C SER E 385 -9.55 -5.47 -53.46
N TYR E 386 -10.22 -5.19 -52.34
CA TYR E 386 -9.56 -4.82 -51.09
C TYR E 386 -8.70 -3.55 -51.29
N ASP E 387 -9.11 -2.74 -52.28
CA ASP E 387 -8.47 -1.50 -52.65
C ASP E 387 -7.05 -1.69 -53.20
N ASP E 388 -6.72 -2.91 -53.60
CA ASP E 388 -5.39 -3.21 -54.08
C ASP E 388 -5.40 -3.36 -55.61
N HIS E 389 -4.55 -2.57 -56.24
CA HIS E 389 -4.49 -2.53 -57.69
C HIS E 389 -4.17 -3.82 -58.33
N ARG E 390 -3.28 -4.62 -57.76
CA ARG E 390 -2.96 -5.91 -58.39
C ARG E 390 -4.08 -6.97 -58.18
N ILE E 391 -4.78 -6.93 -57.05
CA ILE E 391 -5.88 -7.86 -56.82
C ILE E 391 -6.97 -7.57 -57.83
N ALA E 392 -7.28 -6.27 -58.00
CA ALA E 392 -8.29 -5.85 -58.97
C ALA E 392 -7.96 -6.26 -60.41
N MET E 393 -6.75 -5.99 -60.87
CA MET E 393 -6.40 -6.41 -62.23
C MET E 393 -6.37 -7.94 -62.34
N ALA E 394 -5.84 -8.62 -61.33
CA ALA E 394 -5.81 -10.10 -61.37
C ALA E 394 -7.23 -10.69 -61.63
N PHE E 395 -8.22 -10.20 -60.91
CA PHE E 395 -9.57 -10.68 -61.13
C PHE E 395 -10.16 -10.25 -62.45
N ALA E 396 -9.75 -9.10 -62.96
CA ALA E 396 -10.19 -8.68 -64.29
C ALA E 396 -9.55 -9.68 -65.31
N VAL E 397 -8.31 -10.12 -65.10
CA VAL E 397 -7.73 -11.17 -65.95
C VAL E 397 -8.56 -12.48 -65.79
N ALA E 398 -8.97 -12.77 -64.55
CA ALA E 398 -9.76 -13.98 -64.29
C ALA E 398 -11.04 -13.97 -65.13
N GLY E 399 -11.60 -12.79 -65.40
CA GLY E 399 -12.83 -12.63 -66.21
C GLY E 399 -12.78 -13.15 -67.64
N THR E 400 -11.58 -13.15 -68.21
CA THR E 400 -11.41 -13.61 -69.59
C THR E 400 -11.87 -15.08 -69.76
N LEU E 401 -11.60 -15.96 -68.79
CA LEU E 401 -11.96 -17.40 -68.87
C LEU E 401 -13.12 -17.83 -67.97
N ALA E 402 -13.46 -17.03 -66.96
CA ALA E 402 -14.60 -17.37 -66.06
C ALA E 402 -15.85 -17.69 -66.87
N LYS E 403 -16.62 -18.68 -66.42
CA LYS E 403 -17.86 -19.06 -67.11
C LYS E 403 -18.84 -17.91 -67.28
N GLY E 404 -18.83 -16.91 -66.40
CA GLY E 404 -19.76 -15.80 -66.54
C GLY E 404 -19.16 -14.44 -66.20
N PRO E 405 -20.02 -13.43 -66.08
CA PRO E 405 -19.46 -12.12 -65.74
C PRO E 405 -18.82 -12.13 -64.36
N VAL E 406 -17.75 -11.35 -64.21
CA VAL E 406 -17.06 -11.15 -62.94
C VAL E 406 -17.07 -9.67 -62.56
N ARG E 407 -17.66 -9.38 -61.39
CA ARG E 407 -17.71 -8.06 -60.85
C ARG E 407 -16.63 -7.93 -59.79
N ILE E 408 -15.66 -7.03 -60.04
CA ILE E 408 -14.56 -6.69 -59.08
C ILE E 408 -14.96 -5.33 -58.46
N ARG E 409 -15.15 -5.28 -57.14
CA ARG E 409 -15.53 -3.99 -56.50
C ARG E 409 -14.33 -3.10 -56.15
N ASN E 410 -14.52 -1.78 -56.30
CA ASN E 410 -13.54 -0.75 -55.94
C ASN E 410 -12.22 -0.83 -56.70
N CYS E 411 -12.25 -0.32 -57.91
CA CYS E 411 -11.09 -0.37 -58.77
C CYS E 411 -10.45 1.01 -59.02
N ASP E 412 -10.78 2.00 -58.20
CA ASP E 412 -10.23 3.35 -58.35
C ASP E 412 -8.71 3.32 -58.21
N ASN E 413 -8.20 2.35 -57.44
CA ASN E 413 -6.78 2.27 -57.24
C ASN E 413 -5.94 1.60 -58.33
N VAL E 414 -6.59 1.09 -59.37
CA VAL E 414 -5.82 0.52 -60.45
C VAL E 414 -4.85 1.60 -60.99
N LYS E 415 -5.22 2.86 -60.93
CA LYS E 415 -4.32 3.93 -61.42
C LYS E 415 -3.10 4.14 -60.53
N THR E 416 -2.97 3.42 -59.42
CA THR E 416 -1.75 3.61 -58.64
C THR E 416 -0.60 3.10 -59.51
N SER E 417 -0.84 2.13 -60.41
CA SER E 417 0.24 1.64 -61.27
C SER E 417 -0.12 1.43 -62.73
N PHE E 418 -1.40 1.50 -63.06
CA PHE E 418 -1.79 1.21 -64.44
C PHE E 418 -3.00 2.04 -64.85
N PRO E 419 -2.80 3.34 -65.02
CA PRO E 419 -3.85 4.26 -65.41
C PRO E 419 -4.64 3.87 -66.63
N ASN E 420 -3.98 3.43 -67.70
CA ASN E 420 -4.73 3.08 -68.93
C ASN E 420 -5.09 1.57 -69.08
N PHE E 421 -5.21 0.85 -67.96
CA PHE E 421 -5.51 -0.59 -68.00
C PHE E 421 -6.75 -0.96 -68.79
N VAL E 422 -7.87 -0.30 -68.49
CA VAL E 422 -9.15 -0.63 -69.13
C VAL E 422 -9.07 -0.48 -70.64
N GLU E 423 -8.41 0.59 -71.07
CA GLU E 423 -8.30 0.90 -72.48
C GLU E 423 -7.43 -0.16 -73.15
N LEU E 424 -6.27 -0.46 -72.62
CA LEU E 424 -5.44 -1.48 -73.23
C LEU E 424 -6.07 -2.88 -73.14
N ALA E 425 -6.88 -3.13 -72.11
CA ALA E 425 -7.50 -4.44 -71.99
C ALA E 425 -8.45 -4.62 -73.18
N ASN E 426 -9.37 -3.66 -73.35
CA ASN E 426 -10.37 -3.76 -74.37
C ASN E 426 -9.76 -3.82 -75.75
N GLU E 427 -8.68 -3.09 -75.95
CA GLU E 427 -8.01 -3.06 -77.22
C GLU E 427 -7.41 -4.44 -77.58
N VAL E 428 -6.88 -5.22 -76.64
CA VAL E 428 -6.40 -6.56 -77.02
C VAL E 428 -7.49 -7.64 -76.99
N GLY E 429 -8.73 -7.24 -76.74
N GLY E 429 -8.73 -7.25 -76.73
CA GLY E 429 -9.83 -8.20 -76.70
CA GLY E 429 -9.84 -8.20 -76.70
C GLY E 429 -10.26 -8.74 -75.34
C GLY E 429 -10.28 -8.74 -75.33
N MET E 430 -9.74 -8.21 -74.24
CA MET E 430 -10.24 -8.65 -72.93
C MET E 430 -11.27 -7.62 -72.48
N ASN E 431 -12.46 -8.09 -72.15
CA ASN E 431 -13.59 -7.24 -71.81
C ASN E 431 -13.66 -6.78 -70.36
N VAL E 432 -13.48 -5.48 -70.17
CA VAL E 432 -13.50 -4.86 -68.88
C VAL E 432 -14.13 -3.49 -69.08
N LYS E 433 -15.10 -3.19 -68.23
CA LYS E 433 -15.83 -1.94 -68.22
C LYS E 433 -15.87 -1.37 -66.83
N GLY E 434 -15.62 -0.07 -66.75
CA GLY E 434 -15.72 0.66 -65.51
C GLY E 434 -17.19 0.97 -65.35
N VAL E 435 -17.76 0.64 -64.18
CA VAL E 435 -19.18 0.88 -63.93
C VAL E 435 -19.42 1.43 -62.53
N ARG E 436 -20.50 2.16 -62.37
CA ARG E 436 -20.82 2.77 -61.08
C ARG E 436 -20.80 1.70 -60.01
N GLY E 437 -20.09 1.97 -58.93
CA GLY E 437 -19.99 1.05 -57.79
C GLY E 437 -21.03 1.36 -56.71
N ARG E 438 -20.61 1.29 -55.44
CA ARG E 438 -21.54 1.36 -54.31
C ARG E 438 -20.76 1.67 -52.99
N GLY E 439 -21.37 2.42 -52.06
CA GLY E 439 -20.74 2.73 -50.74
C GLY E 439 -19.62 3.78 -50.67
N ASN F 2 -31.94 24.80 -0.70
CA ASN F 2 -31.14 23.53 -0.67
C ASN F 2 -29.61 23.91 -0.79
N ALA F 3 -28.71 23.00 -0.43
CA ALA F 3 -27.25 23.29 -0.39
C ALA F 3 -26.55 23.62 -1.74
N MET F 4 -25.35 24.16 -1.63
CA MET F 4 -24.55 24.44 -2.81
C MET F 4 -23.14 23.83 -2.61
N ASP F 5 -22.62 23.19 -3.67
CA ASP F 5 -21.30 22.56 -3.68
C ASP F 5 -20.43 23.18 -4.77
N TYR F 6 -19.15 22.93 -4.67
CA TYR F 6 -18.25 23.31 -5.75
C TYR F 6 -17.82 22.03 -6.48
N GLN F 7 -17.70 22.11 -7.79
CA GLN F 7 -17.24 20.98 -8.62
C GLN F 7 -16.16 21.47 -9.55
N THR F 8 -15.00 20.86 -9.50
CA THR F 8 -13.92 21.28 -10.37
C THR F 8 -13.59 20.26 -11.46
N ILE F 9 -12.87 20.71 -12.48
CA ILE F 9 -12.21 19.84 -13.47
C ILE F 9 -10.82 20.46 -13.54
N PRO F 10 -9.81 19.71 -14.01
CA PRO F 10 -8.42 20.21 -14.01
C PRO F 10 -8.21 21.42 -14.87
N SER F 11 -7.13 22.17 -14.59
CA SER F 11 -6.83 23.35 -15.36
C SER F 11 -5.65 23.12 -16.33
N GLN F 12 -5.74 23.69 -17.52
CA GLN F 12 -4.62 23.59 -18.46
C GLN F 12 -3.68 24.78 -18.34
N GLY F 13 -3.83 25.52 -17.24
CA GLY F 13 -2.95 26.65 -16.91
C GLY F 13 -3.70 27.91 -16.54
N LEU F 14 -3.24 28.61 -15.52
CA LEU F 14 -3.90 29.86 -15.15
C LEU F 14 -3.33 31.00 -15.96
N SER F 15 -4.17 32.01 -16.20
CA SER F 15 -3.75 33.13 -17.02
C SER F 15 -4.59 34.40 -16.81
N GLY F 16 -3.94 35.55 -16.69
CA GLY F 16 -4.65 36.82 -16.54
C GLY F 16 -4.20 37.71 -15.39
N GLU F 17 -4.98 38.76 -15.17
CA GLU F 17 -4.72 39.68 -14.09
C GLU F 17 -6.03 39.86 -13.33
N ILE F 18 -5.99 39.64 -12.02
CA ILE F 18 -7.21 39.81 -11.22
C ILE F 18 -6.95 40.52 -9.90
N CYS F 19 -7.94 41.34 -9.50
CA CYS F 19 -7.85 42.11 -8.25
C CYS F 19 -8.71 41.44 -7.20
N VAL F 20 -8.07 40.84 -6.18
CA VAL F 20 -8.84 40.15 -5.15
C VAL F 20 -9.58 41.19 -4.31
N PRO F 21 -10.68 40.80 -3.69
CA PRO F 21 -11.36 41.83 -2.91
C PRO F 21 -10.63 42.15 -1.60
N GLY F 22 -11.20 43.08 -0.87
CA GLY F 22 -10.58 43.61 0.35
C GLY F 22 -10.24 42.65 1.49
N ASP F 23 -9.31 43.11 2.30
CA ASP F 23 -8.79 42.43 3.43
C ASP F 23 -9.81 42.43 4.55
N LYS F 24 -10.10 41.23 5.04
CA LYS F 24 -11.08 41.01 6.09
C LYS F 24 -10.65 41.65 7.43
N SER F 25 -9.40 41.42 7.80
CA SER F 25 -8.87 41.93 9.04
C SER F 25 -8.93 43.44 9.13
N ILE F 26 -8.42 44.09 8.09
CA ILE F 26 -8.45 45.54 8.05
C ILE F 26 -9.89 46.01 7.95
N SER F 27 -10.73 45.31 7.18
CA SER F 27 -12.12 45.73 7.05
C SER F 27 -12.86 45.80 8.39
N HIS F 28 -12.63 44.81 9.27
CA HIS F 28 -13.34 44.77 10.55
C HIS F 28 -13.00 45.94 11.42
N ARG F 29 -11.71 46.19 11.51
CA ARG F 29 -11.18 47.22 12.32
C ARG F 29 -11.56 48.56 11.78
N ALA F 30 -11.50 48.72 10.46
CA ALA F 30 -11.79 50.02 9.86
C ALA F 30 -13.21 50.51 10.18
N VAL F 31 -14.20 49.62 10.06
CA VAL F 31 -15.58 49.99 10.33
C VAL F 31 -15.83 50.17 11.85
N LEU F 32 -15.21 49.36 12.69
CA LEU F 32 -15.46 49.50 14.11
C LEU F 32 -14.93 50.85 14.62
N LEU F 33 -13.73 51.22 14.21
CA LEU F 33 -13.13 52.48 14.65
C LEU F 33 -13.87 53.67 14.00
N ALA F 34 -14.24 53.53 12.73
CA ALA F 34 -14.98 54.58 12.06
C ALA F 34 -16.25 54.90 12.81
N ALA F 35 -16.88 53.85 13.35
CA ALA F 35 -18.16 53.97 13.98
C ALA F 35 -18.17 54.88 15.20
N ILE F 36 -17.08 54.81 15.97
CA ILE F 36 -16.98 55.59 17.18
C ILE F 36 -16.10 56.81 17.05
N ALA F 37 -15.70 57.13 15.82
CA ALA F 37 -14.91 58.31 15.50
C ALA F 37 -15.80 59.59 15.42
N GLU F 38 -15.16 60.74 15.25
CA GLU F 38 -15.85 62.00 15.13
C GLU F 38 -15.69 62.41 13.71
N GLY F 39 -16.80 62.51 13.02
CA GLY F 39 -16.81 62.86 11.62
C GLY F 39 -17.25 61.69 10.74
N GLN F 40 -17.19 61.94 9.44
CA GLN F 40 -17.54 61.03 8.40
C GLN F 40 -16.30 60.36 7.79
N THR F 41 -16.31 59.02 7.75
CA THR F 41 -15.24 58.22 7.15
C THR F 41 -15.79 57.43 5.96
N GLN F 42 -15.13 57.59 4.82
CA GLN F 42 -15.45 56.86 3.62
C GLN F 42 -14.46 55.71 3.55
N VAL F 43 -14.97 54.50 3.44
CA VAL F 43 -14.12 53.29 3.37
C VAL F 43 -14.27 52.64 1.98
N ASP F 44 -13.19 52.64 1.22
CA ASP F 44 -13.15 52.00 -0.10
C ASP F 44 -12.48 50.65 0.05
N GLY F 45 -12.90 49.70 -0.77
CA GLY F 45 -12.32 48.37 -0.75
C GLY F 45 -12.80 47.51 0.40
N PHE F 46 -13.81 47.98 1.12
CA PHE F 46 -14.36 47.22 2.21
C PHE F 46 -14.87 45.90 1.68
N LEU F 47 -14.57 44.83 2.42
CA LEU F 47 -14.96 43.49 2.05
C LEU F 47 -16.39 43.23 2.34
N MET F 48 -17.16 43.01 1.29
CA MET F 48 -18.59 42.78 1.40
C MET F 48 -18.94 41.31 1.59
N GLY F 49 -18.24 40.65 2.51
CA GLY F 49 -18.47 39.26 2.86
C GLY F 49 -19.35 39.15 4.12
N ALA F 50 -19.76 37.92 4.47
CA ALA F 50 -20.69 37.76 5.54
C ALA F 50 -20.10 38.14 6.86
N ASP F 51 -18.84 37.80 7.07
CA ASP F 51 -18.20 38.17 8.35
C ASP F 51 -18.12 39.68 8.55
N ASN F 52 -17.64 40.41 7.54
CA ASN F 52 -17.56 41.85 7.66
C ASN F 52 -18.93 42.50 7.74
N LEU F 53 -19.91 41.94 7.03
CA LEU F 53 -21.24 42.48 7.07
C LEU F 53 -21.93 42.21 8.40
N ALA F 54 -21.49 41.17 9.11
CA ALA F 54 -22.08 40.84 10.42
C ALA F 54 -21.58 41.86 11.43
N MET F 55 -20.32 42.26 11.31
CA MET F 55 -19.74 43.33 12.11
C MET F 55 -20.53 44.64 11.89
N VAL F 56 -20.80 44.98 10.64
CA VAL F 56 -21.58 46.17 10.34
C VAL F 56 -22.92 46.10 11.05
N SER F 57 -23.60 45.00 10.83
CA SER F 57 -24.91 44.74 11.40
C SER F 57 -24.96 44.87 12.96
N ALA F 58 -23.96 44.30 13.62
CA ALA F 58 -23.85 44.40 15.07
C ALA F 58 -23.67 45.87 15.46
N LEU F 59 -22.74 46.56 14.83
CA LEU F 59 -22.55 47.98 15.11
C LEU F 59 -23.88 48.74 14.89
N GLN F 60 -24.62 48.39 13.87
CA GLN F 60 -25.88 49.09 13.65
C GLN F 60 -26.88 48.87 14.80
N GLN F 61 -26.83 47.70 15.41
CA GLN F 61 -27.73 47.40 16.51
C GLN F 61 -27.46 48.38 17.66
N MET F 62 -26.23 48.87 17.75
CA MET F 62 -25.84 49.80 18.80
C MET F 62 -25.81 51.28 18.38
N GLY F 63 -26.50 51.61 17.29
CA GLY F 63 -26.59 52.99 16.86
C GLY F 63 -25.50 53.55 15.99
N ALA F 64 -24.61 52.71 15.45
CA ALA F 64 -23.63 53.25 14.53
C ALA F 64 -24.40 53.68 13.28
N SER F 65 -23.90 54.69 12.57
CA SER F 65 -24.56 55.16 11.35
C SER F 65 -23.64 54.76 10.21
N ILE F 66 -24.03 53.69 9.51
CA ILE F 66 -23.21 53.10 8.42
C ILE F 66 -24.03 52.89 7.16
N GLN F 67 -23.58 53.46 6.05
CA GLN F 67 -24.29 53.29 4.80
C GLN F 67 -23.46 52.27 4.01
N VAL F 68 -24.09 51.16 3.64
CA VAL F 68 -23.44 50.12 2.87
C VAL F 68 -23.76 50.32 1.42
N ILE F 69 -22.72 50.40 0.59
CA ILE F 69 -22.90 50.53 -0.87
C ILE F 69 -22.21 49.29 -1.45
N GLU F 70 -22.94 48.21 -1.36
CA GLU F 70 -22.44 46.90 -1.69
C GLU F 70 -21.76 46.77 -3.05
N ASP F 71 -22.44 47.19 -4.11
CA ASP F 71 -21.87 46.98 -5.45
C ASP F 71 -20.55 47.67 -5.69
N GLU F 72 -20.23 48.69 -4.87
CA GLU F 72 -18.99 49.42 -5.04
C GLU F 72 -17.95 49.19 -3.94
N ASN F 73 -18.23 48.28 -3.03
CA ASN F 73 -17.34 48.01 -1.92
C ASN F 73 -17.04 49.26 -1.11
N ILE F 74 -18.08 50.07 -0.88
CA ILE F 74 -17.88 51.29 -0.14
C ILE F 74 -18.75 51.38 1.08
N LEU F 75 -18.18 51.86 2.16
CA LEU F 75 -18.99 52.18 3.34
C LEU F 75 -18.86 53.69 3.55
N VAL F 76 -19.93 54.32 4.04
CA VAL F 76 -19.88 55.71 4.46
C VAL F 76 -20.34 55.69 5.90
N VAL F 77 -19.41 55.96 6.82
CA VAL F 77 -19.70 55.96 8.22
C VAL F 77 -19.80 57.34 8.84
N GLU F 78 -20.91 57.65 9.49
CA GLU F 78 -21.03 58.93 10.20
C GLU F 78 -20.71 58.61 11.64
N GLY F 79 -19.51 58.96 12.09
CA GLY F 79 -19.11 58.66 13.47
C GLY F 79 -20.09 59.15 14.53
N VAL F 80 -20.23 58.38 15.60
CA VAL F 80 -21.04 58.80 16.75
C VAL F 80 -20.14 59.17 17.98
N GLY F 81 -18.82 59.18 17.81
CA GLY F 81 -17.94 59.48 18.94
C GLY F 81 -17.76 58.31 19.90
N MET F 82 -16.80 58.44 20.80
CA MET F 82 -16.44 57.38 21.72
C MET F 82 -17.60 56.95 22.54
N THR F 83 -18.38 57.92 23.00
CA THR F 83 -19.52 57.65 23.88
C THR F 83 -20.89 57.58 23.17
N GLY F 84 -20.92 57.62 21.85
CA GLY F 84 -22.20 57.69 21.13
C GLY F 84 -23.04 56.45 20.94
N LEU F 85 -22.56 55.30 21.40
CA LEU F 85 -23.29 54.05 21.16
C LEU F 85 -24.46 53.91 22.11
N GLN F 86 -25.45 53.15 21.70
CA GLN F 86 -26.60 52.93 22.58
C GLN F 86 -26.70 51.46 22.82
N ALA F 87 -27.30 51.10 23.94
CA ALA F 87 -27.49 49.72 24.35
C ALA F 87 -28.44 49.01 23.40
N PRO F 88 -28.00 47.86 22.84
CA PRO F 88 -28.84 47.14 21.94
C PRO F 88 -29.91 46.40 22.70
N PRO F 89 -31.02 46.19 22.01
CA PRO F 89 -32.15 45.51 22.56
C PRO F 89 -31.97 43.99 22.59
N GLU F 90 -31.20 43.44 21.66
CA GLU F 90 -31.05 42.01 21.60
C GLU F 90 -29.60 41.61 21.56
N ALA F 91 -29.36 40.32 21.64
CA ALA F 91 -28.04 39.77 21.53
C ALA F 91 -27.45 40.13 20.15
N LEU F 92 -26.17 40.51 20.13
CA LEU F 92 -25.50 40.81 18.86
C LEU F 92 -25.09 39.52 18.13
N ASP F 93 -25.65 39.31 16.94
CA ASP F 93 -25.30 38.12 16.17
C ASP F 93 -24.03 38.33 15.37
N CYS F 94 -22.93 37.72 15.79
CA CYS F 94 -21.66 37.82 15.06
C CYS F 94 -21.46 36.74 13.96
N GLY F 95 -22.54 36.10 13.56
CA GLY F 95 -22.49 35.06 12.55
C GLY F 95 -21.40 34.04 12.80
N ASN F 96 -20.54 33.84 11.80
CA ASN F 96 -19.45 32.88 11.87
C ASN F 96 -18.11 33.55 12.24
N SER F 97 -18.16 34.81 12.67
CA SER F 97 -16.93 35.62 12.84
C SER F 97 -16.26 35.76 14.18
N GLY F 98 -15.16 35.03 14.35
CA GLY F 98 -14.38 35.07 15.57
C GLY F 98 -13.81 36.46 15.82
N THR F 99 -13.26 37.10 14.78
CA THR F 99 -12.69 38.45 14.89
C THR F 99 -13.74 39.43 15.41
N ALA F 100 -14.94 39.37 14.87
CA ALA F 100 -15.99 40.27 15.29
C ALA F 100 -16.25 40.12 16.78
N ILE F 101 -16.56 38.90 17.22
CA ILE F 101 -16.95 38.71 18.62
C ILE F 101 -15.86 39.09 19.59
N ARG F 102 -14.62 38.87 19.22
CA ARG F 102 -13.53 39.17 20.12
C ARG F 102 -13.21 40.67 20.14
N LEU F 103 -13.19 41.31 18.98
CA LEU F 103 -12.95 42.75 18.90
C LEU F 103 -14.14 43.51 19.55
N LEU F 104 -15.37 43.10 19.25
CA LEU F 104 -16.53 43.74 19.86
C LEU F 104 -16.43 43.67 21.39
N SER F 105 -16.03 42.52 21.91
CA SER F 105 -15.91 42.35 23.37
C SER F 105 -15.03 43.39 24.06
N GLY F 106 -13.95 43.81 23.41
CA GLY F 106 -13.05 44.81 23.97
C GLY F 106 -13.64 46.22 23.85
N LEU F 107 -14.41 46.44 22.80
CA LEU F 107 -15.07 47.70 22.58
C LEU F 107 -16.22 47.87 23.58
N LEU F 108 -16.89 46.77 23.91
CA LEU F 108 -18.02 46.82 24.76
C LEU F 108 -17.73 46.63 26.26
N ALA F 109 -16.50 46.24 26.61
CA ALA F 109 -16.11 46.03 28.00
C ALA F 109 -16.25 47.31 28.81
N GLY F 110 -15.83 48.43 28.22
CA GLY F 110 -15.87 49.75 28.88
C GLY F 110 -17.14 50.59 28.68
N GLN F 111 -18.15 50.02 28.03
CA GLN F 111 -19.39 50.78 27.80
C GLN F 111 -20.21 50.84 29.07
N PRO F 112 -21.04 51.86 29.20
CA PRO F 112 -21.91 51.93 30.36
C PRO F 112 -23.20 51.12 30.18
N PHE F 113 -23.18 50.09 29.34
CA PHE F 113 -24.40 49.27 29.17
C PHE F 113 -24.02 47.81 29.05
N ASN F 114 -25.06 46.97 29.08
CA ASN F 114 -24.93 45.53 28.98
C ASN F 114 -25.15 45.05 27.55
N THR F 115 -24.35 44.06 27.14
CA THR F 115 -24.46 43.47 25.81
C THR F 115 -24.27 41.95 25.84
N VAL F 116 -25.06 41.23 25.04
CA VAL F 116 -24.91 39.80 24.87
C VAL F 116 -24.39 39.57 23.45
N LEU F 117 -23.26 38.88 23.36
CA LEU F 117 -22.65 38.57 22.09
C LEU F 117 -22.73 37.10 21.81
N THR F 118 -23.24 36.73 20.66
CA THR F 118 -23.31 35.34 20.29
CA THR F 118 -23.31 35.34 20.29
C THR F 118 -22.99 35.17 18.79
N GLY F 119 -23.45 34.07 18.20
CA GLY F 119 -23.23 33.78 16.78
C GLY F 119 -23.82 32.42 16.38
N ASP F 120 -23.28 31.82 15.32
CA ASP F 120 -23.77 30.53 14.84
C ASP F 120 -23.05 29.42 15.60
N SER F 121 -23.46 28.17 15.37
CA SER F 121 -22.91 26.99 16.13
C SER F 121 -21.41 26.95 16.22
N SER F 122 -20.76 27.13 15.07
CA SER F 122 -19.31 27.18 14.99
C SER F 122 -18.69 28.24 15.90
N LEU F 123 -19.31 29.41 15.98
CA LEU F 123 -18.75 30.49 16.78
C LEU F 123 -18.88 30.17 18.27
N GLN F 124 -19.97 29.47 18.60
CA GLN F 124 -20.26 29.07 20.00
C GLN F 124 -19.33 27.97 20.54
N ARG F 125 -18.47 27.42 19.69
CA ARG F 125 -17.50 26.44 20.13
C ARG F 125 -16.12 27.09 20.29
N ARG F 126 -15.94 28.31 19.78
CA ARG F 126 -14.62 28.93 19.80
C ARG F 126 -14.25 29.52 21.14
N PRO F 127 -12.97 29.36 21.52
CA PRO F 127 -12.43 29.75 22.82
C PRO F 127 -12.38 31.24 23.08
N MET F 128 -12.76 31.63 24.30
CA MET F 128 -12.77 33.06 24.71
C MET F 128 -11.94 33.44 25.95
N LYS F 129 -11.37 32.43 26.62
CA LYS F 129 -10.57 32.64 27.82
C LYS F 129 -9.48 33.67 27.49
N ARG F 130 -8.80 33.48 26.37
CA ARG F 130 -7.71 34.37 25.96
C ARG F 130 -8.10 35.86 26.06
N ILE F 131 -9.40 36.19 25.94
CA ILE F 131 -9.78 37.58 26.09
C ILE F 131 -10.45 37.80 27.43
N ILE F 132 -11.26 36.85 27.89
CA ILE F 132 -11.97 37.05 29.14
C ILE F 132 -11.03 37.38 30.31
N ASP F 133 -9.95 36.63 30.45
CA ASP F 133 -9.04 36.85 31.56
C ASP F 133 -8.46 38.25 31.55
N PRO F 134 -7.72 38.61 30.49
CA PRO F 134 -7.16 39.97 30.52
C PRO F 134 -8.19 41.10 30.66
N LEU F 135 -9.38 40.94 30.09
CA LEU F 135 -10.43 41.98 30.26
C LEU F 135 -10.85 42.06 31.73
N THR F 136 -10.97 40.89 32.36
CA THR F 136 -11.35 40.80 33.76
C THR F 136 -10.31 41.55 34.64
N LEU F 137 -9.05 41.44 34.29
CA LEU F 137 -8.01 42.15 35.02
C LEU F 137 -8.25 43.66 34.92
N MET F 138 -8.83 44.13 33.80
CA MET F 138 -9.08 45.57 33.57
C MET F 138 -10.35 46.06 34.27
N GLY F 139 -11.13 45.13 34.83
CA GLY F 139 -12.34 45.48 35.55
C GLY F 139 -13.60 44.96 34.89
N ALA F 140 -13.42 44.28 33.76
CA ALA F 140 -14.57 43.74 33.02
C ALA F 140 -15.23 42.62 33.82
N LYS F 141 -16.53 42.49 33.62
CA LYS F 141 -17.29 41.40 34.15
C LYS F 141 -18.00 40.78 32.93
N ILE F 142 -17.66 39.53 32.63
CA ILE F 142 -18.24 38.81 31.50
C ILE F 142 -18.67 37.41 31.91
N ASP F 143 -19.93 37.04 31.64
CA ASP F 143 -20.43 35.70 31.98
CA ASP F 143 -20.42 35.70 31.97
C ASP F 143 -20.39 34.79 30.76
N SER F 144 -19.94 33.55 30.96
CA SER F 144 -19.86 32.55 29.88
CA SER F 144 -19.88 32.56 29.88
C SER F 144 -19.84 31.14 30.43
N THR F 145 -20.60 30.25 29.82
CA THR F 145 -20.56 28.88 30.25
C THR F 145 -19.47 28.20 29.44
N GLY F 146 -18.39 27.84 30.10
CA GLY F 146 -17.32 27.10 29.46
C GLY F 146 -16.39 27.92 28.59
N ASN F 147 -16.27 29.21 28.89
CA ASN F 147 -15.37 30.09 28.15
C ASN F 147 -15.62 30.12 26.63
N VAL F 148 -16.88 29.88 26.25
CA VAL F 148 -17.31 29.97 24.86
C VAL F 148 -18.59 30.82 24.77
N PRO F 149 -18.84 31.45 23.62
CA PRO F 149 -20.04 32.25 23.48
C PRO F 149 -21.28 31.36 23.63
N PRO F 150 -22.44 31.95 24.01
CA PRO F 150 -22.72 33.37 24.27
C PRO F 150 -21.99 34.02 25.41
N LEU F 151 -21.52 35.26 25.18
CA LEU F 151 -20.86 36.10 26.17
C LEU F 151 -21.82 37.19 26.65
N LYS F 152 -21.87 37.45 27.96
CA LYS F 152 -22.69 38.55 28.45
C LYS F 152 -21.74 39.52 29.13
N ILE F 153 -21.65 40.72 28.57
CA ILE F 153 -20.75 41.72 29.07
C ILE F 153 -21.57 42.68 29.90
N TYR F 154 -21.12 42.92 31.14
CA TYR F 154 -21.75 43.87 32.07
C TYR F 154 -20.78 45.01 31.97
N GLY F 155 -21.21 46.03 31.25
CA GLY F 155 -20.32 47.11 30.93
C GLY F 155 -19.80 47.81 32.14
N ASN F 156 -18.52 48.15 32.11
CA ASN F 156 -17.96 48.92 33.20
C ASN F 156 -17.22 50.14 32.70
N PRO F 157 -17.79 51.33 32.90
CA PRO F 157 -17.08 52.51 32.40
C PRO F 157 -15.90 52.92 33.27
N ARG F 158 -15.59 52.14 34.30
CA ARG F 158 -14.49 52.45 35.17
C ARG F 158 -13.37 51.46 34.95
N LEU F 159 -13.23 50.91 33.74
CA LEU F 159 -12.12 49.99 33.46
C LEU F 159 -10.81 50.69 33.72
N THR F 160 -9.80 49.95 34.19
CA THR F 160 -8.49 50.52 34.46
C THR F 160 -7.48 49.81 33.62
N GLY F 161 -6.50 50.56 33.14
CA GLY F 161 -5.42 50.01 32.31
C GLY F 161 -4.63 48.91 33.00
N ILE F 162 -3.92 48.12 32.20
CA ILE F 162 -3.09 47.02 32.69
C ILE F 162 -1.94 46.81 31.74
N HIS F 163 -0.87 46.23 32.26
CA HIS F 163 0.28 45.82 31.47
C HIS F 163 0.03 44.35 31.34
N TYR F 164 0.28 43.77 30.18
CA TYR F 164 -0.06 42.36 30.00
C TYR F 164 0.75 41.69 28.94
N GLN F 165 1.29 40.52 29.27
CA GLN F 165 2.01 39.73 28.30
C GLN F 165 1.11 38.62 27.80
N LEU F 166 0.97 38.55 26.48
CA LEU F 166 0.15 37.53 25.89
C LEU F 166 0.85 36.17 25.97
N PRO F 167 0.09 35.11 26.30
CA PRO F 167 0.63 33.75 26.26
C PRO F 167 1.07 33.36 24.83
N MET F 168 0.15 33.32 23.86
CA MET F 168 0.57 33.08 22.47
C MET F 168 0.32 34.37 21.67
N ALA F 169 0.97 34.47 20.50
CA ALA F 169 0.76 35.60 19.60
C ALA F 169 -0.70 35.56 19.10
N SER F 170 -1.43 36.67 19.27
CA SER F 170 -2.83 36.77 18.82
C SER F 170 -3.23 38.21 18.56
N ALA F 171 -3.42 38.55 17.30
CA ALA F 171 -3.84 39.89 16.87
C ALA F 171 -5.19 40.23 17.46
N GLN F 172 -6.03 39.22 17.57
CA GLN F 172 -7.33 39.42 18.12
C GLN F 172 -7.25 39.83 19.57
N VAL F 173 -6.42 39.16 20.35
CA VAL F 173 -6.31 39.51 21.76
C VAL F 173 -5.67 40.90 21.86
N LYS F 174 -4.57 41.12 21.15
CA LYS F 174 -3.93 42.43 21.14
C LYS F 174 -4.99 43.49 20.81
N SER F 175 -5.75 43.27 19.74
CA SER F 175 -6.76 44.23 19.32
C SER F 175 -7.88 44.44 20.35
N CYS F 176 -8.30 43.37 20.98
CA CYS F 176 -9.38 43.41 21.97
C CYS F 176 -8.99 44.34 23.11
N LEU F 177 -7.81 44.10 23.64
CA LEU F 177 -7.32 44.86 24.76
C LEU F 177 -7.04 46.32 24.35
N LEU F 178 -6.45 46.50 23.18
CA LEU F 178 -6.17 47.84 22.71
C LEU F 178 -7.47 48.68 22.68
N LEU F 179 -8.58 48.07 22.23
CA LEU F 179 -9.87 48.75 22.17
C LEU F 179 -10.37 49.06 23.57
N ALA F 180 -10.44 48.07 24.45
CA ALA F 180 -10.78 48.30 25.84
C ALA F 180 -9.88 49.39 26.41
N GLY F 181 -8.65 49.44 25.94
CA GLY F 181 -7.68 50.43 26.40
C GLY F 181 -8.12 51.86 26.22
N LEU F 182 -8.77 52.12 25.10
CA LEU F 182 -9.27 53.44 24.75
C LEU F 182 -10.33 53.98 25.75
N TYR F 183 -11.02 53.08 26.45
CA TYR F 183 -12.02 53.47 27.45
C TYR F 183 -11.54 53.22 28.90
N ALA F 184 -10.25 52.95 29.08
CA ALA F 184 -9.71 52.61 30.40
C ALA F 184 -8.91 53.73 31.05
N ARG F 185 -9.15 53.97 32.32
CA ARG F 185 -8.36 54.97 33.02
C ARG F 185 -6.90 54.56 32.97
N GLY F 186 -6.03 55.46 32.49
CA GLY F 186 -4.60 55.18 32.44
C GLY F 186 -4.14 54.46 31.18
N LYS F 187 -2.89 53.98 31.25
CA LYS F 187 -2.25 53.29 30.15
C LYS F 187 -2.53 51.81 30.16
N THR F 188 -2.60 51.26 28.95
CA THR F 188 -2.76 49.82 28.78
C THR F 188 -1.58 49.44 27.90
N CYS F 189 -0.74 48.53 28.38
CA CYS F 189 0.44 48.12 27.61
C CYS F 189 0.40 46.65 27.30
N ILE F 190 0.50 46.35 26.01
CA ILE F 190 0.47 44.99 25.51
C ILE F 190 1.84 44.59 25.01
N THR F 191 2.37 43.48 25.53
CA THR F 191 3.65 42.95 25.07
C THR F 191 3.41 41.59 24.45
N GLU F 192 3.98 41.39 23.25
CA GLU F 192 3.85 40.13 22.53
C GLU F 192 5.16 39.32 22.52
N PRO F 193 5.05 38.01 22.74
CA PRO F 193 6.26 37.19 22.63
C PRO F 193 6.75 37.15 21.17
N ALA F 194 5.82 37.17 20.23
CA ALA F 194 6.13 37.17 18.81
C ALA F 194 5.07 38.02 18.10
N PRO F 195 5.51 39.00 17.29
CA PRO F 195 4.60 39.89 16.55
C PRO F 195 3.43 39.19 15.83
N SER F 196 2.23 39.75 15.97
CA SER F 196 1.04 39.27 15.25
C SER F 196 0.70 40.42 14.33
N ARG F 197 -0.23 40.21 13.41
CA ARG F 197 -0.60 41.29 12.46
C ARG F 197 -0.94 42.65 13.17
N ASP F 198 -0.46 43.75 12.58
CA ASP F 198 -0.52 45.07 13.21
C ASP F 198 -1.55 46.08 12.64
N HIS F 199 -2.64 45.57 12.07
CA HIS F 199 -3.61 46.44 11.41
C HIS F 199 -4.24 47.40 12.37
N THR F 200 -4.50 46.94 13.60
CA THR F 200 -5.15 47.78 14.60
C THR F 200 -4.29 48.99 14.92
N GLU F 201 -3.00 48.73 15.15
CA GLU F 201 -2.07 49.78 15.48
C GLU F 201 -2.01 50.81 14.37
N ARG F 202 -1.95 50.33 13.13
CA ARG F 202 -1.89 51.23 11.99
C ARG F 202 -3.16 52.07 11.83
N LEU F 203 -4.31 51.48 12.10
CA LEU F 203 -5.56 52.25 12.01
C LEU F 203 -5.62 53.24 13.14
N LEU F 204 -5.17 52.85 14.33
CA LEU F 204 -5.20 53.79 15.47
C LEU F 204 -4.40 55.05 15.08
N LYS F 205 -3.27 54.87 14.41
CA LYS F 205 -2.47 56.02 13.97
C LYS F 205 -3.26 56.82 12.91
N HIS F 206 -3.98 56.09 12.04
CA HIS F 206 -4.73 56.69 10.96
C HIS F 206 -5.82 57.61 11.47
N PHE F 207 -6.46 57.23 12.57
CA PHE F 207 -7.52 58.01 13.20
C PHE F 207 -6.99 59.01 14.25
N HIS F 208 -5.69 59.26 14.23
CA HIS F 208 -4.99 60.17 15.15
C HIS F 208 -5.17 59.87 16.61
N TYR F 209 -5.10 58.60 16.99
CA TYR F 209 -5.15 58.21 18.39
C TYR F 209 -3.69 57.98 18.76
N THR F 210 -3.32 58.43 19.94
CA THR F 210 -1.95 58.42 20.37
C THR F 210 -1.46 56.99 20.75
N LEU F 211 -0.36 56.56 20.12
CA LEU F 211 0.20 55.21 20.31
C LEU F 211 1.71 55.17 20.73
N GLN F 212 2.09 54.28 21.66
CA GLN F 212 3.50 54.14 22.14
C GLN F 212 4.17 52.81 21.72
N LYS F 213 5.49 52.70 21.91
CA LYS F 213 6.22 51.43 21.67
C LYS F 213 7.57 51.37 22.43
N GLN F 216 9.44 47.48 22.15
CA GLN F 216 8.97 46.12 21.78
C GLN F 216 7.52 45.79 22.20
N SER F 217 6.92 46.55 23.10
CA SER F 217 5.51 46.35 23.42
C SER F 217 4.79 47.60 22.87
N ILE F 218 3.47 47.70 22.97
CA ILE F 218 2.76 48.93 22.51
C ILE F 218 1.74 49.38 23.56
N CYS F 219 1.59 50.68 23.74
CA CYS F 219 0.68 51.22 24.78
C CYS F 219 -0.34 52.26 24.28
N VAL F 220 -1.44 52.40 25.02
CA VAL F 220 -2.42 53.46 24.76
C VAL F 220 -3.03 53.92 26.06
N SER F 221 -3.42 55.19 26.08
CA SER F 221 -4.07 55.81 27.24
C SER F 221 -5.53 56.04 26.92
N GLY F 222 -6.39 55.68 27.88
CA GLY F 222 -7.83 55.86 27.72
C GLY F 222 -8.26 57.31 27.69
N GLY F 223 -9.49 57.56 27.22
CA GLY F 223 -10.03 58.91 27.16
C GLY F 223 -9.67 59.75 25.94
N GLY F 224 -8.90 59.21 24.99
CA GLY F 224 -8.57 59.93 23.74
C GLY F 224 -9.78 59.97 22.78
N LYS F 225 -9.56 60.52 21.59
CA LYS F 225 -10.63 60.64 20.58
C LYS F 225 -10.14 60.22 19.21
N LEU F 226 -10.99 59.51 18.47
CA LEU F 226 -10.69 59.07 17.12
C LEU F 226 -11.26 60.11 16.12
N LYS F 227 -10.43 60.53 15.15
CA LYS F 227 -10.80 61.50 14.15
C LYS F 227 -11.06 60.86 12.77
N ALA F 228 -12.28 61.05 12.23
CA ALA F 228 -12.66 60.51 10.93
C ALA F 228 -11.60 60.75 9.90
N ASN F 229 -11.30 59.75 9.08
CA ASN F 229 -10.24 59.91 8.05
C ASN F 229 -10.42 58.82 7.04
N ASP F 230 -10.73 59.21 5.82
CA ASP F 230 -10.99 58.27 4.74
C ASP F 230 -9.98 57.16 4.67
N ILE F 231 -10.50 55.97 4.40
CA ILE F 231 -9.67 54.80 4.38
C ILE F 231 -9.82 53.99 3.09
N SER F 232 -8.70 53.49 2.63
CA SER F 232 -8.66 52.67 1.43
C SER F 232 -8.07 51.30 1.78
N ILE F 233 -8.89 50.27 1.64
CA ILE F 233 -8.51 48.91 2.03
C ILE F 233 -7.87 48.19 0.84
N PRO F 234 -6.72 47.60 1.07
CA PRO F 234 -6.09 46.83 0.02
C PRO F 234 -6.68 45.42 -0.06
N GLY F 235 -6.34 44.70 -1.11
CA GLY F 235 -6.76 43.35 -1.30
C GLY F 235 -6.20 42.40 -0.23
N ASP F 236 -7.01 41.40 0.14
CA ASP F 236 -6.63 40.45 1.15
C ASP F 236 -5.62 39.48 0.58
N ILE F 237 -4.45 39.38 1.20
CA ILE F 237 -3.44 38.42 0.71
C ILE F 237 -3.89 36.97 1.02
N SER F 238 -4.72 36.81 2.04
CA SER F 238 -5.25 35.51 2.35
C SER F 238 -6.11 35.05 1.22
N SER F 239 -6.77 35.99 0.53
CA SER F 239 -7.55 35.59 -0.62
C SER F 239 -6.64 35.33 -1.80
N ALA F 240 -5.64 36.17 -1.97
CA ALA F 240 -4.70 35.98 -3.05
C ALA F 240 -3.99 34.62 -2.89
N ALA F 241 -3.73 34.22 -1.66
CA ALA F 241 -3.04 32.93 -1.41
C ALA F 241 -3.60 31.78 -2.25
N PHE F 242 -4.90 31.71 -2.44
CA PHE F 242 -5.48 30.60 -3.20
C PHE F 242 -4.97 30.62 -4.65
N PHE F 243 -4.96 31.81 -5.25
CA PHE F 243 -4.44 31.94 -6.63
C PHE F 243 -2.93 31.77 -6.74
N ILE F 244 -2.20 32.18 -5.70
CA ILE F 244 -0.74 32.04 -5.68
C ILE F 244 -0.40 30.56 -5.69
N VAL F 245 -1.07 29.80 -4.83
CA VAL F 245 -0.81 28.38 -4.81
C VAL F 245 -1.26 27.69 -6.08
N ALA F 246 -2.42 28.10 -6.60
CA ALA F 246 -2.96 27.49 -7.80
C ALA F 246 -2.05 27.67 -9.00
N ALA F 247 -1.58 28.91 -9.18
CA ALA F 247 -0.72 29.23 -10.30
C ALA F 247 0.66 28.55 -10.13
N THR F 248 1.13 28.42 -8.90
CA THR F 248 2.38 27.77 -8.65
C THR F 248 2.30 26.31 -9.07
N ILE F 249 1.26 25.60 -8.62
CA ILE F 249 1.19 24.16 -8.86
C ILE F 249 0.65 23.74 -10.20
N THR F 250 -0.03 24.63 -10.91
CA THR F 250 -0.62 24.27 -12.21
C THR F 250 0.27 24.62 -13.43
N PRO F 251 0.81 23.60 -14.12
CA PRO F 251 1.63 23.82 -15.33
C PRO F 251 1.00 24.72 -16.39
N GLY F 252 1.84 25.60 -16.94
CA GLY F 252 1.46 26.54 -17.99
C GLY F 252 0.90 27.83 -17.46
N SER F 253 1.05 28.06 -16.16
CA SER F 253 0.45 29.20 -15.47
C SER F 253 1.34 30.45 -15.34
N ALA F 254 0.72 31.60 -15.57
CA ALA F 254 1.39 32.90 -15.46
C ALA F 254 0.31 33.90 -15.07
N ILE F 255 0.36 34.46 -13.87
CA ILE F 255 -0.68 35.42 -13.50
C ILE F 255 -0.12 36.54 -12.67
N ARG F 256 -0.86 37.65 -12.65
CA ARG F 256 -0.51 38.81 -11.83
C ARG F 256 -1.71 39.20 -11.00
N LEU F 257 -1.48 39.40 -9.71
CA LEU F 257 -2.54 39.76 -8.76
C LEU F 257 -2.37 41.23 -8.41
N CYS F 258 -3.30 42.08 -8.86
CA CYS F 258 -3.20 43.53 -8.63
C CYS F 258 -3.62 43.99 -7.25
N ARG F 259 -2.96 45.04 -6.76
CA ARG F 259 -3.30 45.72 -5.51
C ARG F 259 -3.53 44.81 -4.33
N VAL F 260 -2.59 43.94 -4.06
CA VAL F 260 -2.70 43.06 -2.91
C VAL F 260 -1.93 43.69 -1.78
N GLY F 261 -2.51 43.66 -0.59
CA GLY F 261 -1.81 44.14 0.57
C GLY F 261 -0.64 43.21 0.80
N VAL F 262 0.50 43.76 1.24
CA VAL F 262 1.69 42.98 1.53
C VAL F 262 2.28 43.36 2.84
N ASN F 263 1.43 43.53 3.85
CA ASN F 263 1.92 43.81 5.16
C ASN F 263 2.79 42.62 5.57
N PRO F 264 4.02 42.90 6.02
CA PRO F 264 5.01 41.91 6.44
C PRO F 264 4.55 40.85 7.39
N THR F 265 3.60 41.19 8.26
CA THR F 265 3.05 40.24 9.22
C THR F 265 2.06 39.29 8.56
N ARG F 266 1.88 39.43 7.23
CA ARG F 266 0.95 38.60 6.45
C ARG F 266 1.61 37.87 5.27
N LEU F 267 2.93 37.98 5.13
CA LEU F 267 3.61 37.42 3.95
C LEU F 267 4.02 35.95 4.04
N GLY F 268 3.73 35.30 5.15
CA GLY F 268 4.07 33.90 5.37
C GLY F 268 3.95 32.97 4.16
N VAL F 269 2.76 32.93 3.56
CA VAL F 269 2.51 32.00 2.47
C VAL F 269 3.56 32.18 1.36
N ILE F 270 3.90 33.43 1.04
CA ILE F 270 4.90 33.75 0.05
C ILE F 270 6.27 33.35 0.51
N ASN F 271 6.58 33.64 1.77
CA ASN F 271 7.90 33.28 2.30
C ASN F 271 8.16 31.76 2.24
N LEU F 272 7.13 30.98 2.59
CA LEU F 272 7.26 29.51 2.62
C LEU F 272 7.23 28.93 1.24
N LEU F 273 6.31 29.37 0.40
CA LEU F 273 6.33 28.88 -0.97
C LEU F 273 7.74 29.12 -1.59
N LYS F 274 8.32 30.29 -1.37
CA LYS F 274 9.66 30.59 -1.91
C LYS F 274 10.70 29.57 -1.43
N MET F 275 10.66 29.26 -0.14
CA MET F 275 11.54 28.23 0.45
C MET F 275 11.34 26.91 -0.23
N MET F 276 10.09 26.63 -0.61
CA MET F 276 9.72 25.38 -1.28
C MET F 276 10.06 25.36 -2.77
N GLY F 277 10.55 26.49 -3.31
CA GLY F 277 10.91 26.60 -4.71
C GLY F 277 9.98 27.49 -5.55
N ALA F 278 9.04 28.20 -4.94
CA ALA F 278 8.09 28.99 -5.76
C ALA F 278 8.70 30.16 -6.56
N ASP F 279 7.95 30.58 -7.58
CA ASP F 279 8.33 31.67 -8.47
C ASP F 279 7.30 32.81 -8.30
N ILE F 280 7.60 33.68 -7.34
CA ILE F 280 6.71 34.78 -6.98
C ILE F 280 7.47 36.12 -6.95
N GLU F 281 7.00 37.08 -7.75
CA GLU F 281 7.64 38.41 -7.84
C GLU F 281 6.71 39.55 -7.39
N VAL F 282 7.15 40.27 -6.36
CA VAL F 282 6.41 41.40 -5.81
C VAL F 282 6.97 42.67 -6.42
N THR F 283 6.13 43.45 -7.12
CA THR F 283 6.52 44.73 -7.76
C THR F 283 5.44 45.85 -7.59
N HIS F 284 5.62 46.99 -8.25
CA HIS F 284 4.63 48.10 -8.20
C HIS F 284 4.28 48.41 -6.76
N TYR F 285 5.28 48.31 -5.89
CA TYR F 285 5.11 48.50 -4.47
C TYR F 285 4.69 49.95 -4.18
N THR F 286 3.83 50.17 -3.17
CA THR F 286 3.33 51.50 -2.82
CA THR F 286 3.33 51.50 -2.82
C THR F 286 2.83 51.56 -1.38
N GLU F 287 2.46 52.77 -0.91
CA GLU F 287 1.92 52.99 0.47
C GLU F 287 0.81 54.06 0.69
N LYS F 288 -0.17 53.68 1.52
CA LYS F 288 -1.33 54.52 1.85
C LYS F 288 -2.04 53.96 3.09
N GLU F 291 -1.02 51.23 5.10
CA GLU F 291 -0.92 49.81 4.72
C GLU F 291 -0.31 49.57 3.33
N PRO F 292 0.80 48.85 3.27
CA PRO F 292 1.53 48.58 2.01
C PRO F 292 0.76 47.73 1.02
N THR F 293 0.98 47.97 -0.25
CA THR F 293 0.31 47.30 -1.35
C THR F 293 1.25 46.97 -2.49
N ALA F 294 0.98 45.91 -3.25
CA ALA F 294 1.83 45.54 -4.37
C ALA F 294 1.15 44.62 -5.36
N ASP F 295 1.83 44.38 -6.49
CA ASP F 295 1.31 43.49 -7.52
C ASP F 295 2.13 42.24 -7.39
N ILE F 296 1.47 41.08 -7.34
CA ILE F 296 2.15 39.79 -7.18
C ILE F 296 2.00 39.00 -8.47
N THR F 297 3.12 38.56 -9.00
CA THR F 297 3.19 37.85 -10.27
C THR F 297 3.65 36.48 -9.97
N VAL F 298 2.89 35.48 -10.42
CA VAL F 298 3.18 34.09 -10.12
C VAL F 298 3.24 33.23 -11.36
N ARG F 299 4.25 32.37 -11.43
CA ARG F 299 4.42 31.45 -12.56
C ARG F 299 4.57 30.10 -11.98
N HIS F 300 4.21 29.10 -12.76
CA HIS F 300 4.34 27.72 -12.35
C HIS F 300 5.77 27.38 -12.00
N ALA F 301 5.93 26.56 -10.97
CA ALA F 301 7.23 26.09 -10.50
C ALA F 301 7.05 24.74 -9.77
N ARG F 302 8.11 23.96 -9.69
CA ARG F 302 8.09 22.64 -9.04
C ARG F 302 8.57 22.89 -7.65
N LEU F 303 7.99 22.18 -6.69
CA LEU F 303 8.28 22.45 -5.30
C LEU F 303 8.87 21.29 -4.55
N LYS F 304 9.64 21.60 -3.52
CA LYS F 304 10.24 20.61 -2.66
C LYS F 304 9.63 20.79 -1.28
N GLY F 305 9.25 19.70 -0.63
CA GLY F 305 8.73 19.72 0.72
C GLY F 305 9.75 20.39 1.67
N ILE F 306 9.24 20.93 2.78
CA ILE F 306 10.07 21.61 3.77
C ILE F 306 9.55 21.39 5.17
N ASP F 307 10.40 21.72 6.13
CA ASP F 307 10.02 21.70 7.53
C ASP F 307 9.67 23.15 7.78
N ILE F 308 8.43 23.39 8.16
CA ILE F 308 7.94 24.72 8.36
C ILE F 308 8.49 25.27 9.65
N PRO F 309 9.35 26.32 9.54
CA PRO F 309 9.97 26.99 10.68
C PRO F 309 8.91 27.57 11.61
N PRO F 310 9.02 27.34 12.92
CA PRO F 310 8.06 27.82 13.92
C PRO F 310 7.73 29.31 13.84
N ASP F 311 8.73 30.13 13.64
CA ASP F 311 8.58 31.58 13.56
C ASP F 311 7.59 32.05 12.46
N GLN F 312 7.35 31.21 11.46
CA GLN F 312 6.40 31.56 10.39
C GLN F 312 4.96 31.12 10.69
N VAL F 313 4.75 30.23 11.64
CA VAL F 313 3.40 29.75 11.87
C VAL F 313 2.42 30.90 12.10
N PRO F 314 2.58 31.68 13.19
CA PRO F 314 1.70 32.80 13.48
C PRO F 314 1.32 33.68 12.27
N LEU F 315 2.30 34.01 11.44
CA LEU F 315 2.09 34.88 10.28
C LEU F 315 1.47 34.20 9.05
N THR F 316 1.10 32.93 9.19
CA THR F 316 0.62 32.16 8.06
C THR F 316 -0.52 31.23 8.47
N ILE F 317 -0.98 31.41 9.71
CA ILE F 317 -1.98 30.56 10.30
C ILE F 317 -3.24 30.33 9.43
N ASP F 318 -3.72 31.37 8.79
CA ASP F 318 -4.88 31.21 7.94
C ASP F 318 -4.50 30.64 6.57
N GLU F 319 -3.22 30.63 6.21
CA GLU F 319 -2.88 30.11 4.89
C GLU F 319 -2.48 28.63 4.84
N PHE F 320 -2.46 27.94 5.96
CA PHE F 320 -2.06 26.51 5.88
C PHE F 320 -3.00 25.60 5.08
N PRO F 321 -4.28 25.91 5.11
CA PRO F 321 -5.10 25.05 4.34
C PRO F 321 -4.64 24.98 2.89
N VAL F 322 -4.39 26.13 2.27
CA VAL F 322 -4.03 26.06 0.88
C VAL F 322 -2.55 25.65 0.70
N LEU F 323 -1.72 26.03 1.66
CA LEU F 323 -0.32 25.69 1.61
C LEU F 323 -0.20 24.17 1.62
N LEU F 324 -0.98 23.52 2.47
CA LEU F 324 -0.95 22.08 2.53
C LEU F 324 -1.27 21.44 1.18
N ILE F 325 -2.06 22.11 0.34
CA ILE F 325 -2.29 21.62 -1.02
C ILE F 325 -0.96 21.71 -1.84
N ALA F 326 -0.16 22.74 -1.60
CA ALA F 326 1.14 22.85 -2.25
C ALA F 326 2.03 21.69 -1.78
N ALA F 327 2.03 21.42 -0.47
CA ALA F 327 2.83 20.30 0.09
C ALA F 327 2.43 18.99 -0.54
N ALA F 328 1.14 18.81 -0.79
CA ALA F 328 0.62 17.55 -1.33
C ALA F 328 1.17 17.22 -2.71
N VAL F 329 1.53 18.22 -3.49
CA VAL F 329 2.00 18.00 -4.88
C VAL F 329 3.48 18.33 -5.03
N ALA F 330 4.15 18.59 -3.89
CA ALA F 330 5.57 18.86 -3.87
C ALA F 330 6.35 17.56 -3.87
N GLN F 331 7.64 17.65 -4.14
CA GLN F 331 8.52 16.47 -4.11
C GLN F 331 9.07 16.36 -2.67
N GLY F 332 8.81 15.25 -2.00
CA GLY F 332 9.28 15.09 -0.64
C GLY F 332 8.26 15.41 0.47
N LYS F 333 8.78 15.42 1.68
CA LYS F 333 8.00 15.52 2.89
C LYS F 333 7.90 16.97 3.39
N THR F 334 6.76 17.32 3.97
CA THR F 334 6.57 18.63 4.62
C THR F 334 6.05 18.39 6.01
N VAL F 335 6.61 19.04 7.00
CA VAL F 335 6.14 18.83 8.38
C VAL F 335 5.72 20.15 8.96
N LEU F 336 4.51 20.24 9.50
CA LEU F 336 4.03 21.48 10.13
C LEU F 336 3.95 21.24 11.60
N ARG F 337 4.47 22.19 12.38
CA ARG F 337 4.42 22.05 13.84
C ARG F 337 4.05 23.37 14.51
N ASP F 338 3.63 23.33 15.77
CA ASP F 338 3.27 24.55 16.53
C ASP F 338 2.08 25.26 15.91
N ALA F 339 1.22 24.47 15.28
CA ALA F 339 0.03 24.97 14.64
C ALA F 339 -1.25 24.44 15.34
N ALA F 340 -1.21 24.19 16.66
CA ALA F 340 -2.41 23.75 17.40
C ALA F 340 -3.57 24.77 17.30
N GLU F 341 -3.30 26.02 16.99
CA GLU F 341 -4.42 26.99 16.79
C GLU F 341 -5.36 26.61 15.63
N LEU F 342 -4.85 25.86 14.65
CA LEU F 342 -5.67 25.41 13.55
C LEU F 342 -6.86 24.60 14.01
N ARG F 343 -6.73 23.92 15.14
CA ARG F 343 -7.83 23.11 15.60
C ARG F 343 -8.97 23.89 16.21
N VAL F 344 -8.77 25.18 16.45
CA VAL F 344 -9.78 25.97 17.15
C VAL F 344 -10.29 27.16 16.36
N LYS F 345 -10.43 26.93 15.05
CA LYS F 345 -10.92 27.94 14.11
C LYS F 345 -12.39 27.62 13.74
N GLU F 346 -12.91 28.18 12.64
CA GLU F 346 -14.29 27.87 12.16
C GLU F 346 -14.56 26.37 12.42
N THR F 347 -13.59 25.58 11.99
CA THR F 347 -13.60 24.16 12.21
C THR F 347 -12.18 23.77 12.61
N ASP F 348 -11.97 22.51 12.91
CA ASP F 348 -10.64 21.99 13.19
C ASP F 348 -10.00 21.83 11.80
N ARG F 349 -9.13 22.76 11.47
CA ARG F 349 -8.52 22.77 10.18
C ARG F 349 -7.50 21.68 9.89
N ILE F 350 -6.89 21.11 10.92
CA ILE F 350 -5.95 20.02 10.70
C ILE F 350 -6.77 18.79 10.29
N ALA F 351 -7.65 18.38 11.17
CA ALA F 351 -8.52 17.24 10.89
C ALA F 351 -9.19 17.37 9.53
N ALA F 352 -9.62 18.57 9.16
CA ALA F 352 -10.35 18.74 7.91
C ALA F 352 -9.46 18.62 6.67
N MET F 353 -8.22 19.13 6.73
CA MET F 353 -7.33 19.01 5.57
C MET F 353 -6.87 17.56 5.43
N VAL F 354 -6.48 16.95 6.54
CA VAL F 354 -6.04 15.56 6.54
C VAL F 354 -7.12 14.65 5.92
N ASP F 355 -8.36 14.83 6.33
CA ASP F 355 -9.43 13.98 5.81
C ASP F 355 -9.55 14.16 4.31
N GLY F 356 -9.54 15.43 3.90
CA GLY F 356 -9.67 15.74 2.51
C GLY F 356 -8.48 15.24 1.70
N LEU F 357 -7.26 15.47 2.18
CA LEU F 357 -6.12 15.04 1.45
C LEU F 357 -6.17 13.49 1.28
N GLN F 358 -6.45 12.76 2.36
CA GLN F 358 -6.55 11.30 2.28
C GLN F 358 -7.61 10.88 1.25
N LYS F 359 -8.75 11.56 1.25
CA LYS F 359 -9.77 11.20 0.26
C LYS F 359 -9.28 11.47 -1.17
N LEU F 360 -8.41 12.47 -1.35
CA LEU F 360 -7.86 12.74 -2.66
C LEU F 360 -6.52 11.97 -2.94
N GLY F 361 -6.20 10.97 -2.11
CA GLY F 361 -5.05 10.10 -2.31
C GLY F 361 -3.70 10.57 -1.82
N ILE F 362 -3.66 11.35 -0.73
CA ILE F 362 -2.40 11.90 -0.28
C ILE F 362 -2.06 11.38 1.11
N ALA F 363 -0.83 10.94 1.29
CA ALA F 363 -0.41 10.39 2.55
C ALA F 363 -0.22 11.55 3.50
N ALA F 364 -1.24 11.81 4.30
CA ALA F 364 -1.24 12.90 5.24
C ALA F 364 -1.55 12.34 6.61
N GLU F 365 -0.70 12.68 7.57
CA GLU F 365 -0.78 12.18 8.92
C GLU F 365 -0.93 13.36 9.88
N SER F 366 -1.86 13.23 10.80
CA SER F 366 -2.14 14.28 11.77
C SER F 366 -1.20 14.30 12.99
N LEU F 367 -0.86 15.49 13.45
CA LEU F 367 -0.11 15.66 14.70
C LEU F 367 -0.97 16.55 15.59
N PRO F 368 -0.85 16.44 16.92
CA PRO F 368 -1.64 17.32 17.80
C PRO F 368 -1.46 18.78 17.43
N ASP F 369 -0.25 19.17 17.03
CA ASP F 369 0.07 20.56 16.67
C ASP F 369 0.45 20.77 15.19
N GLY F 370 0.04 19.86 14.31
CA GLY F 370 0.39 20.04 12.90
C GLY F 370 0.06 18.86 12.04
N VAL F 371 0.83 18.65 10.97
CA VAL F 371 0.68 17.48 10.11
C VAL F 371 1.97 17.14 9.46
N ILE F 372 2.07 15.88 9.03
CA ILE F 372 3.20 15.39 8.23
C ILE F 372 2.62 15.04 6.87
N ILE F 373 3.15 15.64 5.80
CA ILE F 373 2.67 15.34 4.45
C ILE F 373 3.73 14.78 3.52
N GLN F 374 3.36 13.73 2.80
CA GLN F 374 4.23 13.12 1.82
C GLN F 374 3.78 13.54 0.43
N GLY F 375 4.60 14.37 -0.21
CA GLY F 375 4.30 14.86 -1.55
C GLY F 375 3.97 13.69 -2.45
N GLY F 376 3.02 13.87 -3.37
CA GLY F 376 2.53 12.76 -4.18
C GLY F 376 1.66 13.22 -5.32
N THR F 377 0.49 12.58 -5.51
CA THR F 377 -0.36 12.86 -6.65
C THR F 377 -1.83 12.94 -6.31
N LEU F 378 -2.41 14.12 -6.52
CA LEU F 378 -3.80 14.35 -6.22
C LEU F 378 -4.66 13.69 -7.27
N GLU F 379 -5.66 12.94 -6.80
CA GLU F 379 -6.65 12.25 -7.60
C GLU F 379 -7.98 12.99 -7.51
N GLY F 380 -8.88 12.68 -8.45
CA GLY F 380 -10.22 13.22 -8.37
C GLY F 380 -10.92 12.48 -7.23
N GLY F 381 -11.94 13.11 -6.66
CA GLY F 381 -12.74 12.52 -5.59
C GLY F 381 -13.77 13.53 -5.05
N GLU F 382 -14.10 13.39 -3.77
CA GLU F 382 -15.08 14.19 -3.08
C GLU F 382 -14.59 14.51 -1.67
N VAL F 383 -14.64 15.77 -1.25
CA VAL F 383 -14.23 16.11 0.08
C VAL F 383 -15.35 16.93 0.70
N ASN F 384 -15.36 17.05 2.03
CA ASN F 384 -16.35 17.91 2.74
C ASN F 384 -15.63 19.19 3.23
N SER F 385 -16.26 20.33 3.01
CA SER F 385 -15.66 21.60 3.41
C SER F 385 -15.72 21.78 4.90
N TYR F 386 -16.56 21.00 5.59
CA TYR F 386 -16.79 21.17 7.03
C TYR F 386 -17.29 22.60 7.36
N ASP F 387 -17.98 23.20 6.37
CA ASP F 387 -18.53 24.53 6.43
C ASP F 387 -17.46 25.64 6.58
N ASP F 388 -16.22 25.30 6.31
CA ASP F 388 -15.14 26.24 6.48
C ASP F 388 -14.69 26.83 5.12
N HIS F 389 -14.71 28.15 5.04
CA HIS F 389 -14.41 28.82 3.78
C HIS F 389 -13.04 28.56 3.24
N ARG F 390 -12.05 28.45 4.11
CA ARG F 390 -10.69 28.19 3.61
C ARG F 390 -10.51 26.70 3.16
N ILE F 391 -11.17 25.77 3.86
CA ILE F 391 -11.09 24.36 3.48
C ILE F 391 -11.69 24.22 2.10
N ALA F 392 -12.87 24.80 1.94
CA ALA F 392 -13.55 24.76 0.64
C ALA F 392 -12.68 25.31 -0.50
N MET F 393 -12.13 26.51 -0.32
CA MET F 393 -11.29 27.09 -1.37
C MET F 393 -9.97 26.29 -1.56
N ALA F 394 -9.41 25.80 -0.45
CA ALA F 394 -8.18 25.00 -0.55
C ALA F 394 -8.42 23.81 -1.49
N PHE F 395 -9.54 23.11 -1.31
CA PHE F 395 -9.82 22.00 -2.17
C PHE F 395 -10.19 22.39 -3.59
N ALA F 396 -10.81 23.54 -3.76
CA ALA F 396 -11.06 24.03 -5.12
C ALA F 396 -9.70 24.28 -5.80
N VAL F 397 -8.70 24.80 -5.08
CA VAL F 397 -7.38 24.94 -5.67
C VAL F 397 -6.82 23.55 -6.02
N ALA F 398 -7.06 22.59 -5.13
CA ALA F 398 -6.60 21.21 -5.31
C ALA F 398 -7.09 20.69 -6.66
N GLY F 399 -8.29 21.10 -7.03
CA GLY F 399 -8.92 20.71 -8.30
C GLY F 399 -8.14 21.02 -9.58
N THR F 400 -7.33 22.06 -9.52
CA THR F 400 -6.59 22.44 -10.71
C THR F 400 -5.59 21.35 -11.19
N LEU F 401 -4.96 20.62 -10.26
CA LEU F 401 -3.96 19.59 -10.59
C LEU F 401 -4.44 18.17 -10.42
N ALA F 402 -5.51 17.96 -9.64
CA ALA F 402 -6.04 16.61 -9.42
C ALA F 402 -6.26 15.91 -10.76
N LYS F 403 -5.99 14.61 -10.80
CA LYS F 403 -6.18 13.80 -11.99
C LYS F 403 -7.63 13.83 -12.48
N GLY F 404 -8.58 14.15 -11.61
CA GLY F 404 -9.97 14.16 -12.05
C GLY F 404 -10.84 15.17 -11.34
N PRO F 405 -12.12 15.16 -11.66
CA PRO F 405 -12.98 16.14 -10.97
C PRO F 405 -12.95 15.99 -9.47
N VAL F 406 -13.05 17.14 -8.79
CA VAL F 406 -13.13 17.20 -7.35
C VAL F 406 -14.44 17.87 -6.90
N ARG F 407 -15.23 17.15 -6.11
CA ARG F 407 -16.47 17.68 -5.52
C ARG F 407 -16.25 18.08 -4.06
N ILE F 408 -16.38 19.37 -3.80
CA ILE F 408 -16.25 19.95 -2.43
C ILE F 408 -17.69 20.21 -1.96
N ARG F 409 -18.11 19.54 -0.91
CA ARG F 409 -19.48 19.73 -0.44
C ARG F 409 -19.65 20.94 0.47
N ASN F 410 -20.80 21.60 0.37
CA ASN F 410 -21.20 22.72 1.27
C ASN F 410 -20.27 23.93 1.14
N CYS F 411 -20.45 24.71 0.08
CA CYS F 411 -19.59 25.86 -0.13
C CYS F 411 -20.30 27.19 0.06
N ASP F 412 -21.44 27.18 0.77
CA ASP F 412 -22.19 28.44 0.99
C ASP F 412 -21.37 29.43 1.81
N ASN F 413 -20.47 28.93 2.66
CA ASN F 413 -19.68 29.80 3.51
C ASN F 413 -18.46 30.47 2.90
N VAL F 414 -18.16 30.18 1.63
CA VAL F 414 -17.05 30.85 0.99
C VAL F 414 -17.23 32.36 1.05
N LYS F 415 -18.47 32.82 0.94
CA LYS F 415 -18.78 34.24 1.04
C LYS F 415 -18.46 34.84 2.43
N THR F 416 -18.04 34.05 3.41
CA THR F 416 -17.67 34.69 4.68
C THR F 416 -16.45 35.57 4.45
N SER F 417 -15.62 35.23 3.45
CA SER F 417 -14.42 36.04 3.11
C SER F 417 -14.13 36.26 1.62
N PHE F 418 -14.84 35.59 0.74
CA PHE F 418 -14.49 35.74 -0.67
C PHE F 418 -15.73 35.54 -1.56
N PRO F 419 -16.63 36.51 -1.51
CA PRO F 419 -17.88 36.44 -2.25
C PRO F 419 -17.74 36.17 -3.74
N ASN F 420 -16.80 36.81 -4.41
CA ASN F 420 -16.64 36.59 -5.86
C ASN F 420 -15.61 35.52 -6.26
N PHE F 421 -15.35 34.56 -5.38
CA PHE F 421 -14.33 33.54 -5.62
C PHE F 421 -14.50 32.76 -6.93
N VAL F 422 -15.71 32.25 -7.16
CA VAL F 422 -15.97 31.46 -8.35
C VAL F 422 -15.68 32.26 -9.61
N GLU F 423 -16.21 33.47 -9.65
CA GLU F 423 -16.07 34.33 -10.80
C GLU F 423 -14.61 34.56 -11.10
N LEU F 424 -13.81 34.94 -10.10
CA LEU F 424 -12.38 35.18 -10.34
C LEU F 424 -11.60 33.90 -10.69
N ALA F 425 -12.02 32.77 -10.11
CA ALA F 425 -11.34 31.53 -10.37
C ALA F 425 -11.46 31.23 -11.87
N ASN F 426 -12.70 31.25 -12.37
CA ASN F 426 -12.94 30.94 -13.76
C ASN F 426 -12.30 31.94 -14.68
N GLU F 427 -12.26 33.19 -14.25
CA GLU F 427 -11.66 34.22 -15.07
C GLU F 427 -10.16 34.00 -15.27
N VAL F 428 -9.43 33.47 -14.28
CA VAL F 428 -7.99 33.21 -14.50
C VAL F 428 -7.70 31.81 -15.03
N GLY F 429 -8.74 31.05 -15.35
N GLY F 429 -8.74 31.05 -15.36
CA GLY F 429 -8.55 29.72 -15.90
CA GLY F 429 -8.56 29.71 -15.90
C GLY F 429 -8.64 28.52 -14.96
C GLY F 429 -8.64 28.52 -14.96
N MET F 430 -9.01 28.72 -13.70
CA MET F 430 -9.20 27.57 -12.82
C MET F 430 -10.68 27.27 -12.83
N ASN F 431 -11.04 26.03 -13.12
CA ASN F 431 -12.44 25.63 -13.30
C ASN F 431 -13.14 25.23 -12.01
N VAL F 432 -14.16 26.00 -11.65
CA VAL F 432 -14.96 25.80 -10.44
C VAL F 432 -16.35 26.27 -10.79
N LYS F 433 -17.33 25.39 -10.54
CA LYS F 433 -18.74 25.61 -10.75
C LYS F 433 -19.53 25.36 -9.48
N GLY F 434 -20.47 26.27 -9.19
CA GLY F 434 -21.35 26.09 -8.07
C GLY F 434 -22.44 25.18 -8.59
N VAL F 435 -22.79 24.11 -7.87
CA VAL F 435 -23.81 23.15 -8.33
C VAL F 435 -24.66 22.68 -7.15
N ARG F 436 -25.87 22.24 -7.45
CA ARG F 436 -26.83 21.84 -6.41
C ARG F 436 -26.20 20.81 -5.50
N GLY F 437 -26.30 21.05 -4.19
CA GLY F 437 -25.75 20.13 -3.19
C GLY F 437 -26.76 19.12 -2.70
N ARG F 438 -26.74 18.81 -1.40
CA ARG F 438 -27.53 17.71 -0.83
C ARG F 438 -27.67 17.92 0.72
N GLY F 439 -28.80 17.50 1.31
CA GLY F 439 -28.99 17.59 2.79
C GLY F 439 -29.18 18.98 3.42
#